data_7WRF
#
_entry.id   7WRF
#
_cell.length_a   1.00
_cell.length_b   1.00
_cell.length_c   1.00
_cell.angle_alpha   90.00
_cell.angle_beta   90.00
_cell.angle_gamma   90.00
#
_symmetry.space_group_name_H-M   'P 1'
#
loop_
_entity.id
_entity.type
_entity.pdbx_description
1 polymer 'Transient receptor potential cation channel subfamily M member 8'
2 non-polymer 'CALCIUM ION'
3 non-polymer 'SODIUM ION'
4 non-polymer Icilin
#
_entity_poly.entity_id   1
_entity_poly.type   'polypeptide(L)'
_entity_poly.pdbx_seq_one_letter_code
;MSFEGARLSMRSRRNGTMGSTRTLYSSVSRSTDVSYSDSDLVNFIQANFKKRECVFFTRDSKAMENICKCGYAQSQHIEG
TQINQNEKWNYKKHTKEFPTDAFGDIQFETLGKKGKYLRLSCDTDSETLYELLTQHWHLKTPNLVISVTGGAKNFALKPR
MRKIFSRLIYIAQSKGAWILTGGTHYGLMKYIGEVVRDNTISRNSEENIVAIGIAAWGMVSNRDTLIRSCDDEGHFSAQY
IMDDFTRDPLYILDNNHTHLLLVDNGCHGHPTVEAKLRNQLEKYISERTSQDSNYGGKIPIVCFAQGGGRETLKAINTSV
KSKIPCVVVEGSGQIADVIASLVEVEDVLTSSMVKEKLVRFLPRTVSRLPEEEIESWIKWLKEILESSHLLTVIKMEEAG
DEIVSNAISYALYKAFSTNEQDKDNWNGQLKLLLEWNQLDLASDEIFTNDRRWESADLQEVMFTALIKDRPKFVRLFLEN
GLNLQKFLTNEVLTELFSTHFSTLVYRNLQIAKNSYNDALLTFVWKLVANFRRSFWKEDRSSREDLDVELHDASLTTRHP
LQALFIWAILQNKKELSKVIWEQTKGCTLAALGASKLLKTLAKVKNDINAAGESEELANEYETRAVELFTECYSNDEDLA
EQLLVYSCEAWGGSNCLELAVEATDQHFIAQPGVQNFLSKQWYGEISRDTKNWKIILCLFIIPLVGCGLVSFRKKPIDKH
KKLLWYYVAFFTSPFVVFSWNVVFYIAFLLLFAYVLLMDFHSVPHTPELILYALVFVLFCDEVRQWYMNGVNYFTDLWNV
MDTLGLFYFIAGIVFRLHSSNKSSLYSGRVIFCLDYIIFTLRLIHIFTVSRNLGPKIIMLQRMLIDVFFFLFLFAVWMVA
FGVARQGILRQNEQRWRWIFRSVIYEPYLAMFGQVPSDVDSTTYDFSHCTFSGNESKPLCVELDEHNLPRFPEWITIPLV
CIYMLSTNILLVNLLVAMFGYTVGIVQENNDQVWKFQRYFLVQEYCNRLNIPFPFVVFAYFYMVVKKCFKCCCKEKNMES
NACCFRNEDNETLAWEGVMKENYLVKINTKANDNSEEMRHRFRQLDSKLNDLKSLLKEIANNIKLEGGSSGGWSHPQFEK
;
_entity_poly.pdbx_strand_id   A,B,C,D
#
loop_
_chem_comp.id
_chem_comp.type
_chem_comp.name
_chem_comp.formula
CA non-polymer 'CALCIUM ION' 'Ca 2'
KX7 non-polymer Icilin 'C16 H13 N3 O4'
NA non-polymer 'SODIUM ION' 'Na 1'
#
# COMPACT_ATOMS: atom_id res chain seq x y z
N ALA A 102 -19.02 67.95 -8.43
CA ALA A 102 -18.60 68.33 -7.09
C ALA A 102 -18.94 67.24 -6.09
N PHE A 103 -20.09 67.37 -5.43
CA PHE A 103 -20.52 66.39 -4.46
C PHE A 103 -21.14 65.18 -5.15
N GLY A 104 -21.79 64.33 -4.35
CA GLY A 104 -22.67 63.31 -4.88
C GLY A 104 -22.08 61.92 -4.93
N ASP A 105 -22.95 60.92 -4.85
CA ASP A 105 -22.55 59.54 -5.01
C ASP A 105 -22.32 59.20 -6.48
N ILE A 106 -21.74 58.04 -6.72
CA ILE A 106 -21.59 57.53 -8.08
C ILE A 106 -22.07 56.08 -8.10
N GLN A 107 -22.89 55.77 -9.09
CA GLN A 107 -23.44 54.42 -9.29
C GLN A 107 -23.49 54.14 -10.79
N PHE A 108 -23.31 52.87 -11.14
CA PHE A 108 -23.24 52.49 -12.55
C PHE A 108 -24.41 51.58 -12.95
N GLY A 115 -20.06 54.37 -4.89
CA GLY A 115 -18.92 55.14 -4.42
C GLY A 115 -19.23 56.61 -4.23
N LYS A 116 -18.28 57.33 -3.64
CA LYS A 116 -18.42 58.77 -3.40
C LYS A 116 -17.25 59.48 -4.07
N TYR A 117 -17.55 60.41 -4.96
CA TYR A 117 -16.51 61.18 -5.65
C TYR A 117 -16.54 62.63 -5.17
N LEU A 118 -15.45 63.33 -5.45
CA LEU A 118 -15.35 64.75 -5.09
C LEU A 118 -14.33 65.43 -5.98
N ARG A 119 -14.73 66.54 -6.57
CA ARG A 119 -13.80 67.44 -7.23
C ARG A 119 -13.35 68.49 -6.23
N LEU A 120 -12.04 68.66 -6.08
CA LEU A 120 -11.49 69.52 -5.06
C LEU A 120 -10.22 70.16 -5.59
N SER A 121 -9.94 71.38 -5.11
CA SER A 121 -8.77 72.11 -5.57
C SER A 121 -7.49 71.53 -4.96
N CYS A 122 -6.38 71.73 -5.67
CA CYS A 122 -5.08 71.24 -5.22
C CYS A 122 -4.54 72.00 -4.01
N ASP A 123 -4.91 73.26 -3.85
CA ASP A 123 -4.31 74.11 -2.82
C ASP A 123 -4.97 73.99 -1.46
N THR A 124 -5.84 73.00 -1.26
CA THR A 124 -6.41 72.80 0.07
C THR A 124 -5.44 72.05 0.96
N ASP A 125 -5.58 72.25 2.27
CA ASP A 125 -4.76 71.53 3.22
C ASP A 125 -5.36 70.16 3.52
N SER A 126 -4.49 69.23 3.89
CA SER A 126 -4.93 67.84 4.05
C SER A 126 -5.67 67.61 5.36
N GLU A 127 -5.61 68.55 6.31
CA GLU A 127 -6.23 68.31 7.61
C GLU A 127 -7.75 68.38 7.53
N THR A 128 -8.30 69.32 6.76
CA THR A 128 -9.75 69.35 6.63
C THR A 128 -10.25 68.24 5.72
N LEU A 129 -9.39 67.73 4.84
CA LEU A 129 -9.74 66.57 4.03
C LEU A 129 -9.81 65.33 4.92
N TYR A 130 -8.87 65.21 5.86
CA TYR A 130 -8.91 64.13 6.83
C TYR A 130 -10.13 64.25 7.75
N GLU A 131 -10.48 65.47 8.15
CA GLU A 131 -11.68 65.67 8.97
C GLU A 131 -12.94 65.32 8.23
N LEU A 132 -13.01 65.65 6.93
CA LEU A 132 -14.11 65.22 6.08
C LEU A 132 -14.19 63.70 6.00
N LEU A 133 -13.08 63.05 5.66
CA LEU A 133 -13.09 61.64 5.34
C LEU A 133 -13.14 60.76 6.58
N THR A 134 -12.93 61.32 7.77
CA THR A 134 -13.07 60.53 8.99
C THR A 134 -14.29 60.89 9.83
N GLN A 135 -14.68 62.16 9.88
CA GLN A 135 -15.86 62.53 10.68
C GLN A 135 -17.15 62.20 9.94
N HIS A 136 -17.34 62.78 8.75
CA HIS A 136 -18.53 62.53 7.96
C HIS A 136 -18.56 61.13 7.38
N TRP A 137 -17.39 60.52 7.19
CA TRP A 137 -17.25 59.22 6.55
C TRP A 137 -16.65 58.23 7.53
N HIS A 138 -16.16 57.08 7.01
CA HIS A 138 -15.68 55.95 7.79
C HIS A 138 -14.49 56.23 8.70
N LEU A 139 -14.09 55.22 9.47
CA LEU A 139 -13.24 55.38 10.64
C LEU A 139 -11.75 55.40 10.25
N LYS A 140 -10.89 55.35 11.27
CA LYS A 140 -9.46 55.59 11.14
C LYS A 140 -8.75 54.34 10.64
N THR A 141 -7.41 54.35 10.71
CA THR A 141 -6.58 53.28 10.17
C THR A 141 -5.47 52.82 11.11
N PRO A 142 -5.23 51.50 11.21
CA PRO A 142 -3.95 51.03 11.74
C PRO A 142 -2.85 50.98 10.69
N ASN A 143 -3.18 51.10 9.41
CA ASN A 143 -2.20 50.94 8.35
C ASN A 143 -2.70 51.70 7.13
N LEU A 144 -1.75 52.06 6.25
CA LEU A 144 -2.10 52.79 5.04
C LEU A 144 -1.12 52.40 3.95
N VAL A 145 -1.61 51.67 2.93
CA VAL A 145 -0.79 51.14 1.86
C VAL A 145 -1.06 51.95 0.61
N ILE A 146 0.00 52.37 -0.06
CA ILE A 146 -0.09 53.20 -1.26
C ILE A 146 0.49 52.38 -2.39
N SER A 147 -0.07 52.49 -3.58
CA SER A 147 0.50 51.85 -4.75
C SER A 147 0.71 52.88 -5.85
N VAL A 148 1.86 52.85 -6.52
CA VAL A 148 2.06 53.73 -7.67
C VAL A 148 2.16 52.90 -8.94
N THR A 149 1.22 53.15 -9.86
CA THR A 149 1.02 52.60 -11.18
C THR A 149 -0.10 53.43 -11.80
N GLY A 150 -0.04 53.64 -13.11
CA GLY A 150 -1.04 54.47 -13.77
C GLY A 150 -0.53 55.21 -14.99
N GLY A 151 0.78 55.30 -15.14
CA GLY A 151 1.32 55.62 -16.44
C GLY A 151 1.23 54.48 -17.43
N ALA A 152 1.10 53.26 -16.93
CA ALA A 152 0.92 52.07 -17.77
C ALA A 152 -0.55 52.00 -18.16
N LYS A 153 -0.81 52.29 -19.44
CA LYS A 153 -2.12 52.07 -20.05
C LYS A 153 -2.45 50.59 -20.00
N ASN A 154 -1.53 49.77 -20.50
CA ASN A 154 -1.64 48.33 -20.51
C ASN A 154 -0.64 47.73 -19.53
N PHE A 155 -0.99 46.56 -19.01
CA PHE A 155 -0.19 45.96 -17.94
C PHE A 155 -0.27 44.44 -18.02
N ALA A 156 0.90 43.80 -17.87
CA ALA A 156 0.99 42.34 -17.89
C ALA A 156 0.66 41.81 -16.50
N LEU A 157 -0.34 40.94 -16.42
CA LEU A 157 -0.79 40.40 -15.15
C LEU A 157 -0.36 38.94 -15.09
N LYS A 158 0.88 38.72 -14.69
CA LYS A 158 1.37 37.36 -14.50
C LYS A 158 0.88 36.83 -13.15
N PRO A 159 0.78 35.51 -12.98
CA PRO A 159 0.24 34.96 -11.72
C PRO A 159 1.07 35.25 -10.48
N ARG A 160 2.35 35.62 -10.61
CA ARG A 160 3.10 35.97 -9.41
C ARG A 160 2.66 37.32 -8.85
N MET A 161 2.59 38.35 -9.71
CA MET A 161 2.07 39.64 -9.26
C MET A 161 0.59 39.57 -8.92
N ARG A 162 -0.15 38.69 -9.59
CA ARG A 162 -1.54 38.42 -9.27
C ARG A 162 -1.68 37.89 -7.83
N LYS A 163 -0.83 36.91 -7.49
CA LYS A 163 -0.81 36.35 -6.15
C LYS A 163 -0.38 37.38 -5.11
N ILE A 164 0.60 38.22 -5.47
CA ILE A 164 1.11 39.24 -4.56
C ILE A 164 0.03 40.26 -4.23
N PHE A 165 -0.72 40.72 -5.24
CA PHE A 165 -1.70 41.75 -4.95
C PHE A 165 -2.99 41.18 -4.36
N SER A 166 -3.30 39.91 -4.66
CA SER A 166 -4.38 39.24 -3.93
C SER A 166 -4.04 39.10 -2.44
N ARG A 167 -2.80 38.70 -2.15
CA ARG A 167 -2.34 38.61 -0.77
C ARG A 167 -2.30 39.99 -0.11
N LEU A 168 -1.95 41.02 -0.88
CA LEU A 168 -1.92 42.39 -0.37
C LEU A 168 -3.30 42.87 0.04
N ILE A 169 -4.30 42.60 -0.79
CA ILE A 169 -5.64 43.07 -0.44
C ILE A 169 -6.22 42.20 0.67
N TYR A 170 -5.77 40.95 0.80
CA TYR A 170 -6.14 40.16 1.98
C TYR A 170 -5.52 40.73 3.25
N ILE A 171 -4.27 41.20 3.19
CA ILE A 171 -3.64 41.82 4.35
C ILE A 171 -4.33 43.13 4.70
N ALA A 172 -4.71 43.90 3.69
CA ALA A 172 -5.41 45.16 3.93
C ALA A 172 -6.81 44.92 4.50
N GLN A 173 -7.41 43.76 4.20
CA GLN A 173 -8.67 43.44 4.85
C GLN A 173 -8.45 42.95 6.28
N SER A 174 -7.39 42.20 6.52
CA SER A 174 -7.11 41.69 7.86
C SER A 174 -6.71 42.81 8.82
N LYS A 175 -6.08 43.87 8.32
CA LYS A 175 -5.60 44.95 9.17
C LYS A 175 -6.53 46.15 9.21
N GLY A 176 -7.41 46.30 8.22
CA GLY A 176 -8.29 47.45 8.17
C GLY A 176 -7.58 48.69 7.69
N ALA A 177 -6.91 48.58 6.54
CA ALA A 177 -6.07 49.64 6.01
C ALA A 177 -6.74 50.32 4.82
N TRP A 178 -6.41 51.59 4.63
CA TRP A 178 -6.73 52.25 3.37
C TRP A 178 -5.72 51.84 2.32
N ILE A 179 -6.19 51.75 1.09
CA ILE A 179 -5.28 51.60 -0.04
C ILE A 179 -5.45 52.79 -0.97
N LEU A 180 -4.39 53.58 -1.09
CA LEU A 180 -4.37 54.73 -1.98
C LEU A 180 -3.83 54.29 -3.34
N THR A 181 -4.47 54.75 -4.40
CA THR A 181 -4.06 54.37 -5.74
C THR A 181 -4.50 55.46 -6.72
N GLY A 182 -4.23 55.24 -8.01
CA GLY A 182 -4.66 56.18 -9.02
C GLY A 182 -6.17 56.19 -9.18
N GLY A 183 -6.75 55.05 -9.54
CA GLY A 183 -8.19 54.94 -9.62
C GLY A 183 -8.76 54.98 -11.01
N THR A 184 -7.93 54.86 -12.05
CA THR A 184 -8.45 54.83 -13.40
C THR A 184 -8.78 53.39 -13.79
N HIS A 185 -9.52 53.21 -14.87
CA HIS A 185 -9.97 51.89 -15.29
C HIS A 185 -8.87 51.06 -15.93
N TYR A 186 -7.73 51.66 -16.22
CA TYR A 186 -6.72 51.06 -17.10
C TYR A 186 -5.62 50.42 -16.26
N GLY A 187 -5.34 49.15 -16.53
CA GLY A 187 -4.16 48.50 -16.02
C GLY A 187 -4.29 47.84 -14.66
N LEU A 188 -3.42 48.26 -13.73
CA LEU A 188 -3.34 47.59 -12.44
C LEU A 188 -4.53 47.93 -11.55
N MET A 189 -5.03 49.17 -11.66
CA MET A 189 -6.16 49.59 -10.82
C MET A 189 -7.43 48.84 -11.17
N LYS A 190 -7.54 48.36 -12.41
CA LYS A 190 -8.58 47.41 -12.77
C LYS A 190 -8.52 46.16 -11.90
N TYR A 191 -7.33 45.57 -11.76
CA TYR A 191 -7.17 44.35 -10.99
C TYR A 191 -7.35 44.60 -9.50
N ILE A 192 -6.92 45.77 -9.01
CA ILE A 192 -7.15 46.12 -7.62
C ILE A 192 -8.63 46.27 -7.33
N GLY A 193 -9.37 46.92 -8.23
CA GLY A 193 -10.81 47.01 -8.07
C GLY A 193 -11.50 45.67 -8.15
N GLU A 194 -10.98 44.77 -8.99
CA GLU A 194 -11.50 43.40 -9.08
C GLU A 194 -11.34 42.65 -7.77
N VAL A 195 -10.15 42.71 -7.17
CA VAL A 195 -9.91 41.94 -5.96
C VAL A 195 -10.60 42.59 -4.76
N VAL A 196 -10.76 43.91 -4.76
CA VAL A 196 -11.57 44.57 -3.73
C VAL A 196 -13.03 44.12 -3.84
N ARG A 197 -13.56 44.07 -5.06
CA ARG A 197 -14.91 43.57 -5.28
C ARG A 197 -15.07 42.11 -4.89
N ASP A 198 -14.02 41.30 -5.09
CA ASP A 198 -14.11 39.88 -4.77
C ASP A 198 -14.05 39.63 -3.27
N ASN A 199 -13.14 40.30 -2.57
CA ASN A 199 -13.10 40.16 -1.12
C ASN A 199 -14.29 40.82 -0.45
N THR A 200 -14.92 41.79 -1.11
CA THR A 200 -16.19 42.32 -0.62
C THR A 200 -17.31 41.31 -0.82
N ILE A 201 -17.34 40.65 -1.98
CA ILE A 201 -18.45 39.77 -2.31
C ILE A 201 -18.32 38.41 -1.62
N SER A 202 -17.15 38.07 -1.11
CA SER A 202 -16.93 36.79 -0.45
C SER A 202 -17.31 36.80 1.02
N ARG A 203 -17.31 37.96 1.67
CA ARG A 203 -17.61 38.01 3.09
C ARG A 203 -18.74 38.97 3.44
N ASN A 204 -18.85 40.10 2.75
CA ASN A 204 -19.92 41.09 2.83
C ASN A 204 -20.06 41.75 4.20
N SER A 205 -19.09 41.56 5.08
CA SER A 205 -19.10 42.11 6.44
C SER A 205 -17.65 42.11 6.93
N GLU A 206 -17.48 42.28 8.25
CA GLU A 206 -16.19 42.33 8.98
C GLU A 206 -15.18 43.26 8.29
N GLU A 207 -15.50 44.56 8.39
CA GLU A 207 -14.66 45.67 7.95
C GLU A 207 -14.43 45.64 6.43
N ASN A 208 -15.52 45.94 5.71
CA ASN A 208 -15.47 46.24 4.29
C ASN A 208 -14.41 47.31 3.98
N ILE A 209 -13.54 47.01 3.01
CA ILE A 209 -12.29 47.72 2.88
C ILE A 209 -12.45 49.02 2.12
N VAL A 210 -11.41 49.85 2.19
CA VAL A 210 -11.46 51.23 1.72
C VAL A 210 -10.35 51.43 0.69
N ALA A 211 -10.75 51.70 -0.55
CA ALA A 211 -9.83 52.03 -1.64
C ALA A 211 -10.13 53.45 -2.10
N ILE A 212 -9.11 54.30 -2.09
CA ILE A 212 -9.25 55.66 -2.59
C ILE A 212 -8.45 55.78 -3.87
N GLY A 213 -9.15 56.08 -4.96
CA GLY A 213 -8.51 56.49 -6.20
C GLY A 213 -8.38 58.00 -6.22
N ILE A 214 -7.20 58.48 -6.58
CA ILE A 214 -6.92 59.91 -6.65
C ILE A 214 -6.53 60.21 -8.09
N ALA A 215 -7.39 60.95 -8.78
CA ALA A 215 -7.23 61.23 -10.20
C ALA A 215 -7.09 62.73 -10.44
N ALA A 216 -6.84 63.07 -11.71
CA ALA A 216 -6.41 64.41 -12.07
C ALA A 216 -7.52 65.31 -12.59
N TRP A 217 -8.67 64.72 -13.02
CA TRP A 217 -9.87 65.37 -13.57
C TRP A 217 -9.64 65.94 -14.98
N GLY A 218 -8.39 65.93 -15.45
CA GLY A 218 -8.07 66.38 -16.78
C GLY A 218 -7.99 65.30 -17.81
N MET A 219 -8.04 64.04 -17.39
CA MET A 219 -8.00 62.91 -18.30
C MET A 219 -9.33 62.18 -18.39
N VAL A 220 -10.31 62.57 -17.59
CA VAL A 220 -11.61 61.90 -17.58
C VAL A 220 -12.39 62.34 -18.80
N SER A 221 -12.90 61.37 -19.57
CA SER A 221 -13.59 61.67 -20.81
C SER A 221 -14.97 62.27 -20.55
N ASN A 222 -15.83 61.52 -19.86
CA ASN A 222 -17.21 61.94 -19.60
C ASN A 222 -17.27 62.50 -18.19
N ARG A 223 -17.65 63.76 -18.07
CA ARG A 223 -17.71 64.43 -16.77
C ARG A 223 -19.09 65.03 -16.58
N ASP A 224 -19.65 64.87 -15.38
CA ASP A 224 -20.98 65.37 -15.06
C ASP A 224 -20.86 66.29 -13.86
N THR A 225 -21.37 67.51 -14.01
CA THR A 225 -21.36 68.50 -12.94
C THR A 225 -22.72 68.46 -12.24
N LEU A 226 -22.72 68.03 -11.00
CA LEU A 226 -23.95 67.85 -10.23
C LEU A 226 -23.71 68.40 -8.83
N ILE A 227 -24.66 68.14 -7.94
CA ILE A 227 -24.49 68.48 -6.53
C ILE A 227 -24.30 67.18 -5.76
N ASP A 232 -27.93 64.48 -6.30
CA ASP A 232 -27.75 64.20 -7.72
C ASP A 232 -26.54 63.31 -7.95
N GLU A 233 -26.77 62.01 -8.09
CA GLU A 233 -25.71 61.07 -8.41
C GLU A 233 -25.51 61.01 -9.91
N GLY A 234 -24.27 60.73 -10.31
CA GLY A 234 -23.94 60.63 -11.72
C GLY A 234 -23.96 59.20 -12.21
N HIS A 235 -23.87 59.07 -13.53
CA HIS A 235 -23.85 57.76 -14.19
C HIS A 235 -22.72 57.82 -15.22
N PHE A 236 -21.51 57.49 -14.77
CA PHE A 236 -20.31 57.59 -15.59
C PHE A 236 -20.20 56.32 -16.43
N SER A 237 -20.13 56.49 -17.75
CA SER A 237 -19.94 55.38 -18.67
C SER A 237 -19.18 55.86 -19.89
N ALA A 238 -18.69 54.90 -20.67
CA ALA A 238 -17.98 55.21 -21.91
C ALA A 238 -18.77 54.76 -23.13
N TYR A 251 -8.49 59.14 -19.91
CA TYR A 251 -8.55 58.05 -18.95
C TYR A 251 -9.96 57.83 -18.47
N ILE A 252 -10.34 56.57 -18.29
CA ILE A 252 -11.64 56.20 -17.77
C ILE A 252 -11.47 55.85 -16.31
N LEU A 253 -12.41 56.27 -15.47
CA LEU A 253 -12.36 55.92 -14.06
C LEU A 253 -12.72 54.44 -13.86
N ASP A 254 -12.20 53.87 -12.79
CA ASP A 254 -12.43 52.46 -12.50
C ASP A 254 -13.77 52.28 -11.78
N ASN A 255 -14.35 51.09 -11.97
CA ASN A 255 -15.71 50.84 -11.51
C ASN A 255 -15.80 50.59 -10.01
N ASN A 256 -14.77 50.00 -9.42
CA ASN A 256 -14.92 49.34 -8.13
C ASN A 256 -14.16 50.01 -6.99
N HIS A 257 -13.53 51.16 -7.22
CA HIS A 257 -12.92 51.87 -6.11
C HIS A 257 -14.01 52.58 -5.31
N THR A 258 -14.03 52.33 -4.00
CA THR A 258 -15.16 52.79 -3.20
C THR A 258 -15.08 54.26 -2.84
N HIS A 259 -13.94 54.92 -3.05
CA HIS A 259 -13.89 56.36 -2.88
C HIS A 259 -13.00 56.95 -3.97
N LEU A 260 -13.39 58.12 -4.47
CA LEU A 260 -12.64 58.82 -5.49
C LEU A 260 -12.45 60.27 -5.11
N LEU A 261 -11.28 60.80 -5.43
CA LEU A 261 -10.94 62.20 -5.22
C LEU A 261 -10.22 62.68 -6.46
N LEU A 262 -10.74 63.73 -7.09
CA LEU A 262 -10.21 64.22 -8.35
C LEU A 262 -9.77 65.67 -8.16
N VAL A 263 -8.50 65.93 -8.41
CA VAL A 263 -7.95 67.25 -8.13
C VAL A 263 -8.35 68.23 -9.23
N ASP A 264 -8.54 69.49 -8.85
CA ASP A 264 -8.95 70.53 -9.77
C ASP A 264 -7.71 71.24 -10.31
N ASN A 265 -7.62 71.34 -11.63
CA ASN A 265 -6.55 72.09 -12.27
C ASN A 265 -7.11 72.63 -13.60
N GLY A 266 -6.22 73.04 -14.49
CA GLY A 266 -6.61 73.72 -15.71
C GLY A 266 -7.01 72.79 -16.85
N CYS A 267 -6.21 72.78 -17.91
CA CYS A 267 -6.62 72.14 -19.16
C CYS A 267 -6.50 70.62 -19.08
N HIS A 268 -6.71 69.97 -20.23
CA HIS A 268 -6.91 68.53 -20.24
C HIS A 268 -5.59 67.78 -20.20
N GLY A 269 -4.71 68.06 -21.16
CA GLY A 269 -3.47 67.31 -21.28
C GLY A 269 -2.43 67.67 -20.25
N HIS A 270 -2.67 67.32 -18.99
CA HIS A 270 -1.74 67.60 -17.90
C HIS A 270 -1.64 66.38 -17.01
N PRO A 271 -0.65 65.52 -17.24
CA PRO A 271 -0.33 64.47 -16.28
C PRO A 271 0.42 65.05 -15.07
N THR A 272 0.60 64.21 -14.05
CA THR A 272 1.33 64.50 -12.81
C THR A 272 0.79 65.74 -12.09
N VAL A 273 -0.53 65.80 -11.93
CA VAL A 273 -1.14 66.90 -11.18
C VAL A 273 -1.51 66.47 -9.77
N GLU A 274 -2.04 65.26 -9.62
CA GLU A 274 -2.54 64.75 -8.36
C GLU A 274 -1.43 64.45 -7.36
N ALA A 275 -0.18 64.37 -7.80
CA ALA A 275 0.91 63.85 -6.96
C ALA A 275 1.22 64.79 -5.80
N LYS A 276 1.00 66.10 -5.98
CA LYS A 276 1.28 67.05 -4.91
C LYS A 276 0.32 66.87 -3.74
N LEU A 277 -0.99 66.85 -4.03
CA LEU A 277 -1.98 66.64 -2.98
C LEU A 277 -1.89 65.23 -2.40
N ARG A 278 -1.55 64.25 -3.25
CA ARG A 278 -1.37 62.88 -2.77
C ARG A 278 -0.24 62.78 -1.75
N ASN A 279 0.93 63.34 -2.08
CA ASN A 279 2.07 63.28 -1.18
C ASN A 279 1.86 64.14 0.05
N GLN A 280 1.12 65.24 -0.07
CA GLN A 280 0.84 66.06 1.10
C GLN A 280 -0.13 65.37 2.04
N LEU A 281 -1.08 64.60 1.48
CA LEU A 281 -1.98 63.79 2.30
C LEU A 281 -1.22 62.67 3.01
N GLU A 282 -0.27 62.04 2.30
CA GLU A 282 0.61 61.05 2.90
C GLU A 282 1.39 61.64 4.07
N LYS A 283 1.94 62.83 3.86
CA LYS A 283 2.73 63.49 4.91
C LYS A 283 1.87 63.86 6.11
N TYR A 284 0.62 64.29 5.87
CA TYR A 284 -0.24 64.66 6.99
C TYR A 284 -0.67 63.45 7.81
N ILE A 285 -1.04 62.34 7.15
CA ILE A 285 -1.37 61.15 7.94
C ILE A 285 -0.11 60.57 8.59
N SER A 286 1.06 60.73 7.97
CA SER A 286 2.30 60.31 8.60
C SER A 286 2.67 61.14 9.82
N GLU A 287 2.22 62.39 9.89
CA GLU A 287 2.40 63.16 11.11
C GLU A 287 1.15 63.17 11.99
N ARG A 288 0.08 62.51 11.57
CA ARG A 288 -1.12 62.43 12.38
C ARG A 288 -0.91 61.42 13.50
N THR A 289 -1.40 61.76 14.70
CA THR A 289 -1.19 60.95 15.90
C THR A 289 -2.47 60.21 16.26
N SER A 290 -2.39 58.87 16.31
CA SER A 290 -3.53 58.05 16.72
C SER A 290 -2.98 56.93 17.61
N GLN A 291 -3.10 57.11 18.92
CA GLN A 291 -2.38 56.30 19.89
C GLN A 291 -2.92 54.88 20.02
N ASP A 292 -4.11 54.58 19.47
CA ASP A 292 -4.69 53.24 19.58
C ASP A 292 -4.11 52.29 18.53
N SER A 293 -2.81 52.03 18.67
CA SER A 293 -2.08 51.16 17.75
C SER A 293 -0.86 50.63 18.48
N ASN A 294 0.06 50.04 17.73
CA ASN A 294 1.28 49.46 18.26
C ASN A 294 2.53 50.17 17.76
N TYR A 295 2.37 51.15 16.88
CA TYR A 295 3.47 51.88 16.27
C TYR A 295 3.87 53.09 17.10
N GLY A 296 3.40 53.19 18.33
CA GLY A 296 3.57 54.40 19.11
C GLY A 296 2.76 55.52 18.49
N GLY A 297 1.56 55.18 18.04
CA GLY A 297 0.76 56.13 17.29
C GLY A 297 1.21 56.20 15.84
N LYS A 298 1.08 57.41 15.28
CA LYS A 298 1.71 57.87 14.04
C LYS A 298 1.17 57.28 12.75
N ILE A 299 0.32 56.25 12.83
CA ILE A 299 -0.40 55.63 11.71
C ILE A 299 0.55 55.23 10.59
N PRO A 300 1.26 54.10 10.73
CA PRO A 300 2.35 53.78 9.80
C PRO A 300 1.90 53.59 8.36
N ILE A 301 2.75 54.04 7.43
CA ILE A 301 2.42 54.21 6.02
C ILE A 301 3.47 53.51 5.19
N VAL A 302 3.03 52.71 4.23
CA VAL A 302 3.93 51.98 3.33
C VAL A 302 3.60 52.36 1.90
N CYS A 303 4.64 52.65 1.10
CA CYS A 303 4.49 52.92 -0.33
C CYS A 303 4.97 51.70 -1.11
N PHE A 304 4.26 51.36 -2.19
CA PHE A 304 4.60 50.27 -3.08
C PHE A 304 4.92 50.76 -4.49
N ALA A 305 6.01 50.24 -5.04
CA ALA A 305 6.33 50.48 -6.45
C ALA A 305 6.59 49.13 -7.11
N GLN A 306 6.05 48.94 -8.31
CA GLN A 306 6.25 47.69 -9.02
C GLN A 306 6.65 47.89 -10.48
N GLY A 307 6.20 48.98 -11.10
CA GLY A 307 6.33 49.12 -12.54
C GLY A 307 7.33 50.14 -13.03
N GLY A 308 6.89 51.05 -13.89
CA GLY A 308 7.80 52.01 -14.49
C GLY A 308 7.10 53.31 -14.82
N GLY A 309 7.92 54.32 -15.10
CA GLY A 309 7.45 55.65 -15.45
C GLY A 309 8.10 56.72 -14.60
N ARG A 310 7.84 57.98 -14.99
CA ARG A 310 8.36 59.10 -14.22
C ARG A 310 7.59 59.30 -12.93
N GLU A 311 6.28 58.98 -12.95
CA GLU A 311 5.42 59.13 -11.79
C GLU A 311 5.88 58.25 -10.64
N THR A 312 6.35 57.04 -10.96
CA THR A 312 6.88 56.14 -9.94
C THR A 312 8.09 56.73 -9.25
N LEU A 313 9.07 57.22 -10.01
CA LEU A 313 10.30 57.74 -9.45
C LEU A 313 10.06 59.03 -8.66
N LYS A 314 9.18 59.90 -9.17
CA LYS A 314 8.85 61.13 -8.44
C LYS A 314 8.11 60.81 -7.16
N ALA A 315 7.25 59.79 -7.17
CA ALA A 315 6.54 59.40 -5.96
C ALA A 315 7.47 58.79 -4.94
N ILE A 316 8.41 57.94 -5.38
CA ILE A 316 9.36 57.32 -4.46
C ILE A 316 10.28 58.37 -3.84
N ASN A 317 10.74 59.35 -4.64
CA ASN A 317 11.62 60.35 -4.06
C ASN A 317 10.86 61.32 -3.16
N THR A 318 9.60 61.64 -3.48
CA THR A 318 8.82 62.48 -2.59
C THR A 318 8.50 61.73 -1.29
N SER A 319 8.39 60.40 -1.37
CA SER A 319 8.21 59.60 -0.17
C SER A 319 9.47 59.57 0.68
N VAL A 320 10.61 59.20 0.09
CA VAL A 320 11.84 59.01 0.85
C VAL A 320 12.41 60.34 1.31
N LYS A 321 12.04 61.44 0.66
CA LYS A 321 12.33 62.76 1.20
C LYS A 321 11.50 63.03 2.44
N SER A 322 10.25 62.60 2.44
CA SER A 322 9.38 62.73 3.60
C SER A 322 9.74 61.67 4.64
N LYS A 323 9.16 61.82 5.82
CA LYS A 323 9.41 60.85 6.89
C LYS A 323 8.37 59.74 6.85
N ILE A 324 8.81 58.57 7.32
CA ILE A 324 8.18 57.26 7.15
C ILE A 324 7.79 57.05 5.68
N PRO A 325 8.75 56.81 4.77
CA PRO A 325 8.34 56.36 3.44
C PRO A 325 7.96 54.89 3.38
N CYS A 326 8.81 54.02 3.96
CA CYS A 326 8.70 52.57 3.92
C CYS A 326 8.48 52.04 2.50
N VAL A 327 9.37 52.44 1.60
CA VAL A 327 9.20 52.10 0.20
C VAL A 327 9.55 50.64 -0.03
N VAL A 328 8.64 49.90 -0.65
CA VAL A 328 8.82 48.49 -0.95
C VAL A 328 8.70 48.30 -2.45
N VAL A 329 9.63 47.56 -3.04
CA VAL A 329 9.61 47.22 -4.45
C VAL A 329 9.68 45.71 -4.60
N GLU A 330 9.37 45.22 -5.80
CA GLU A 330 9.50 43.81 -6.11
C GLU A 330 10.82 43.55 -6.83
N GLY A 331 10.97 42.33 -7.36
CA GLY A 331 12.10 42.01 -8.20
C GLY A 331 11.67 41.76 -9.63
N SER A 332 10.56 42.37 -10.03
CA SER A 332 10.08 42.28 -11.41
C SER A 332 9.32 43.55 -11.75
N GLY A 333 9.52 44.03 -12.96
CA GLY A 333 8.87 45.24 -13.43
C GLY A 333 9.76 45.99 -14.41
N GLN A 334 9.75 47.32 -14.31
CA GLN A 334 10.60 48.17 -15.12
C GLN A 334 11.62 48.94 -14.27
N ILE A 335 11.15 49.71 -13.29
CA ILE A 335 12.06 50.44 -12.40
C ILE A 335 12.29 49.64 -11.11
N ALA A 336 11.39 48.72 -10.77
CA ALA A 336 11.62 47.80 -9.67
C ALA A 336 12.85 46.92 -9.95
N ASP A 337 13.08 46.60 -11.22
CA ASP A 337 14.29 45.87 -11.58
C ASP A 337 15.53 46.74 -11.46
N VAL A 338 15.44 48.02 -11.83
CA VAL A 338 16.65 48.85 -11.79
C VAL A 338 16.96 49.34 -10.39
N ILE A 339 16.03 49.24 -9.45
CA ILE A 339 16.32 49.59 -8.07
C ILE A 339 16.71 48.31 -7.33
N ALA A 340 16.09 47.20 -7.72
CA ALA A 340 16.32 45.92 -7.04
C ALA A 340 17.71 45.38 -7.34
N SER A 341 18.24 45.67 -8.52
CA SER A 341 19.49 45.06 -8.94
C SER A 341 20.70 45.65 -8.22
N LEU A 342 20.70 46.97 -7.98
CA LEU A 342 21.90 47.60 -7.46
C LEU A 342 22.00 47.55 -5.94
N VAL A 343 20.91 47.27 -5.24
CA VAL A 343 20.97 47.22 -3.78
C VAL A 343 21.45 45.84 -3.34
N THR A 350 27.41 55.40 -8.25
CA THR A 350 27.50 56.72 -8.87
C THR A 350 26.69 56.75 -10.16
N SER A 351 27.04 57.71 -11.03
CA SER A 351 26.24 57.96 -12.23
C SER A 351 26.38 56.83 -13.24
N SER A 352 27.55 56.20 -13.28
CA SER A 352 27.87 55.22 -14.32
C SER A 352 27.01 53.97 -14.18
N MET A 353 26.88 53.45 -12.96
CA MET A 353 26.09 52.24 -12.75
C MET A 353 24.60 52.50 -12.95
N VAL A 354 24.16 53.73 -12.66
CA VAL A 354 22.77 54.12 -12.93
C VAL A 354 22.51 54.10 -14.43
N LYS A 355 23.44 54.67 -15.21
CA LYS A 355 23.35 54.61 -16.67
C LYS A 355 23.35 53.18 -17.17
N GLU A 356 24.21 52.33 -16.60
CA GLU A 356 24.36 50.96 -17.06
C GLU A 356 23.12 50.12 -16.79
N LYS A 357 22.52 50.29 -15.61
CA LYS A 357 21.26 49.60 -15.32
C LYS A 357 20.10 50.13 -16.14
N LEU A 358 20.03 51.46 -16.34
CA LEU A 358 18.90 52.05 -17.04
C LEU A 358 18.93 51.73 -18.52
N VAL A 359 20.12 51.48 -19.09
CA VAL A 359 20.14 51.05 -20.48
C VAL A 359 20.00 49.54 -20.63
N ARG A 360 20.25 48.75 -19.57
CA ARG A 360 20.18 47.30 -19.71
C ARG A 360 18.81 46.74 -19.37
N PHE A 361 18.01 47.43 -18.56
CA PHE A 361 16.69 46.93 -18.21
C PHE A 361 15.56 47.61 -18.97
N LEU A 362 15.78 48.81 -19.49
CA LEU A 362 14.82 49.49 -20.35
C LEU A 362 15.47 49.69 -21.71
N PRO A 363 15.32 48.72 -22.62
CA PRO A 363 15.93 48.86 -23.94
C PRO A 363 15.19 49.80 -24.87
N ARG A 364 13.85 49.88 -24.77
CA ARG A 364 13.05 50.62 -25.73
C ARG A 364 12.52 51.93 -25.19
N THR A 365 13.05 52.44 -24.08
CA THR A 365 12.66 53.75 -23.57
C THR A 365 13.75 54.79 -23.72
N VAL A 366 15.02 54.36 -23.69
CA VAL A 366 16.16 55.27 -23.76
C VAL A 366 16.21 56.02 -25.08
N SER A 367 15.74 55.40 -26.17
CA SER A 367 15.76 56.02 -27.49
C SER A 367 14.87 57.25 -27.59
N ARG A 368 13.85 57.36 -26.74
CA ARG A 368 12.91 58.48 -26.78
C ARG A 368 13.17 59.48 -25.67
N LEU A 369 14.40 59.57 -25.18
CA LEU A 369 14.72 60.41 -24.03
C LEU A 369 15.91 61.30 -24.31
N PRO A 370 15.83 62.60 -24.03
CA PRO A 370 17.03 63.43 -24.04
C PRO A 370 17.85 63.22 -22.78
N GLU A 371 19.16 63.40 -22.91
CA GLU A 371 20.05 63.14 -21.80
C GLU A 371 20.03 64.25 -20.76
N GLU A 372 19.48 65.42 -21.09
CA GLU A 372 19.37 66.52 -20.14
C GLU A 372 18.41 66.21 -18.99
N GLU A 373 17.50 65.25 -19.18
CA GLU A 373 16.69 64.72 -18.09
C GLU A 373 17.10 63.31 -17.68
N ILE A 374 17.93 62.63 -18.48
CA ILE A 374 18.50 61.36 -18.01
C ILE A 374 19.49 61.64 -16.88
N GLU A 375 20.25 62.73 -16.98
CA GLU A 375 21.07 63.14 -15.84
C GLU A 375 20.22 63.59 -14.66
N SER A 376 19.04 64.14 -14.93
CA SER A 376 18.09 64.44 -13.86
C SER A 376 17.61 63.17 -13.17
N TRP A 377 17.29 62.13 -13.96
CA TRP A 377 16.93 60.82 -13.41
C TRP A 377 18.07 60.21 -12.59
N ILE A 378 19.31 60.42 -13.01
CA ILE A 378 20.46 59.99 -12.22
C ILE A 378 20.46 60.73 -10.88
N LYS A 379 20.10 62.02 -10.89
CA LYS A 379 19.97 62.75 -9.62
C LYS A 379 18.79 62.24 -8.79
N TRP A 380 17.69 61.85 -9.45
CA TRP A 380 16.54 61.27 -8.75
C TRP A 380 16.93 59.99 -8.03
N LEU A 381 17.61 59.08 -8.74
CA LEU A 381 18.01 57.81 -8.12
C LEU A 381 19.12 57.98 -7.09
N LYS A 382 19.96 59.00 -7.23
CA LYS A 382 20.95 59.26 -6.19
C LYS A 382 20.28 59.84 -4.94
N GLU A 383 19.16 60.54 -5.11
CA GLU A 383 18.36 60.90 -3.95
C GLU A 383 17.58 59.72 -3.40
N ILE A 384 17.26 58.73 -4.23
CA ILE A 384 16.64 57.50 -3.75
C ILE A 384 17.58 56.74 -2.83
N LEU A 385 18.79 56.48 -3.30
CA LEU A 385 19.70 55.59 -2.59
C LEU A 385 20.44 56.25 -1.44
N GLU A 386 20.01 57.44 -1.00
CA GLU A 386 20.62 58.06 0.16
C GLU A 386 20.25 57.32 1.44
N SER A 387 18.97 57.00 1.60
CA SER A 387 18.47 56.29 2.77
C SER A 387 18.09 54.88 2.33
N SER A 388 19.06 53.96 2.39
CA SER A 388 18.81 52.57 2.06
C SER A 388 18.14 51.80 3.18
N HIS A 389 17.99 52.41 4.36
CA HIS A 389 17.26 51.75 5.43
C HIS A 389 15.76 51.97 5.28
N LEU A 390 15.35 52.93 4.45
CA LEU A 390 13.94 53.20 4.21
C LEU A 390 13.41 52.52 2.96
N LEU A 391 14.14 51.55 2.41
CA LEU A 391 13.76 50.89 1.18
C LEU A 391 13.98 49.40 1.32
N THR A 392 13.06 48.60 0.78
CA THR A 392 13.22 47.15 0.83
C THR A 392 12.62 46.52 -0.43
N VAL A 393 12.94 45.25 -0.63
CA VAL A 393 12.70 44.56 -1.88
C VAL A 393 12.19 43.15 -1.63
N ILE A 394 11.32 42.68 -2.51
CA ILE A 394 10.87 41.30 -2.55
C ILE A 394 11.70 40.58 -3.61
N LYS A 395 12.29 39.44 -3.24
CA LYS A 395 13.28 38.76 -4.05
C LYS A 395 12.66 37.58 -4.79
N MET A 396 13.52 36.83 -5.50
CA MET A 396 13.07 35.72 -6.34
C MET A 396 13.08 34.38 -5.61
N GLU A 397 14.11 34.13 -4.80
CA GLU A 397 14.10 32.98 -3.90
C GLU A 397 12.97 33.08 -2.90
N GLU A 398 12.74 34.27 -2.35
CA GLU A 398 11.61 34.53 -1.47
C GLU A 398 10.36 34.59 -2.34
N ALA A 399 9.77 33.40 -2.57
CA ALA A 399 8.59 33.31 -3.42
C ALA A 399 7.55 32.35 -2.86
N GLY A 400 7.58 32.07 -1.56
CA GLY A 400 6.61 31.19 -0.96
C GLY A 400 5.31 31.89 -0.61
N ASP A 401 4.83 31.69 0.61
CA ASP A 401 3.61 32.32 1.08
C ASP A 401 3.93 33.28 2.22
N GLU A 402 3.10 34.33 2.33
CA GLU A 402 3.25 35.42 3.32
C GLU A 402 4.60 36.10 3.19
N ILE A 403 5.00 36.36 1.94
CA ILE A 403 6.19 37.16 1.69
C ILE A 403 5.89 38.65 1.73
N VAL A 404 4.64 39.03 1.46
CA VAL A 404 4.24 40.42 1.49
C VAL A 404 4.19 40.93 2.93
N SER A 405 3.72 40.09 3.86
CA SER A 405 3.78 40.44 5.28
C SER A 405 5.21 40.52 5.76
N ASN A 406 6.06 39.59 5.31
CA ASN A 406 7.47 39.60 5.69
C ASN A 406 8.21 40.79 5.10
N ALA A 407 7.68 41.40 4.04
CA ALA A 407 8.26 42.62 3.52
C ALA A 407 7.76 43.85 4.26
N ILE A 408 6.43 43.98 4.40
CA ILE A 408 5.82 45.17 4.99
C ILE A 408 6.21 45.33 6.45
N SER A 409 6.14 44.23 7.21
CA SER A 409 6.47 44.29 8.63
C SER A 409 7.95 44.57 8.86
N TYR A 410 8.82 44.02 8.01
CA TYR A 410 10.24 44.29 8.15
C TYR A 410 10.58 45.72 7.78
N ALA A 411 9.90 46.28 6.77
CA ALA A 411 10.10 47.68 6.43
C ALA A 411 9.62 48.60 7.54
N LEU A 412 8.46 48.30 8.13
CA LEU A 412 7.96 49.10 9.24
C LEU A 412 8.84 48.97 10.47
N TYR A 413 9.46 47.80 10.68
CA TYR A 413 10.35 47.66 11.83
C TYR A 413 11.67 48.40 11.61
N LYS A 414 12.17 48.40 10.37
CA LYS A 414 13.36 49.20 10.06
C LYS A 414 13.08 50.69 10.20
N ALA A 415 11.86 51.12 9.88
CA ALA A 415 11.50 52.52 10.08
C ALA A 415 11.31 52.85 11.56
N PHE A 416 10.82 51.88 12.34
CA PHE A 416 10.56 52.17 13.74
C PHE A 416 11.83 52.09 14.59
N SER A 417 12.80 51.30 14.15
CA SER A 417 14.01 51.12 14.96
C SER A 417 15.00 52.25 14.78
N THR A 418 15.06 52.83 13.58
CA THR A 418 16.07 53.83 13.24
C THR A 418 15.60 55.26 13.43
N ASN A 419 14.70 55.51 14.39
CA ASN A 419 14.26 56.87 14.63
C ASN A 419 15.14 57.60 15.66
N GLU A 420 16.03 56.87 16.34
CA GLU A 420 16.92 57.36 17.39
C GLU A 420 16.20 58.10 18.52
N GLN A 421 14.94 57.73 18.76
CA GLN A 421 14.18 58.18 19.91
C GLN A 421 13.55 57.02 20.66
N ASP A 422 13.14 55.99 19.93
CA ASP A 422 12.43 54.84 20.48
C ASP A 422 13.27 53.57 20.46
N LYS A 423 14.60 53.71 20.42
CA LYS A 423 15.47 52.53 20.53
C LYS A 423 15.42 51.94 21.93
N ASP A 424 15.05 52.73 22.93
CA ASP A 424 14.72 52.20 24.24
C ASP A 424 13.31 51.65 24.32
N ASN A 425 12.49 51.85 23.29
CA ASN A 425 11.10 51.38 23.31
C ASN A 425 11.03 49.97 22.74
N TRP A 426 11.46 49.02 23.57
CA TRP A 426 11.36 47.62 23.20
C TRP A 426 9.91 47.13 23.24
N ASN A 427 9.05 47.76 24.04
CA ASN A 427 7.65 47.39 24.08
C ASN A 427 6.96 47.71 22.77
N GLY A 428 7.26 48.87 22.18
CA GLY A 428 6.65 49.22 20.91
C GLY A 428 7.13 48.32 19.78
N GLN A 429 8.41 47.97 19.80
CA GLN A 429 8.94 47.03 18.81
C GLN A 429 8.31 45.65 18.98
N LEU A 430 8.11 45.21 20.22
CA LEU A 430 7.53 43.90 20.46
C LEU A 430 6.06 43.86 20.08
N LYS A 431 5.31 44.93 20.35
CA LYS A 431 3.92 44.98 19.95
C LYS A 431 3.77 45.09 18.43
N LEU A 432 4.71 45.77 17.78
CA LEU A 432 4.68 45.84 16.33
C LEU A 432 5.00 44.49 15.70
N LEU A 433 5.95 43.76 16.29
CA LEU A 433 6.25 42.42 15.79
C LEU A 433 5.25 41.38 16.24
N LEU A 434 4.37 41.71 17.19
CA LEU A 434 3.26 40.85 17.57
C LEU A 434 2.05 41.03 16.65
N GLU A 435 1.78 42.29 16.25
CA GLU A 435 0.64 42.56 15.37
C GLU A 435 0.85 41.90 14.01
N TRP A 436 2.09 41.78 13.58
CA TRP A 436 2.48 40.96 12.44
C TRP A 436 2.99 39.63 12.99
N ASN A 437 3.29 38.68 12.10
CA ASN A 437 3.71 37.37 12.56
C ASN A 437 5.21 37.17 12.54
N GLN A 438 5.98 38.20 12.88
CA GLN A 438 7.42 38.12 12.82
C GLN A 438 7.94 37.47 14.09
N LEU A 439 8.01 36.14 14.08
CA LEU A 439 8.60 35.43 15.21
C LEU A 439 10.11 35.48 15.16
N ASP A 440 10.68 35.19 13.98
CA ASP A 440 12.13 35.01 13.85
C ASP A 440 12.87 36.32 14.07
N LEU A 441 12.28 37.44 13.64
CA LEU A 441 12.89 38.74 13.83
C LEU A 441 12.90 39.14 15.30
N ALA A 442 11.81 38.86 16.01
CA ALA A 442 11.75 39.14 17.44
C ALA A 442 12.65 38.22 18.23
N SER A 443 12.89 37.01 17.72
CA SER A 443 13.84 36.13 18.39
C SER A 443 15.27 36.58 18.15
N ASP A 444 15.54 37.13 16.96
CA ASP A 444 16.92 37.47 16.61
C ASP A 444 17.35 38.81 17.18
N GLU A 445 16.47 39.81 17.25
CA GLU A 445 16.96 41.11 17.70
C GLU A 445 16.00 41.80 18.66
N ILE A 446 15.37 41.03 19.55
CA ILE A 446 14.82 41.55 20.80
C ILE A 446 15.34 40.77 22.00
N PHE A 447 15.23 39.43 21.95
CA PHE A 447 15.59 38.57 23.06
C PHE A 447 17.00 38.00 22.95
N THR A 448 17.95 38.77 22.42
CA THR A 448 19.27 38.18 22.14
C THR A 448 20.31 38.64 23.16
N ASN A 449 20.38 39.93 23.43
CA ASN A 449 21.50 40.53 24.15
C ASN A 449 21.54 40.15 25.63
N ASP A 450 20.41 39.67 26.18
CA ASP A 450 20.21 39.45 27.62
C ASP A 450 20.44 40.75 28.40
N ARG A 451 20.08 41.87 27.79
CA ARG A 451 20.39 43.19 28.32
C ARG A 451 19.31 43.73 29.24
N ARG A 452 18.03 43.59 28.89
CA ARG A 452 16.97 44.09 29.76
C ARG A 452 15.72 43.21 29.71
N TRP A 453 15.63 42.26 30.62
CA TRP A 453 14.44 41.42 30.75
C TRP A 453 13.87 41.60 32.15
N GLU A 454 12.57 41.86 32.25
CA GLU A 454 11.91 42.09 33.52
C GLU A 454 11.04 40.92 33.95
N SER A 455 10.55 40.11 33.01
CA SER A 455 9.83 38.85 33.16
C SER A 455 8.44 39.00 33.77
N ALA A 456 8.02 40.21 34.15
CA ALA A 456 6.65 40.46 34.58
C ALA A 456 5.96 41.52 33.74
N ASP A 457 6.70 42.23 32.90
CA ASP A 457 6.18 43.25 32.00
C ASP A 457 5.59 42.61 30.74
N LEU A 458 5.62 41.29 30.64
CA LEU A 458 5.18 40.57 29.46
C LEU A 458 3.73 40.14 29.54
N GLN A 459 2.86 40.90 30.21
CA GLN A 459 1.52 40.42 30.51
C GLN A 459 0.46 40.89 29.52
N GLU A 460 0.46 42.17 29.13
CA GLU A 460 -0.51 42.64 28.15
C GLU A 460 -0.24 42.05 26.78
N VAL A 461 1.04 41.89 26.45
CA VAL A 461 1.41 41.24 25.21
C VAL A 461 1.05 39.76 25.25
N MET A 462 1.06 39.15 26.44
CA MET A 462 0.59 37.78 26.61
C MET A 462 -0.90 37.68 26.37
N PHE A 463 -1.67 38.59 26.95
CA PHE A 463 -3.13 38.61 26.76
C PHE A 463 -3.49 38.83 25.30
N THR A 464 -2.72 39.67 24.60
CA THR A 464 -2.96 39.92 23.19
C THR A 464 -2.61 38.71 22.35
N ALA A 465 -1.52 38.01 22.69
CA ALA A 465 -1.14 36.81 21.96
C ALA A 465 -2.12 35.67 22.22
N LEU A 466 -2.77 35.66 23.37
CA LEU A 466 -3.83 34.69 23.61
C LEU A 466 -5.08 35.01 22.79
N ILE A 467 -5.53 36.27 22.83
CA ILE A 467 -6.81 36.58 22.18
C ILE A 467 -6.70 36.74 20.67
N LYS A 468 -5.49 36.78 20.10
CA LYS A 468 -5.33 36.94 18.66
C LYS A 468 -4.67 35.73 18.00
N ASP A 469 -4.61 34.59 18.69
CA ASP A 469 -4.13 33.31 18.17
C ASP A 469 -2.68 33.42 17.67
N ARG A 470 -1.78 33.67 18.62
CA ARG A 470 -0.35 33.76 18.37
C ARG A 470 0.35 32.68 19.19
N PRO A 471 0.36 31.43 18.72
CA PRO A 471 0.92 30.35 19.53
C PRO A 471 2.44 30.37 19.59
N LYS A 472 3.08 30.85 18.52
CA LYS A 472 4.53 30.88 18.51
C LYS A 472 5.07 31.97 19.42
N PHE A 473 4.33 33.06 19.58
CA PHE A 473 4.80 34.10 20.47
C PHE A 473 4.62 33.75 21.94
N VAL A 474 3.53 33.06 22.29
CA VAL A 474 3.40 32.61 23.68
C VAL A 474 4.39 31.48 23.96
N ARG A 475 4.73 30.67 22.95
CA ARG A 475 5.83 29.73 23.11
C ARG A 475 7.16 30.44 23.38
N LEU A 476 7.42 31.54 22.66
CA LEU A 476 8.63 32.33 22.90
C LEU A 476 8.62 32.99 24.28
N PHE A 477 7.45 33.44 24.73
CA PHE A 477 7.36 34.11 26.03
C PHE A 477 7.57 33.14 27.17
N LEU A 478 7.06 31.91 27.03
CA LEU A 478 7.32 30.91 28.07
C LEU A 478 8.73 30.35 27.96
N GLU A 479 9.30 30.37 26.76
CA GLU A 479 10.70 30.05 26.57
C GLU A 479 11.61 31.06 27.27
N ASN A 480 11.18 32.31 27.34
CA ASN A 480 11.94 33.34 28.03
C ASN A 480 11.43 33.63 29.44
N GLY A 481 10.29 33.05 29.82
CA GLY A 481 9.91 33.07 31.22
C GLY A 481 8.68 33.87 31.59
N LEU A 482 7.60 33.17 31.92
CA LEU A 482 6.42 33.78 32.52
C LEU A 482 5.65 32.68 33.26
N ASN A 483 5.17 33.00 34.45
CA ASN A 483 4.39 32.06 35.25
C ASN A 483 2.92 32.22 34.90
N LEU A 484 2.30 31.12 34.46
CA LEU A 484 0.89 31.16 34.06
C LEU A 484 -0.02 31.39 35.26
N GLN A 485 0.19 30.64 36.34
CA GLN A 485 -0.71 30.69 37.49
C GLN A 485 -0.62 32.04 38.20
N LYS A 486 0.54 32.69 38.15
CA LYS A 486 0.61 34.08 38.58
C LYS A 486 -0.13 35.00 37.62
N PHE A 487 -0.02 34.74 36.31
CA PHE A 487 -0.69 35.57 35.33
C PHE A 487 -2.19 35.35 35.30
N LEU A 488 -2.64 34.10 35.34
CA LEU A 488 -4.02 33.76 35.03
C LEU A 488 -4.89 33.87 36.27
N THR A 489 -5.43 35.06 36.49
CA THR A 489 -6.30 35.33 37.63
C THR A 489 -7.75 35.22 37.17
N ASN A 490 -8.67 35.42 38.12
CA ASN A 490 -10.09 35.28 37.80
C ASN A 490 -10.59 36.39 36.90
N GLU A 491 -9.96 37.56 36.94
CA GLU A 491 -10.36 38.63 36.05
C GLU A 491 -10.00 38.32 34.60
N VAL A 492 -8.84 37.69 34.40
CA VAL A 492 -8.45 37.24 33.07
C VAL A 492 -9.41 36.19 32.55
N LEU A 493 -9.79 35.23 33.39
CA LEU A 493 -10.70 34.17 32.97
C LEU A 493 -12.10 34.68 32.70
N THR A 494 -12.56 35.68 33.46
CA THR A 494 -13.86 36.26 33.14
C THR A 494 -13.81 37.10 31.87
N GLU A 495 -12.67 37.75 31.58
CA GLU A 495 -12.56 38.46 30.32
C GLU A 495 -12.47 37.52 29.14
N LEU A 496 -11.90 36.33 29.34
CA LEU A 496 -11.86 35.34 28.27
C LEU A 496 -13.22 34.69 28.04
N PHE A 497 -13.84 34.15 29.09
CA PHE A 497 -15.11 33.47 28.92
C PHE A 497 -16.28 34.41 28.74
N SER A 498 -16.13 35.70 29.02
CA SER A 498 -17.24 36.64 28.89
C SER A 498 -17.21 37.39 27.57
N THR A 499 -16.06 37.98 27.23
CA THR A 499 -15.92 38.78 26.03
C THR A 499 -15.29 38.00 24.87
N HIS A 500 -14.16 37.34 25.12
CA HIS A 500 -13.41 36.66 24.08
C HIS A 500 -13.94 35.25 23.80
N PHE A 501 -15.07 34.88 24.38
CA PHE A 501 -15.69 33.60 24.12
C PHE A 501 -16.76 33.78 23.06
N SER A 502 -16.79 32.88 22.09
CA SER A 502 -17.67 33.03 20.94
C SER A 502 -19.12 32.77 21.33
N THR A 503 -20.02 33.19 20.45
CA THR A 503 -21.44 33.07 20.72
C THR A 503 -22.11 31.94 19.94
N LEU A 504 -21.50 31.47 18.86
CA LEU A 504 -21.99 30.27 18.20
C LEU A 504 -21.51 29.03 18.95
N VAL A 505 -20.31 29.10 19.51
CA VAL A 505 -19.78 28.03 20.35
C VAL A 505 -20.64 27.85 21.59
N TYR A 506 -21.14 28.95 22.15
CA TYR A 506 -22.01 28.86 23.31
C TYR A 506 -23.35 28.25 22.96
N ARG A 507 -23.87 28.52 21.75
CA ARG A 507 -25.12 27.89 21.33
C ARG A 507 -24.94 26.40 21.09
N ASN A 508 -23.81 26.00 20.51
CA ASN A 508 -23.52 24.58 20.38
C ASN A 508 -23.32 23.92 21.73
N LEU A 509 -22.80 24.67 22.70
CA LEU A 509 -22.65 24.14 24.05
C LEU A 509 -24.01 23.98 24.72
N GLN A 510 -24.94 24.89 24.44
CA GLN A 510 -26.32 24.73 24.92
C GLN A 510 -26.98 23.51 24.33
N ILE A 511 -26.84 23.31 23.01
CA ILE A 511 -27.47 22.16 22.36
C ILE A 511 -26.84 20.85 22.86
N ALA A 512 -25.53 20.87 23.10
CA ALA A 512 -24.86 19.69 23.63
C ALA A 512 -25.26 19.43 25.08
N LYS A 513 -25.51 20.45 25.87
CA LYS A 513 -25.95 20.21 27.24
C LYS A 513 -27.41 19.78 27.29
N ASN A 514 -28.20 20.17 26.29
CA ASN A 514 -29.61 19.79 26.29
C ASN A 514 -29.80 18.39 25.76
N SER A 515 -29.07 18.00 24.71
CA SER A 515 -29.36 16.74 24.03
C SER A 515 -28.35 15.64 24.33
N TYR A 516 -27.09 15.98 24.63
CA TYR A 516 -26.07 14.96 24.91
C TYR A 516 -25.44 15.30 26.26
N ASN A 517 -26.12 14.97 27.33
CA ASN A 517 -25.65 15.39 28.63
C ASN A 517 -24.82 14.29 29.27
N ASP A 518 -23.91 14.67 30.14
CA ASP A 518 -22.92 13.76 30.68
C ASP A 518 -22.39 14.40 31.97
N ALA A 519 -21.50 13.68 32.65
CA ALA A 519 -20.93 14.21 33.89
C ALA A 519 -19.93 15.33 33.60
N LEU A 520 -19.03 15.11 32.64
CA LEU A 520 -18.00 16.09 32.38
C LEU A 520 -18.57 17.32 31.70
N LEU A 521 -19.62 17.15 30.89
CA LEU A 521 -20.23 18.34 30.28
C LEU A 521 -21.09 19.11 31.25
N THR A 522 -21.69 18.44 32.24
CA THR A 522 -22.34 19.16 33.31
C THR A 522 -21.31 19.95 34.12
N PHE A 523 -20.14 19.36 34.34
CA PHE A 523 -19.07 20.05 35.05
C PHE A 523 -18.56 21.27 34.28
N VAL A 524 -18.36 21.13 32.97
CA VAL A 524 -17.86 22.27 32.22
C VAL A 524 -18.95 23.30 31.97
N TRP A 525 -20.23 22.90 31.97
CA TRP A 525 -21.31 23.87 31.93
C TRP A 525 -21.37 24.67 33.23
N LYS A 526 -21.11 24.01 34.36
CA LYS A 526 -21.05 24.71 35.63
C LYS A 526 -19.87 25.68 35.70
N LEU A 527 -18.71 25.28 35.17
CA LEU A 527 -17.59 26.22 35.24
C LEU A 527 -17.71 27.35 34.23
N VAL A 528 -18.32 27.10 33.06
CA VAL A 528 -18.51 28.20 32.13
C VAL A 528 -19.66 29.10 32.61
N ALA A 529 -20.57 28.57 33.43
CA ALA A 529 -21.54 29.45 34.07
C ALA A 529 -20.91 30.22 35.22
N ASN A 530 -19.86 29.66 35.83
CA ASN A 530 -19.10 30.38 36.84
C ASN A 530 -18.37 31.57 36.25
N PHE A 531 -17.63 31.35 35.17
CA PHE A 531 -16.76 32.42 34.68
C PHE A 531 -17.46 33.42 33.77
N ARG A 532 -18.70 33.18 33.35
CA ARG A 532 -19.43 34.21 32.61
C ARG A 532 -20.19 35.17 33.53
N ARG A 533 -20.03 35.04 34.84
CA ARG A 533 -20.62 35.98 35.79
C ARG A 533 -19.59 36.51 36.78
N ARG A 558 -6.69 27.04 41.96
CA ARG A 558 -7.98 26.44 41.67
C ARG A 558 -7.93 25.94 40.22
N HIS A 559 -6.83 25.25 39.88
CA HIS A 559 -6.54 24.66 38.58
C HIS A 559 -6.71 25.63 37.42
N PRO A 560 -5.85 26.64 37.26
CA PRO A 560 -6.11 27.66 36.24
C PRO A 560 -5.78 27.21 34.82
N LEU A 561 -4.68 26.46 34.69
CA LEU A 561 -4.22 26.01 33.38
C LEU A 561 -5.21 25.06 32.75
N GLN A 562 -5.91 24.30 33.57
CA GLN A 562 -6.92 23.38 33.07
C GLN A 562 -8.13 24.13 32.52
N ALA A 563 -8.52 25.22 33.16
CA ALA A 563 -9.63 26.02 32.66
C ALA A 563 -9.25 26.77 31.39
N LEU A 564 -8.03 27.30 31.32
CA LEU A 564 -7.56 27.93 30.09
C LEU A 564 -7.43 26.91 28.97
N PHE A 565 -7.06 25.68 29.31
CA PHE A 565 -6.99 24.60 28.34
C PHE A 565 -8.37 24.24 27.82
N ILE A 566 -9.38 24.28 28.68
CA ILE A 566 -10.76 24.04 28.26
C ILE A 566 -11.25 25.15 27.34
N TRP A 567 -10.93 26.40 27.68
CA TRP A 567 -11.26 27.55 26.84
C TRP A 567 -10.63 27.43 25.47
N ALA A 568 -9.34 27.11 25.42
CA ALA A 568 -8.66 26.98 24.15
C ALA A 568 -9.12 25.75 23.38
N ILE A 569 -9.60 24.72 24.07
CA ILE A 569 -9.88 23.48 23.37
C ILE A 569 -11.31 23.43 22.86
N LEU A 570 -12.20 24.15 23.53
CA LEU A 570 -13.58 24.29 23.10
C LEU A 570 -13.67 25.15 21.82
N GLN A 571 -12.83 26.20 21.77
CA GLN A 571 -12.82 27.14 20.65
C GLN A 571 -12.28 26.52 19.38
N ASN A 572 -11.81 25.28 19.45
CA ASN A 572 -11.06 24.58 18.40
C ASN A 572 -9.87 25.41 17.93
N LYS A 573 -9.00 25.74 18.88
CA LYS A 573 -7.84 26.56 18.55
C LYS A 573 -6.69 25.71 18.02
N LYS A 574 -6.52 24.50 18.56
CA LYS A 574 -5.75 23.40 17.97
C LYS A 574 -4.24 23.62 18.00
N GLU A 575 -3.78 24.82 18.30
CA GLU A 575 -2.34 25.09 18.35
C GLU A 575 -1.90 25.85 19.58
N LEU A 576 -2.75 26.68 20.16
CA LEU A 576 -2.48 27.22 21.48
C LEU A 576 -2.69 26.15 22.54
N SER A 577 -3.58 25.19 22.25
CA SER A 577 -3.89 24.11 23.17
C SER A 577 -2.69 23.21 23.39
N LYS A 578 -1.90 22.96 22.35
CA LYS A 578 -0.70 22.15 22.51
C LYS A 578 0.34 22.86 23.35
N VAL A 579 0.44 24.19 23.18
CA VAL A 579 1.43 24.97 23.90
C VAL A 579 1.09 25.02 25.38
N ILE A 580 -0.19 25.15 25.72
CA ILE A 580 -0.52 25.09 27.14
C ILE A 580 -0.46 23.65 27.67
N TRP A 581 -0.79 22.66 26.85
CA TRP A 581 -0.74 21.25 27.26
C TRP A 581 0.66 20.80 27.60
N GLU A 582 1.67 21.34 26.92
CA GLU A 582 3.05 21.00 27.27
C GLU A 582 3.49 21.55 28.62
N GLN A 583 2.73 22.48 29.21
CA GLN A 583 3.11 23.10 30.47
C GLN A 583 2.39 22.51 31.66
N THR A 584 1.39 21.67 31.45
CA THR A 584 0.52 21.17 32.50
C THR A 584 1.23 20.05 33.27
N LYS A 585 0.69 19.70 34.43
CA LYS A 585 1.20 18.58 35.22
C LYS A 585 0.47 17.28 34.92
N GLY A 586 -0.84 17.25 35.14
CA GLY A 586 -1.63 16.08 34.86
C GLY A 586 -1.95 16.00 33.38
N CYS A 587 -0.96 15.59 32.57
CA CYS A 587 -1.08 15.71 31.13
C CYS A 587 -1.97 14.65 30.52
N THR A 588 -1.89 13.41 31.01
CA THR A 588 -2.75 12.35 30.50
C THR A 588 -4.21 12.59 30.84
N LEU A 589 -4.47 13.10 32.05
CA LEU A 589 -5.84 13.43 32.42
C LEU A 589 -6.38 14.55 31.57
N ALA A 590 -5.53 15.53 31.25
CA ALA A 590 -5.93 16.65 30.42
C ALA A 590 -6.24 16.19 29.01
N ALA A 591 -5.42 15.28 28.46
CA ALA A 591 -5.67 14.79 27.12
C ALA A 591 -6.94 13.95 27.04
N LEU A 592 -7.19 13.14 28.07
CA LEU A 592 -8.40 12.31 28.04
C LEU A 592 -9.67 13.13 28.26
N GLY A 593 -9.60 14.14 29.13
CA GLY A 593 -10.76 15.00 29.33
C GLY A 593 -11.06 15.86 28.11
N ALA A 594 -10.02 16.33 27.43
CA ALA A 594 -10.22 17.09 26.21
C ALA A 594 -10.79 16.23 25.11
N SER A 595 -10.33 14.97 25.01
CA SER A 595 -10.87 14.07 23.99
C SER A 595 -12.33 13.75 24.27
N LYS A 596 -12.71 13.65 25.55
CA LYS A 596 -14.11 13.39 25.89
C LYS A 596 -15.00 14.58 25.55
N LEU A 597 -14.57 15.80 25.92
CA LEU A 597 -15.33 17.01 25.60
C LEU A 597 -15.51 17.19 24.10
N LEU A 598 -14.47 16.94 23.33
CA LEU A 598 -14.56 17.15 21.90
C LEU A 598 -15.36 16.05 21.20
N LYS A 599 -15.29 14.80 21.69
CA LYS A 599 -16.14 13.76 21.11
C LYS A 599 -17.61 13.97 21.47
N THR A 600 -17.89 14.68 22.56
CA THR A 600 -19.28 15.02 22.83
C THR A 600 -19.74 16.18 21.96
N LEU A 601 -18.89 17.20 21.80
CA LEU A 601 -19.27 18.34 20.97
C LEU A 601 -19.28 18.04 19.49
N ALA A 602 -18.67 16.93 19.06
CA ALA A 602 -18.73 16.56 17.64
C ALA A 602 -20.03 15.87 17.25
N LYS A 603 -21.02 15.80 18.14
CA LYS A 603 -22.29 15.16 17.82
C LYS A 603 -23.41 16.15 17.57
N VAL A 604 -23.16 17.45 17.73
CA VAL A 604 -24.20 18.45 17.54
C VAL A 604 -24.43 18.66 16.05
N LYS A 605 -25.68 18.51 15.61
CA LYS A 605 -25.95 18.35 14.18
C LYS A 605 -25.90 19.65 13.40
N ASN A 606 -26.19 20.80 13.99
CA ASN A 606 -26.01 22.01 13.21
C ASN A 606 -24.55 22.47 13.26
N ASP A 607 -24.13 23.17 12.20
CA ASP A 607 -22.74 23.59 11.97
C ASP A 607 -21.82 22.37 11.97
N ILE A 608 -22.01 21.54 10.93
CA ILE A 608 -21.27 20.29 10.82
C ILE A 608 -19.78 20.49 10.60
N ASN A 609 -19.36 21.67 10.15
CA ASN A 609 -17.93 21.93 9.93
C ASN A 609 -17.19 21.99 11.25
N ALA A 610 -17.76 22.71 12.23
CA ALA A 610 -17.19 22.77 13.56
C ALA A 610 -17.19 21.41 14.24
N ALA A 611 -18.22 20.60 13.96
CA ALA A 611 -18.25 19.23 14.44
C ALA A 611 -17.12 18.41 13.83
N GLY A 612 -16.81 18.66 12.56
CA GLY A 612 -15.70 17.96 11.92
C GLY A 612 -14.34 18.33 12.50
N GLU A 613 -14.12 19.62 12.74
CA GLU A 613 -12.83 20.01 13.33
C GLU A 613 -12.71 19.53 14.77
N SER A 614 -13.81 19.55 15.54
CA SER A 614 -13.74 19.06 16.90
C SER A 614 -13.55 17.56 16.94
N GLU A 615 -14.08 16.83 15.96
CA GLU A 615 -13.81 15.41 15.86
C GLU A 615 -12.35 15.12 15.56
N GLU A 616 -11.74 15.89 14.64
CA GLU A 616 -10.33 15.69 14.32
C GLU A 616 -9.44 16.01 15.51
N LEU A 617 -9.75 17.08 16.24
CA LEU A 617 -8.95 17.44 17.41
C LEU A 617 -9.13 16.44 18.54
N ALA A 618 -10.33 15.84 18.66
CA ALA A 618 -10.56 14.76 19.60
C ALA A 618 -9.68 13.56 19.29
N ASN A 619 -9.63 13.16 18.01
CA ASN A 619 -8.79 12.03 17.64
C ASN A 619 -7.32 12.31 17.88
N GLU A 620 -6.90 13.56 17.67
CA GLU A 620 -5.51 13.92 17.90
C GLU A 620 -5.14 13.83 19.38
N TYR A 621 -6.00 14.32 20.27
CA TYR A 621 -5.64 14.21 21.68
C TYR A 621 -5.80 12.82 22.27
N GLU A 622 -6.71 11.98 21.75
CA GLU A 622 -6.72 10.63 22.27
C GLU A 622 -5.51 9.83 21.78
N THR A 623 -5.06 10.11 20.55
CA THR A 623 -3.78 9.56 20.10
C THR A 623 -2.63 10.04 20.97
N ARG A 624 -2.66 11.30 21.39
CA ARG A 624 -1.61 11.87 22.22
C ARG A 624 -1.57 11.21 23.60
N ALA A 625 -2.74 10.97 24.19
CA ALA A 625 -2.80 10.31 25.50
C ALA A 625 -2.29 8.88 25.44
N VAL A 626 -2.67 8.14 24.38
CA VAL A 626 -2.20 6.76 24.24
C VAL A 626 -0.69 6.72 24.06
N GLU A 627 -0.16 7.58 23.18
CA GLU A 627 1.26 7.57 22.90
C GLU A 627 2.10 8.09 24.06
N LEU A 628 1.54 8.90 24.95
CA LEU A 628 2.30 9.28 26.14
C LEU A 628 2.28 8.19 27.18
N PHE A 629 1.14 7.53 27.38
CA PHE A 629 1.09 6.53 28.43
C PHE A 629 1.84 5.28 28.04
N THR A 630 1.98 4.99 26.74
CA THR A 630 2.77 3.81 26.39
C THR A 630 4.26 4.04 26.67
N GLU A 631 4.73 5.28 26.60
CA GLU A 631 6.09 5.58 27.01
C GLU A 631 6.25 5.52 28.51
N CYS A 632 5.29 6.12 29.24
CA CYS A 632 5.30 6.06 30.70
C CYS A 632 5.20 4.64 31.23
N TYR A 633 4.60 3.72 30.48
CA TYR A 633 4.58 2.33 30.90
C TYR A 633 5.84 1.60 30.48
N SER A 634 6.35 1.89 29.28
CA SER A 634 7.51 1.20 28.75
C SER A 634 8.80 1.60 29.43
N ASN A 635 8.83 2.67 30.21
CA ASN A 635 9.99 2.90 31.07
C ASN A 635 9.83 2.27 32.44
N ASP A 636 8.71 2.52 33.11
CA ASP A 636 8.48 1.96 34.44
C ASP A 636 7.05 1.45 34.50
N GLU A 637 6.85 0.30 35.13
CA GLU A 637 5.49 -0.22 35.27
C GLU A 637 4.82 0.33 36.52
N ASP A 638 5.57 0.40 37.62
CA ASP A 638 4.97 0.73 38.91
C ASP A 638 4.50 2.17 38.97
N LEU A 639 5.30 3.11 38.46
CA LEU A 639 4.87 4.50 38.51
C LEU A 639 3.81 4.80 37.45
N ALA A 640 3.76 4.03 36.36
CA ALA A 640 2.65 4.18 35.42
C ALA A 640 1.34 3.73 36.06
N GLU A 641 1.38 2.63 36.81
CA GLU A 641 0.20 2.22 37.55
C GLU A 641 -0.10 3.14 38.73
N GLN A 642 0.91 3.89 39.20
CA GLN A 642 0.63 5.00 40.12
C GLN A 642 -0.10 6.13 39.42
N LEU A 643 0.25 6.39 38.15
CA LEU A 643 -0.40 7.46 37.39
C LEU A 643 -1.87 7.17 37.14
N LEU A 644 -2.20 5.91 36.83
CA LEU A 644 -3.56 5.55 36.42
C LEU A 644 -4.65 5.84 37.45
N VAL A 645 -4.32 6.01 38.73
CA VAL A 645 -5.34 5.97 39.76
C VAL A 645 -5.57 7.31 40.45
N TYR A 646 -5.06 8.40 39.90
CA TYR A 646 -5.11 9.69 40.59
C TYR A 646 -6.15 10.61 39.98
N SER A 647 -6.82 11.38 40.85
CA SER A 647 -7.95 12.20 40.43
C SER A 647 -7.61 13.67 40.28
N CYS A 648 -6.35 14.07 40.53
CA CYS A 648 -5.81 15.41 40.30
C CYS A 648 -6.54 16.49 41.11
N GLU A 649 -7.04 16.09 42.28
CA GLU A 649 -7.67 16.97 43.28
C GLU A 649 -8.87 17.70 42.66
N ALA A 650 -9.80 16.91 42.14
CA ALA A 650 -10.98 17.33 41.38
C ALA A 650 -10.59 18.14 40.14
N TRP A 651 -9.92 17.44 39.22
CA TRP A 651 -9.74 17.94 37.86
C TRP A 651 -11.10 18.21 37.22
N GLY A 652 -11.87 17.15 37.02
CA GLY A 652 -13.25 17.19 36.61
C GLY A 652 -14.04 16.33 37.57
N GLY A 653 -13.38 15.94 38.66
CA GLY A 653 -14.01 15.10 39.66
C GLY A 653 -13.89 13.62 39.38
N SER A 654 -12.91 13.20 38.60
CA SER A 654 -12.81 11.81 38.21
C SER A 654 -11.34 11.46 37.98
N ASN A 655 -11.11 10.29 37.40
CA ASN A 655 -9.82 9.63 37.36
C ASN A 655 -9.42 9.46 35.91
N CYS A 656 -8.12 9.20 35.69
CA CYS A 656 -7.60 8.97 34.34
C CYS A 656 -8.24 7.75 33.70
N LEU A 657 -8.32 6.66 34.46
CA LEU A 657 -8.94 5.44 33.96
C LEU A 657 -10.45 5.63 33.81
N GLU A 658 -11.05 6.38 34.74
CA GLU A 658 -12.47 6.69 34.66
C GLU A 658 -12.79 7.59 33.48
N LEU A 659 -11.92 8.56 33.17
CA LEU A 659 -12.15 9.40 32.00
C LEU A 659 -11.95 8.63 30.70
N ALA A 660 -11.06 7.65 30.70
CA ALA A 660 -10.93 6.81 29.52
C ALA A 660 -12.16 5.92 29.33
N VAL A 661 -12.79 5.52 30.42
CA VAL A 661 -13.98 4.67 30.32
C VAL A 661 -15.19 5.48 29.89
N GLU A 662 -15.40 6.64 30.52
CA GLU A 662 -16.60 7.44 30.26
C GLU A 662 -16.64 8.01 28.85
N ALA A 663 -15.50 8.13 28.18
CA ALA A 663 -15.46 8.58 26.81
C ALA A 663 -15.53 7.44 25.80
N THR A 664 -15.65 6.20 26.29
CA THR A 664 -15.61 4.97 25.50
C THR A 664 -14.34 4.92 24.65
N ASP A 665 -13.23 5.32 25.26
CA ASP A 665 -11.92 5.30 24.59
C ASP A 665 -11.33 3.92 24.81
N GLN A 666 -11.84 2.97 24.04
CA GLN A 666 -11.47 1.58 24.21
C GLN A 666 -10.08 1.27 23.69
N HIS A 667 -9.51 2.14 22.86
CA HIS A 667 -8.14 1.95 22.42
C HIS A 667 -7.14 2.24 23.52
N PHE A 668 -7.50 3.10 24.48
CA PHE A 668 -6.64 3.35 25.62
C PHE A 668 -6.62 2.17 26.58
N ILE A 669 -7.66 1.34 26.58
CA ILE A 669 -7.71 0.22 27.48
C ILE A 669 -7.32 -1.08 26.76
N ALA A 670 -7.40 -1.11 25.45
CA ALA A 670 -6.92 -2.27 24.70
C ALA A 670 -5.42 -2.30 24.51
N GLN A 671 -4.66 -1.42 25.15
CA GLN A 671 -3.22 -1.43 25.05
C GLN A 671 -2.64 -2.29 26.18
N PRO A 672 -1.44 -2.87 25.99
CA PRO A 672 -0.95 -3.88 26.94
C PRO A 672 -0.64 -3.37 28.34
N GLY A 673 -0.50 -2.06 28.54
CA GLY A 673 -0.23 -1.57 29.88
C GLY A 673 -1.45 -1.66 30.78
N VAL A 674 -2.59 -1.17 30.29
CA VAL A 674 -3.80 -1.21 31.10
C VAL A 674 -4.32 -2.64 31.20
N GLN A 675 -4.11 -3.44 30.15
CA GLN A 675 -4.50 -4.85 30.22
C GLN A 675 -3.64 -5.62 31.20
N ASN A 676 -2.35 -5.29 31.27
CA ASN A 676 -1.47 -5.93 32.25
C ASN A 676 -1.86 -5.51 33.66
N PHE A 677 -2.22 -4.23 33.84
CA PHE A 677 -2.74 -3.76 35.12
C PHE A 677 -3.99 -4.50 35.52
N LEU A 678 -4.91 -4.72 34.56
CA LEU A 678 -6.18 -5.37 34.88
C LEU A 678 -6.00 -6.85 35.16
N SER A 679 -5.11 -7.52 34.42
CA SER A 679 -4.90 -8.94 34.67
C SER A 679 -4.18 -9.18 35.99
N LYS A 680 -3.20 -8.33 36.31
CA LYS A 680 -2.55 -8.41 37.62
C LYS A 680 -3.51 -8.06 38.75
N GLN A 681 -4.50 -7.22 38.50
CA GLN A 681 -5.48 -6.93 39.53
C GLN A 681 -6.55 -8.01 39.60
N TRP A 682 -6.73 -8.79 38.52
CA TRP A 682 -7.73 -9.84 38.47
C TRP A 682 -7.26 -11.15 39.09
N TYR A 683 -6.03 -11.57 38.84
CA TYR A 683 -5.58 -12.79 39.52
C TYR A 683 -5.33 -12.56 41.00
N GLY A 684 -5.17 -11.31 41.42
CA GLY A 684 -4.97 -11.02 42.83
C GLY A 684 -3.56 -11.33 43.30
N GLU A 685 -3.44 -12.22 44.28
CA GLU A 685 -2.12 -12.52 44.83
C GLU A 685 -1.38 -13.55 44.00
N ILE A 686 -2.10 -14.37 43.24
CA ILE A 686 -1.48 -15.43 42.45
C ILE A 686 -0.75 -14.79 41.27
N SER A 687 0.44 -15.29 40.97
CA SER A 687 1.18 -14.82 39.82
C SER A 687 0.50 -15.24 38.53
N ARG A 688 0.75 -14.49 37.46
CA ARG A 688 0.06 -14.75 36.21
C ARG A 688 0.67 -15.89 35.43
N ASP A 689 1.94 -16.22 35.68
CA ASP A 689 2.56 -17.30 34.92
C ASP A 689 2.44 -18.62 35.65
N THR A 690 1.22 -18.93 36.08
CA THR A 690 0.85 -20.27 36.50
C THR A 690 -0.34 -20.71 35.66
N LYS A 691 -0.49 -22.02 35.48
CA LYS A 691 -1.54 -22.46 34.60
C LYS A 691 -2.86 -22.53 35.36
N ASN A 692 -3.96 -22.45 34.61
CA ASN A 692 -5.28 -22.29 35.20
C ASN A 692 -5.79 -23.58 35.83
N TRP A 693 -5.37 -24.73 35.30
CA TRP A 693 -5.88 -26.00 35.80
C TRP A 693 -5.37 -26.29 37.19
N LYS A 694 -4.15 -25.87 37.50
CA LYS A 694 -3.63 -25.93 38.87
C LYS A 694 -4.49 -25.10 39.81
N ILE A 695 -4.97 -23.96 39.34
CA ILE A 695 -5.75 -23.06 40.19
C ILE A 695 -7.11 -23.65 40.48
N ILE A 696 -7.80 -24.18 39.47
CA ILE A 696 -9.11 -24.76 39.74
C ILE A 696 -9.01 -26.11 40.45
N LEU A 697 -7.92 -26.84 40.25
CA LEU A 697 -7.69 -28.08 40.99
C LEU A 697 -7.47 -27.79 42.47
N CYS A 698 -6.72 -26.74 42.78
CA CYS A 698 -6.61 -26.31 44.17
C CYS A 698 -7.89 -25.69 44.69
N LEU A 699 -8.77 -25.22 43.79
CA LEU A 699 -10.06 -24.71 44.23
C LEU A 699 -10.97 -25.84 44.73
N PHE A 700 -11.04 -26.95 44.00
CA PHE A 700 -11.98 -28.00 44.39
C PHE A 700 -11.52 -28.73 45.66
N ILE A 701 -10.23 -29.02 45.77
CA ILE A 701 -9.67 -29.64 46.97
C ILE A 701 -9.20 -28.50 47.85
N ILE A 702 -10.03 -28.14 48.83
CA ILE A 702 -9.83 -26.96 49.67
C ILE A 702 -8.55 -27.02 50.51
N PRO A 703 -8.20 -28.13 51.26
CA PRO A 703 -6.95 -28.06 52.03
C PRO A 703 -5.67 -28.28 51.22
N LEU A 704 -5.76 -28.15 49.91
CA LEU A 704 -4.59 -28.33 49.06
C LEU A 704 -3.81 -27.02 48.91
N VAL A 705 -4.30 -25.96 49.56
CA VAL A 705 -3.66 -24.66 49.42
C VAL A 705 -2.22 -24.71 49.93
N GLY A 706 -1.93 -25.61 50.86
CA GLY A 706 -0.60 -25.75 51.40
C GLY A 706 0.25 -26.74 50.63
N CYS A 707 0.61 -26.39 49.39
CA CYS A 707 1.49 -27.21 48.59
C CYS A 707 2.18 -26.32 47.57
N GLY A 708 3.17 -26.89 46.89
CA GLY A 708 3.93 -26.14 45.91
C GLY A 708 3.38 -26.25 44.51
N LEU A 709 2.09 -25.95 44.34
CA LEU A 709 1.43 -26.04 43.05
C LEU A 709 1.06 -24.69 42.46
N VAL A 710 0.88 -23.65 43.29
CA VAL A 710 0.53 -22.32 42.83
C VAL A 710 1.58 -21.35 43.34
N SER A 711 1.74 -20.24 42.60
CA SER A 711 2.80 -19.27 42.85
C SER A 711 2.17 -17.94 43.25
N PHE A 712 2.52 -17.45 44.44
CA PHE A 712 1.90 -16.27 45.03
C PHE A 712 2.78 -15.04 44.96
N ARG A 713 3.49 -14.83 43.86
CA ARG A 713 4.49 -13.76 43.80
C ARG A 713 3.83 -12.39 43.75
N LYS A 714 2.98 -12.15 42.76
CA LYS A 714 2.41 -10.82 42.57
C LYS A 714 1.31 -10.51 43.58
N LYS A 722 2.43 -17.19 57.37
CA LYS A 722 3.29 -18.37 57.24
C LYS A 722 2.64 -19.39 56.31
N LEU A 723 1.61 -20.07 56.81
CA LEU A 723 0.76 -20.91 55.98
C LEU A 723 -0.66 -20.38 55.86
N LEU A 724 -1.15 -19.68 56.88
CA LEU A 724 -2.47 -19.05 56.80
C LEU A 724 -2.46 -17.86 55.84
N TRP A 725 -1.29 -17.26 55.58
CA TRP A 725 -1.24 -16.21 54.57
C TRP A 725 -1.43 -16.78 53.18
N TYR A 726 -0.93 -17.99 52.92
CA TYR A 726 -1.22 -18.66 51.65
C TYR A 726 -2.71 -18.96 51.52
N TYR A 727 -3.33 -19.37 52.64
CA TYR A 727 -4.76 -19.67 52.66
C TYR A 727 -5.60 -18.45 52.35
N VAL A 728 -5.30 -17.33 53.01
CA VAL A 728 -6.10 -16.12 52.79
C VAL A 728 -5.76 -15.49 51.44
N ALA A 729 -4.48 -15.50 51.04
CA ALA A 729 -4.09 -14.94 49.75
C ALA A 729 -4.58 -15.77 48.58
N PHE A 730 -4.95 -17.03 48.82
CA PHE A 730 -5.70 -17.75 47.80
C PHE A 730 -7.16 -17.33 47.85
N PHE A 731 -7.82 -17.45 49.01
CA PHE A 731 -9.26 -17.18 49.09
C PHE A 731 -9.63 -15.70 49.15
N THR A 732 -8.74 -14.77 48.78
CA THR A 732 -9.13 -13.36 48.68
C THR A 732 -9.27 -12.93 47.22
N SER A 733 -8.58 -13.62 46.32
CA SER A 733 -8.42 -13.18 44.94
C SER A 733 -9.76 -13.17 44.19
N PRO A 734 -9.93 -12.26 43.22
CA PRO A 734 -11.20 -12.19 42.49
C PRO A 734 -11.49 -13.43 41.67
N PHE A 735 -10.43 -14.07 41.16
CA PHE A 735 -10.54 -15.25 40.31
C PHE A 735 -11.29 -16.37 41.02
N VAL A 736 -10.87 -16.70 42.23
CA VAL A 736 -11.47 -17.85 42.89
C VAL A 736 -12.81 -17.53 43.57
N VAL A 737 -13.06 -16.27 43.94
CA VAL A 737 -14.39 -15.98 44.47
C VAL A 737 -15.39 -15.94 43.33
N PHE A 738 -14.95 -15.54 42.14
CA PHE A 738 -15.80 -15.66 40.96
C PHE A 738 -16.08 -17.12 40.62
N SER A 739 -15.06 -17.97 40.69
CA SER A 739 -15.25 -19.36 40.29
C SER A 739 -16.10 -20.12 41.31
N TRP A 740 -15.91 -19.84 42.60
CA TRP A 740 -16.80 -20.36 43.63
C TRP A 740 -18.23 -19.88 43.41
N ASN A 741 -18.38 -18.64 42.96
CA ASN A 741 -19.72 -18.10 42.80
C ASN A 741 -20.43 -18.75 41.61
N VAL A 742 -19.69 -19.10 40.55
CA VAL A 742 -20.37 -19.73 39.42
C VAL A 742 -20.66 -21.22 39.72
N VAL A 743 -19.84 -21.88 40.54
CA VAL A 743 -20.18 -23.22 41.00
C VAL A 743 -21.44 -23.20 41.84
N PHE A 744 -21.56 -22.20 42.71
CA PHE A 744 -22.79 -22.00 43.48
C PHE A 744 -23.99 -21.78 42.59
N TYR A 745 -23.83 -21.02 41.50
CA TYR A 745 -24.98 -20.70 40.66
C TYR A 745 -25.44 -21.91 39.87
N ILE A 746 -24.50 -22.75 39.42
CA ILE A 746 -24.88 -23.99 38.75
C ILE A 746 -25.59 -24.95 39.71
N ALA A 747 -25.13 -25.02 40.97
CA ALA A 747 -25.82 -25.85 41.96
C ALA A 747 -27.21 -25.31 42.26
N PHE A 748 -27.37 -23.99 42.24
CA PHE A 748 -28.70 -23.39 42.38
C PHE A 748 -29.62 -23.76 41.23
N LEU A 749 -29.11 -23.78 40.00
CA LEU A 749 -29.94 -24.15 38.86
C LEU A 749 -30.36 -25.62 38.92
N LEU A 750 -29.46 -26.49 39.38
CA LEU A 750 -29.82 -27.89 39.55
C LEU A 750 -30.87 -28.07 40.63
N LEU A 751 -30.77 -27.31 41.72
CA LEU A 751 -31.78 -27.41 42.78
C LEU A 751 -33.13 -26.88 42.32
N PHE A 752 -33.14 -25.78 41.57
CA PHE A 752 -34.35 -25.21 41.01
C PHE A 752 -35.04 -26.21 40.10
N ALA A 753 -34.25 -26.88 39.25
CA ALA A 753 -34.81 -27.84 38.31
C ALA A 753 -35.36 -29.07 39.01
N TYR A 754 -34.67 -29.55 40.05
CA TYR A 754 -35.19 -30.68 40.82
C TYR A 754 -36.52 -30.34 41.49
N VAL A 755 -36.57 -29.19 42.16
CA VAL A 755 -37.79 -28.75 42.84
C VAL A 755 -38.93 -28.57 41.85
N LEU A 756 -38.64 -28.00 40.69
CA LEU A 756 -39.70 -27.65 39.77
C LEU A 756 -40.21 -28.87 39.00
N LEU A 757 -39.37 -29.87 38.75
CA LEU A 757 -39.82 -31.01 37.96
C LEU A 757 -40.22 -32.22 38.79
N MET A 758 -39.55 -32.49 39.91
CA MET A 758 -39.74 -33.76 40.58
C MET A 758 -40.28 -33.66 42.00
N ASP A 759 -40.24 -32.49 42.64
CA ASP A 759 -40.71 -32.39 44.02
C ASP A 759 -41.38 -31.02 44.18
N PHE A 760 -42.68 -30.97 43.89
CA PHE A 760 -43.43 -29.71 43.95
C PHE A 760 -44.84 -30.09 44.40
N HIS A 761 -45.10 -29.99 45.70
CA HIS A 761 -46.35 -30.43 46.29
C HIS A 761 -47.15 -29.25 46.82
N SER A 762 -48.24 -29.57 47.52
CA SER A 762 -49.12 -28.52 48.03
C SER A 762 -48.49 -27.75 49.17
N VAL A 763 -47.61 -28.41 49.95
CA VAL A 763 -46.86 -27.72 50.98
C VAL A 763 -45.39 -27.77 50.60
N PRO A 764 -44.62 -26.72 50.90
CA PRO A 764 -43.19 -26.73 50.56
C PRO A 764 -42.43 -27.73 51.41
N HIS A 765 -41.74 -28.65 50.74
CA HIS A 765 -40.84 -29.59 51.40
C HIS A 765 -39.51 -28.88 51.68
N THR A 766 -38.54 -29.66 52.16
CA THR A 766 -37.23 -29.10 52.51
C THR A 766 -36.45 -28.46 51.35
N PRO A 767 -36.30 -29.07 50.16
CA PRO A 767 -35.53 -28.38 49.12
C PRO A 767 -36.20 -27.14 48.56
N GLU A 768 -37.52 -26.99 48.69
CA GLU A 768 -38.12 -25.72 48.29
C GLU A 768 -37.72 -24.61 49.24
N LEU A 769 -37.62 -24.92 50.53
CA LEU A 769 -37.23 -23.91 51.52
C LEU A 769 -35.76 -23.55 51.36
N ILE A 770 -34.92 -24.54 51.03
CA ILE A 770 -33.52 -24.25 50.72
C ILE A 770 -33.43 -23.39 49.46
N LEU A 771 -34.34 -23.61 48.50
CA LEU A 771 -34.37 -22.79 47.29
C LEU A 771 -34.76 -21.36 47.61
N TYR A 772 -35.75 -21.16 48.50
CA TYR A 772 -36.12 -19.80 48.88
C TYR A 772 -34.98 -19.10 49.62
N ALA A 773 -34.21 -19.85 50.41
CA ALA A 773 -33.04 -19.28 51.07
C ALA A 773 -32.00 -18.81 50.05
N LEU A 774 -31.72 -19.63 49.03
CA LEU A 774 -30.73 -19.23 48.03
C LEU A 774 -31.20 -18.04 47.20
N VAL A 775 -32.51 -17.94 46.93
CA VAL A 775 -33.02 -16.78 46.22
C VAL A 775 -32.94 -15.54 47.11
N PHE A 776 -33.11 -15.70 48.43
CA PHE A 776 -32.93 -14.56 49.32
C PHE A 776 -31.48 -14.09 49.36
N VAL A 777 -30.53 -15.03 49.23
CA VAL A 777 -29.12 -14.66 49.16
C VAL A 777 -28.84 -13.85 47.89
N LEU A 778 -29.39 -14.30 46.76
CA LEU A 778 -29.23 -13.55 45.51
C LEU A 778 -29.89 -12.18 45.58
N PHE A 779 -31.02 -12.08 46.28
CA PHE A 779 -31.68 -10.79 46.46
C PHE A 779 -30.86 -9.84 47.32
N CYS A 780 -30.18 -10.38 48.34
CA CYS A 780 -29.28 -9.56 49.16
C CYS A 780 -28.12 -9.02 48.34
N ASP A 781 -27.55 -9.85 47.45
CA ASP A 781 -26.49 -9.35 46.57
C ASP A 781 -27.01 -8.29 45.62
N GLU A 782 -28.23 -8.43 45.12
CA GLU A 782 -28.73 -7.44 44.17
C GLU A 782 -29.09 -6.12 44.85
N VAL A 783 -29.60 -6.15 46.08
CA VAL A 783 -29.85 -4.88 46.75
C VAL A 783 -28.54 -4.26 47.22
N ARG A 784 -27.50 -5.07 47.45
CA ARG A 784 -26.17 -4.52 47.71
C ARG A 784 -25.65 -3.78 46.48
N GLN A 785 -25.84 -4.35 45.29
CA GLN A 785 -25.34 -3.70 44.10
C GLN A 785 -26.16 -2.46 43.74
N TRP A 786 -27.46 -2.47 44.02
CA TRP A 786 -28.27 -1.27 43.82
C TRP A 786 -27.90 -0.19 44.82
N TYR A 787 -27.48 -0.58 46.02
CA TYR A 787 -27.02 0.41 47.00
C TYR A 787 -25.69 1.03 46.57
N MET A 788 -24.74 0.19 46.17
CA MET A 788 -23.42 0.70 45.83
C MET A 788 -23.30 1.23 44.41
N ASN A 789 -24.36 1.21 43.62
CA ASN A 789 -24.37 1.93 42.34
C ASN A 789 -25.35 3.08 42.32
N GLY A 790 -26.61 2.84 42.67
CA GLY A 790 -27.55 3.95 42.77
C GLY A 790 -28.64 3.95 41.72
N VAL A 791 -28.55 4.88 40.76
CA VAL A 791 -29.60 5.07 39.77
C VAL A 791 -29.09 4.53 38.44
N ASN A 792 -27.77 4.59 38.24
CA ASN A 792 -27.17 4.01 37.03
C ASN A 792 -27.18 2.48 37.03
N TYR A 793 -27.50 1.86 38.19
CA TYR A 793 -27.76 0.42 38.26
C TYR A 793 -28.85 0.01 37.28
N PHE A 794 -29.88 0.86 37.12
CA PHE A 794 -30.94 0.59 36.16
C PHE A 794 -30.55 0.93 34.73
N THR A 795 -29.30 1.29 34.47
CA THR A 795 -28.88 1.55 33.10
C THR A 795 -28.65 0.25 32.34
N ASP A 796 -28.03 -0.74 32.98
CA ASP A 796 -27.76 -2.01 32.34
C ASP A 796 -29.04 -2.82 32.25
N LEU A 797 -29.21 -3.54 31.14
CA LEU A 797 -30.42 -4.33 30.96
C LEU A 797 -30.39 -5.61 31.81
N TRP A 798 -29.19 -6.11 32.12
CA TRP A 798 -29.08 -7.33 32.90
C TRP A 798 -29.56 -7.12 34.32
N ASN A 799 -29.29 -5.95 34.88
CA ASN A 799 -29.80 -5.65 36.21
C ASN A 799 -31.31 -5.45 36.21
N VAL A 800 -31.86 -4.97 35.09
CA VAL A 800 -33.31 -4.80 34.98
C VAL A 800 -34.01 -6.16 34.95
N MET A 801 -33.56 -7.05 34.08
CA MET A 801 -34.16 -8.39 34.02
C MET A 801 -33.83 -9.21 35.25
N ASP A 802 -32.74 -8.88 35.94
CA ASP A 802 -32.38 -9.47 37.22
C ASP A 802 -33.42 -9.13 38.30
N THR A 803 -33.71 -7.84 38.47
CA THR A 803 -34.73 -7.42 39.42
C THR A 803 -36.11 -7.94 39.02
N LEU A 804 -36.36 -8.03 37.71
CA LEU A 804 -37.64 -8.53 37.24
C LEU A 804 -37.79 -10.03 37.52
N GLY A 805 -36.70 -10.79 37.41
CA GLY A 805 -36.75 -12.19 37.77
C GLY A 805 -36.99 -12.42 39.26
N LEU A 806 -36.40 -11.58 40.10
CA LEU A 806 -36.71 -11.67 41.54
C LEU A 806 -38.17 -11.33 41.83
N PHE A 807 -38.72 -10.36 41.09
CA PHE A 807 -40.13 -10.01 41.25
C PHE A 807 -41.04 -11.17 40.85
N TYR A 808 -40.73 -11.83 39.73
CA TYR A 808 -41.53 -12.99 39.33
C TYR A 808 -41.38 -14.15 40.31
N PHE A 809 -40.22 -14.28 40.97
CA PHE A 809 -40.08 -15.34 41.96
C PHE A 809 -40.97 -15.10 43.16
N ILE A 810 -40.99 -13.86 43.69
CA ILE A 810 -41.83 -13.64 44.87
C ILE A 810 -43.31 -13.63 44.48
N ALA A 811 -43.64 -13.32 43.23
CA ALA A 811 -45.02 -13.48 42.78
C ALA A 811 -45.40 -14.95 42.69
N GLY A 812 -44.46 -15.81 42.29
CA GLY A 812 -44.73 -17.23 42.30
C GLY A 812 -44.89 -17.78 43.70
N ILE A 813 -44.18 -17.18 44.66
CA ILE A 813 -44.38 -17.55 46.06
C ILE A 813 -45.79 -17.17 46.52
N VAL A 814 -46.24 -15.95 46.21
CA VAL A 814 -47.55 -15.55 46.72
C VAL A 814 -48.70 -16.22 45.96
N PHE A 815 -48.46 -16.74 44.75
CA PHE A 815 -49.43 -17.66 44.15
C PHE A 815 -49.33 -19.07 44.70
N ARG A 816 -48.18 -19.46 45.23
CA ARG A 816 -47.91 -20.85 45.55
C ARG A 816 -48.40 -21.24 46.94
N LEU A 817 -48.50 -20.28 47.87
CA LEU A 817 -48.81 -20.63 49.24
C LEU A 817 -50.30 -20.86 49.46
N HIS A 818 -51.16 -20.41 48.55
CA HIS A 818 -52.60 -20.65 48.66
C HIS A 818 -52.88 -22.11 48.32
N SER A 819 -52.64 -22.98 49.30
CA SER A 819 -52.89 -24.41 49.13
C SER A 819 -54.39 -24.67 49.15
N SER A 820 -54.75 -25.92 48.85
CA SER A 820 -56.12 -26.41 48.65
C SER A 820 -56.87 -25.61 47.57
N ASN A 821 -56.13 -25.04 46.62
CA ASN A 821 -56.70 -24.38 45.46
C ASN A 821 -55.76 -24.72 44.30
N LYS A 822 -56.20 -25.63 43.44
CA LYS A 822 -55.29 -26.23 42.46
C LYS A 822 -54.92 -25.24 41.38
N SER A 823 -55.81 -24.28 41.08
CA SER A 823 -55.53 -23.32 40.01
C SER A 823 -54.44 -22.35 40.39
N SER A 824 -54.46 -21.85 41.64
CA SER A 824 -53.38 -20.98 42.09
C SER A 824 -52.07 -21.72 42.21
N LEU A 825 -52.10 -23.00 42.55
CA LEU A 825 -50.87 -23.79 42.67
C LEU A 825 -50.26 -24.06 41.30
N TYR A 826 -51.11 -24.37 40.32
CA TYR A 826 -50.63 -24.58 38.96
C TYR A 826 -50.10 -23.28 38.37
N SER A 827 -50.77 -22.16 38.64
CA SER A 827 -50.30 -20.88 38.14
C SER A 827 -48.98 -20.49 38.78
N GLY A 828 -48.79 -20.84 40.06
CA GLY A 828 -47.51 -20.62 40.70
C GLY A 828 -46.39 -21.41 40.06
N ARG A 829 -46.68 -22.67 39.70
CA ARG A 829 -45.64 -23.47 39.06
C ARG A 829 -45.31 -22.97 37.65
N VAL A 830 -46.30 -22.47 36.91
CA VAL A 830 -46.03 -21.90 35.58
C VAL A 830 -45.19 -20.63 35.70
N ILE A 831 -45.46 -19.81 36.73
CA ILE A 831 -44.63 -18.63 37.01
C ILE A 831 -43.19 -19.03 37.30
N PHE A 832 -42.99 -20.08 38.11
CA PHE A 832 -41.64 -20.55 38.37
C PHE A 832 -40.95 -21.09 37.12
N CYS A 833 -41.70 -21.68 36.19
CA CYS A 833 -41.06 -22.19 34.98
C CYS A 833 -40.54 -21.08 34.08
N LEU A 834 -41.35 -20.03 33.89
CA LEU A 834 -40.86 -18.90 33.09
C LEU A 834 -39.71 -18.16 33.80
N ASP A 835 -39.76 -18.14 35.13
CA ASP A 835 -38.65 -17.53 35.87
C ASP A 835 -37.40 -18.38 35.74
N TYR A 836 -37.54 -19.70 35.62
CA TYR A 836 -36.39 -20.57 35.40
C TYR A 836 -35.75 -20.31 34.04
N ILE A 837 -36.57 -20.00 33.03
CA ILE A 837 -36.03 -19.57 31.73
C ILE A 837 -35.11 -18.37 31.90
N ILE A 838 -35.56 -17.37 32.68
CA ILE A 838 -34.76 -16.16 32.87
C ILE A 838 -33.45 -16.46 33.62
N PHE A 839 -33.55 -17.20 34.73
CA PHE A 839 -32.38 -17.58 35.51
C PHE A 839 -31.38 -18.39 34.70
N THR A 840 -31.85 -19.28 33.82
CA THR A 840 -30.92 -20.06 33.02
C THR A 840 -30.26 -19.22 31.96
N LEU A 841 -30.99 -18.28 31.34
CA LEU A 841 -30.35 -17.47 30.29
C LEU A 841 -29.39 -16.43 30.85
N ARG A 842 -29.42 -16.16 32.16
CA ARG A 842 -28.39 -15.31 32.77
C ARG A 842 -26.98 -15.91 32.69
N LEU A 843 -26.87 -17.22 32.50
CA LEU A 843 -25.57 -17.90 32.50
C LEU A 843 -24.69 -17.51 31.32
N ILE A 844 -25.32 -17.10 30.22
CA ILE A 844 -24.59 -16.60 29.05
C ILE A 844 -23.87 -15.31 29.40
N HIS A 845 -24.57 -14.39 30.09
CA HIS A 845 -23.94 -13.17 30.58
C HIS A 845 -22.88 -13.43 31.62
N ILE A 846 -23.04 -14.50 32.40
CA ILE A 846 -22.02 -14.85 33.39
C ILE A 846 -20.71 -15.22 32.70
N PHE A 847 -20.79 -16.03 31.64
CA PHE A 847 -19.55 -16.53 31.06
C PHE A 847 -18.94 -15.61 30.01
N THR A 848 -19.14 -14.30 30.10
CA THR A 848 -18.47 -13.36 29.20
C THR A 848 -17.03 -13.09 29.60
N VAL A 849 -16.59 -13.56 30.76
CA VAL A 849 -15.26 -13.25 31.25
C VAL A 849 -14.18 -14.15 30.66
N SER A 850 -14.57 -15.19 29.94
CA SER A 850 -13.61 -16.19 29.49
C SER A 850 -12.76 -15.66 28.35
N ARG A 851 -11.56 -16.20 28.23
CA ARG A 851 -10.68 -15.83 27.14
C ARG A 851 -11.16 -16.36 25.82
N ASN A 852 -11.93 -17.44 25.83
CA ASN A 852 -12.33 -18.16 24.62
C ASN A 852 -13.77 -17.87 24.22
N LEU A 853 -14.70 -18.02 25.16
CA LEU A 853 -16.11 -17.80 24.85
C LEU A 853 -16.46 -16.31 24.84
N GLY A 854 -15.77 -15.52 25.66
CA GLY A 854 -16.02 -14.11 25.85
C GLY A 854 -16.17 -13.21 24.64
N PRO A 855 -15.15 -13.16 23.75
CA PRO A 855 -15.26 -12.32 22.55
C PRO A 855 -16.41 -12.69 21.64
N LYS A 856 -16.76 -13.97 21.56
CA LYS A 856 -17.87 -14.38 20.72
C LYS A 856 -19.21 -14.00 21.33
N ILE A 857 -19.35 -14.07 22.65
CA ILE A 857 -20.58 -13.62 23.30
C ILE A 857 -20.73 -12.12 23.15
N ILE A 858 -19.62 -11.38 23.16
CA ILE A 858 -19.72 -9.95 22.89
C ILE A 858 -20.08 -9.69 21.42
N MET A 859 -19.57 -10.53 20.51
CA MET A 859 -19.89 -10.42 19.08
C MET A 859 -21.36 -10.69 18.81
N LEU A 860 -21.98 -11.50 19.67
CA LEU A 860 -23.36 -11.94 19.47
C LEU A 860 -24.37 -10.81 19.48
N GLN A 861 -24.08 -9.70 20.16
CA GLN A 861 -25.03 -8.62 20.23
C GLN A 861 -24.90 -7.63 19.08
N ARG A 862 -24.04 -7.90 18.11
CA ARG A 862 -23.94 -7.07 16.91
C ARG A 862 -24.85 -7.57 15.80
N MET A 863 -25.62 -8.63 16.03
CA MET A 863 -26.40 -9.31 15.01
C MET A 863 -27.86 -8.89 15.00
N LEU A 864 -28.25 -8.00 15.91
CA LEU A 864 -29.65 -7.68 16.11
C LEU A 864 -30.28 -6.98 14.91
N ILE A 865 -29.50 -6.19 14.18
CA ILE A 865 -30.07 -5.52 13.02
C ILE A 865 -30.33 -6.51 11.88
N ASP A 866 -29.49 -7.53 11.75
CA ASP A 866 -29.72 -8.56 10.73
C ASP A 866 -30.90 -9.43 11.09
N VAL A 867 -31.01 -9.78 12.38
CA VAL A 867 -32.14 -10.57 12.86
C VAL A 867 -33.44 -9.81 12.67
N PHE A 868 -33.44 -8.51 12.94
CA PHE A 868 -34.66 -7.72 12.77
C PHE A 868 -35.01 -7.47 11.32
N PHE A 869 -34.02 -7.38 10.44
CA PHE A 869 -34.33 -7.29 9.01
C PHE A 869 -34.95 -8.58 8.50
N PHE A 870 -34.41 -9.72 8.95
CA PHE A 870 -35.00 -11.01 8.65
C PHE A 870 -36.43 -11.12 9.15
N LEU A 871 -36.69 -10.69 10.38
CA LEU A 871 -38.02 -10.81 10.94
C LEU A 871 -39.02 -9.88 10.28
N PHE A 872 -38.56 -8.71 9.83
CA PHE A 872 -39.43 -7.81 9.08
C PHE A 872 -39.87 -8.43 7.75
N LEU A 873 -38.92 -8.92 6.96
CA LEU A 873 -39.29 -9.51 5.67
C LEU A 873 -40.12 -10.78 5.83
N PHE A 874 -39.78 -11.59 6.84
CA PHE A 874 -40.53 -12.81 7.05
C PHE A 874 -41.94 -12.54 7.55
N ALA A 875 -42.13 -11.50 8.36
CA ALA A 875 -43.47 -11.16 8.82
C ALA A 875 -44.33 -10.64 7.69
N VAL A 876 -43.75 -9.87 6.78
CA VAL A 876 -44.52 -9.35 5.65
C VAL A 876 -44.97 -10.48 4.72
N TRP A 877 -44.03 -11.37 4.35
CA TRP A 877 -44.40 -12.52 3.52
C TRP A 877 -45.38 -13.45 4.21
N MET A 878 -45.22 -13.63 5.52
CA MET A 878 -46.07 -14.53 6.28
C MET A 878 -47.49 -14.02 6.37
N VAL A 879 -47.67 -12.72 6.63
CA VAL A 879 -49.00 -12.13 6.67
C VAL A 879 -49.67 -12.18 5.30
N ALA A 880 -48.93 -11.89 4.23
CA ALA A 880 -49.51 -11.89 2.88
C ALA A 880 -50.00 -13.27 2.48
N PHE A 881 -49.14 -14.29 2.63
CA PHE A 881 -49.54 -15.65 2.27
C PHE A 881 -50.63 -16.18 3.18
N GLY A 882 -50.58 -15.87 4.48
CA GLY A 882 -51.58 -16.41 5.38
C GLY A 882 -52.96 -15.88 5.13
N VAL A 883 -53.08 -14.56 4.89
CA VAL A 883 -54.40 -14.00 4.62
C VAL A 883 -54.90 -14.44 3.25
N ALA A 884 -54.01 -14.56 2.26
CA ALA A 884 -54.44 -15.02 0.95
C ALA A 884 -54.93 -16.47 0.97
N ARG A 885 -54.22 -17.34 1.68
CA ARG A 885 -54.64 -18.75 1.72
C ARG A 885 -55.92 -18.93 2.52
N GLN A 886 -56.03 -18.26 3.67
CA GLN A 886 -57.25 -18.32 4.46
C GLN A 886 -58.45 -17.73 3.73
N GLY A 887 -58.23 -16.72 2.89
CA GLY A 887 -59.33 -16.17 2.13
C GLY A 887 -59.74 -17.00 0.93
N ILE A 888 -58.78 -17.65 0.27
CA ILE A 888 -59.13 -18.48 -0.89
C ILE A 888 -59.81 -19.78 -0.44
N LEU A 889 -59.32 -20.39 0.64
CA LEU A 889 -59.86 -21.69 1.03
C LEU A 889 -61.24 -21.56 1.70
N ARG A 890 -61.30 -20.87 2.82
CA ARG A 890 -62.46 -20.95 3.70
C ARG A 890 -63.34 -19.71 3.56
N GLN A 891 -64.42 -19.68 4.32
CA GLN A 891 -65.43 -18.62 4.18
C GLN A 891 -65.93 -18.20 5.55
N ASN A 892 -65.59 -16.98 5.95
CA ASN A 892 -66.15 -16.28 7.12
C ASN A 892 -65.92 -17.04 8.43
N GLU A 893 -64.65 -17.26 8.74
CA GLU A 893 -64.28 -17.76 10.06
C GLU A 893 -64.59 -16.70 11.11
N GLN A 894 -65.24 -17.11 12.19
CA GLN A 894 -65.62 -16.16 13.23
C GLN A 894 -64.84 -16.36 14.52
N ARG A 895 -63.98 -17.35 14.59
CA ARG A 895 -63.21 -17.66 15.79
C ARG A 895 -61.83 -17.06 15.65
N TRP A 896 -61.42 -16.26 16.64
CA TRP A 896 -60.14 -15.56 16.53
C TRP A 896 -58.96 -16.51 16.65
N ARG A 897 -59.08 -17.54 17.46
CA ARG A 897 -57.98 -18.48 17.64
C ARG A 897 -57.70 -19.24 16.36
N TRP A 898 -58.73 -19.62 15.63
CA TRP A 898 -58.53 -20.33 14.39
C TRP A 898 -58.32 -19.40 13.21
N ILE A 899 -58.40 -18.09 13.42
CA ILE A 899 -57.80 -17.15 12.49
C ILE A 899 -56.29 -17.09 12.71
N PHE A 900 -55.86 -16.93 13.95
CA PHE A 900 -54.42 -16.75 14.17
C PHE A 900 -53.65 -18.07 14.15
N ARG A 901 -54.31 -19.22 14.17
CA ARG A 901 -53.61 -20.46 13.90
C ARG A 901 -53.40 -20.68 12.42
N SER A 902 -54.30 -20.19 11.58
CA SER A 902 -54.25 -20.44 10.16
C SER A 902 -53.66 -19.31 9.34
N VAL A 903 -53.43 -18.15 9.94
CA VAL A 903 -52.82 -17.03 9.26
C VAL A 903 -51.37 -16.85 9.68
N ILE A 904 -51.09 -16.90 10.98
CA ILE A 904 -49.77 -16.59 11.50
C ILE A 904 -48.98 -17.86 11.79
N TYR A 905 -49.60 -18.88 12.37
CA TYR A 905 -48.84 -19.99 12.94
C TYR A 905 -48.36 -20.98 11.89
N GLU A 906 -49.22 -21.37 10.97
CA GLU A 906 -48.81 -22.37 9.98
C GLU A 906 -47.85 -21.82 8.91
N PRO A 907 -48.01 -20.59 8.39
CA PRO A 907 -46.90 -20.03 7.60
C PRO A 907 -45.65 -19.77 8.40
N TYR A 908 -45.73 -19.66 9.72
CA TYR A 908 -44.51 -19.60 10.52
C TYR A 908 -43.80 -20.94 10.54
N LEU A 909 -44.56 -22.02 10.73
CA LEU A 909 -43.96 -23.35 10.71
C LEU A 909 -43.39 -23.71 9.36
N ALA A 910 -43.92 -23.14 8.27
CA ALA A 910 -43.34 -23.35 6.95
C ALA A 910 -41.95 -22.73 6.76
N MET A 911 -41.36 -22.11 7.76
CA MET A 911 -39.97 -21.68 7.72
C MET A 911 -39.02 -22.82 8.07
N PHE A 912 -39.49 -23.82 8.81
CA PHE A 912 -38.67 -24.94 9.20
C PHE A 912 -38.87 -26.14 8.28
N GLY A 913 -39.48 -25.92 7.12
CA GLY A 913 -39.70 -26.96 6.14
C GLY A 913 -40.94 -27.79 6.40
N GLN A 914 -42.11 -27.18 6.44
CA GLN A 914 -43.34 -27.91 6.71
C GLN A 914 -44.25 -28.08 5.50
N VAL A 915 -44.26 -27.14 4.56
CA VAL A 915 -45.10 -27.14 3.36
C VAL A 915 -46.57 -27.26 3.72
N PRO A 916 -47.24 -26.11 4.06
CA PRO A 916 -48.65 -26.10 4.50
C PRO A 916 -49.62 -26.96 3.70
N SER A 917 -50.46 -27.71 4.41
CA SER A 917 -50.98 -28.96 3.91
C SER A 917 -52.25 -28.82 3.06
N ASP A 918 -53.24 -28.09 3.54
CA ASP A 918 -54.57 -28.18 2.93
C ASP A 918 -54.74 -27.30 1.71
N VAL A 919 -53.84 -27.42 0.74
CA VAL A 919 -53.90 -26.69 -0.51
C VAL A 919 -53.97 -27.63 -1.71
N ASP A 920 -53.90 -28.93 -1.48
CA ASP A 920 -53.65 -29.88 -2.56
C ASP A 920 -54.92 -30.42 -3.18
N SER A 921 -56.02 -30.50 -2.42
CA SER A 921 -57.35 -30.96 -2.83
C SER A 921 -57.40 -32.43 -3.26
N THR A 922 -56.31 -33.17 -3.17
CA THR A 922 -56.33 -34.61 -3.33
C THR A 922 -55.88 -35.33 -2.07
N THR A 923 -55.07 -34.69 -1.24
CA THR A 923 -54.67 -35.21 0.05
C THR A 923 -55.44 -34.54 1.18
N TYR A 924 -56.65 -34.08 0.89
CA TYR A 924 -57.48 -33.36 1.86
C TYR A 924 -58.71 -34.20 2.16
N ASP A 925 -58.87 -34.57 3.42
CA ASP A 925 -60.05 -35.30 3.87
C ASP A 925 -60.95 -34.42 4.72
N PHE A 926 -62.23 -34.74 4.72
CA PHE A 926 -63.25 -33.96 5.40
C PHE A 926 -63.47 -34.38 6.83
N SER A 927 -62.62 -35.26 7.36
CA SER A 927 -62.71 -35.70 8.74
C SER A 927 -61.90 -34.83 9.68
N HIS A 928 -61.41 -33.68 9.22
CA HIS A 928 -60.71 -32.72 10.08
C HIS A 928 -61.37 -31.35 10.03
N CYS A 929 -62.67 -31.33 9.85
CA CYS A 929 -63.43 -30.11 9.72
C CYS A 929 -64.46 -29.97 10.81
N THR A 930 -65.32 -28.96 10.66
CA THR A 930 -66.42 -28.74 11.58
C THR A 930 -67.75 -28.51 10.87
N PHE A 931 -67.70 -27.87 9.69
CA PHE A 931 -68.79 -27.33 8.87
C PHE A 931 -69.51 -26.13 9.50
N SER A 932 -69.22 -25.86 10.77
CA SER A 932 -69.70 -24.75 11.58
C SER A 932 -68.95 -24.86 12.89
N GLY A 933 -68.52 -23.76 13.50
CA GLY A 933 -67.56 -23.89 14.57
C GLY A 933 -68.18 -24.34 15.87
N ASN A 934 -68.03 -25.63 16.13
CA ASN A 934 -68.68 -26.33 17.24
C ASN A 934 -67.70 -27.13 18.07
N GLU A 935 -66.71 -27.72 17.43
CA GLU A 935 -65.64 -28.47 18.07
C GLU A 935 -64.31 -27.77 17.76
N SER A 936 -63.20 -28.45 18.09
CA SER A 936 -61.90 -27.80 18.06
C SER A 936 -61.46 -27.45 16.65
N LYS A 937 -61.52 -28.41 15.73
CA LYS A 937 -60.97 -28.46 14.37
C LYS A 937 -61.24 -27.24 13.48
N PRO A 938 -60.46 -27.02 12.42
CA PRO A 938 -60.74 -25.88 11.53
C PRO A 938 -62.03 -26.04 10.75
N LEU A 939 -62.41 -24.97 10.05
CA LEU A 939 -63.51 -25.09 9.12
C LEU A 939 -63.07 -25.86 7.89
N CYS A 940 -64.03 -26.47 7.20
CA CYS A 940 -63.75 -26.96 5.86
C CYS A 940 -63.59 -25.82 4.89
N VAL A 941 -62.91 -26.13 3.79
CA VAL A 941 -62.98 -25.29 2.61
C VAL A 941 -64.43 -25.23 2.15
N GLU A 942 -64.84 -24.05 1.67
CA GLU A 942 -66.26 -23.87 1.40
C GLU A 942 -66.63 -24.63 0.14
N LEU A 943 -67.73 -25.35 0.20
CA LEU A 943 -68.01 -26.40 -0.77
C LEU A 943 -68.82 -25.86 -1.93
N ASP A 944 -69.08 -26.74 -2.89
CA ASP A 944 -69.77 -26.42 -4.12
C ASP A 944 -71.25 -26.76 -3.95
N GLU A 945 -72.02 -26.66 -5.04
CA GLU A 945 -73.36 -27.25 -5.01
C GLU A 945 -73.32 -28.75 -5.27
N HIS A 946 -72.20 -29.26 -5.76
CA HIS A 946 -71.99 -30.69 -5.91
C HIS A 946 -71.24 -31.28 -4.74
N ASN A 947 -71.10 -30.52 -3.65
CA ASN A 947 -70.32 -30.87 -2.46
C ASN A 947 -68.87 -31.21 -2.79
N LEU A 948 -68.24 -30.34 -3.56
CA LEU A 948 -66.84 -30.42 -3.92
C LEU A 948 -66.09 -29.19 -3.43
N PRO A 949 -64.78 -29.27 -3.19
CA PRO A 949 -64.03 -28.07 -2.82
C PRO A 949 -63.97 -27.08 -3.98
N ARG A 950 -64.13 -25.81 -3.65
CA ARG A 950 -64.22 -24.76 -4.66
C ARG A 950 -62.87 -24.23 -5.11
N PHE A 951 -61.83 -24.43 -4.34
CA PHE A 951 -60.61 -23.70 -4.61
C PHE A 951 -59.83 -24.32 -5.76
N PRO A 952 -59.21 -23.50 -6.61
CA PRO A 952 -58.41 -24.03 -7.71
C PRO A 952 -57.07 -24.52 -7.20
N GLU A 953 -56.68 -25.73 -7.63
CA GLU A 953 -55.34 -26.20 -7.31
C GLU A 953 -54.29 -25.42 -8.05
N TRP A 954 -54.61 -24.94 -9.25
CA TRP A 954 -53.66 -24.18 -10.06
C TRP A 954 -53.44 -22.76 -9.55
N ILE A 955 -54.14 -22.33 -8.51
CA ILE A 955 -53.90 -21.04 -7.90
C ILE A 955 -53.34 -21.16 -6.49
N THR A 956 -53.41 -22.34 -5.88
CA THR A 956 -52.91 -22.54 -4.53
C THR A 956 -51.65 -23.38 -4.45
N ILE A 957 -51.44 -24.30 -5.38
CA ILE A 957 -50.18 -25.03 -5.46
C ILE A 957 -49.02 -24.11 -5.85
N PRO A 958 -49.06 -23.28 -6.91
CA PRO A 958 -47.92 -22.38 -7.14
C PRO A 958 -47.80 -21.27 -6.12
N LEU A 959 -48.88 -20.92 -5.42
CA LEU A 959 -48.78 -19.94 -4.34
C LEU A 959 -47.93 -20.47 -3.19
N VAL A 960 -48.18 -21.72 -2.80
CA VAL A 960 -47.38 -22.36 -1.75
C VAL A 960 -45.96 -22.58 -2.23
N CYS A 961 -45.77 -22.87 -3.52
CA CYS A 961 -44.43 -23.04 -4.05
C CYS A 961 -43.63 -21.74 -4.03
N ILE A 962 -44.25 -20.62 -4.40
CA ILE A 962 -43.56 -19.33 -4.37
C ILE A 962 -43.26 -18.91 -2.94
N TYR A 963 -44.23 -19.07 -2.03
CA TYR A 963 -43.99 -18.75 -0.62
C TYR A 963 -42.89 -19.60 -0.02
N MET A 964 -42.85 -20.88 -0.39
CA MET A 964 -41.93 -21.81 0.23
C MET A 964 -40.52 -21.58 -0.27
N LEU A 965 -40.38 -21.27 -1.57
CA LEU A 965 -39.11 -20.81 -2.11
C LEU A 965 -38.65 -19.53 -1.46
N SER A 966 -39.55 -18.56 -1.32
CA SER A 966 -39.16 -17.23 -0.88
C SER A 966 -38.76 -17.20 0.58
N THR A 967 -39.36 -18.04 1.43
CA THR A 967 -39.01 -18.00 2.84
C THR A 967 -38.04 -19.08 3.25
N ASN A 968 -38.21 -20.31 2.78
CA ASN A 968 -37.39 -21.40 3.29
C ASN A 968 -35.97 -21.38 2.73
N ILE A 969 -35.74 -20.72 1.60
CA ILE A 969 -34.47 -20.79 0.90
C ILE A 969 -33.83 -19.42 0.72
N LEU A 970 -34.55 -18.49 0.09
CA LEU A 970 -33.95 -17.20 -0.21
C LEU A 970 -33.74 -16.38 1.06
N LEU A 971 -34.74 -16.37 1.92
CA LEU A 971 -34.75 -15.45 3.04
C LEU A 971 -33.87 -15.94 4.19
N VAL A 972 -33.62 -17.24 4.29
CA VAL A 972 -32.74 -17.78 5.31
C VAL A 972 -31.28 -17.72 4.86
N ASN A 973 -31.02 -18.04 3.61
CA ASN A 973 -29.68 -17.94 3.08
C ASN A 973 -29.23 -16.50 2.86
N LEU A 974 -30.15 -15.54 2.89
CA LEU A 974 -29.72 -14.15 2.95
C LEU A 974 -29.25 -13.78 4.34
N LEU A 975 -29.93 -14.30 5.36
CA LEU A 975 -29.51 -14.09 6.74
C LEU A 975 -28.14 -14.69 7.00
N VAL A 976 -27.84 -15.83 6.37
CA VAL A 976 -26.52 -16.44 6.49
C VAL A 976 -25.44 -15.50 5.94
N ALA A 977 -25.72 -14.87 4.79
CA ALA A 977 -24.77 -13.96 4.18
C ALA A 977 -24.56 -12.71 5.02
N MET A 978 -25.64 -12.18 5.59
CA MET A 978 -25.47 -10.97 6.41
C MET A 978 -24.77 -11.26 7.72
N PHE A 979 -25.01 -12.44 8.32
CA PHE A 979 -24.23 -12.87 9.48
C PHE A 979 -22.76 -13.02 9.14
N GLY A 980 -22.45 -13.61 7.98
CA GLY A 980 -21.07 -13.79 7.59
C GLY A 980 -20.34 -12.48 7.36
N TYR A 981 -21.05 -11.52 6.79
CA TYR A 981 -20.45 -10.20 6.57
C TYR A 981 -20.25 -9.44 7.89
N THR A 982 -21.20 -9.56 8.82
CA THR A 982 -21.03 -8.87 10.10
C THR A 982 -19.90 -9.47 10.92
N VAL A 983 -19.76 -10.81 10.89
CA VAL A 983 -18.60 -11.45 11.54
C VAL A 983 -17.31 -11.02 10.87
N GLY A 984 -17.34 -10.82 9.55
CA GLY A 984 -16.17 -10.35 8.84
C GLY A 984 -15.77 -8.93 9.20
N ILE A 985 -16.74 -8.05 9.47
CA ILE A 985 -16.40 -6.71 9.94
C ILE A 985 -15.88 -6.75 11.36
N VAL A 986 -16.68 -7.25 12.30
CA VAL A 986 -16.52 -6.79 13.68
C VAL A 986 -15.43 -7.55 14.42
N GLN A 987 -14.64 -8.36 13.73
CA GLN A 987 -13.75 -9.24 14.47
C GLN A 987 -12.48 -8.53 14.93
N GLU A 988 -11.92 -7.63 14.12
CA GLU A 988 -10.75 -6.87 14.56
C GLU A 988 -11.08 -5.82 15.61
N ASN A 989 -12.35 -5.50 15.78
CA ASN A 989 -12.82 -4.63 16.85
C ASN A 989 -13.33 -5.44 18.05
N ASN A 990 -13.61 -6.73 17.85
CA ASN A 990 -14.24 -7.54 18.88
C ASN A 990 -13.33 -7.75 20.08
N ASP A 991 -12.04 -7.98 19.83
CA ASP A 991 -11.10 -8.12 20.93
C ASP A 991 -10.97 -6.84 21.74
N GLN A 992 -10.99 -5.68 21.06
CA GLN A 992 -10.96 -4.40 21.75
C GLN A 992 -12.21 -4.20 22.60
N VAL A 993 -13.38 -4.57 22.07
CA VAL A 993 -14.61 -4.36 22.82
C VAL A 993 -14.69 -5.33 23.99
N TRP A 994 -14.16 -6.54 23.84
CA TRP A 994 -14.13 -7.48 24.95
C TRP A 994 -13.23 -7.00 26.06
N LYS A 995 -12.01 -6.57 25.74
CA LYS A 995 -11.12 -6.13 26.80
C LYS A 995 -11.43 -4.72 27.28
N PHE A 996 -12.31 -3.99 26.59
CA PHE A 996 -12.91 -2.82 27.20
C PHE A 996 -13.98 -3.21 28.21
N GLN A 997 -14.78 -4.23 27.89
CA GLN A 997 -15.79 -4.72 28.84
C GLN A 997 -15.17 -5.39 30.05
N ARG A 998 -13.92 -5.83 29.94
CA ARG A 998 -13.20 -6.47 31.03
C ARG A 998 -13.02 -5.55 32.23
N TYR A 999 -12.96 -4.24 31.98
CA TYR A 999 -12.85 -3.24 33.04
C TYR A 999 -14.01 -3.34 34.03
N PHE A 1000 -15.22 -3.55 33.54
CA PHE A 1000 -16.39 -3.47 34.41
C PHE A 1000 -16.48 -4.68 35.33
N LEU A 1001 -16.13 -5.86 34.82
CA LEU A 1001 -16.16 -7.04 35.67
C LEU A 1001 -15.02 -7.02 36.68
N VAL A 1002 -13.85 -6.50 36.29
CA VAL A 1002 -12.76 -6.37 37.26
C VAL A 1002 -13.11 -5.32 38.31
N GLN A 1003 -13.78 -4.24 37.93
CA GLN A 1003 -14.10 -3.23 38.91
C GLN A 1003 -15.39 -3.54 39.67
N GLU A 1004 -16.10 -4.61 39.32
CA GLU A 1004 -17.13 -5.06 40.25
C GLU A 1004 -16.70 -6.24 41.09
N TYR A 1005 -15.60 -6.91 40.74
CA TYR A 1005 -15.10 -7.99 41.56
C TYR A 1005 -13.81 -7.64 42.31
N CYS A 1006 -13.34 -6.40 42.19
CA CYS A 1006 -12.23 -5.90 42.97
C CYS A 1006 -12.63 -4.74 43.87
N ASN A 1007 -13.86 -4.26 43.75
CA ASN A 1007 -14.26 -3.09 44.53
C ASN A 1007 -14.64 -3.49 45.95
N ARG A 1008 -15.66 -4.33 46.10
CA ARG A 1008 -16.13 -4.77 47.40
C ARG A 1008 -15.11 -5.67 48.08
N LEU A 1009 -15.18 -5.72 49.41
CA LEU A 1009 -14.46 -6.73 50.17
C LEU A 1009 -15.36 -7.94 50.20
N ASN A 1010 -15.07 -8.91 49.33
CA ASN A 1010 -15.97 -10.01 49.06
C ASN A 1010 -15.40 -11.33 49.55
N ILE A 1011 -16.18 -12.00 50.40
CA ILE A 1011 -15.95 -13.38 50.78
C ILE A 1011 -16.67 -14.22 49.73
N PRO A 1012 -16.44 -15.53 49.65
CA PRO A 1012 -17.26 -16.37 48.77
C PRO A 1012 -18.74 -16.32 49.09
N PHE A 1013 -19.54 -16.74 48.10
CA PHE A 1013 -20.88 -16.20 47.93
C PHE A 1013 -21.92 -16.59 48.99
N PRO A 1014 -22.17 -17.87 49.33
CA PRO A 1014 -23.33 -18.16 50.21
C PRO A 1014 -23.19 -17.69 51.65
N PHE A 1015 -22.03 -17.14 52.02
CA PHE A 1015 -21.81 -16.56 53.33
C PHE A 1015 -21.87 -15.04 53.32
N VAL A 1016 -21.95 -14.43 52.13
CA VAL A 1016 -21.89 -12.97 51.94
C VAL A 1016 -22.98 -12.26 52.71
N VAL A 1017 -24.16 -12.88 52.84
CA VAL A 1017 -25.27 -12.29 53.57
C VAL A 1017 -24.92 -12.05 55.04
N PHE A 1018 -24.07 -12.91 55.63
CA PHE A 1018 -23.58 -12.69 56.99
C PHE A 1018 -22.76 -11.40 57.06
N ALA A 1019 -21.88 -11.21 56.07
CA ALA A 1019 -21.13 -9.96 55.95
C ALA A 1019 -22.04 -8.77 55.70
N TYR A 1020 -23.22 -9.00 55.11
CA TYR A 1020 -24.20 -7.93 54.95
C TYR A 1020 -24.64 -7.40 56.31
N PHE A 1021 -24.77 -8.31 57.29
CA PHE A 1021 -25.08 -7.89 58.66
C PHE A 1021 -23.96 -7.05 59.26
N TYR A 1022 -22.71 -7.29 58.83
CA TYR A 1022 -21.60 -6.45 59.27
C TYR A 1022 -21.79 -5.01 58.81
N MET A 1023 -22.32 -4.81 57.61
CA MET A 1023 -22.61 -3.44 57.18
C MET A 1023 -23.79 -2.89 57.96
N VAL A 1024 -24.70 -3.76 58.40
CA VAL A 1024 -25.75 -3.36 59.34
C VAL A 1024 -25.14 -2.89 60.64
N VAL A 1025 -24.00 -3.49 61.04
CA VAL A 1025 -23.22 -3.03 62.19
C VAL A 1025 -22.83 -1.56 62.04
N LYS A 1026 -22.50 -1.15 60.80
CA LYS A 1026 -22.26 0.27 60.53
C LYS A 1026 -23.52 1.10 60.83
N LYS A 1027 -24.67 0.66 60.33
CA LYS A 1027 -25.91 1.33 60.69
C LYS A 1027 -26.38 0.99 62.10
N CYS A 1028 -25.72 0.05 62.80
CA CYS A 1028 -25.97 -0.10 64.23
C CYS A 1028 -25.14 0.87 65.06
N PHE A 1029 -24.16 1.54 64.44
CA PHE A 1029 -23.36 2.52 65.17
C PHE A 1029 -23.30 3.89 64.50
N LYS A 1030 -23.19 3.94 63.18
CA LYS A 1030 -23.02 5.22 62.49
C LYS A 1030 -24.31 5.65 61.81
N PHE A 1045 -1.47 18.33 46.83
CA PHE A 1045 -0.79 18.70 48.07
C PHE A 1045 0.12 17.58 48.56
N ARG A 1046 -0.23 16.35 48.23
CA ARG A 1046 0.51 15.19 48.69
C ARG A 1046 1.82 15.05 47.93
N ASN A 1047 2.89 14.71 48.66
CA ASN A 1047 4.23 14.90 48.14
C ASN A 1047 4.64 13.84 47.12
N GLU A 1048 4.24 12.58 47.32
CA GLU A 1048 4.57 11.57 46.32
C GLU A 1048 3.72 11.69 45.07
N ASP A 1049 2.53 12.30 45.18
CA ASP A 1049 1.76 12.66 44.00
C ASP A 1049 2.52 13.67 43.15
N ASN A 1050 3.10 14.69 43.78
CA ASN A 1050 3.92 15.64 43.05
C ASN A 1050 5.19 14.99 42.53
N GLU A 1051 5.70 13.99 43.24
CA GLU A 1051 6.89 13.27 42.79
C GLU A 1051 6.60 12.48 41.52
N THR A 1052 5.45 11.82 41.45
CA THR A 1052 5.18 11.03 40.25
C THR A 1052 4.69 11.91 39.09
N LEU A 1053 4.09 13.07 39.36
CA LEU A 1053 3.81 14.00 38.28
C LEU A 1053 5.10 14.59 37.71
N ALA A 1054 6.06 14.89 38.60
CA ALA A 1054 7.39 15.31 38.15
C ALA A 1054 8.11 14.20 37.41
N TRP A 1055 7.81 12.93 37.75
CA TRP A 1055 8.32 11.83 36.95
C TRP A 1055 7.70 11.82 35.56
N GLU A 1056 6.37 12.05 35.49
CA GLU A 1056 5.63 12.05 34.23
C GLU A 1056 6.15 13.10 33.26
N GLY A 1057 6.52 14.27 33.78
CA GLY A 1057 7.01 15.35 32.94
C GLY A 1057 8.27 14.99 32.17
N VAL A 1058 9.10 14.10 32.72
CA VAL A 1058 10.34 13.73 32.04
C VAL A 1058 10.06 12.92 30.78
N MET A 1059 9.14 11.94 30.87
CA MET A 1059 8.81 11.21 29.66
C MET A 1059 7.93 12.02 28.73
N LYS A 1060 7.20 13.01 29.24
CA LYS A 1060 6.55 13.97 28.36
C LYS A 1060 7.56 14.71 27.51
N GLU A 1061 8.65 15.16 28.13
CA GLU A 1061 9.72 15.83 27.39
C GLU A 1061 10.39 14.89 26.41
N ASN A 1062 10.59 13.64 26.81
CA ASN A 1062 11.18 12.66 25.91
C ASN A 1062 10.26 12.34 24.73
N TYR A 1063 8.95 12.30 24.98
CA TYR A 1063 7.97 12.06 23.92
C TYR A 1063 7.90 13.21 22.94
N LEU A 1064 8.01 14.46 23.44
CA LEU A 1064 8.05 15.61 22.55
C LEU A 1064 9.33 15.64 21.72
N VAL A 1065 10.45 15.23 22.33
CA VAL A 1065 11.71 15.05 21.60
C VAL A 1065 11.53 14.03 20.50
N LYS A 1066 10.82 12.94 20.78
CA LYS A 1066 10.61 11.90 19.76
C LYS A 1066 9.73 12.38 18.63
N ILE A 1067 8.66 13.13 18.95
CA ILE A 1067 7.79 13.72 17.92
C ILE A 1067 8.58 14.61 16.99
N ASN A 1068 9.38 15.52 17.55
CA ASN A 1068 10.17 16.41 16.71
C ASN A 1068 11.34 15.69 16.03
N THR A 1069 11.75 14.53 16.55
CA THR A 1069 12.76 13.71 15.90
C THR A 1069 12.22 12.99 14.67
N LYS A 1070 10.91 12.69 14.65
CA LYS A 1070 10.34 12.01 13.49
C LYS A 1070 10.36 12.87 12.23
N ALA A 1071 10.38 14.20 12.39
CA ALA A 1071 10.49 15.11 11.25
C ALA A 1071 11.95 15.20 10.84
N ASN A 1072 12.31 14.56 9.73
CA ASN A 1072 13.69 14.49 9.27
C ASN A 1072 13.78 14.84 7.79
N ASP A 1073 14.80 15.61 7.44
CA ASP A 1073 15.02 16.01 6.05
C ASP A 1073 16.50 16.31 5.86
N ASN A 1074 17.01 15.95 4.68
CA ASN A 1074 18.41 16.18 4.31
C ASN A 1074 18.61 17.48 3.56
N SER A 1075 17.53 18.24 3.32
CA SER A 1075 17.65 19.45 2.52
C SER A 1075 18.31 20.58 3.31
N GLU A 1076 18.13 20.60 4.63
CA GLU A 1076 18.63 21.72 5.42
C GLU A 1076 20.15 21.66 5.61
N GLU A 1077 20.72 20.46 5.74
CA GLU A 1077 22.16 20.36 5.94
C GLU A 1077 22.92 20.69 4.65
N MET A 1078 22.46 20.20 3.49
CA MET A 1078 23.07 20.55 2.23
C MET A 1078 22.77 22.01 1.89
N ARG A 1079 21.64 22.53 2.37
CA ARG A 1079 21.32 23.94 2.21
C ARG A 1079 22.29 24.82 3.01
N HIS A 1080 22.62 24.41 4.23
CA HIS A 1080 23.61 25.14 5.03
C HIS A 1080 24.99 25.03 4.42
N ARG A 1081 25.31 23.89 3.80
CA ARG A 1081 26.55 23.78 3.02
C ARG A 1081 26.53 24.73 1.83
N PHE A 1082 25.37 24.91 1.20
CA PHE A 1082 25.24 25.86 0.11
C PHE A 1082 25.44 27.29 0.57
N ARG A 1083 24.88 27.65 1.75
CA ARG A 1083 25.07 28.99 2.28
C ARG A 1083 26.52 29.25 2.66
N GLN A 1084 27.20 28.26 3.24
CA GLN A 1084 28.59 28.52 3.63
C GLN A 1084 29.53 28.54 2.41
N LEU A 1085 29.22 27.77 1.37
CA LEU A 1085 30.04 27.89 0.16
C LEU A 1085 29.75 29.18 -0.58
N ASP A 1086 28.51 29.67 -0.51
CA ASP A 1086 28.18 30.98 -1.09
C ASP A 1086 28.85 32.10 -0.31
N SER A 1087 28.99 31.93 1.00
CA SER A 1087 29.76 32.88 1.81
C SER A 1087 31.23 32.87 1.43
N LYS A 1088 31.78 31.68 1.15
CA LYS A 1088 33.16 31.62 0.66
C LYS A 1088 33.30 32.24 -0.72
N LEU A 1089 32.27 32.10 -1.58
CA LEU A 1089 32.29 32.77 -2.88
C LEU A 1089 32.25 34.28 -2.76
N ASN A 1090 31.44 34.80 -1.83
CA ASN A 1090 31.40 36.25 -1.62
C ASN A 1090 32.70 36.76 -0.99
N ASP A 1091 33.35 35.91 -0.18
CA ASP A 1091 34.67 36.27 0.33
C ASP A 1091 35.71 36.31 -0.78
N LEU A 1092 35.65 35.37 -1.73
CA LEU A 1092 36.54 35.41 -2.88
C LEU A 1092 36.28 36.62 -3.75
N LYS A 1093 35.01 37.00 -3.90
CA LYS A 1093 34.66 38.19 -4.66
C LYS A 1093 35.15 39.46 -3.98
N SER A 1094 35.07 39.51 -2.64
CA SER A 1094 35.60 40.64 -1.89
C SER A 1094 37.12 40.73 -2.03
N LEU A 1095 37.81 39.59 -1.99
CA LEU A 1095 39.26 39.58 -2.16
C LEU A 1095 39.66 39.98 -3.58
N LEU A 1096 38.88 39.58 -4.59
CA LEU A 1096 39.22 39.97 -5.96
C LEU A 1096 38.93 41.44 -6.21
N LYS A 1097 37.89 42.00 -5.58
CA LYS A 1097 37.70 43.45 -5.64
C LYS A 1097 38.82 44.18 -4.92
N GLU A 1098 39.34 43.61 -3.83
CA GLU A 1098 40.48 44.21 -3.15
C GLU A 1098 41.74 44.18 -4.02
N ILE A 1099 41.97 43.08 -4.73
CA ILE A 1099 43.14 42.99 -5.61
C ILE A 1099 42.98 43.92 -6.81
N ALA A 1100 41.75 44.07 -7.31
CA ALA A 1100 41.49 45.03 -8.39
C ALA A 1100 41.69 46.47 -7.92
N ASN A 1101 41.41 46.76 -6.65
CA ASN A 1101 41.70 48.09 -6.12
C ASN A 1101 43.19 48.27 -5.86
N ASN A 1102 43.89 47.18 -5.53
CA ASN A 1102 45.33 47.26 -5.29
C ASN A 1102 46.11 47.46 -6.58
N ILE A 1103 45.68 46.84 -7.68
CA ILE A 1103 46.30 47.11 -8.97
C ILE A 1103 45.96 48.52 -9.43
N LYS A 1104 44.69 48.91 -9.31
CA LYS A 1104 44.24 50.23 -9.72
C LYS A 1104 44.16 51.18 -8.54
N ALA B 102 18.16 10.41 -67.92
CA ALA B 102 17.50 11.71 -67.98
C ALA B 102 16.19 11.70 -67.21
N PHE B 103 15.09 11.45 -67.91
CA PHE B 103 13.79 11.41 -67.28
C PHE B 103 13.56 10.06 -66.61
N GLY B 104 12.30 9.83 -66.22
CA GLY B 104 11.87 8.51 -65.83
C GLY B 104 11.77 8.28 -64.34
N ASP B 105 10.90 7.36 -63.94
CA ASP B 105 10.77 6.95 -62.56
C ASP B 105 11.90 5.99 -62.19
N ILE B 106 12.04 5.72 -60.90
CA ILE B 106 12.98 4.72 -60.42
C ILE B 106 12.24 3.80 -59.45
N GLN B 107 12.42 2.50 -59.63
CA GLN B 107 11.82 1.48 -58.79
C GLN B 107 12.81 0.34 -58.61
N PHE B 108 12.77 -0.31 -57.46
CA PHE B 108 13.75 -1.34 -57.13
C PHE B 108 13.08 -2.70 -56.97
N GLY B 115 10.39 6.47 -56.86
CA GLY B 115 10.93 7.81 -56.90
C GLY B 115 11.09 8.36 -58.30
N LYS B 116 11.43 9.64 -58.41
CA LYS B 116 11.66 10.30 -59.68
C LYS B 116 13.05 10.89 -59.69
N TYR B 117 13.87 10.51 -60.66
CA TYR B 117 15.23 11.02 -60.78
C TYR B 117 15.33 11.92 -62.01
N LEU B 118 16.40 12.72 -62.05
CA LEU B 118 16.64 13.60 -63.17
C LEU B 118 18.12 13.94 -63.24
N ARG B 119 18.71 13.75 -64.41
CA ARG B 119 20.04 14.28 -64.70
C ARG B 119 19.88 15.66 -65.33
N LEU B 120 20.56 16.65 -64.77
CA LEU B 120 20.39 18.03 -65.20
C LEU B 120 21.72 18.76 -65.08
N SER B 121 21.93 19.74 -65.95
CA SER B 121 23.18 20.48 -65.96
C SER B 121 23.25 21.45 -64.79
N CYS B 122 24.47 21.78 -64.39
CA CYS B 122 24.70 22.69 -63.28
C CYS B 122 24.35 24.13 -63.60
N ASP B 123 24.43 24.53 -64.87
CA ASP B 123 24.29 25.92 -65.25
C ASP B 123 22.84 26.36 -65.45
N THR B 124 21.87 25.52 -65.07
CA THR B 124 20.48 25.94 -65.18
C THR B 124 20.11 26.84 -64.01
N ASP B 125 19.11 27.69 -64.23
CA ASP B 125 18.62 28.54 -63.16
C ASP B 125 17.59 27.79 -62.30
N SER B 126 17.50 28.20 -61.04
CA SER B 126 16.67 27.47 -60.09
C SER B 126 15.18 27.74 -60.26
N GLU B 127 14.82 28.79 -61.01
CA GLU B 127 13.40 29.16 -61.09
C GLU B 127 12.63 28.18 -61.97
N THR B 128 13.20 27.71 -63.07
CA THR B 128 12.49 26.72 -63.87
C THR B 128 12.53 25.35 -63.21
N LEU B 129 13.51 25.10 -62.34
CA LEU B 129 13.53 23.88 -61.56
C LEU B 129 12.41 23.90 -60.52
N TYR B 130 12.20 25.06 -59.91
CA TYR B 130 11.08 25.23 -58.99
C TYR B 130 9.74 25.11 -59.70
N GLU B 131 9.64 25.66 -60.92
CA GLU B 131 8.42 25.54 -61.70
C GLU B 131 8.14 24.08 -62.09
N LEU B 132 9.20 23.33 -62.42
CA LEU B 132 9.07 21.89 -62.67
C LEU B 132 8.58 21.16 -61.43
N LEU B 133 9.24 21.39 -60.30
CA LEU B 133 9.02 20.58 -59.11
C LEU B 133 7.77 21.00 -58.36
N THR B 134 7.17 22.14 -58.70
CA THR B 134 5.91 22.53 -58.07
C THR B 134 4.71 22.46 -59.01
N GLN B 135 4.87 22.76 -60.29
CA GLN B 135 3.72 22.69 -61.21
C GLN B 135 3.44 21.25 -61.62
N HIS B 136 4.42 20.60 -62.25
CA HIS B 136 4.26 19.22 -62.69
C HIS B 136 4.22 18.25 -61.52
N TRP B 137 4.82 18.61 -60.39
CA TRP B 137 4.94 17.73 -59.23
C TRP B 137 4.22 18.36 -58.05
N HIS B 138 4.50 17.86 -56.84
CA HIS B 138 3.82 18.21 -55.59
C HIS B 138 3.89 19.67 -55.18
N LEU B 139 3.21 20.01 -54.09
CA LEU B 139 2.86 21.39 -53.75
C LEU B 139 3.99 22.08 -53.00
N LYS B 140 3.70 23.28 -52.48
CA LYS B 140 4.69 24.19 -51.93
C LYS B 140 5.06 23.80 -50.50
N THR B 141 5.76 24.70 -49.80
CA THR B 141 6.28 24.43 -48.47
C THR B 141 6.05 25.56 -47.47
N PRO B 142 5.68 25.23 -46.23
CA PRO B 142 5.84 26.19 -45.13
C PRO B 142 7.24 26.19 -44.54
N ASN B 143 8.06 25.18 -44.84
CA ASN B 143 9.36 25.05 -44.21
C ASN B 143 10.25 24.25 -45.15
N LEU B 144 11.56 24.41 -44.97
CA LEU B 144 12.53 23.70 -45.80
C LEU B 144 13.78 23.45 -44.97
N VAL B 145 14.01 22.17 -44.64
CA VAL B 145 15.12 21.78 -43.78
C VAL B 145 16.18 21.11 -44.64
N ILE B 146 17.42 21.52 -44.46
CA ILE B 146 18.55 21.02 -45.23
C ILE B 146 19.47 20.31 -44.25
N SER B 147 20.08 19.21 -44.67
CA SER B 147 21.07 18.54 -43.85
C SER B 147 22.36 18.38 -44.65
N VAL B 148 23.51 18.66 -44.03
CA VAL B 148 24.78 18.40 -44.69
C VAL B 148 25.52 17.27 -43.96
N THR B 149 25.75 16.19 -44.69
CA THR B 149 26.48 14.97 -44.36
C THR B 149 26.58 14.20 -45.68
N GLY B 150 27.68 13.46 -45.86
CA GLY B 150 27.88 12.74 -47.11
C GLY B 150 29.33 12.55 -47.48
N GLY B 151 30.22 13.33 -46.87
CA GLY B 151 31.61 12.95 -46.89
C GLY B 151 31.93 11.79 -45.98
N ALA B 152 31.08 11.52 -45.00
CA ALA B 152 31.22 10.37 -44.12
C ALA B 152 30.66 9.15 -44.84
N LYS B 153 31.57 8.27 -45.25
CA LYS B 153 31.22 6.95 -45.76
C LYS B 153 30.50 6.17 -44.69
N ASN B 154 31.12 6.08 -43.52
CA ASN B 154 30.60 5.41 -42.35
C ASN B 154 30.22 6.43 -41.29
N PHE B 155 29.23 6.09 -40.47
CA PHE B 155 28.69 7.04 -39.52
C PHE B 155 28.20 6.32 -38.27
N ALA B 156 28.52 6.88 -37.11
CA ALA B 156 28.12 6.33 -35.82
C ALA B 156 26.71 6.81 -35.50
N LEU B 157 25.80 5.87 -35.31
CA LEU B 157 24.39 6.19 -35.05
C LEU B 157 24.12 5.91 -33.58
N LYS B 158 24.43 6.87 -32.72
CA LYS B 158 24.12 6.75 -31.31
C LYS B 158 22.65 7.11 -31.10
N PRO B 159 22.03 6.60 -30.02
CA PRO B 159 20.59 6.86 -29.82
C PRO B 159 20.21 8.31 -29.59
N ARG B 160 21.15 9.19 -29.23
CA ARG B 160 20.80 10.61 -29.11
C ARG B 160 20.56 11.24 -30.48
N MET B 161 21.51 11.07 -31.41
CA MET B 161 21.32 11.57 -32.76
C MET B 161 20.20 10.81 -33.48
N ARG B 162 20.00 9.55 -33.13
CA ARG B 162 18.86 8.77 -33.63
C ARG B 162 17.54 9.40 -33.22
N LYS B 163 17.43 9.76 -31.93
CA LYS B 163 16.24 10.42 -31.41
C LYS B 163 16.05 11.80 -32.04
N ILE B 164 17.16 12.53 -32.25
CA ILE B 164 17.09 13.86 -32.83
C ILE B 164 16.57 13.82 -34.26
N PHE B 165 17.07 12.88 -35.07
CA PHE B 165 16.63 12.86 -36.45
C PHE B 165 15.27 12.20 -36.63
N SER B 166 14.89 11.28 -35.73
CA SER B 166 13.51 10.80 -35.71
C SER B 166 12.54 11.94 -35.38
N ARG B 167 12.88 12.75 -34.37
CA ARG B 167 12.07 13.91 -34.03
C ARG B 167 12.05 14.93 -35.15
N LEU B 168 13.18 15.07 -35.87
CA LEU B 168 13.27 15.99 -37.00
C LEU B 168 12.33 15.59 -38.13
N ILE B 169 12.30 14.30 -38.45
CA ILE B 169 11.43 13.86 -39.53
C ILE B 169 9.97 13.87 -39.09
N TYR B 170 9.72 13.73 -37.79
CA TYR B 170 8.37 13.94 -37.29
C TYR B 170 7.93 15.40 -37.41
N ILE B 171 8.85 16.33 -37.15
CA ILE B 171 8.54 17.76 -37.32
C ILE B 171 8.31 18.09 -38.79
N ALA B 172 9.12 17.51 -39.67
CA ALA B 172 8.94 17.74 -41.10
C ALA B 172 7.66 17.13 -41.63
N GLN B 173 7.16 16.08 -40.97
CA GLN B 173 5.84 15.57 -41.34
C GLN B 173 4.72 16.43 -40.78
N SER B 174 4.90 16.97 -39.58
CA SER B 174 3.88 17.82 -38.97
C SER B 174 3.75 19.15 -39.68
N LYS B 175 4.83 19.66 -40.25
CA LYS B 175 4.83 20.97 -40.89
C LYS B 175 4.67 20.89 -42.41
N GLY B 176 4.96 19.75 -43.03
CA GLY B 176 4.89 19.63 -44.47
C GLY B 176 6.07 20.29 -45.16
N ALA B 177 7.27 19.92 -44.74
CA ALA B 177 8.51 20.53 -45.21
C ALA B 177 9.24 19.61 -46.16
N TRP B 178 10.00 20.21 -47.07
CA TRP B 178 10.99 19.45 -47.83
C TRP B 178 12.21 19.24 -46.97
N ILE B 179 12.85 18.09 -47.16
CA ILE B 179 14.17 17.87 -46.59
C ILE B 179 15.17 17.65 -47.71
N LEU B 180 16.12 18.56 -47.83
CA LEU B 180 17.18 18.46 -48.81
C LEU B 180 18.36 17.74 -48.17
N THR B 181 18.97 16.82 -48.93
CA THR B 181 20.09 16.05 -48.42
C THR B 181 20.93 15.58 -49.60
N GLY B 182 21.98 14.82 -49.29
CA GLY B 182 22.82 14.27 -50.35
C GLY B 182 22.09 13.20 -51.16
N GLY B 183 21.65 12.14 -50.51
CA GLY B 183 20.86 11.12 -51.17
C GLY B 183 21.61 9.87 -51.55
N THR B 184 22.82 9.66 -51.03
CA THR B 184 23.53 8.43 -51.31
C THR B 184 23.16 7.38 -50.26
N HIS B 185 23.50 6.13 -50.53
CA HIS B 185 23.13 5.02 -49.66
C HIS B 185 23.96 4.96 -48.39
N TYR B 186 25.02 5.74 -48.30
CA TYR B 186 26.04 5.56 -47.28
C TYR B 186 25.83 6.53 -46.14
N GLY B 187 25.77 6.01 -44.91
CA GLY B 187 25.84 6.82 -43.73
C GLY B 187 24.52 7.37 -43.21
N LEU B 188 24.45 8.69 -43.08
CA LEU B 188 23.29 9.33 -42.44
C LEU B 188 22.06 9.28 -43.34
N MET B 189 22.27 9.42 -44.66
CA MET B 189 21.15 9.42 -45.59
C MET B 189 20.44 8.08 -45.64
N LYS B 190 21.15 7.00 -45.31
CA LYS B 190 20.51 5.71 -45.06
C LYS B 190 19.48 5.81 -43.95
N TYR B 191 19.86 6.41 -42.82
CA TYR B 191 18.95 6.51 -41.68
C TYR B 191 17.81 7.49 -41.96
N ILE B 192 18.07 8.54 -42.71
CA ILE B 192 17.01 9.47 -43.10
C ILE B 192 16.01 8.78 -44.00
N GLY B 193 16.48 7.98 -44.96
CA GLY B 193 15.58 7.21 -45.80
C GLY B 193 14.79 6.17 -45.02
N GLU B 194 15.44 5.58 -44.01
CA GLU B 194 14.76 4.63 -43.12
C GLU B 194 13.61 5.29 -42.37
N VAL B 195 13.85 6.45 -41.77
CA VAL B 195 12.81 7.09 -40.96
C VAL B 195 11.72 7.70 -41.85
N VAL B 196 12.08 8.14 -43.06
CA VAL B 196 11.07 8.57 -44.03
C VAL B 196 10.17 7.40 -44.42
N ARG B 197 10.78 6.24 -44.68
CA ARG B 197 10.00 5.03 -44.98
C ARG B 197 9.14 4.59 -43.81
N ASP B 198 9.62 4.78 -42.58
CA ASP B 198 8.86 4.35 -41.41
C ASP B 198 7.67 5.27 -41.13
N ASN B 199 7.88 6.59 -41.20
CA ASN B 199 6.76 7.50 -41.03
C ASN B 199 5.79 7.45 -42.22
N THR B 200 6.27 7.03 -43.38
CA THR B 200 5.36 6.76 -44.48
C THR B 200 4.54 5.51 -44.22
N ILE B 201 5.18 4.46 -43.71
CA ILE B 201 4.50 3.17 -43.55
C ILE B 201 3.61 3.15 -42.32
N SER B 202 3.78 4.08 -41.40
CA SER B 202 2.97 4.12 -40.18
C SER B 202 1.65 4.86 -40.36
N ARG B 203 1.54 5.74 -41.33
CA ARG B 203 0.32 6.52 -41.49
C ARG B 203 -0.27 6.43 -42.89
N ASN B 204 0.57 6.38 -43.93
CA ASN B 204 0.23 6.15 -45.34
C ASN B 204 -0.66 7.24 -45.94
N SER B 205 -0.85 8.36 -45.24
CA SER B 205 -1.69 9.46 -45.69
C SER B 205 -1.24 10.70 -44.91
N GLU B 206 -2.09 11.74 -44.93
CA GLU B 206 -1.89 13.05 -44.29
C GLU B 206 -0.49 13.63 -44.56
N GLU B 207 -0.32 14.02 -45.82
CA GLU B 207 0.87 14.73 -46.34
C GLU B 207 2.13 13.87 -46.22
N ASN B 208 2.16 12.83 -47.06
CA ASN B 208 3.36 12.05 -47.33
C ASN B 208 4.53 12.96 -47.68
N ILE B 209 5.66 12.74 -47.00
CA ILE B 209 6.71 13.75 -46.92
C ILE B 209 7.63 13.69 -48.14
N VAL B 210 8.44 14.73 -48.29
CA VAL B 210 9.22 14.96 -49.49
C VAL B 210 10.69 15.06 -49.10
N ALA B 211 11.49 14.12 -49.58
CA ALA B 211 12.94 14.11 -49.39
C ALA B 211 13.60 14.21 -50.77
N ILE B 212 14.44 15.21 -50.95
CA ILE B 212 15.19 15.36 -52.18
C ILE B 212 16.66 15.07 -51.90
N GLY B 213 17.18 14.04 -52.55
CA GLY B 213 18.62 13.80 -52.58
C GLY B 213 19.20 14.50 -53.80
N ILE B 214 20.30 15.20 -53.59
CA ILE B 214 20.99 15.93 -54.65
C ILE B 214 22.39 15.35 -54.74
N ALA B 215 22.68 14.65 -55.83
CA ALA B 215 23.93 13.93 -56.02
C ALA B 215 24.69 14.49 -57.23
N ALA B 216 25.89 13.94 -57.41
CA ALA B 216 26.86 14.54 -58.33
C ALA B 216 26.93 13.86 -59.70
N TRP B 217 26.40 12.62 -59.81
CA TRP B 217 26.36 11.77 -61.01
C TRP B 217 27.74 11.23 -61.39
N GLY B 218 28.80 11.70 -60.74
CA GLY B 218 30.13 11.22 -60.98
C GLY B 218 30.59 10.15 -60.05
N MET B 219 29.83 9.87 -59.00
CA MET B 219 30.16 8.83 -58.04
C MET B 219 29.24 7.64 -58.12
N VAL B 220 28.21 7.70 -58.96
CA VAL B 220 27.25 6.60 -59.07
C VAL B 220 27.87 5.49 -59.89
N SER B 221 27.84 4.26 -59.35
CA SER B 221 28.49 3.13 -60.00
C SER B 221 27.70 2.69 -61.23
N ASN B 222 26.45 2.29 -61.04
CA ASN B 222 25.62 1.76 -62.11
C ASN B 222 24.70 2.87 -62.58
N ARG B 223 24.81 3.23 -63.86
CA ARG B 223 24.03 4.31 -64.43
C ARG B 223 23.30 3.81 -65.66
N ASP B 224 22.03 4.17 -65.79
CA ASP B 224 21.20 3.76 -66.91
C ASP B 224 20.66 4.99 -67.61
N THR B 225 20.89 5.07 -68.91
CA THR B 225 20.42 6.18 -69.72
C THR B 225 19.11 5.77 -70.38
N LEU B 226 18.01 6.41 -69.98
CA LEU B 226 16.70 6.07 -70.47
C LEU B 226 15.95 7.35 -70.79
N ILE B 227 14.66 7.23 -71.04
CA ILE B 227 13.81 8.40 -71.21
C ILE B 227 12.90 8.48 -69.99
N ASP B 232 10.36 4.73 -69.63
CA ASP B 232 11.44 3.80 -69.33
C ASP B 232 12.00 4.04 -67.94
N GLU B 233 11.55 3.27 -66.96
CA GLU B 233 12.06 3.35 -65.61
C GLU B 233 13.30 2.47 -65.48
N GLY B 234 14.21 2.87 -64.60
CA GLY B 234 15.42 2.12 -64.37
C GLY B 234 15.30 1.20 -63.18
N HIS B 235 16.31 0.33 -63.05
CA HIS B 235 16.39 -0.61 -61.95
C HIS B 235 17.82 -0.56 -61.42
N PHE B 236 18.06 0.36 -60.50
CA PHE B 236 19.39 0.62 -59.96
C PHE B 236 19.66 -0.37 -58.85
N SER B 237 20.76 -1.12 -58.98
CA SER B 237 21.19 -2.06 -57.96
C SER B 237 22.70 -2.19 -58.00
N ALA B 238 23.25 -2.79 -56.94
CA ALA B 238 24.69 -3.01 -56.86
C ALA B 238 25.01 -4.51 -56.92
N TYR B 251 29.86 5.91 -55.13
CA TYR B 251 28.73 6.06 -54.22
C TYR B 251 27.50 5.39 -54.77
N ILE B 252 26.74 4.75 -53.90
CA ILE B 252 25.48 4.11 -54.26
C ILE B 252 24.35 5.03 -53.82
N LEU B 253 23.33 5.17 -54.67
CA LEU B 253 22.18 5.97 -54.30
C LEU B 253 21.34 5.27 -53.25
N ASP B 254 20.63 6.06 -52.46
CA ASP B 254 19.81 5.53 -51.38
C ASP B 254 18.46 5.08 -51.90
N ASN B 255 17.87 4.10 -51.21
CA ASN B 255 16.68 3.43 -51.71
C ASN B 255 15.41 4.25 -51.52
N ASN B 256 15.34 5.06 -50.46
CA ASN B 256 14.07 5.54 -49.95
C ASN B 256 13.86 7.04 -50.09
N HIS B 257 14.77 7.76 -50.73
CA HIS B 257 14.52 9.16 -51.00
C HIS B 257 13.54 9.29 -52.15
N THR B 258 12.45 10.03 -51.92
CA THR B 258 11.36 10.04 -52.88
C THR B 258 11.63 10.92 -54.08
N HIS B 259 12.64 11.78 -54.04
CA HIS B 259 13.03 12.52 -55.24
C HIS B 259 14.54 12.61 -55.29
N LEU B 260 15.08 12.52 -56.51
CA LEU B 260 16.52 12.61 -56.73
C LEU B 260 16.81 13.57 -57.85
N LEU B 261 17.89 14.32 -57.69
CA LEU B 261 18.39 15.25 -58.70
C LEU B 261 19.90 15.09 -58.75
N LEU B 262 20.42 14.79 -59.93
CA LEU B 262 21.84 14.49 -60.10
C LEU B 262 22.42 15.49 -61.09
N VAL B 263 23.42 16.25 -60.65
CA VAL B 263 23.96 17.32 -61.47
C VAL B 263 24.88 16.74 -62.54
N ASP B 264 24.91 17.39 -63.69
CA ASP B 264 25.72 16.96 -64.82
C ASP B 264 27.06 17.68 -64.77
N ASN B 265 28.14 16.91 -64.84
CA ASN B 265 29.49 17.49 -64.93
C ASN B 265 30.34 16.49 -65.70
N GLY B 266 31.66 16.63 -65.62
CA GLY B 266 32.58 15.86 -66.42
C GLY B 266 32.91 14.48 -65.86
N CYS B 267 34.16 14.28 -65.46
CA CYS B 267 34.67 12.94 -65.17
C CYS B 267 34.16 12.44 -63.81
N HIS B 268 34.68 11.30 -63.40
CA HIS B 268 34.11 10.57 -62.28
C HIS B 268 34.59 11.12 -60.94
N GLY B 269 35.90 11.17 -60.73
CA GLY B 269 36.44 11.56 -59.45
C GLY B 269 36.37 13.05 -59.18
N HIS B 270 35.16 13.56 -58.99
CA HIS B 270 34.97 14.98 -58.71
C HIS B 270 33.94 15.14 -57.59
N PRO B 271 34.40 15.26 -56.35
CA PRO B 271 33.49 15.67 -55.26
C PRO B 271 33.20 17.16 -55.34
N THR B 272 32.26 17.59 -54.50
CA THR B 272 31.83 18.99 -54.34
C THR B 272 31.39 19.63 -55.65
N VAL B 273 30.54 18.93 -56.40
CA VAL B 273 30.00 19.48 -57.65
C VAL B 273 28.58 20.00 -57.44
N GLU B 274 27.77 19.26 -56.69
CA GLU B 274 26.37 19.57 -56.49
C GLU B 274 26.13 20.80 -55.63
N ALA B 275 27.15 21.27 -54.90
CA ALA B 275 26.95 22.30 -53.88
C ALA B 275 26.56 23.65 -54.48
N LYS B 276 27.01 23.92 -55.70
CA LYS B 276 26.68 25.20 -56.35
C LYS B 276 25.20 25.28 -56.68
N LEU B 277 24.66 24.25 -57.36
CA LEU B 277 23.24 24.22 -57.67
C LEU B 277 22.39 24.08 -56.42
N ARG B 278 22.89 23.34 -55.42
CA ARG B 278 22.19 23.20 -54.15
C ARG B 278 22.02 24.54 -53.46
N ASN B 279 23.12 25.29 -53.31
CA ASN B 279 23.06 26.58 -52.65
C ASN B 279 22.29 27.62 -53.45
N GLN B 280 22.34 27.52 -54.79
CA GLN B 280 21.57 28.45 -55.61
C GLN B 280 20.07 28.15 -55.51
N LEU B 281 19.71 26.88 -55.37
CA LEU B 281 18.32 26.51 -55.13
C LEU B 281 17.84 27.00 -53.78
N GLU B 282 18.70 26.87 -52.75
CA GLU B 282 18.42 27.42 -51.43
C GLU B 282 18.18 28.92 -51.49
N LYS B 283 19.03 29.62 -52.22
CA LYS B 283 18.91 31.08 -52.34
C LYS B 283 17.64 31.48 -53.08
N TYR B 284 17.25 30.70 -54.10
CA TYR B 284 16.05 31.05 -54.84
C TYR B 284 14.78 30.80 -54.04
N ILE B 285 14.71 29.69 -53.30
CA ILE B 285 13.53 29.51 -52.45
C ILE B 285 13.55 30.49 -51.27
N SER B 286 14.74 30.89 -50.81
CA SER B 286 14.83 31.92 -49.78
C SER B 286 14.39 33.30 -50.27
N GLU B 287 14.49 33.57 -51.56
CA GLU B 287 13.92 34.80 -52.10
C GLU B 287 12.56 34.60 -52.75
N ARG B 288 12.06 33.36 -52.75
CA ARG B 288 10.72 33.10 -53.30
C ARG B 288 9.66 33.55 -52.31
N THR B 289 8.61 34.17 -52.82
CA THR B 289 7.55 34.75 -52.00
C THR B 289 6.31 33.88 -52.04
N SER B 290 5.87 33.42 -50.87
CA SER B 290 4.65 32.62 -50.75
C SER B 290 3.92 33.09 -49.50
N GLN B 291 2.92 33.95 -49.68
CA GLN B 291 2.32 34.70 -48.59
C GLN B 291 1.44 33.85 -47.67
N ASP B 292 1.08 32.63 -48.06
CA ASP B 292 0.23 31.78 -47.22
C ASP B 292 1.04 31.07 -46.13
N SER B 293 1.58 31.87 -45.23
CA SER B 293 2.39 31.37 -44.12
C SER B 293 2.36 32.40 -43.01
N ASN B 294 3.26 32.26 -42.04
CA ASN B 294 3.34 33.14 -40.89
C ASN B 294 4.66 33.89 -40.84
N TYR B 295 5.56 33.62 -41.78
CA TYR B 295 6.89 34.21 -41.82
C TYR B 295 6.91 35.51 -42.63
N GLY B 296 5.73 36.07 -42.93
CA GLY B 296 5.65 37.18 -43.86
C GLY B 296 6.03 36.72 -45.24
N GLY B 297 5.57 35.54 -45.61
CA GLY B 297 6.01 34.92 -46.85
C GLY B 297 7.38 34.28 -46.71
N LYS B 298 8.13 34.33 -47.81
CA LYS B 298 9.57 34.12 -47.90
C LYS B 298 10.05 32.68 -47.71
N ILE B 299 9.16 31.76 -47.29
CA ILE B 299 9.39 30.32 -47.17
C ILE B 299 10.65 30.02 -46.34
N PRO B 300 10.57 30.10 -45.02
CA PRO B 300 11.78 30.05 -44.18
C PRO B 300 12.55 28.74 -44.30
N ILE B 301 13.88 28.86 -44.25
CA ILE B 301 14.81 27.80 -44.61
C ILE B 301 15.81 27.62 -43.47
N VAL B 302 16.02 26.39 -43.03
CA VAL B 302 16.96 26.08 -41.97
C VAL B 302 17.99 25.08 -42.50
N CYS B 303 19.26 25.32 -42.21
CA CYS B 303 20.35 24.42 -42.55
C CYS B 303 20.81 23.70 -41.28
N PHE B 304 21.11 22.40 -41.40
CA PHE B 304 21.61 21.59 -40.30
C PHE B 304 23.01 21.06 -40.59
N ALA B 305 23.88 21.18 -39.59
CA ALA B 305 25.20 20.56 -39.64
C ALA B 305 25.40 19.74 -38.39
N GLN B 306 25.92 18.53 -38.54
CA GLN B 306 26.17 17.67 -37.38
C GLN B 306 27.57 17.05 -37.37
N GLY B 307 28.15 16.81 -38.55
CA GLY B 307 29.35 16.00 -38.63
C GLY B 307 30.62 16.75 -38.98
N GLY B 308 31.32 16.27 -40.01
CA GLY B 308 32.61 16.85 -40.36
C GLY B 308 32.90 16.72 -41.84
N GLY B 309 33.90 17.48 -42.27
CA GLY B 309 34.34 17.49 -43.65
C GLY B 309 34.42 18.91 -44.20
N ARG B 310 34.98 19.00 -45.40
CA ARG B 310 35.08 20.30 -46.08
C ARG B 310 33.73 20.73 -46.61
N GLU B 311 32.91 19.77 -47.03
CA GLU B 311 31.59 20.04 -47.59
C GLU B 311 30.69 20.73 -46.58
N THR B 312 30.79 20.32 -45.31
CA THR B 312 30.02 20.94 -44.23
C THR B 312 30.39 22.42 -44.08
N LEU B 313 31.68 22.73 -44.00
CA LEU B 313 32.12 24.11 -43.78
C LEU B 313 31.83 24.99 -44.99
N LYS B 314 32.00 24.46 -46.19
CA LYS B 314 31.67 25.23 -47.39
C LYS B 314 30.17 25.49 -47.49
N ALA B 315 29.36 24.50 -47.08
CA ALA B 315 27.92 24.68 -47.10
C ALA B 315 27.46 25.70 -46.06
N ILE B 316 28.03 25.65 -44.86
CA ILE B 316 27.67 26.60 -43.81
C ILE B 316 28.09 28.02 -44.20
N ASN B 317 29.27 28.19 -44.81
CA ASN B 317 29.67 29.53 -45.19
C ASN B 317 28.89 30.04 -46.39
N THR B 318 28.51 29.17 -47.32
CA THR B 318 27.67 29.61 -48.42
C THR B 318 26.27 29.94 -47.94
N SER B 319 25.82 29.29 -46.86
CA SER B 319 24.54 29.62 -46.25
C SER B 319 24.61 30.97 -45.55
N VAL B 320 25.58 31.14 -44.64
CA VAL B 320 25.63 32.34 -43.82
C VAL B 320 26.05 33.56 -44.64
N LYS B 321 26.71 33.35 -45.77
CA LYS B 321 26.89 34.44 -46.72
C LYS B 321 25.58 34.83 -47.38
N SER B 322 24.73 33.86 -47.66
CA SER B 322 23.41 34.12 -48.21
C SER B 322 22.47 34.59 -47.09
N LYS B 323 21.29 35.05 -47.50
CA LYS B 323 20.32 35.52 -46.53
C LYS B 323 19.38 34.38 -46.13
N ILE B 324 18.88 34.49 -44.89
CA ILE B 324 18.23 33.42 -44.12
C ILE B 324 19.06 32.14 -44.17
N PRO B 325 20.20 32.05 -43.49
CA PRO B 325 20.82 30.72 -43.36
C PRO B 325 20.16 29.85 -42.30
N CYS B 326 19.92 30.42 -41.12
CA CYS B 326 19.40 29.72 -39.94
C CYS B 326 20.18 28.43 -39.64
N VAL B 327 21.49 28.58 -39.52
CA VAL B 327 22.35 27.40 -39.36
C VAL B 327 22.23 26.88 -37.93
N VAL B 328 21.92 25.59 -37.81
CA VAL B 328 21.80 24.93 -36.51
C VAL B 328 22.80 23.78 -36.46
N VAL B 329 23.53 23.69 -35.35
CA VAL B 329 24.47 22.60 -35.10
C VAL B 329 24.11 21.92 -33.79
N GLU B 330 24.69 20.76 -33.57
CA GLU B 330 24.52 20.05 -32.30
C GLU B 330 25.73 20.29 -31.40
N GLY B 331 25.81 19.55 -30.31
CA GLY B 331 26.98 19.58 -29.45
C GLY B 331 27.73 18.27 -29.49
N SER B 332 27.61 17.55 -30.61
CA SER B 332 28.34 16.31 -30.82
C SER B 332 28.61 16.13 -32.30
N GLY B 333 29.79 15.66 -32.64
CA GLY B 333 30.17 15.44 -34.02
C GLY B 333 31.66 15.65 -34.21
N GLN B 334 32.01 16.28 -35.34
CA GLN B 334 33.40 16.63 -35.63
C GLN B 334 33.59 18.14 -35.73
N ILE B 335 32.84 18.82 -36.60
CA ILE B 335 32.91 20.27 -36.72
C ILE B 335 31.82 20.94 -35.89
N ALA B 336 30.73 20.21 -35.59
CA ALA B 336 29.74 20.70 -34.65
C ALA B 336 30.34 20.93 -33.27
N ASP B 337 31.33 20.11 -32.89
CA ASP B 337 32.04 20.34 -31.65
C ASP B 337 32.94 21.57 -31.74
N VAL B 338 33.61 21.79 -32.87
CA VAL B 338 34.53 22.92 -32.94
C VAL B 338 33.81 24.24 -33.15
N ILE B 339 32.54 24.22 -33.54
CA ILE B 339 31.77 25.46 -33.65
C ILE B 339 31.01 25.66 -32.35
N ALA B 340 30.59 24.55 -31.74
CA ALA B 340 29.78 24.63 -30.52
C ALA B 340 30.61 25.09 -29.32
N SER B 341 31.90 24.77 -29.32
CA SER B 341 32.74 25.03 -28.15
C SER B 341 33.06 26.51 -28.01
N LEU B 342 33.32 27.21 -29.11
CA LEU B 342 33.81 28.57 -29.01
C LEU B 342 32.72 29.61 -28.87
N VAL B 343 31.47 29.27 -29.20
CA VAL B 343 30.39 30.23 -29.09
C VAL B 343 29.86 30.26 -27.66
N THR B 350 40.11 34.75 -32.73
CA THR B 350 41.07 34.94 -33.81
C THR B 350 41.60 33.61 -34.31
N SER B 351 42.77 33.64 -34.95
CA SER B 351 43.31 32.45 -35.62
C SER B 351 43.78 31.42 -34.61
N SER B 352 44.25 31.87 -33.45
CA SER B 352 44.90 30.98 -32.48
C SER B 352 43.90 30.02 -31.86
N MET B 353 42.73 30.53 -31.46
CA MET B 353 41.72 29.67 -30.84
C MET B 353 41.11 28.71 -31.87
N VAL B 354 41.04 29.12 -33.14
CA VAL B 354 40.59 28.22 -34.20
C VAL B 354 41.58 27.06 -34.36
N LYS B 355 42.88 27.37 -34.36
CA LYS B 355 43.92 26.34 -34.40
C LYS B 355 43.82 25.41 -33.19
N GLU B 356 43.60 26.00 -32.00
CA GLU B 356 43.58 25.22 -30.77
C GLU B 356 42.38 24.28 -30.71
N LYS B 357 41.21 24.73 -31.14
CA LYS B 357 40.06 23.84 -31.21
C LYS B 357 40.20 22.78 -32.31
N LEU B 358 40.75 23.16 -33.47
CA LEU B 358 40.82 22.22 -34.58
C LEU B 358 41.85 21.13 -34.33
N VAL B 359 42.87 21.42 -33.51
CA VAL B 359 43.80 20.35 -33.15
C VAL B 359 43.33 19.54 -31.95
N ARG B 360 42.41 20.06 -31.13
CA ARG B 360 42.00 19.33 -29.94
C ARG B 360 40.77 18.46 -30.18
N PHE B 361 39.93 18.77 -31.17
CA PHE B 361 38.75 17.95 -31.43
C PHE B 361 38.92 17.02 -32.61
N LEU B 362 39.83 17.31 -33.53
CA LEU B 362 40.17 16.43 -34.64
C LEU B 362 41.63 16.02 -34.50
N PRO B 363 41.91 14.93 -33.78
CA PRO B 363 43.30 14.51 -33.61
C PRO B 363 43.89 13.81 -34.82
N ARG B 364 43.09 13.08 -35.58
CA ARG B 364 43.60 12.24 -36.65
C ARG B 364 43.32 12.80 -38.05
N THR B 365 42.95 14.07 -38.16
CA THR B 365 42.79 14.69 -39.46
C THR B 365 43.87 15.71 -39.77
N VAL B 366 44.43 16.36 -38.75
CA VAL B 366 45.42 17.42 -38.92
C VAL B 366 46.70 16.89 -39.55
N SER B 367 47.05 15.62 -39.30
CA SER B 367 48.26 15.02 -39.84
C SER B 367 48.24 14.91 -41.36
N ARG B 368 47.05 14.85 -41.97
CA ARG B 368 46.93 14.70 -43.42
C ARG B 368 46.57 16.00 -44.12
N LEU B 369 46.93 17.14 -43.52
CA LEU B 369 46.50 18.43 -44.05
C LEU B 369 47.70 19.37 -44.19
N PRO B 370 47.87 20.04 -45.32
CA PRO B 370 48.83 21.14 -45.40
C PRO B 370 48.27 22.40 -44.75
N GLU B 371 49.18 23.21 -44.21
CA GLU B 371 48.75 24.40 -43.49
C GLU B 371 48.31 25.53 -44.42
N GLU B 372 48.65 25.44 -45.71
CA GLU B 372 48.24 26.44 -46.68
C GLU B 372 46.73 26.46 -46.91
N GLU B 373 46.04 25.37 -46.57
CA GLU B 373 44.58 25.36 -46.53
C GLU B 373 44.04 25.30 -45.11
N ILE B 374 44.87 25.01 -44.10
CA ILE B 374 44.43 25.17 -42.73
C ILE B 374 44.22 26.65 -42.40
N GLU B 375 45.09 27.52 -42.94
CA GLU B 375 44.84 28.95 -42.82
C GLU B 375 43.60 29.37 -43.62
N SER B 376 43.32 28.67 -44.73
CA SER B 376 42.08 28.90 -45.45
C SER B 376 40.87 28.51 -44.62
N TRP B 377 40.93 27.37 -43.92
CA TRP B 377 39.87 26.97 -42.98
C TRP B 377 39.70 27.97 -41.84
N ILE B 378 40.80 28.57 -41.38
CA ILE B 378 40.70 29.65 -40.40
C ILE B 378 39.93 30.81 -40.99
N LYS B 379 40.16 31.12 -42.27
CA LYS B 379 39.39 32.17 -42.93
C LYS B 379 37.92 31.76 -43.10
N TRP B 380 37.67 30.47 -43.37
CA TRP B 380 36.30 29.96 -43.47
C TRP B 380 35.55 30.15 -42.16
N LEU B 381 36.16 29.74 -41.04
CA LEU B 381 35.51 29.88 -39.73
C LEU B 381 35.41 31.32 -39.27
N LYS B 382 36.34 32.19 -39.69
CA LYS B 382 36.19 33.60 -39.37
C LYS B 382 35.06 34.23 -40.19
N GLU B 383 34.79 33.70 -41.38
CA GLU B 383 33.58 34.11 -42.08
C GLU B 383 32.32 33.48 -41.48
N ILE B 384 32.45 32.33 -40.82
CA ILE B 384 31.32 31.74 -40.10
C ILE B 384 30.90 32.64 -38.94
N LEU B 385 31.87 32.99 -38.08
CA LEU B 385 31.55 33.66 -36.83
C LEU B 385 31.31 35.15 -36.99
N GLU B 386 31.13 35.65 -38.20
CA GLU B 386 30.81 37.06 -38.39
C GLU B 386 29.40 37.36 -37.92
N SER B 387 28.44 36.53 -38.32
CA SER B 387 27.03 36.68 -37.96
C SER B 387 26.69 35.58 -36.97
N SER B 388 26.88 35.85 -35.68
CA SER B 388 26.53 34.89 -34.64
C SER B 388 25.06 34.89 -34.31
N HIS B 389 24.29 35.82 -34.88
CA HIS B 389 22.83 35.79 -34.69
C HIS B 389 22.17 34.83 -35.67
N LEU B 390 22.88 34.42 -36.71
CA LEU B 390 22.36 33.48 -37.70
C LEU B 390 22.78 32.05 -37.42
N LEU B 391 23.29 31.75 -36.24
CA LEU B 391 23.78 30.42 -35.91
C LEU B 391 23.30 30.05 -34.51
N THR B 392 22.93 28.78 -34.33
CA THR B 392 22.50 28.31 -33.02
C THR B 392 22.90 26.86 -32.83
N VAL B 393 22.80 26.41 -31.59
CA VAL B 393 23.40 25.15 -31.16
C VAL B 393 22.43 24.42 -30.22
N ILE B 394 22.46 23.09 -30.31
CA ILE B 394 21.78 22.21 -29.37
C ILE B 394 22.80 21.75 -28.34
N LYS B 395 22.48 21.90 -27.06
CA LYS B 395 23.44 21.71 -25.98
C LYS B 395 23.26 20.35 -25.32
N MET B 396 24.02 20.11 -24.25
CA MET B 396 24.04 18.83 -23.55
C MET B 396 23.04 18.76 -22.40
N GLU B 397 22.94 19.84 -21.63
CA GLU B 397 21.88 19.95 -20.63
C GLU B 397 20.50 19.93 -21.29
N GLU B 398 20.35 20.64 -22.41
CA GLU B 398 19.13 20.60 -23.20
C GLU B 398 19.11 19.26 -23.94
N ALA B 399 18.54 18.26 -23.25
CA ALA B 399 18.50 16.91 -23.82
C ALA B 399 17.17 16.22 -23.54
N GLY B 400 16.11 16.98 -23.25
CA GLY B 400 14.81 16.39 -23.00
C GLY B 400 14.05 16.09 -24.27
N ASP B 401 12.79 16.51 -24.34
CA ASP B 401 11.96 16.30 -25.50
C ASP B 401 11.59 17.64 -26.12
N GLU B 402 11.38 17.63 -27.44
CA GLU B 402 11.09 18.81 -28.27
C GLU B 402 12.19 19.87 -28.14
N ILE B 403 13.44 19.41 -28.18
CA ILE B 403 14.55 20.33 -28.23
C ILE B 403 14.85 20.76 -29.66
N VAL B 404 14.46 19.96 -30.65
CA VAL B 404 14.68 20.31 -32.04
C VAL B 404 13.74 21.42 -32.46
N SER B 405 12.50 21.39 -31.97
CA SER B 405 11.58 22.50 -32.21
C SER B 405 12.05 23.76 -31.50
N ASN B 406 12.56 23.62 -30.28
CA ASN B 406 13.08 24.76 -29.53
C ASN B 406 14.34 25.33 -30.17
N ALA B 407 15.03 24.55 -30.99
CA ALA B 407 16.16 25.09 -31.73
C ALA B 407 15.72 25.76 -33.03
N ILE B 408 14.90 25.06 -33.83
CA ILE B 408 14.52 25.55 -35.15
C ILE B 408 13.68 26.82 -35.04
N SER B 409 12.70 26.82 -34.14
CA SER B 409 11.85 27.98 -33.97
C SER B 409 12.61 29.18 -33.43
N TYR B 410 13.56 28.95 -32.53
CA TYR B 410 14.35 30.06 -31.99
C TYR B 410 15.29 30.62 -33.04
N ALA B 411 15.84 29.76 -33.90
CA ALA B 411 16.68 30.23 -34.99
C ALA B 411 15.88 31.04 -36.00
N LEU B 412 14.67 30.57 -36.34
CA LEU B 412 13.82 31.31 -37.25
C LEU B 412 13.35 32.62 -36.65
N TYR B 413 13.16 32.67 -35.34
CA TYR B 413 12.74 33.93 -34.72
C TYR B 413 13.90 34.91 -34.65
N LYS B 414 15.12 34.43 -34.41
CA LYS B 414 16.28 35.30 -34.48
C LYS B 414 16.51 35.83 -35.89
N ALA B 415 16.22 35.03 -36.91
CA ALA B 415 16.33 35.52 -38.28
C ALA B 415 15.20 36.49 -38.62
N PHE B 416 14.03 36.30 -38.04
CA PHE B 416 12.90 37.17 -38.38
C PHE B 416 12.97 38.49 -37.63
N SER B 417 13.58 38.51 -36.46
CA SER B 417 13.60 39.71 -35.64
C SER B 417 14.67 40.69 -36.09
N THR B 418 15.81 40.19 -36.58
CA THR B 418 16.97 41.02 -36.89
C THR B 418 17.03 41.43 -38.35
N ASN B 419 15.88 41.59 -39.02
CA ASN B 419 15.89 42.04 -40.40
C ASN B 419 15.85 43.55 -40.54
N GLU B 420 15.59 44.27 -39.43
CA GLU B 420 15.48 45.73 -39.35
C GLU B 420 14.46 46.31 -40.32
N GLN B 421 13.45 45.52 -40.68
CA GLN B 421 12.30 45.98 -41.44
C GLN B 421 10.98 45.59 -40.78
N ASP B 422 10.96 44.43 -40.13
CA ASP B 422 9.77 43.87 -39.52
C ASP B 422 9.84 43.86 -37.99
N LYS B 423 10.67 44.74 -37.40
CA LYS B 423 10.69 44.87 -35.95
C LYS B 423 9.41 45.51 -35.44
N ASP B 424 8.70 46.26 -36.29
CA ASP B 424 7.35 46.70 -35.99
C ASP B 424 6.31 45.63 -36.26
N ASN B 425 6.69 44.51 -36.88
CA ASN B 425 5.73 43.47 -37.23
C ASN B 425 5.65 42.45 -36.08
N TRP B 426 4.97 42.88 -35.02
CA TRP B 426 4.72 41.99 -33.89
C TRP B 426 3.71 40.91 -34.24
N ASN B 427 2.82 41.15 -35.20
CA ASN B 427 1.88 40.13 -35.63
C ASN B 427 2.58 38.96 -36.30
N GLY B 428 3.58 39.24 -37.14
CA GLY B 428 4.32 38.18 -37.79
C GLY B 428 5.14 37.37 -36.80
N GLN B 429 5.73 38.04 -35.82
CA GLN B 429 6.47 37.35 -34.76
C GLN B 429 5.53 36.49 -33.93
N LEU B 430 4.33 36.99 -33.64
CA LEU B 430 3.39 36.24 -32.82
C LEU B 430 2.83 35.05 -33.57
N LYS B 431 2.55 35.19 -34.87
CA LYS B 431 2.08 34.06 -35.65
C LYS B 431 3.17 33.03 -35.85
N LEU B 432 4.44 33.48 -35.96
CA LEU B 432 5.54 32.53 -36.06
C LEU B 432 5.73 31.78 -34.76
N LEU B 433 5.59 32.46 -33.63
CA LEU B 433 5.70 31.77 -32.35
C LEU B 433 4.44 31.00 -31.98
N LEU B 434 3.34 31.20 -32.71
CA LEU B 434 2.14 30.38 -32.55
C LEU B 434 2.20 29.11 -33.37
N GLU B 435 2.76 29.19 -34.59
CA GLU B 435 2.88 28.00 -35.42
C GLU B 435 3.82 26.96 -34.80
N TRP B 436 4.80 27.42 -34.05
CA TRP B 436 5.59 26.59 -33.17
C TRP B 436 5.04 26.72 -31.76
N ASN B 437 5.56 25.93 -30.82
CA ASN B 437 5.01 25.95 -29.47
C ASN B 437 5.82 26.83 -28.51
N GLN B 438 6.34 27.95 -28.98
CA GLN B 438 7.17 28.80 -28.14
C GLN B 438 6.29 29.68 -27.29
N LEU B 439 5.90 29.17 -26.12
CA LEU B 439 5.14 30.00 -25.19
C LEU B 439 6.06 30.95 -24.43
N ASP B 440 7.17 30.41 -23.91
CA ASP B 440 8.01 31.18 -23.00
C ASP B 440 8.71 32.33 -23.71
N LEU B 441 9.07 32.13 -24.98
CA LEU B 441 9.71 33.17 -25.76
C LEU B 441 8.74 34.30 -26.06
N ALA B 442 7.48 33.96 -26.38
CA ALA B 442 6.47 34.97 -26.62
C ALA B 442 6.08 35.69 -25.34
N SER B 443 6.20 35.02 -24.20
CA SER B 443 5.93 35.69 -22.93
C SER B 443 7.08 36.61 -22.57
N ASP B 444 8.31 36.24 -22.92
CA ASP B 444 9.45 37.03 -22.48
C ASP B 444 9.73 38.22 -23.39
N GLU B 445 9.51 38.11 -24.70
CA GLU B 445 9.88 39.26 -25.54
C GLU B 445 8.83 39.57 -26.61
N ILE B 446 7.55 39.43 -26.25
CA ILE B 446 6.46 40.12 -26.96
C ILE B 446 5.60 40.91 -25.99
N PHE B 447 5.14 40.27 -24.93
CA PHE B 447 4.21 40.86 -23.98
C PHE B 447 4.90 41.44 -22.76
N THR B 448 6.10 42.02 -22.90
CA THR B 448 6.85 42.44 -21.73
C THR B 448 6.83 43.94 -21.53
N ASN B 449 7.09 44.70 -22.59
CA ASN B 449 7.38 46.13 -22.50
C ASN B 449 6.16 46.96 -22.13
N ASP B 450 4.95 46.41 -22.29
CA ASP B 450 3.67 47.14 -22.19
C ASP B 450 3.65 48.33 -23.15
N ARG B 451 4.27 48.16 -24.30
CA ARG B 451 4.49 49.25 -25.24
C ARG B 451 3.37 49.40 -26.26
N ARG B 452 2.86 48.29 -26.81
CA ARG B 452 1.77 48.40 -27.78
C ARG B 452 0.80 47.21 -27.70
N TRP B 453 -0.26 47.36 -26.92
CA TRP B 453 -1.31 46.35 -26.84
C TRP B 453 -2.62 46.98 -27.24
N GLU B 454 -3.34 46.32 -28.15
CA GLU B 454 -4.60 46.83 -28.68
C GLU B 454 -5.81 46.08 -28.13
N SER B 455 -5.63 44.83 -27.72
CA SER B 455 -6.57 43.95 -27.03
C SER B 455 -7.78 43.53 -27.88
N ALA B 456 -7.91 44.02 -29.12
CA ALA B 456 -8.91 43.52 -30.04
C ALA B 456 -8.32 42.98 -31.33
N ASP B 457 -7.02 43.20 -31.56
CA ASP B 457 -6.31 42.68 -32.72
C ASP B 457 -5.91 41.23 -32.52
N LEU B 458 -6.25 40.65 -31.38
CA LEU B 458 -5.85 39.29 -31.03
C LEU B 458 -6.87 38.24 -31.43
N GLN B 459 -7.62 38.44 -32.52
CA GLN B 459 -8.76 37.59 -32.81
C GLN B 459 -8.46 36.46 -33.79
N GLU B 460 -7.74 36.74 -34.88
CA GLU B 460 -7.40 35.68 -35.83
C GLU B 460 -6.40 34.71 -35.21
N VAL B 461 -5.47 35.24 -34.41
CA VAL B 461 -4.55 34.38 -33.69
C VAL B 461 -5.28 33.58 -32.62
N MET B 462 -6.37 34.12 -32.07
CA MET B 462 -7.23 33.37 -31.15
C MET B 462 -7.92 32.21 -31.86
N PHE B 463 -8.49 32.49 -33.03
CA PHE B 463 -9.16 31.45 -33.82
C PHE B 463 -8.18 30.36 -34.23
N THR B 464 -6.94 30.74 -34.54
CA THR B 464 -5.94 29.75 -34.93
C THR B 464 -5.51 28.92 -33.73
N ALA B 465 -5.38 29.56 -32.55
CA ALA B 465 -5.01 28.82 -31.35
C ALA B 465 -6.13 27.90 -30.89
N LEU B 466 -7.38 28.25 -31.21
CA LEU B 466 -8.48 27.33 -30.93
C LEU B 466 -8.46 26.14 -31.88
N ILE B 467 -8.33 26.38 -33.19
CA ILE B 467 -8.45 25.28 -34.14
C ILE B 467 -7.20 24.43 -34.26
N LYS B 468 -6.08 24.84 -33.66
CA LYS B 468 -4.85 24.06 -33.74
C LYS B 468 -4.37 23.55 -32.40
N ASP B 469 -5.24 23.58 -31.37
CA ASP B 469 -4.99 23.01 -30.04
C ASP B 469 -3.76 23.64 -29.38
N ARG B 470 -3.89 24.93 -29.10
CA ARG B 470 -2.86 25.72 -28.42
C ARG B 470 -3.44 26.26 -27.12
N PRO B 471 -3.50 25.43 -26.07
CA PRO B 471 -4.15 25.88 -24.83
C PRO B 471 -3.33 26.89 -24.04
N LYS B 472 -2.01 26.79 -24.13
CA LYS B 472 -1.16 27.71 -23.39
C LYS B 472 -1.18 29.09 -24.01
N PHE B 473 -1.36 29.19 -25.33
CA PHE B 473 -1.42 30.51 -25.96
C PHE B 473 -2.75 31.20 -25.71
N VAL B 474 -3.86 30.45 -25.69
CA VAL B 474 -5.13 31.09 -25.34
C VAL B 474 -5.16 31.44 -23.86
N ARG B 475 -4.46 30.66 -23.01
CA ARG B 475 -4.28 31.07 -21.63
C ARG B 475 -3.50 32.38 -21.53
N LEU B 476 -2.45 32.53 -22.34
CA LEU B 476 -1.68 33.78 -22.36
C LEU B 476 -2.50 34.95 -22.90
N PHE B 477 -3.36 34.69 -23.89
CA PHE B 477 -4.16 35.75 -24.49
C PHE B 477 -5.23 36.24 -23.51
N LEU B 478 -5.82 35.34 -22.73
CA LEU B 478 -6.79 35.76 -21.73
C LEU B 478 -6.10 36.36 -20.52
N GLU B 479 -4.86 35.93 -20.26
CA GLU B 479 -4.03 36.56 -19.25
C GLU B 479 -3.71 38.01 -19.61
N ASN B 480 -3.59 38.30 -20.90
CA ASN B 480 -3.34 39.66 -21.35
C ASN B 480 -4.59 40.37 -21.84
N GLY B 481 -5.73 39.66 -21.94
CA GLY B 481 -6.99 40.35 -22.13
C GLY B 481 -7.70 40.14 -23.45
N LEU B 482 -8.79 39.38 -23.42
CA LEU B 482 -9.71 39.28 -24.54
C LEU B 482 -11.07 38.83 -24.00
N ASN B 483 -12.13 39.44 -24.50
CA ASN B 483 -13.49 39.09 -24.10
C ASN B 483 -14.00 37.98 -25.01
N LEU B 484 -14.39 36.85 -24.42
CA LEU B 484 -14.87 35.72 -25.21
C LEU B 484 -16.21 36.01 -25.85
N GLN B 485 -17.15 36.55 -25.08
CA GLN B 485 -18.51 36.76 -25.58
C GLN B 485 -18.56 37.83 -26.65
N LYS B 486 -17.64 38.80 -26.60
CA LYS B 486 -17.46 39.70 -27.73
C LYS B 486 -16.86 38.98 -28.92
N PHE B 487 -15.90 38.09 -28.67
CA PHE B 487 -15.26 37.36 -29.75
C PHE B 487 -16.17 36.30 -30.37
N LEU B 488 -16.86 35.53 -29.53
CA LEU B 488 -17.51 34.32 -29.98
C LEU B 488 -18.90 34.63 -30.51
N THR B 489 -18.99 34.90 -31.81
CA THR B 489 -20.24 35.22 -32.46
C THR B 489 -20.76 33.95 -33.14
N ASN B 490 -21.93 34.07 -33.78
CA ASN B 490 -22.54 32.91 -34.41
C ASN B 490 -21.77 32.45 -35.64
N GLU B 491 -21.06 33.37 -36.31
CA GLU B 491 -20.25 32.97 -37.45
C GLU B 491 -19.06 32.12 -37.02
N VAL B 492 -18.46 32.46 -35.88
CA VAL B 492 -17.38 31.66 -35.32
C VAL B 492 -17.88 30.27 -34.96
N LEU B 493 -19.05 30.19 -34.32
CA LEU B 493 -19.59 28.90 -33.91
C LEU B 493 -20.02 28.05 -35.09
N THR B 494 -20.53 28.66 -36.16
CA THR B 494 -20.82 27.87 -37.34
C THR B 494 -19.56 27.42 -38.06
N GLU B 495 -18.49 28.22 -38.02
CA GLU B 495 -17.23 27.75 -38.59
C GLU B 495 -16.60 26.64 -37.77
N LEU B 496 -16.83 26.64 -36.45
CA LEU B 496 -16.32 25.57 -35.62
C LEU B 496 -17.12 24.29 -35.79
N PHE B 497 -18.45 24.36 -35.64
CA PHE B 497 -19.28 23.16 -35.73
C PHE B 497 -19.49 22.69 -37.16
N SER B 498 -19.18 23.50 -38.17
CA SER B 498 -19.39 23.10 -39.55
C SER B 498 -18.13 22.56 -40.20
N THR B 499 -17.03 23.31 -40.10
CA THR B 499 -15.78 22.95 -40.73
C THR B 499 -14.81 22.26 -39.77
N HIS B 500 -14.58 22.86 -38.61
CA HIS B 500 -13.61 22.37 -37.65
C HIS B 500 -14.15 21.28 -36.74
N PHE B 501 -15.35 20.80 -37.01
CA PHE B 501 -15.94 19.70 -36.26
C PHE B 501 -15.68 18.40 -37.01
N SER B 502 -15.26 17.38 -36.27
CA SER B 502 -14.84 16.14 -36.89
C SER B 502 -16.04 15.36 -37.43
N THR B 503 -15.75 14.39 -38.29
CA THR B 503 -16.80 13.61 -38.92
C THR B 503 -16.96 12.22 -38.35
N LEU B 504 -15.95 11.70 -37.64
CA LEU B 504 -16.14 10.47 -36.89
C LEU B 504 -16.84 10.74 -35.57
N VAL B 505 -16.56 11.91 -34.98
CA VAL B 505 -17.24 12.35 -33.78
C VAL B 505 -18.73 12.54 -34.06
N TYR B 506 -19.06 13.05 -35.24
CA TYR B 506 -20.47 13.22 -35.60
C TYR B 506 -21.17 11.88 -35.80
N ARG B 507 -20.47 10.89 -36.32
CA ARG B 507 -21.05 9.56 -36.47
C ARG B 507 -21.27 8.90 -35.11
N ASN B 508 -20.31 9.08 -34.18
CA ASN B 508 -20.53 8.58 -32.83
C ASN B 508 -21.66 9.32 -32.13
N LEU B 509 -21.85 10.60 -32.46
CA LEU B 509 -22.96 11.35 -31.90
C LEU B 509 -24.29 10.86 -32.47
N GLN B 510 -24.30 10.47 -33.75
CA GLN B 510 -25.49 9.86 -34.33
C GLN B 510 -25.83 8.54 -33.66
N ILE B 511 -24.83 7.68 -33.45
CA ILE B 511 -25.07 6.38 -32.81
C ILE B 511 -25.51 6.57 -31.36
N ALA B 512 -24.95 7.57 -30.68
CA ALA B 512 -25.37 7.85 -29.31
C ALA B 512 -26.77 8.44 -29.25
N LYS B 513 -27.18 9.22 -30.25
CA LYS B 513 -28.54 9.74 -30.24
C LYS B 513 -29.54 8.67 -30.65
N ASN B 514 -29.10 7.68 -31.43
CA ASN B 514 -30.02 6.63 -31.85
C ASN B 514 -30.20 5.57 -30.77
N SER B 515 -29.13 5.21 -30.07
CA SER B 515 -29.20 4.06 -29.17
C SER B 515 -29.21 4.44 -27.69
N TYR B 516 -28.62 5.57 -27.31
CA TYR B 516 -28.58 5.98 -25.91
C TYR B 516 -29.14 7.40 -25.83
N ASN B 517 -30.45 7.54 -25.88
CA ASN B 517 -31.02 8.87 -25.97
C ASN B 517 -31.39 9.34 -24.57
N ASP B 518 -31.40 10.66 -24.40
CA ASP B 518 -31.56 11.27 -23.10
C ASP B 518 -32.01 12.70 -23.32
N ALA B 519 -32.27 13.42 -22.22
CA ALA B 519 -32.70 14.81 -22.35
C ALA B 519 -31.56 15.71 -22.78
N LEU B 520 -30.39 15.56 -22.14
CA LEU B 520 -29.28 16.46 -22.43
C LEU B 520 -28.69 16.14 -23.80
N LEU B 521 -28.72 14.88 -24.22
CA LEU B 521 -28.22 14.59 -25.55
C LEU B 521 -29.19 15.00 -26.65
N THR B 522 -30.49 14.98 -26.38
CA THR B 522 -31.43 15.58 -27.32
C THR B 522 -31.19 17.08 -27.41
N PHE B 523 -30.88 17.72 -26.29
CA PHE B 523 -30.59 19.15 -26.31
C PHE B 523 -29.32 19.47 -27.08
N VAL B 524 -28.26 18.68 -26.88
CA VAL B 524 -27.03 18.98 -27.61
C VAL B 524 -27.12 18.54 -29.06
N TRP B 525 -27.97 17.57 -29.40
CA TRP B 525 -28.23 17.27 -30.80
C TRP B 525 -28.99 18.40 -31.47
N LYS B 526 -29.90 19.04 -30.74
CA LYS B 526 -30.60 20.20 -31.29
C LYS B 526 -29.67 21.38 -31.48
N LEU B 527 -28.75 21.61 -30.55
CA LEU B 527 -27.86 22.76 -30.74
C LEU B 527 -26.78 22.47 -31.79
N VAL B 528 -26.33 21.22 -31.93
CA VAL B 528 -25.37 20.94 -32.99
C VAL B 528 -26.08 20.91 -34.34
N ALA B 529 -27.39 20.65 -34.36
CA ALA B 529 -28.14 20.81 -35.60
C ALA B 529 -28.38 22.29 -35.89
N ASN B 530 -28.44 23.12 -34.85
CA ASN B 530 -28.54 24.55 -35.03
C ASN B 530 -27.28 25.12 -35.67
N PHE B 531 -26.11 24.79 -35.13
CA PHE B 531 -24.90 25.46 -35.59
C PHE B 531 -24.28 24.84 -36.83
N ARG B 532 -24.74 23.67 -37.28
CA ARG B 532 -24.25 23.16 -38.56
C ARG B 532 -25.06 23.67 -39.75
N ARG B 533 -26.00 24.58 -39.54
CA ARG B 533 -26.75 25.20 -40.63
C ARG B 533 -26.73 26.73 -40.49
N ARG B 558 -26.48 34.40 -25.53
CA ARG B 558 -27.19 33.14 -25.71
C ARG B 558 -26.24 32.01 -25.30
N HIS B 559 -25.59 32.21 -24.13
CA HIS B 559 -24.64 31.30 -23.51
C HIS B 559 -23.54 30.82 -24.45
N PRO B 560 -22.60 31.69 -24.85
CA PRO B 560 -21.64 31.27 -25.89
C PRO B 560 -20.53 30.37 -25.37
N LEU B 561 -20.05 30.66 -24.14
CA LEU B 561 -18.94 29.92 -23.55
C LEU B 561 -19.34 28.48 -23.29
N GLN B 562 -20.62 28.26 -22.99
CA GLN B 562 -21.13 26.91 -22.75
C GLN B 562 -21.14 26.10 -24.03
N ALA B 563 -21.48 26.72 -25.15
CA ALA B 563 -21.47 26.01 -26.43
C ALA B 563 -20.05 25.73 -26.89
N LEU B 564 -19.14 26.69 -26.70
CA LEU B 564 -17.72 26.43 -27.01
C LEU B 564 -17.15 25.36 -26.12
N PHE B 565 -17.60 25.31 -24.86
CA PHE B 565 -17.18 24.27 -23.94
C PHE B 565 -17.69 22.91 -24.37
N ILE B 566 -18.90 22.85 -24.91
CA ILE B 566 -19.45 21.60 -25.45
C ILE B 566 -18.66 21.15 -26.68
N TRP B 567 -18.32 22.10 -27.55
CA TRP B 567 -17.49 21.80 -28.72
C TRP B 567 -16.14 21.25 -28.33
N ALA B 568 -15.47 21.91 -27.37
CA ALA B 568 -14.17 21.45 -26.92
C ALA B 568 -14.26 20.16 -26.15
N ILE B 569 -15.39 19.88 -25.51
CA ILE B 569 -15.44 18.73 -24.62
C ILE B 569 -15.88 17.46 -25.34
N LEU B 570 -16.65 17.63 -26.40
CA LEU B 570 -17.06 16.53 -27.27
C LEU B 570 -15.85 16.00 -28.07
N GLN B 571 -15.00 16.92 -28.53
CA GLN B 571 -13.84 16.59 -29.35
C GLN B 571 -12.78 15.84 -28.55
N ASN B 572 -12.98 15.68 -27.25
CA ASN B 572 -11.99 15.18 -26.29
C ASN B 572 -10.69 15.96 -26.37
N LYS B 573 -10.81 17.28 -26.18
CA LYS B 573 -9.63 18.12 -26.26
C LYS B 573 -8.86 18.15 -24.94
N LYS B 574 -9.56 18.13 -23.81
CA LYS B 574 -9.06 17.77 -22.49
C LYS B 574 -8.15 18.84 -21.88
N GLU B 575 -7.71 19.83 -22.66
CA GLU B 575 -6.85 20.87 -22.11
C GLU B 575 -7.28 22.27 -22.50
N LEU B 576 -7.92 22.46 -23.64
CA LEU B 576 -8.60 23.72 -23.93
C LEU B 576 -9.86 23.84 -23.10
N SER B 577 -10.46 22.68 -22.77
CA SER B 577 -11.69 22.64 -21.99
C SER B 577 -11.47 23.18 -20.59
N LYS B 578 -10.32 22.90 -19.98
CA LYS B 578 -10.04 23.42 -18.66
C LYS B 578 -9.84 24.92 -18.70
N VAL B 579 -9.22 25.42 -19.77
CA VAL B 579 -8.95 26.85 -19.90
C VAL B 579 -10.25 27.63 -20.08
N ILE B 580 -11.18 27.09 -20.86
CA ILE B 580 -12.45 27.80 -20.95
C ILE B 580 -13.30 27.58 -19.69
N TRP B 581 -13.19 26.42 -19.04
CA TRP B 581 -13.95 26.14 -17.82
C TRP B 581 -13.56 27.08 -16.69
N GLU B 582 -12.30 27.48 -16.62
CA GLU B 582 -11.89 28.44 -15.60
C GLU B 582 -12.48 29.84 -15.80
N GLN B 583 -13.04 30.13 -16.98
CA GLN B 583 -13.57 31.45 -17.28
C GLN B 583 -15.09 31.54 -17.13
N THR B 584 -15.76 30.41 -16.94
CA THR B 584 -17.21 30.34 -16.96
C THR B 584 -17.76 30.84 -15.62
N LYS B 585 -19.06 31.11 -15.57
CA LYS B 585 -19.74 31.50 -14.34
C LYS B 585 -20.36 30.30 -13.62
N GLY B 586 -21.29 29.60 -14.29
CA GLY B 586 -21.90 28.43 -13.71
C GLY B 586 -20.99 27.23 -13.84
N CYS B 587 -19.96 27.16 -13.01
CA CYS B 587 -18.90 26.18 -13.20
C CYS B 587 -19.29 24.78 -12.78
N THR B 588 -20.03 24.64 -11.67
CA THR B 588 -20.48 23.33 -11.24
C THR B 588 -21.49 22.74 -12.21
N LEU B 589 -22.37 23.57 -12.76
CA LEU B 589 -23.33 23.09 -13.74
C LEU B 589 -22.61 22.64 -15.01
N ALA B 590 -21.57 23.38 -15.39
CA ALA B 590 -20.79 23.04 -16.57
C ALA B 590 -20.06 21.72 -16.38
N ALA B 591 -19.48 21.51 -15.20
CA ALA B 591 -18.77 20.27 -14.93
C ALA B 591 -19.72 19.08 -14.89
N LEU B 592 -20.91 19.25 -14.32
CA LEU B 592 -21.83 18.13 -14.26
C LEU B 592 -22.44 17.81 -15.62
N GLY B 593 -22.73 18.83 -16.42
CA GLY B 593 -23.25 18.58 -17.75
C GLY B 593 -22.22 17.95 -18.66
N ALA B 594 -20.96 18.36 -18.53
CA ALA B 594 -19.90 17.74 -19.32
C ALA B 594 -19.68 16.30 -18.90
N SER B 595 -19.76 16.01 -17.60
CA SER B 595 -19.60 14.64 -17.14
C SER B 595 -20.74 13.76 -17.63
N LYS B 596 -21.95 14.31 -17.72
CA LYS B 596 -23.09 13.56 -18.23
C LYS B 596 -22.94 13.24 -19.71
N LEU B 597 -22.57 14.26 -20.51
CA LEU B 597 -22.35 14.07 -21.96
C LEU B 597 -21.27 13.05 -22.24
N LEU B 598 -20.17 13.11 -21.48
CA LEU B 598 -19.08 12.18 -21.75
C LEU B 598 -19.37 10.78 -21.25
N LYS B 599 -20.11 10.62 -20.14
CA LYS B 599 -20.50 9.27 -19.73
C LYS B 599 -21.52 8.68 -20.68
N THR B 600 -22.28 9.50 -21.39
CA THR B 600 -23.16 8.93 -22.42
C THR B 600 -22.38 8.56 -23.67
N LEU B 601 -21.43 9.41 -24.09
CA LEU B 601 -20.64 9.10 -25.28
C LEU B 601 -19.63 7.99 -25.05
N ALA B 602 -19.33 7.63 -23.80
CA ALA B 602 -18.43 6.52 -23.54
C ALA B 602 -19.09 5.15 -23.66
N LYS B 603 -20.34 5.08 -24.10
CA LYS B 603 -21.03 3.82 -24.24
C LYS B 603 -21.14 3.35 -25.68
N VAL B 604 -20.70 4.14 -26.65
CA VAL B 604 -20.81 3.76 -28.05
C VAL B 604 -19.75 2.73 -28.37
N LYS B 605 -20.17 1.58 -28.91
CA LYS B 605 -19.30 0.41 -28.97
C LYS B 605 -18.24 0.47 -30.05
N ASN B 606 -18.47 1.15 -31.17
CA ASN B 606 -17.38 1.25 -32.12
C ASN B 606 -16.45 2.40 -31.74
N ASP B 607 -15.18 2.26 -32.14
CA ASP B 607 -14.08 3.15 -31.77
C ASP B 607 -13.95 3.24 -30.24
N ILE B 608 -13.55 2.10 -29.66
CA ILE B 608 -13.47 1.98 -28.21
C ILE B 608 -12.39 2.86 -27.60
N ASN B 609 -11.41 3.32 -28.39
CA ASN B 609 -10.36 4.17 -27.86
C ASN B 609 -10.91 5.55 -27.49
N ALA B 610 -11.74 6.12 -28.38
CA ALA B 610 -12.40 7.38 -28.10
C ALA B 610 -13.36 7.26 -26.93
N ALA B 611 -14.00 6.09 -26.79
CA ALA B 611 -14.84 5.82 -25.62
C ALA B 611 -14.02 5.80 -24.35
N GLY B 612 -12.79 5.27 -24.44
CA GLY B 612 -11.92 5.26 -23.26
C GLY B 612 -11.47 6.65 -22.84
N GLU B 613 -11.09 7.49 -23.81
CA GLU B 613 -10.68 8.84 -23.46
C GLU B 613 -11.86 9.67 -22.95
N SER B 614 -13.05 9.49 -23.54
CA SER B 614 -14.21 10.22 -23.06
C SER B 614 -14.62 9.75 -21.67
N GLU B 615 -14.43 8.47 -21.37
CA GLU B 615 -14.67 7.99 -20.01
C GLU B 615 -13.72 8.61 -19.01
N GLU B 616 -12.43 8.71 -19.37
CA GLU B 616 -11.45 9.30 -18.45
C GLU B 616 -11.73 10.78 -18.23
N LEU B 617 -12.11 11.50 -19.28
CA LEU B 617 -12.42 12.92 -19.14
C LEU B 617 -13.71 13.14 -18.36
N ALA B 618 -14.67 12.21 -18.48
CA ALA B 618 -15.87 12.23 -17.65
C ALA B 618 -15.55 12.09 -16.18
N ASN B 619 -14.68 11.12 -15.85
CA ASN B 619 -14.30 10.94 -14.45
C ASN B 619 -13.55 12.15 -13.91
N GLU B 620 -12.75 12.79 -14.76
CA GLU B 620 -12.02 13.98 -14.32
C GLU B 620 -12.95 15.14 -14.02
N TYR B 621 -13.95 15.38 -14.87
CA TYR B 621 -14.85 16.49 -14.55
C TYR B 621 -15.84 16.20 -13.44
N GLU B 622 -16.23 14.94 -13.22
CA GLU B 622 -17.09 14.72 -12.06
C GLU B 622 -16.30 14.83 -10.76
N THR B 623 -15.03 14.44 -10.78
CA THR B 623 -14.14 14.72 -9.65
C THR B 623 -13.99 16.22 -9.43
N ARG B 624 -13.90 16.98 -10.52
CA ARG B 624 -13.75 18.43 -10.42
C ARG B 624 -14.98 19.09 -9.81
N ALA B 625 -16.18 18.63 -10.21
CA ALA B 625 -17.41 19.18 -9.66
C ALA B 625 -17.56 18.87 -8.17
N VAL B 626 -17.22 17.65 -7.76
CA VAL B 626 -17.30 17.27 -6.35
C VAL B 626 -16.32 18.10 -5.52
N GLU B 627 -15.08 18.21 -6.00
CA GLU B 627 -14.06 18.93 -5.24
C GLU B 627 -14.29 20.43 -5.22
N LEU B 628 -15.01 20.99 -6.18
CA LEU B 628 -15.35 22.40 -6.08
C LEU B 628 -16.50 22.63 -5.12
N PHE B 629 -17.52 21.76 -5.18
CA PHE B 629 -18.68 22.01 -4.33
C PHE B 629 -18.37 21.72 -2.87
N THR B 630 -17.42 20.82 -2.58
CA THR B 630 -17.08 20.62 -1.17
C THR B 630 -16.39 21.83 -0.58
N GLU B 631 -15.65 22.60 -1.38
CA GLU B 631 -15.09 23.86 -0.91
C GLU B 631 -16.16 24.92 -0.73
N CYS B 632 -17.05 25.04 -1.74
CA CYS B 632 -18.17 25.97 -1.66
C CYS B 632 -19.09 25.68 -0.48
N TYR B 633 -19.18 24.43 -0.04
CA TYR B 633 -19.97 24.11 1.15
C TYR B 633 -19.17 24.33 2.42
N SER B 634 -17.88 23.98 2.41
CA SER B 634 -17.06 24.10 3.60
C SER B 634 -16.70 25.52 3.96
N ASN B 635 -16.92 26.49 3.09
CA ASN B 635 -16.84 27.89 3.51
C ASN B 635 -18.18 28.42 4.01
N ASP B 636 -19.23 28.26 3.22
CA ASP B 636 -20.55 28.75 3.59
C ASP B 636 -21.57 27.68 3.27
N GLU B 637 -22.55 27.49 4.17
CA GLU B 637 -23.59 26.51 3.89
C GLU B 637 -24.73 27.13 3.10
N ASP B 638 -25.12 28.35 3.46
CA ASP B 638 -26.32 28.96 2.90
C ASP B 638 -26.15 29.29 1.42
N LEU B 639 -25.00 29.85 1.04
CA LEU B 639 -24.82 30.18 -0.37
C LEU B 639 -24.52 28.94 -1.21
N ALA B 640 -23.98 27.87 -0.61
CA ALA B 640 -23.86 26.62 -1.34
C ALA B 640 -25.23 26.03 -1.64
N GLU B 641 -26.14 26.09 -0.67
CA GLU B 641 -27.50 25.65 -0.93
C GLU B 641 -28.25 26.61 -1.84
N GLN B 642 -27.79 27.87 -1.94
CA GLN B 642 -28.27 28.75 -2.99
C GLN B 642 -27.78 28.29 -4.36
N LEU B 643 -26.54 27.79 -4.42
CA LEU B 643 -25.98 27.32 -5.70
C LEU B 643 -26.71 26.11 -6.23
N LEU B 644 -27.09 25.18 -5.34
CA LEU B 644 -27.67 23.91 -5.77
C LEU B 644 -28.96 24.01 -6.56
N VAL B 645 -29.68 25.13 -6.51
CA VAL B 645 -31.06 25.14 -6.98
C VAL B 645 -31.26 26.00 -8.23
N TYR B 646 -30.19 26.41 -8.89
CA TYR B 646 -30.32 27.36 -9.99
C TYR B 646 -30.15 26.67 -11.34
N SER B 647 -30.92 27.14 -12.33
CA SER B 647 -30.98 26.50 -13.63
C SER B 647 -30.18 27.21 -14.72
N CYS B 648 -29.52 28.33 -14.37
CA CYS B 648 -28.59 29.08 -15.24
C CYS B 648 -29.26 29.60 -16.51
N GLU B 649 -30.57 29.89 -16.41
CA GLU B 649 -31.38 30.49 -17.47
C GLU B 649 -31.35 29.63 -18.74
N ALA B 650 -31.74 28.37 -18.57
CA ALA B 650 -31.70 27.31 -19.57
C ALA B 650 -30.27 27.07 -20.09
N TRP B 651 -29.42 26.61 -19.15
CA TRP B 651 -28.14 26.03 -19.52
C TRP B 651 -28.33 24.86 -20.47
N GLY B 652 -28.97 23.80 -19.98
CA GLY B 652 -29.43 22.68 -20.76
C GLY B 652 -30.89 22.46 -20.43
N GLY B 653 -31.46 23.42 -19.72
CA GLY B 653 -32.85 23.34 -19.32
C GLY B 653 -33.07 22.63 -18.01
N SER B 654 -32.05 22.57 -17.15
CA SER B 654 -32.17 21.80 -15.92
C SER B 654 -31.29 22.43 -14.86
N ASN B 655 -31.11 21.71 -13.76
CA ASN B 655 -30.56 22.24 -12.51
C ASN B 655 -29.29 21.47 -12.18
N CYS B 656 -28.48 22.04 -11.28
CA CYS B 656 -27.24 21.39 -10.86
C CYS B 656 -27.53 20.06 -10.16
N LEU B 657 -28.51 20.05 -9.27
CA LEU B 657 -28.89 18.83 -8.57
C LEU B 657 -29.57 17.86 -9.53
N GLU B 658 -30.36 18.40 -10.46
CA GLU B 658 -31.00 17.57 -11.47
C GLU B 658 -29.99 16.97 -12.44
N LEU B 659 -28.94 17.71 -12.80
CA LEU B 659 -27.91 17.15 -13.66
C LEU B 659 -27.08 16.11 -12.94
N ALA B 660 -26.89 16.27 -11.63
CA ALA B 660 -26.21 15.22 -10.88
C ALA B 660 -27.05 13.96 -10.79
N VAL B 661 -28.37 14.11 -10.75
CA VAL B 661 -29.25 12.95 -10.66
C VAL B 661 -29.34 12.23 -12.00
N GLU B 662 -29.55 12.99 -13.08
CA GLU B 662 -29.76 12.38 -14.40
C GLU B 662 -28.54 11.67 -14.94
N ALA B 663 -27.35 12.00 -14.45
CA ALA B 663 -26.14 11.31 -14.85
C ALA B 663 -25.79 10.14 -13.93
N THR B 664 -26.64 9.87 -12.94
CA THR B 664 -26.43 8.87 -11.89
C THR B 664 -25.09 9.10 -11.18
N ASP B 665 -24.79 10.38 -10.92
CA ASP B 665 -23.55 10.75 -10.24
C ASP B 665 -23.84 10.70 -8.75
N GLN B 666 -23.86 9.48 -8.23
CA GLN B 666 -24.24 9.25 -6.85
C GLN B 666 -23.16 9.66 -5.87
N HIS B 667 -21.92 9.84 -6.33
CA HIS B 667 -20.88 10.34 -5.44
C HIS B 667 -21.05 11.82 -5.15
N PHE B 668 -21.69 12.57 -6.03
CA PHE B 668 -21.98 13.96 -5.77
C PHE B 668 -23.09 14.12 -4.73
N ILE B 669 -23.96 13.13 -4.59
CA ILE B 669 -25.04 13.22 -3.63
C ILE B 669 -24.70 12.46 -2.35
N ALA B 670 -23.77 11.54 -2.38
CA ALA B 670 -23.31 10.87 -1.17
C ALA B 670 -22.33 11.69 -0.34
N GLN B 671 -22.10 12.94 -0.69
CA GLN B 671 -21.21 13.79 0.08
C GLN B 671 -22.02 14.55 1.15
N PRO B 672 -21.39 14.94 2.26
CA PRO B 672 -22.16 15.46 3.41
C PRO B 672 -22.88 16.78 3.16
N GLY B 673 -22.52 17.54 2.14
CA GLY B 673 -23.21 18.79 1.89
C GLY B 673 -24.61 18.57 1.34
N VAL B 674 -24.72 17.73 0.31
CA VAL B 674 -26.03 17.48 -0.27
C VAL B 674 -26.87 16.63 0.66
N GLN B 675 -26.23 15.75 1.44
CA GLN B 675 -26.97 14.96 2.42
C GLN B 675 -27.47 15.83 3.57
N ASN B 676 -26.69 16.83 3.97
CA ASN B 676 -27.14 17.76 4.98
C ASN B 676 -28.29 18.62 4.46
N PHE B 677 -28.20 19.03 3.19
CA PHE B 677 -29.31 19.74 2.54
C PHE B 677 -30.57 18.89 2.51
N LEU B 678 -30.44 17.61 2.20
CA LEU B 678 -31.61 16.74 2.08
C LEU B 678 -32.20 16.43 3.44
N SER B 679 -31.37 16.24 4.46
CA SER B 679 -31.91 15.94 5.79
C SER B 679 -32.57 17.16 6.40
N LYS B 680 -31.99 18.35 6.20
CA LYS B 680 -32.63 19.58 6.64
C LYS B 680 -33.91 19.86 5.87
N GLN B 681 -34.00 19.42 4.62
CA GLN B 681 -35.24 19.58 3.88
C GLN B 681 -36.26 18.51 4.24
N TRP B 682 -35.81 17.38 4.78
CA TRP B 682 -36.69 16.27 5.14
C TRP B 682 -37.33 16.43 6.51
N TYR B 683 -36.57 16.88 7.52
CA TYR B 683 -37.23 17.11 8.81
C TYR B 683 -38.14 18.32 8.78
N GLY B 684 -37.95 19.22 7.82
CA GLY B 684 -38.80 20.38 7.71
C GLY B 684 -38.46 21.46 8.71
N GLU B 685 -39.42 21.82 9.56
CA GLU B 685 -39.20 22.88 10.53
C GLU B 685 -38.50 22.38 11.78
N ILE B 686 -38.59 21.09 12.06
CA ILE B 686 -38.00 20.55 13.27
C ILE B 686 -36.48 20.49 13.09
N SER B 687 -35.75 20.84 14.15
CA SER B 687 -34.30 20.75 14.10
C SER B 687 -33.86 19.30 14.07
N ARG B 688 -32.66 19.06 13.54
CA ARG B 688 -32.20 17.71 13.37
C ARG B 688 -31.63 17.11 14.64
N ASP B 689 -31.22 17.93 15.60
CA ASP B 689 -30.65 17.39 16.83
C ASP B 689 -31.72 17.24 17.91
N THR B 690 -32.83 16.63 17.54
CA THR B 690 -33.81 16.12 18.49
C THR B 690 -33.98 14.64 18.21
N LYS B 691 -34.36 13.89 19.23
CA LYS B 691 -34.44 12.46 19.04
C LYS B 691 -35.79 12.09 18.42
N ASN B 692 -35.81 10.94 17.75
CA ASN B 692 -36.95 10.56 16.93
C ASN B 692 -38.15 10.11 17.77
N TRP B 693 -37.89 9.56 18.95
CA TRP B 693 -38.97 9.04 19.77
C TRP B 693 -39.84 10.15 20.32
N LYS B 694 -39.24 11.31 20.62
CA LYS B 694 -40.00 12.50 20.98
C LYS B 694 -40.92 12.92 19.85
N ILE B 695 -40.46 12.77 18.60
CA ILE B 695 -41.24 13.21 17.45
C ILE B 695 -42.44 12.29 17.24
N ILE B 696 -42.23 10.98 17.31
CA ILE B 696 -43.37 10.08 17.10
C ILE B 696 -44.30 10.06 18.32
N LEU B 697 -43.77 10.32 19.51
CA LEU B 697 -44.61 10.44 20.71
C LEU B 697 -45.51 11.66 20.61
N CYS B 698 -44.97 12.78 20.12
CA CYS B 698 -45.81 13.94 19.85
C CYS B 698 -46.72 13.72 18.65
N LEU B 699 -46.39 12.78 17.77
CA LEU B 699 -47.29 12.45 16.67
C LEU B 699 -48.54 11.74 17.15
N PHE B 700 -48.40 10.76 18.04
CA PHE B 700 -49.58 9.99 18.45
C PHE B 700 -50.51 10.81 19.34
N ILE B 701 -49.97 11.58 20.27
CA ILE B 701 -50.76 12.46 21.12
C ILE B 701 -50.79 13.80 20.42
N ILE B 702 -51.88 14.07 19.70
CA ILE B 702 -52.01 15.23 18.82
C ILE B 702 -51.93 16.57 19.57
N PRO B 703 -52.67 16.82 20.71
CA PRO B 703 -52.51 18.16 21.33
C PRO B 703 -51.25 18.34 22.17
N LEU B 704 -50.27 17.48 21.98
CA LEU B 704 -49.03 17.59 22.74
C LEU B 704 -48.05 18.51 22.03
N VAL B 705 -48.46 19.07 20.89
CA VAL B 705 -47.56 19.93 20.12
C VAL B 705 -47.14 21.15 20.93
N GLY B 706 -47.99 21.57 21.87
CA GLY B 706 -47.68 22.71 22.70
C GLY B 706 -46.95 22.33 23.98
N CYS B 707 -45.71 21.90 23.84
CA CYS B 707 -44.87 21.59 25.00
C CYS B 707 -43.41 21.72 24.57
N GLY B 708 -42.53 21.67 25.56
CA GLY B 708 -41.11 21.81 25.31
C GLY B 708 -40.40 20.50 25.08
N LEU B 709 -40.91 19.71 24.14
CA LEU B 709 -40.33 18.41 23.83
C LEU B 709 -39.64 18.34 22.48
N VAL B 710 -40.03 19.19 21.54
CA VAL B 710 -39.45 19.22 20.20
C VAL B 710 -38.90 20.62 19.93
N SER B 711 -37.90 20.69 19.06
CA SER B 711 -37.16 21.92 18.81
C SER B 711 -37.38 22.33 17.36
N PHE B 712 -37.91 23.54 17.15
CA PHE B 712 -38.32 24.02 15.83
C PHE B 712 -37.36 25.04 15.25
N ARG B 713 -36.06 24.85 15.43
CA ARG B 713 -35.09 25.89 15.05
C ARG B 713 -34.96 26.01 13.53
N LYS B 714 -34.63 24.92 12.86
CA LYS B 714 -34.37 24.97 11.42
C LYS B 714 -35.64 25.07 10.60
N LYS B 722 -47.65 32.07 17.18
CA LYS B 722 -47.44 32.04 18.62
C LYS B 722 -47.45 30.60 19.13
N LEU B 723 -48.63 29.99 19.17
CA LEU B 723 -48.77 28.57 19.42
C LEU B 723 -49.30 27.81 18.22
N LEU B 724 -50.13 28.45 17.39
CA LEU B 724 -50.59 27.83 16.16
C LEU B 724 -49.48 27.68 15.13
N TRP B 725 -48.41 28.51 15.23
CA TRP B 725 -47.28 28.31 14.35
C TRP B 725 -46.52 27.05 14.70
N TYR B 726 -46.45 26.69 15.98
CA TYR B 726 -45.87 25.41 16.38
C TYR B 726 -46.71 24.26 15.84
N TYR B 727 -48.04 24.42 15.87
CA TYR B 727 -48.98 23.40 15.38
C TYR B 727 -48.80 23.18 13.89
N VAL B 728 -48.77 24.26 13.11
CA VAL B 728 -48.65 24.11 11.66
C VAL B 728 -47.23 23.69 11.27
N ALA B 729 -46.20 24.24 11.94
CA ALA B 729 -44.82 23.87 11.65
C ALA B 729 -44.50 22.44 12.07
N PHE B 730 -45.31 21.86 12.95
CA PHE B 730 -45.21 20.42 13.14
C PHE B 730 -45.93 19.69 12.01
N PHE B 731 -47.21 19.99 11.79
CA PHE B 731 -47.99 19.24 10.82
C PHE B 731 -47.76 19.65 9.35
N THR B 732 -46.68 20.36 9.03
CA THR B 732 -46.35 20.62 7.64
C THR B 732 -45.19 19.75 7.15
N SER B 733 -44.34 19.31 8.08
CA SER B 733 -43.06 18.69 7.76
C SER B 733 -43.25 17.36 7.03
N PRO B 734 -42.32 16.99 6.15
CA PRO B 734 -42.48 15.74 5.40
C PRO B 734 -42.41 14.51 6.27
N PHE B 735 -41.65 14.59 7.37
CA PHE B 735 -41.45 13.47 8.29
C PHE B 735 -42.78 13.00 8.86
N VAL B 736 -43.58 13.92 9.40
CA VAL B 736 -44.79 13.50 10.06
C VAL B 736 -45.95 13.23 9.10
N VAL B 737 -45.95 13.83 7.91
CA VAL B 737 -47.01 13.46 6.97
C VAL B 737 -46.72 12.09 6.39
N PHE B 738 -45.43 11.75 6.24
CA PHE B 738 -45.05 10.40 5.88
C PHE B 738 -45.44 9.39 6.96
N SER B 739 -45.19 9.74 8.22
CA SER B 739 -45.47 8.78 9.29
C SER B 739 -46.97 8.60 9.51
N TRP B 740 -47.74 9.68 9.40
CA TRP B 740 -49.19 9.57 9.40
C TRP B 740 -49.68 8.73 8.23
N ASN B 741 -49.02 8.84 7.09
CA ASN B 741 -49.47 8.11 5.92
C ASN B 741 -49.19 6.62 6.06
N VAL B 742 -48.09 6.25 6.73
CA VAL B 742 -47.85 4.82 6.88
C VAL B 742 -48.71 4.22 7.99
N VAL B 743 -49.09 5.01 9.01
CA VAL B 743 -50.07 4.54 9.99
C VAL B 743 -51.42 4.29 9.32
N PHE B 744 -51.80 5.20 8.42
CA PHE B 744 -53.01 5.01 7.63
C PHE B 744 -52.95 3.75 6.77
N TYR B 745 -51.78 3.46 6.19
CA TYR B 745 -51.69 2.31 5.29
C TYR B 745 -51.76 1.00 6.07
N ILE B 746 -51.18 0.95 7.26
CA ILE B 746 -51.29 -0.24 8.10
C ILE B 746 -52.74 -0.45 8.55
N ALA B 747 -53.44 0.64 8.89
CA ALA B 747 -54.85 0.51 9.25
C ALA B 747 -55.71 0.05 8.07
N PHE B 748 -55.34 0.47 6.87
CA PHE B 748 -55.98 -0.02 5.65
C PHE B 748 -55.76 -1.51 5.46
N LEU B 749 -54.55 -2.00 5.72
CA LEU B 749 -54.29 -3.43 5.56
C LEU B 749 -55.06 -4.26 6.59
N LEU B 750 -55.18 -3.76 7.81
CA LEU B 750 -55.99 -4.45 8.82
C LEU B 750 -57.46 -4.48 8.44
N LEU B 751 -57.98 -3.39 7.87
CA LEU B 751 -59.37 -3.37 7.45
C LEU B 751 -59.62 -4.32 6.27
N PHE B 752 -58.68 -4.35 5.32
CA PHE B 752 -58.76 -5.25 4.18
C PHE B 752 -58.79 -6.70 4.65
N ALA B 753 -57.93 -7.03 5.62
CA ALA B 753 -57.85 -8.39 6.11
C ALA B 753 -59.10 -8.80 6.87
N TYR B 754 -59.66 -7.88 7.67
CA TYR B 754 -60.90 -8.16 8.38
C TYR B 754 -62.05 -8.42 7.40
N VAL B 755 -62.20 -7.54 6.41
CA VAL B 755 -63.26 -7.69 5.42
C VAL B 755 -63.09 -8.98 4.63
N LEU B 756 -61.87 -9.32 4.27
CA LEU B 756 -61.66 -10.46 3.41
C LEU B 756 -61.77 -11.78 4.14
N LEU B 757 -61.44 -11.83 5.44
CA LEU B 757 -61.47 -13.10 6.15
C LEU B 757 -62.72 -13.31 6.99
N MET B 758 -63.28 -12.26 7.59
CA MET B 758 -64.32 -12.46 8.59
C MET B 758 -65.66 -11.82 8.25
N ASP B 759 -65.73 -10.91 7.29
CA ASP B 759 -67.01 -10.26 6.98
C ASP B 759 -67.06 -10.02 5.48
N PHE B 760 -67.55 -11.01 4.74
CA PHE B 760 -67.62 -10.92 3.28
C PHE B 760 -68.87 -11.68 2.86
N HIS B 761 -69.97 -10.95 2.67
CA HIS B 761 -71.26 -11.54 2.40
C HIS B 761 -71.72 -11.21 0.98
N SER B 762 -72.97 -11.57 0.69
CA SER B 762 -73.51 -11.37 -0.65
C SER B 762 -73.76 -9.89 -0.94
N VAL B 763 -74.07 -9.11 0.09
CA VAL B 763 -74.19 -7.67 -0.07
C VAL B 763 -73.09 -7.00 0.75
N PRO B 764 -72.53 -5.89 0.26
CA PRO B 764 -71.47 -5.21 1.02
C PRO B 764 -72.02 -4.59 2.29
N HIS B 765 -71.42 -4.97 3.42
CA HIS B 765 -71.73 -4.35 4.70
C HIS B 765 -70.95 -3.03 4.82
N THR B 766 -71.02 -2.42 6.00
CA THR B 766 -70.36 -1.13 6.23
C THR B 766 -68.83 -1.14 6.07
N PRO B 767 -68.05 -2.08 6.64
CA PRO B 767 -66.59 -1.99 6.44
C PRO B 767 -66.14 -2.26 5.02
N GLU B 768 -66.93 -2.96 4.19
CA GLU B 768 -66.55 -3.08 2.80
C GLU B 768 -66.68 -1.74 2.09
N LEU B 769 -67.70 -0.95 2.43
CA LEU B 769 -67.88 0.35 1.80
C LEU B 769 -66.81 1.33 2.27
N ILE B 770 -66.43 1.24 3.54
CA ILE B 770 -65.30 2.04 4.02
C ILE B 770 -64.01 1.62 3.32
N LEU B 771 -63.87 0.33 3.01
CA LEU B 771 -62.71 -0.15 2.27
C LEU B 771 -62.69 0.40 0.84
N TYR B 772 -63.86 0.44 0.18
CA TYR B 772 -63.90 1.02 -1.16
C TYR B 772 -63.59 2.51 -1.14
N ALA B 773 -63.99 3.21 -0.07
CA ALA B 773 -63.64 4.62 0.07
C ALA B 773 -62.12 4.80 0.20
N LEU B 774 -61.47 3.97 1.01
CA LEU B 774 -60.02 4.10 1.17
C LEU B 774 -59.27 3.76 -0.10
N VAL B 775 -59.78 2.79 -0.87
CA VAL B 775 -59.14 2.49 -2.15
C VAL B 775 -59.36 3.63 -3.14
N PHE B 776 -60.50 4.32 -3.07
CA PHE B 776 -60.69 5.48 -3.92
C PHE B 776 -59.74 6.62 -3.54
N VAL B 777 -59.42 6.75 -2.26
CA VAL B 777 -58.44 7.74 -1.83
C VAL B 777 -57.06 7.43 -2.39
N LEU B 778 -56.67 6.15 -2.33
CA LEU B 778 -55.39 5.74 -2.91
C LEU B 778 -55.36 5.94 -4.42
N PHE B 779 -56.49 5.72 -5.08
CA PHE B 779 -56.58 5.95 -6.52
C PHE B 779 -56.44 7.42 -6.87
N CYS B 780 -57.01 8.30 -6.03
CA CYS B 780 -56.84 9.74 -6.24
C CYS B 780 -55.39 10.16 -6.10
N ASP B 781 -54.67 9.60 -5.12
CA ASP B 781 -53.25 9.90 -5.00
C ASP B 781 -52.46 9.39 -6.20
N GLU B 782 -52.83 8.23 -6.73
CA GLU B 782 -52.06 7.70 -7.86
C GLU B 782 -52.34 8.46 -9.15
N VAL B 783 -53.57 8.92 -9.37
CA VAL B 783 -53.80 9.73 -10.56
C VAL B 783 -53.20 11.13 -10.39
N ARG B 784 -53.06 11.60 -9.14
CA ARG B 784 -52.32 12.84 -8.90
C ARG B 784 -50.86 12.67 -9.28
N GLN B 785 -50.25 11.53 -8.93
CA GLN B 785 -48.85 11.34 -9.24
C GLN B 785 -48.62 11.10 -10.74
N TRP B 786 -49.59 10.45 -11.40
CA TRP B 786 -49.50 10.30 -12.86
C TRP B 786 -49.68 11.63 -13.56
N TYR B 787 -50.48 12.53 -12.98
CA TYR B 787 -50.63 13.86 -13.56
C TYR B 787 -49.35 14.68 -13.38
N MET B 788 -48.78 14.67 -12.19
CA MET B 788 -47.61 15.50 -11.92
C MET B 788 -46.30 14.86 -12.34
N ASN B 789 -46.31 13.65 -12.91
CA ASN B 789 -45.11 13.11 -13.55
C ASN B 789 -45.27 12.94 -15.04
N GLY B 790 -46.32 12.28 -15.50
CA GLY B 790 -46.56 12.21 -16.93
C GLY B 790 -46.37 10.84 -17.54
N VAL B 791 -45.30 10.65 -18.30
CA VAL B 791 -45.08 9.41 -19.04
C VAL B 791 -43.97 8.64 -18.34
N ASN B 792 -43.05 9.37 -17.69
CA ASN B 792 -42.00 8.72 -16.91
C ASN B 792 -42.51 8.09 -15.63
N TYR B 793 -43.76 8.39 -15.24
CA TYR B 793 -44.44 7.67 -14.16
C TYR B 793 -44.46 6.17 -14.41
N PHE B 794 -44.63 5.76 -15.67
CA PHE B 794 -44.60 4.35 -16.02
C PHE B 794 -43.19 3.80 -16.14
N THR B 795 -42.16 4.57 -15.79
CA THR B 795 -40.81 4.04 -15.82
C THR B 795 -40.54 3.15 -14.61
N ASP B 796 -41.00 3.57 -13.43
CA ASP B 796 -40.78 2.80 -12.22
C ASP B 796 -41.71 1.58 -12.21
N LEU B 797 -41.21 0.45 -11.71
CA LEU B 797 -42.02 -0.75 -11.69
C LEU B 797 -43.07 -0.70 -10.58
N TRP B 798 -42.79 0.06 -9.51
CA TRP B 798 -43.72 0.13 -8.40
C TRP B 798 -45.00 0.85 -8.79
N ASN B 799 -44.87 1.86 -9.63
CA ASN B 799 -46.07 2.55 -10.12
C ASN B 799 -46.86 1.66 -11.09
N VAL B 800 -46.16 0.78 -11.81
CA VAL B 800 -46.85 -0.14 -12.73
C VAL B 800 -47.66 -1.16 -11.94
N MET B 801 -47.05 -1.82 -10.97
CA MET B 801 -47.80 -2.78 -10.16
C MET B 801 -48.80 -2.11 -9.25
N ASP B 802 -48.59 -0.83 -8.94
CA ASP B 802 -49.55 -0.01 -8.22
C ASP B 802 -50.84 0.19 -9.03
N THR B 803 -50.71 0.64 -10.28
CA THR B 803 -51.87 0.79 -11.16
C THR B 803 -52.52 -0.56 -11.45
N LEU B 804 -51.70 -1.61 -11.53
CA LEU B 804 -52.23 -2.94 -11.79
C LEU B 804 -53.03 -3.47 -10.60
N GLY B 805 -52.59 -3.16 -9.38
CA GLY B 805 -53.35 -3.53 -8.20
C GLY B 805 -54.67 -2.81 -8.10
N LEU B 806 -54.71 -1.53 -8.49
CA LEU B 806 -55.99 -0.82 -8.54
C LEU B 806 -56.93 -1.42 -9.59
N PHE B 807 -56.36 -1.85 -10.72
CA PHE B 807 -57.17 -2.49 -11.76
C PHE B 807 -57.76 -3.82 -11.28
N TYR B 808 -56.96 -4.62 -10.57
CA TYR B 808 -57.50 -5.87 -10.01
C TYR B 808 -58.53 -5.61 -8.93
N PHE B 809 -58.41 -4.50 -8.20
CA PHE B 809 -59.44 -4.20 -7.20
C PHE B 809 -60.77 -3.87 -7.84
N ILE B 810 -60.76 -3.03 -8.89
CA ILE B 810 -62.06 -2.70 -9.50
C ILE B 810 -62.60 -3.88 -10.29
N ALA B 811 -61.74 -4.78 -10.76
CA ALA B 811 -62.23 -6.02 -11.37
C ALA B 811 -62.87 -6.92 -10.32
N GLY B 812 -62.32 -6.94 -9.11
CA GLY B 812 -62.95 -7.70 -8.04
C GLY B 812 -64.28 -7.10 -7.63
N ILE B 813 -64.41 -5.78 -7.74
CA ILE B 813 -65.70 -5.14 -7.50
C ILE B 813 -66.72 -5.57 -8.55
N VAL B 814 -66.33 -5.56 -9.84
CA VAL B 814 -67.33 -5.89 -10.85
C VAL B 814 -67.63 -7.39 -10.90
N PHE B 815 -66.76 -8.24 -10.37
CA PHE B 815 -67.15 -9.63 -10.11
C PHE B 815 -67.98 -9.79 -8.85
N ARG B 816 -67.85 -8.87 -7.90
CA ARG B 816 -68.41 -9.06 -6.57
C ARG B 816 -69.87 -8.62 -6.47
N LEU B 817 -70.30 -7.68 -7.31
CA LEU B 817 -71.63 -7.13 -7.16
C LEU B 817 -72.72 -8.02 -7.74
N HIS B 818 -72.37 -8.98 -8.60
CA HIS B 818 -73.34 -9.91 -9.14
C HIS B 818 -73.73 -10.91 -8.06
N SER B 819 -74.62 -10.48 -7.17
CA SER B 819 -75.11 -11.34 -6.11
C SER B 819 -76.06 -12.39 -6.67
N SER B 820 -76.45 -13.32 -5.80
CA SER B 820 -77.24 -14.52 -6.13
C SER B 820 -76.58 -15.37 -7.22
N ASN B 821 -75.26 -15.30 -7.34
CA ASN B 821 -74.47 -16.14 -8.23
C ASN B 821 -73.19 -16.45 -7.47
N LYS B 822 -73.09 -17.67 -6.95
CA LYS B 822 -72.04 -17.98 -5.99
C LYS B 822 -70.67 -18.04 -6.65
N SER B 823 -70.64 -18.40 -7.93
CA SER B 823 -69.36 -18.54 -8.63
C SER B 823 -68.71 -17.19 -8.86
N SER B 824 -69.49 -16.19 -9.27
CA SER B 824 -68.94 -14.85 -9.43
C SER B 824 -68.52 -14.25 -8.11
N LEU B 825 -69.22 -14.57 -7.03
CA LEU B 825 -68.88 -14.04 -5.72
C LEU B 825 -67.59 -14.67 -5.19
N TYR B 826 -67.44 -15.97 -5.40
CA TYR B 826 -66.21 -16.63 -4.99
C TYR B 826 -65.03 -16.16 -5.84
N SER B 827 -65.24 -15.94 -7.13
CA SER B 827 -64.17 -15.45 -7.99
C SER B 827 -63.78 -14.03 -7.61
N GLY B 828 -64.76 -13.22 -7.18
CA GLY B 828 -64.44 -11.89 -6.68
C GLY B 828 -63.59 -11.93 -5.42
N ARG B 829 -63.90 -12.86 -4.52
CA ARG B 829 -63.09 -12.96 -3.31
C ARG B 829 -61.67 -13.47 -3.59
N VAL B 830 -61.51 -14.38 -4.56
CA VAL B 830 -60.17 -14.84 -4.92
C VAL B 830 -59.36 -13.71 -5.55
N ILE B 831 -60.01 -12.87 -6.36
CA ILE B 831 -59.36 -11.67 -6.92
C ILE B 831 -58.91 -10.73 -5.82
N PHE B 832 -59.75 -10.51 -4.80
CA PHE B 832 -59.35 -9.67 -3.68
C PHE B 832 -58.19 -10.27 -2.89
N CYS B 833 -58.10 -11.61 -2.80
CA CYS B 833 -57.00 -12.21 -2.06
C CYS B 833 -55.66 -12.01 -2.76
N LEU B 834 -55.62 -12.21 -4.08
CA LEU B 834 -54.36 -11.96 -4.78
C LEU B 834 -54.01 -10.47 -4.79
N ASP B 835 -55.03 -9.61 -4.82
CA ASP B 835 -54.76 -8.18 -4.72
C ASP B 835 -54.23 -7.82 -3.34
N TYR B 836 -54.66 -8.54 -2.30
CA TYR B 836 -54.14 -8.31 -0.96
C TYR B 836 -52.67 -8.69 -0.87
N ILE B 837 -52.25 -9.74 -1.59
CA ILE B 837 -50.83 -10.07 -1.70
C ILE B 837 -50.04 -8.89 -2.23
N ILE B 838 -50.55 -8.25 -3.30
CA ILE B 838 -49.84 -7.12 -3.89
C ILE B 838 -49.76 -5.92 -2.94
N PHE B 839 -50.90 -5.57 -2.34
CA PHE B 839 -50.96 -4.47 -1.37
C PHE B 839 -50.05 -4.70 -0.18
N THR B 840 -49.95 -5.94 0.31
CA THR B 840 -49.08 -6.19 1.44
C THR B 840 -47.62 -6.12 1.05
N LEU B 841 -47.25 -6.60 -0.14
CA LEU B 841 -45.84 -6.56 -0.51
C LEU B 841 -45.36 -5.16 -0.89
N ARG B 842 -46.28 -4.20 -1.09
CA ARG B 842 -45.88 -2.81 -1.26
C ARG B 842 -45.22 -2.21 0.00
N LEU B 843 -45.44 -2.80 1.17
CA LEU B 843 -44.95 -2.25 2.43
C LEU B 843 -43.42 -2.31 2.53
N ILE B 844 -42.81 -3.26 1.83
CA ILE B 844 -41.35 -3.36 1.76
C ILE B 844 -40.77 -2.15 1.05
N HIS B 845 -41.39 -1.76 -0.08
CA HIS B 845 -41.00 -0.54 -0.77
C HIS B 845 -41.27 0.71 0.03
N ILE B 846 -42.31 0.69 0.87
CA ILE B 846 -42.59 1.83 1.73
C ILE B 846 -41.46 2.04 2.73
N PHE B 847 -40.96 0.98 3.34
CA PHE B 847 -39.98 1.18 4.41
C PHE B 847 -38.55 1.25 3.93
N THR B 848 -38.30 1.72 2.71
CA THR B 848 -36.93 1.94 2.25
C THR B 848 -36.33 3.22 2.79
N VAL B 849 -37.11 4.08 3.44
CA VAL B 849 -36.62 5.37 3.90
C VAL B 849 -35.86 5.29 5.22
N SER B 850 -35.88 4.14 5.88
CA SER B 850 -35.34 4.06 7.22
C SER B 850 -33.82 4.05 7.20
N ARG B 851 -33.23 4.52 8.29
CA ARG B 851 -31.78 4.51 8.41
C ARG B 851 -31.23 3.12 8.58
N ASN B 852 -32.04 2.19 9.10
CA ASN B 852 -31.59 0.86 9.46
C ASN B 852 -32.01 -0.20 8.44
N LEU B 853 -33.29 -0.24 8.10
CA LEU B 853 -33.77 -1.24 7.16
C LEU B 853 -33.47 -0.85 5.72
N GLY B 854 -33.44 0.44 5.42
CA GLY B 854 -33.25 0.99 4.10
C GLY B 854 -32.13 0.47 3.23
N PRO B 855 -30.87 0.56 3.71
CA PRO B 855 -29.75 0.04 2.91
C PRO B 855 -29.83 -1.43 2.59
N LYS B 856 -30.39 -2.23 3.49
CA LYS B 856 -30.52 -3.65 3.24
C LYS B 856 -31.61 -3.95 2.21
N ILE B 857 -32.72 -3.20 2.24
CA ILE B 857 -33.74 -3.37 1.22
C ILE B 857 -33.23 -2.93 -0.14
N ILE B 858 -32.35 -1.93 -0.18
CA ILE B 858 -31.73 -1.58 -1.46
C ILE B 858 -30.74 -2.67 -1.89
N MET B 859 -30.05 -3.28 -0.93
CA MET B 859 -29.12 -4.37 -1.23
C MET B 859 -29.83 -5.59 -1.78
N LEU B 860 -31.10 -5.76 -1.41
CA LEU B 860 -31.87 -6.95 -1.76
C LEU B 860 -32.07 -7.11 -3.26
N GLN B 861 -32.06 -6.03 -4.02
CA GLN B 861 -32.29 -6.14 -5.45
C GLN B 861 -31.02 -6.40 -6.25
N ARG B 862 -29.89 -6.60 -5.58
CA ARG B 862 -28.66 -6.99 -6.26
C ARG B 862 -28.49 -8.50 -6.34
N MET B 863 -29.46 -9.26 -5.84
CA MET B 863 -29.35 -10.70 -5.71
C MET B 863 -30.03 -11.46 -6.83
N LEU B 864 -30.64 -10.76 -7.77
CA LEU B 864 -31.48 -11.38 -8.78
C LEU B 864 -30.70 -12.27 -9.73
N ILE B 865 -29.44 -11.94 -10.00
CA ILE B 865 -28.67 -12.79 -10.90
C ILE B 865 -28.28 -14.10 -10.23
N ASP B 866 -28.05 -14.08 -8.92
CA ASP B 866 -27.75 -15.30 -8.19
C ASP B 866 -28.99 -16.18 -8.06
N VAL B 867 -30.13 -15.55 -7.79
CA VAL B 867 -31.40 -16.28 -7.71
C VAL B 867 -31.74 -16.92 -9.06
N PHE B 868 -31.50 -16.19 -10.16
CA PHE B 868 -31.82 -16.75 -11.47
C PHE B 868 -30.84 -17.83 -11.89
N PHE B 869 -29.57 -17.74 -11.47
CA PHE B 869 -28.63 -18.83 -11.74
C PHE B 869 -29.03 -20.09 -10.99
N PHE B 870 -29.45 -19.93 -9.72
CA PHE B 870 -29.98 -21.03 -8.95
C PHE B 870 -31.21 -21.65 -9.59
N LEU B 871 -32.13 -20.82 -10.07
CA LEU B 871 -33.36 -21.36 -10.66
C LEU B 871 -33.11 -22.03 -11.99
N PHE B 872 -32.12 -21.56 -12.75
CA PHE B 872 -31.75 -22.24 -13.99
C PHE B 872 -31.20 -23.64 -13.73
N LEU B 873 -30.23 -23.76 -12.82
CA LEU B 873 -29.66 -25.08 -12.55
C LEU B 873 -30.67 -26.01 -11.91
N PHE B 874 -31.52 -25.48 -11.04
CA PHE B 874 -32.50 -26.32 -10.37
C PHE B 874 -33.58 -26.77 -11.34
N ALA B 875 -33.96 -25.92 -12.30
CA ALA B 875 -34.95 -26.34 -13.28
C ALA B 875 -34.42 -27.41 -14.21
N VAL B 876 -33.13 -27.32 -14.59
CA VAL B 876 -32.54 -28.34 -15.46
C VAL B 876 -32.47 -29.69 -14.75
N TRP B 877 -31.96 -29.71 -13.51
CA TRP B 877 -31.92 -30.96 -12.75
C TRP B 877 -33.31 -31.51 -12.47
N MET B 878 -34.26 -30.62 -12.20
CA MET B 878 -35.62 -31.02 -11.86
C MET B 878 -36.32 -31.67 -13.04
N VAL B 879 -36.18 -31.08 -14.24
CA VAL B 879 -36.78 -31.65 -15.45
C VAL B 879 -36.15 -32.99 -15.78
N ALA B 880 -34.81 -33.10 -15.66
CA ALA B 880 -34.13 -34.36 -15.99
C ALA B 880 -34.56 -35.50 -15.09
N PHE B 881 -34.52 -35.28 -13.78
CA PHE B 881 -34.93 -36.32 -12.83
C PHE B 881 -36.42 -36.64 -12.94
N GLY B 882 -37.26 -35.63 -13.15
CA GLY B 882 -38.68 -35.88 -13.19
C GLY B 882 -39.10 -36.72 -14.39
N VAL B 883 -38.55 -36.41 -15.56
CA VAL B 883 -38.90 -37.18 -16.74
C VAL B 883 -38.30 -38.58 -16.67
N ALA B 884 -37.09 -38.71 -16.12
CA ALA B 884 -36.50 -40.04 -15.99
C ALA B 884 -37.26 -40.92 -15.01
N ARG B 885 -37.70 -40.38 -13.88
CA ARG B 885 -38.43 -41.19 -12.91
C ARG B 885 -39.82 -41.55 -13.41
N GLN B 886 -40.52 -40.59 -14.02
CA GLN B 886 -41.84 -40.87 -14.59
C GLN B 886 -41.76 -41.86 -15.74
N GLY B 887 -40.67 -41.86 -16.51
CA GLY B 887 -40.53 -42.83 -17.57
C GLY B 887 -40.14 -44.22 -17.10
N ILE B 888 -39.31 -44.31 -16.06
CA ILE B 888 -38.92 -45.63 -15.56
C ILE B 888 -40.06 -46.30 -14.82
N LEU B 889 -40.80 -45.53 -14.02
CA LEU B 889 -41.84 -46.16 -13.19
C LEU B 889 -43.08 -46.53 -14.00
N ARG B 890 -43.73 -45.56 -14.61
CA ARG B 890 -45.07 -45.75 -15.13
C ARG B 890 -45.06 -45.89 -16.64
N GLN B 891 -46.23 -46.06 -17.23
CA GLN B 891 -46.35 -46.35 -18.65
C GLN B 891 -47.53 -45.61 -19.25
N ASN B 892 -47.23 -44.62 -20.10
CA ASN B 892 -48.19 -43.92 -20.97
C ASN B 892 -49.30 -43.23 -20.17
N GLU B 893 -48.89 -42.31 -19.31
CA GLU B 893 -49.84 -41.42 -18.65
C GLU B 893 -50.46 -40.50 -19.70
N GLN B 894 -51.78 -40.36 -19.67
CA GLN B 894 -52.47 -39.53 -20.64
C GLN B 894 -53.07 -38.28 -20.04
N ARG B 895 -52.96 -38.09 -18.73
CA ARG B 895 -53.54 -36.94 -18.05
C ARG B 895 -52.44 -35.91 -17.82
N TRP B 896 -52.70 -34.67 -18.26
CA TRP B 896 -51.67 -33.65 -18.19
C TRP B 896 -51.39 -33.22 -16.76
N ARG B 897 -52.43 -33.18 -15.92
CA ARG B 897 -52.25 -32.76 -14.54
C ARG B 897 -51.38 -33.73 -13.77
N TRP B 898 -51.53 -35.02 -14.02
CA TRP B 898 -50.71 -36.00 -13.33
C TRP B 898 -49.40 -36.26 -14.04
N ILE B 899 -49.17 -35.63 -15.19
CA ILE B 899 -47.81 -35.47 -15.70
C ILE B 899 -47.11 -34.35 -14.95
N PHE B 900 -47.74 -33.19 -14.82
CA PHE B 900 -47.04 -32.07 -14.20
C PHE B 900 -47.03 -32.14 -12.68
N ARG B 901 -47.80 -33.02 -12.05
CA ARG B 901 -47.60 -33.26 -10.64
C ARG B 901 -46.44 -34.18 -10.37
N SER B 902 -46.16 -35.10 -11.28
CA SER B 902 -45.14 -36.11 -11.08
C SER B 902 -43.81 -35.80 -11.74
N VAL B 903 -43.75 -34.79 -12.60
CA VAL B 903 -42.51 -34.38 -13.23
C VAL B 903 -41.96 -33.11 -12.62
N ILE B 904 -42.79 -32.11 -12.41
CA ILE B 904 -42.35 -30.81 -11.94
C ILE B 904 -42.53 -30.63 -10.44
N TYR B 905 -43.66 -31.08 -9.89
CA TYR B 905 -44.03 -30.67 -8.54
C TYR B 905 -43.29 -31.47 -7.47
N GLU B 906 -43.22 -32.78 -7.61
CA GLU B 906 -42.57 -33.58 -6.58
C GLU B 906 -41.04 -33.45 -6.56
N PRO B 907 -40.33 -33.38 -7.69
CA PRO B 907 -38.92 -32.96 -7.60
C PRO B 907 -38.72 -31.53 -7.14
N TYR B 908 -39.73 -30.67 -7.25
CA TYR B 908 -39.62 -29.35 -6.64
C TYR B 908 -39.68 -29.45 -5.13
N LEU B 909 -40.61 -30.25 -4.60
CA LEU B 909 -40.70 -30.43 -3.16
C LEU B 909 -39.48 -31.11 -2.59
N ALA B 910 -38.77 -31.92 -3.38
CA ALA B 910 -37.52 -32.50 -2.92
C ALA B 910 -36.38 -31.49 -2.71
N MET B 911 -36.59 -30.20 -2.91
CA MET B 911 -35.63 -29.18 -2.53
C MET B 911 -35.74 -28.81 -1.06
N PHE B 912 -36.89 -29.04 -0.45
CA PHE B 912 -37.10 -28.73 0.95
C PHE B 912 -36.92 -29.95 1.84
N GLY B 913 -36.31 -31.00 1.30
CA GLY B 913 -36.05 -32.21 2.05
C GLY B 913 -37.21 -33.17 2.11
N GLN B 914 -37.70 -33.63 0.96
CA GLN B 914 -38.84 -34.53 0.95
C GLN B 914 -38.50 -35.97 0.58
N VAL B 915 -37.49 -36.21 -0.24
CA VAL B 915 -37.05 -37.53 -0.70
C VAL B 915 -38.20 -38.28 -1.38
N PRO B 916 -38.45 -38.01 -2.70
CA PRO B 916 -39.58 -38.61 -3.44
C PRO B 916 -39.81 -40.10 -3.25
N SER B 917 -41.06 -40.46 -3.04
CA SER B 917 -41.40 -41.65 -2.26
C SER B 917 -41.43 -42.94 -3.06
N ASP B 918 -42.11 -42.96 -4.21
CA ASP B 918 -42.43 -44.23 -4.84
C ASP B 918 -41.32 -44.79 -5.71
N VAL B 919 -40.12 -44.89 -5.15
CA VAL B 919 -38.95 -45.45 -5.83
C VAL B 919 -38.40 -46.66 -5.11
N ASP B 920 -38.97 -47.00 -3.94
CA ASP B 920 -38.33 -47.94 -3.05
C ASP B 920 -38.77 -49.38 -3.26
N SER B 921 -39.98 -49.61 -3.76
CA SER B 921 -40.58 -50.91 -4.07
C SER B 921 -40.77 -51.83 -2.88
N THR B 922 -40.47 -51.39 -1.66
CA THR B 922 -40.84 -52.10 -0.45
C THR B 922 -41.78 -51.29 0.42
N THR B 923 -41.73 -49.96 0.32
CA THR B 923 -42.65 -49.08 1.01
C THR B 923 -43.72 -48.55 0.06
N TYR B 924 -44.03 -49.31 -0.97
CA TYR B 924 -44.98 -48.91 -2.00
C TYR B 924 -46.19 -49.83 -1.93
N ASP B 925 -47.36 -49.27 -1.67
CA ASP B 925 -48.60 -50.03 -1.67
C ASP B 925 -49.47 -49.67 -2.87
N PHE B 926 -50.30 -50.61 -3.28
CA PHE B 926 -51.12 -50.49 -4.47
C PHE B 926 -52.47 -49.87 -4.19
N SER B 927 -52.68 -49.34 -2.99
CA SER B 927 -53.91 -48.67 -2.63
C SER B 927 -53.87 -47.18 -2.91
N HIS B 928 -52.88 -46.71 -3.64
CA HIS B 928 -52.80 -45.31 -4.07
C HIS B 928 -52.69 -45.20 -5.58
N CYS B 929 -53.29 -46.13 -6.29
CA CYS B 929 -53.20 -46.18 -7.73
C CYS B 929 -54.58 -46.07 -8.37
N THR B 930 -54.61 -46.30 -9.68
CA THR B 930 -55.86 -46.31 -10.43
C THR B 930 -55.99 -47.51 -11.34
N PHE B 931 -54.86 -47.99 -11.89
CA PHE B 931 -54.67 -49.00 -12.94
C PHE B 931 -55.16 -48.54 -14.32
N SER B 932 -55.87 -47.42 -14.37
CA SER B 932 -56.37 -46.73 -15.55
C SER B 932 -56.98 -45.44 -15.03
N GLY B 933 -56.83 -44.32 -15.73
CA GLY B 933 -57.13 -43.06 -15.08
C GLY B 933 -58.62 -42.79 -15.00
N ASN B 934 -59.17 -43.06 -13.81
CA ASN B 934 -60.60 -43.03 -13.54
C ASN B 934 -60.93 -42.19 -12.33
N GLU B 935 -60.09 -42.22 -11.32
CA GLU B 935 -60.21 -41.43 -10.10
C GLU B 935 -59.00 -40.52 -9.99
N SER B 936 -58.85 -39.88 -8.83
CA SER B 936 -57.88 -38.80 -8.68
C SER B 936 -56.44 -39.31 -8.79
N LYS B 937 -56.10 -40.34 -8.02
CA LYS B 937 -54.78 -40.90 -7.71
C LYS B 937 -53.87 -41.16 -8.91
N PRO B 938 -52.55 -41.27 -8.72
CA PRO B 938 -51.65 -41.56 -9.85
C PRO B 938 -51.85 -42.95 -10.42
N LEU B 939 -51.18 -43.21 -11.53
CA LEU B 939 -51.14 -44.58 -12.03
C LEU B 939 -50.21 -45.42 -11.19
N CYS B 940 -50.44 -46.72 -11.20
CA CYS B 940 -49.44 -47.62 -10.66
C CYS B 940 -48.22 -47.68 -11.57
N VAL B 941 -47.12 -48.11 -10.97
CA VAL B 941 -45.99 -48.58 -11.74
C VAL B 941 -46.43 -49.77 -12.58
N GLU B 942 -45.93 -49.87 -13.79
CA GLU B 942 -46.46 -50.87 -14.71
C GLU B 942 -45.96 -52.23 -14.29
N LEU B 943 -46.88 -53.19 -14.25
CA LEU B 943 -46.65 -54.44 -13.54
C LEU B 943 -46.05 -55.49 -14.45
N ASP B 944 -45.77 -56.65 -13.85
CA ASP B 944 -45.13 -57.76 -14.52
C ASP B 944 -46.20 -58.72 -15.02
N GLU B 945 -45.79 -59.89 -15.53
CA GLU B 945 -46.76 -60.95 -15.74
C GLU B 945 -47.03 -61.71 -14.45
N HIS B 946 -46.21 -61.54 -13.43
CA HIS B 946 -46.45 -62.09 -12.11
C HIS B 946 -47.10 -61.09 -11.19
N ASN B 947 -47.59 -59.97 -11.74
CA ASN B 947 -48.17 -58.85 -11.00
C ASN B 947 -47.21 -58.29 -9.95
N LEU B 948 -45.98 -58.03 -10.37
CA LEU B 948 -44.94 -57.41 -9.58
C LEU B 948 -44.49 -56.11 -10.22
N PRO B 949 -43.96 -55.17 -9.45
CA PRO B 949 -43.40 -53.95 -10.07
C PRO B 949 -42.16 -54.25 -10.89
N ARG B 950 -42.08 -53.63 -12.06
CA ARG B 950 -41.02 -53.91 -13.02
C ARG B 950 -39.74 -53.14 -12.76
N PHE B 951 -39.81 -52.05 -12.02
CA PHE B 951 -38.67 -51.15 -12.00
C PHE B 951 -37.57 -51.67 -11.09
N PRO B 952 -36.30 -51.50 -11.49
CA PRO B 952 -35.19 -51.93 -10.64
C PRO B 952 -34.98 -50.95 -9.49
N GLU B 953 -34.84 -51.48 -8.28
CA GLU B 953 -34.49 -50.62 -7.15
C GLU B 953 -33.06 -50.11 -7.29
N TRP B 954 -32.18 -50.90 -7.89
CA TRP B 954 -30.78 -50.52 -8.05
C TRP B 954 -30.57 -49.47 -9.12
N ILE B 955 -31.62 -49.05 -9.83
CA ILE B 955 -31.51 -47.97 -10.80
C ILE B 955 -32.30 -46.75 -10.37
N THR B 956 -33.19 -46.87 -9.39
CA THR B 956 -34.00 -45.75 -8.92
C THR B 956 -33.61 -45.25 -7.55
N ILE B 957 -33.10 -46.10 -6.66
CA ILE B 957 -32.57 -45.66 -5.38
C ILE B 957 -31.32 -44.79 -5.56
N PRO B 958 -30.26 -45.17 -6.32
CA PRO B 958 -29.15 -44.24 -6.48
C PRO B 958 -29.48 -43.03 -7.33
N LEU B 959 -30.50 -43.11 -8.19
CA LEU B 959 -30.94 -41.94 -8.94
C LEU B 959 -31.50 -40.87 -8.01
N VAL B 960 -32.35 -41.29 -7.07
CA VAL B 960 -32.90 -40.35 -6.09
C VAL B 960 -31.80 -39.85 -5.17
N CYS B 961 -30.83 -40.70 -4.86
CA CYS B 961 -29.72 -40.27 -4.00
C CYS B 961 -28.85 -39.21 -4.68
N ILE B 962 -28.55 -39.39 -5.97
CA ILE B 962 -27.76 -38.41 -6.71
C ILE B 962 -28.52 -37.10 -6.88
N TYR B 963 -29.81 -37.18 -7.22
CA TYR B 963 -30.64 -35.98 -7.33
C TYR B 963 -30.75 -35.24 -6.02
N MET B 964 -30.87 -35.98 -4.92
CA MET B 964 -31.13 -35.37 -3.64
C MET B 964 -29.87 -34.71 -3.09
N LEU B 965 -28.72 -35.35 -3.31
CA LEU B 965 -27.43 -34.71 -3.04
C LEU B 965 -27.23 -33.46 -3.88
N SER B 966 -27.53 -33.55 -5.17
CA SER B 966 -27.21 -32.47 -6.08
C SER B 966 -28.07 -31.24 -5.86
N THR B 967 -29.32 -31.42 -5.45
CA THR B 967 -30.19 -30.25 -5.27
C THR B 967 -30.31 -29.81 -3.82
N ASN B 968 -30.45 -30.74 -2.88
CA ASN B 968 -30.74 -30.33 -1.51
C ASN B 968 -29.51 -29.80 -0.80
N ILE B 969 -28.30 -30.12 -1.26
CA ILE B 969 -27.08 -29.79 -0.54
C ILE B 969 -26.13 -28.95 -1.37
N LEU B 970 -25.75 -29.43 -2.56
CA LEU B 970 -24.76 -28.71 -3.34
C LEU B 970 -25.32 -27.42 -3.90
N LEU B 971 -26.53 -27.48 -4.41
CA LEU B 971 -27.08 -26.37 -5.17
C LEU B 971 -27.62 -25.26 -4.27
N VAL B 972 -27.97 -25.57 -3.03
CA VAL B 972 -28.42 -24.56 -2.08
C VAL B 972 -27.25 -23.92 -1.38
N ASN B 973 -26.26 -24.70 -1.00
CA ASN B 973 -25.07 -24.16 -0.38
C ASN B 973 -24.17 -23.43 -1.37
N LEU B 974 -24.40 -23.60 -2.67
CA LEU B 974 -23.73 -22.72 -3.63
C LEU B 974 -24.40 -21.35 -3.66
N LEU B 975 -25.73 -21.33 -3.55
CA LEU B 975 -26.45 -20.07 -3.48
C LEU B 975 -26.08 -19.28 -2.24
N VAL B 976 -25.81 -19.97 -1.13
CA VAL B 976 -25.35 -19.31 0.08
C VAL B 976 -24.02 -18.60 -0.15
N ALA B 977 -23.10 -19.27 -0.86
CA ALA B 977 -21.80 -18.70 -1.15
C ALA B 977 -21.90 -17.49 -2.07
N MET B 978 -22.76 -17.58 -3.08
CA MET B 978 -22.89 -16.45 -4.00
C MET B 978 -23.57 -15.26 -3.35
N PHE B 979 -24.56 -15.51 -2.46
CA PHE B 979 -25.13 -14.43 -1.66
C PHE B 979 -24.09 -13.78 -0.77
N GLY B 980 -23.24 -14.59 -0.13
CA GLY B 980 -22.22 -14.04 0.76
C GLY B 980 -21.21 -13.19 0.01
N TYR B 981 -20.85 -13.61 -1.20
CA TYR B 981 -19.92 -12.83 -2.00
C TYR B 981 -20.54 -11.54 -2.51
N THR B 982 -21.82 -11.57 -2.88
CA THR B 982 -22.47 -10.36 -3.35
C THR B 982 -22.65 -9.34 -2.23
N VAL B 983 -22.98 -9.82 -1.02
CA VAL B 983 -23.04 -8.93 0.15
C VAL B 983 -21.65 -8.38 0.45
N GLY B 984 -20.61 -9.18 0.24
CA GLY B 984 -19.25 -8.71 0.44
C GLY B 984 -18.83 -7.64 -0.55
N ILE B 985 -19.29 -7.71 -1.79
CA ILE B 985 -19.00 -6.63 -2.74
C ILE B 985 -19.80 -5.38 -2.40
N VAL B 986 -21.12 -5.48 -2.38
CA VAL B 986 -21.93 -4.29 -2.65
C VAL B 986 -22.12 -3.43 -1.42
N GLN B 987 -21.42 -3.71 -0.33
CA GLN B 987 -21.76 -3.02 0.91
C GLN B 987 -21.16 -1.62 1.00
N GLU B 988 -19.93 -1.43 0.50
CA GLU B 988 -19.35 -0.09 0.48
C GLU B 988 -19.99 0.82 -0.55
N ASN B 989 -20.72 0.26 -1.49
CA ASN B 989 -21.51 1.02 -2.45
C ASN B 989 -22.97 1.15 -2.02
N ASN B 990 -23.41 0.31 -1.07
CA ASN B 990 -24.81 0.25 -0.70
C ASN B 990 -25.27 1.53 -0.01
N ASP B 991 -24.44 2.09 0.86
CA ASP B 991 -24.78 3.35 1.51
C ASP B 991 -24.88 4.48 0.50
N GLN B 992 -24.00 4.51 -0.51
CA GLN B 992 -24.09 5.50 -1.57
C GLN B 992 -25.36 5.35 -2.37
N VAL B 993 -25.75 4.11 -2.69
CA VAL B 993 -26.94 3.91 -3.50
C VAL B 993 -28.20 4.22 -2.69
N TRP B 994 -28.17 3.97 -1.39
CA TRP B 994 -29.31 4.33 -0.55
C TRP B 994 -29.49 5.84 -0.45
N LYS B 995 -28.40 6.56 -0.18
CA LYS B 995 -28.55 8.00 -0.06
C LYS B 995 -28.62 8.70 -1.41
N PHE B 996 -28.36 8.00 -2.51
CA PHE B 996 -28.77 8.50 -3.81
C PHE B 996 -30.27 8.32 -4.03
N GLN B 997 -30.82 7.18 -3.59
CA GLN B 997 -32.27 6.95 -3.68
C GLN B 997 -33.06 7.88 -2.76
N ARG B 998 -32.40 8.41 -1.73
CA ARG B 998 -33.03 9.31 -0.78
C ARG B 998 -33.54 10.59 -1.44
N TYR B 999 -32.88 11.01 -2.53
CA TYR B 999 -33.29 12.19 -3.29
C TYR B 999 -34.72 12.06 -3.80
N PHE B 1000 -35.11 10.88 -4.27
CA PHE B 1000 -36.40 10.74 -4.93
C PHE B 1000 -37.54 10.79 -3.93
N LEU B 1001 -37.35 10.20 -2.76
CA LEU B 1001 -38.40 10.25 -1.75
C LEU B 1001 -38.51 11.64 -1.15
N VAL B 1002 -37.39 12.33 -0.97
CA VAL B 1002 -37.46 13.71 -0.49
C VAL B 1002 -38.11 14.62 -1.53
N GLN B 1003 -37.83 14.38 -2.81
CA GLN B 1003 -38.42 15.24 -3.83
C GLN B 1003 -39.83 14.80 -4.23
N GLU B 1004 -40.32 13.68 -3.70
CA GLU B 1004 -41.75 13.45 -3.85
C GLU B 1004 -42.54 13.78 -2.59
N TYR B 1005 -41.87 13.97 -1.45
CA TYR B 1005 -42.57 14.40 -0.24
C TYR B 1005 -42.28 15.84 0.14
N CYS B 1006 -41.51 16.57 -0.66
CA CYS B 1006 -41.31 18.00 -0.48
C CYS B 1006 -41.85 18.81 -1.65
N ASN B 1007 -42.28 18.15 -2.72
CA ASN B 1007 -42.71 18.88 -3.90
C ASN B 1007 -44.13 19.41 -3.72
N ARG B 1008 -45.09 18.51 -3.55
CA ARG B 1008 -46.49 18.89 -3.40
C ARG B 1008 -46.72 19.62 -2.08
N LEU B 1009 -47.78 20.42 -2.04
CA LEU B 1009 -48.29 20.96 -0.79
C LEU B 1009 -49.23 19.90 -0.23
N ASN B 1010 -48.72 19.13 0.72
CA ASN B 1010 -49.40 17.92 1.18
C ASN B 1010 -49.88 18.06 2.61
N ILE B 1011 -51.18 17.85 2.78
CA ILE B 1011 -51.80 17.68 4.08
C ILE B 1011 -51.69 16.19 4.39
N PRO B 1012 -51.94 15.74 5.63
CA PRO B 1012 -52.01 14.30 5.89
C PRO B 1012 -53.08 13.58 5.07
N PHE B 1013 -52.91 12.26 4.98
CA PHE B 1013 -53.38 11.52 3.80
C PHE B 1013 -54.89 11.40 3.61
N PRO B 1014 -55.71 10.94 4.58
CA PRO B 1014 -57.12 10.66 4.23
C PRO B 1014 -57.97 11.89 3.94
N PHE B 1015 -57.42 13.09 4.09
CA PHE B 1015 -58.09 14.33 3.75
C PHE B 1015 -57.61 14.91 2.42
N VAL B 1016 -56.55 14.32 1.83
CA VAL B 1016 -55.90 14.84 0.63
C VAL B 1016 -56.86 14.95 -0.54
N VAL B 1017 -57.83 14.04 -0.63
CA VAL B 1017 -58.82 14.04 -1.71
C VAL B 1017 -59.65 15.32 -1.68
N PHE B 1018 -59.89 15.90 -0.49
CA PHE B 1018 -60.57 17.20 -0.40
C PHE B 1018 -59.73 18.29 -1.06
N ALA B 1019 -58.42 18.29 -0.77
CA ALA B 1019 -57.50 19.19 -1.44
C ALA B 1019 -57.42 18.94 -2.93
N TYR B 1020 -57.72 17.71 -3.38
CA TYR B 1020 -57.79 17.43 -4.81
C TYR B 1020 -58.90 18.26 -5.45
N PHE B 1021 -60.02 18.45 -4.73
CA PHE B 1021 -61.08 19.32 -5.22
C PHE B 1021 -60.62 20.77 -5.33
N TYR B 1022 -59.67 21.18 -4.48
CA TYR B 1022 -59.10 22.52 -4.59
C TYR B 1022 -58.38 22.69 -5.92
N MET B 1023 -57.71 21.65 -6.40
CA MET B 1023 -57.10 21.74 -7.73
C MET B 1023 -58.17 21.73 -8.80
N VAL B 1024 -59.32 21.10 -8.54
CA VAL B 1024 -60.47 21.21 -9.41
C VAL B 1024 -60.97 22.65 -9.46
N VAL B 1025 -60.81 23.37 -8.33
CA VAL B 1025 -61.09 24.81 -8.28
C VAL B 1025 -60.26 25.56 -9.33
N LYS B 1026 -59.01 25.13 -9.53
CA LYS B 1026 -58.20 25.69 -10.62
C LYS B 1026 -58.86 25.43 -11.97
N LYS B 1027 -59.28 24.19 -12.23
CA LYS B 1027 -60.03 23.92 -13.44
C LYS B 1027 -61.48 24.42 -13.37
N CYS B 1028 -61.94 24.90 -12.21
CA CYS B 1028 -63.21 25.61 -12.18
C CYS B 1028 -63.04 27.08 -12.54
N PHE B 1029 -61.80 27.57 -12.61
CA PHE B 1029 -61.57 28.96 -13.00
C PHE B 1029 -60.58 29.12 -14.15
N LYS B 1030 -59.50 28.35 -14.16
CA LYS B 1030 -58.46 28.53 -15.17
C LYS B 1030 -58.54 27.45 -16.23
N PHE B 1045 -30.10 37.31 -15.27
CA PHE B 1045 -30.53 38.70 -15.20
C PHE B 1045 -30.75 39.14 -13.75
N ARG B 1046 -31.11 38.19 -12.91
CA ARG B 1046 -31.43 38.49 -11.51
C ARG B 1046 -30.16 38.76 -10.72
N ASN B 1047 -30.22 39.78 -9.85
CA ASN B 1047 -29.00 40.37 -9.31
C ASN B 1047 -28.36 39.51 -8.23
N GLU B 1048 -29.15 38.88 -7.37
CA GLU B 1048 -28.56 38.02 -6.35
C GLU B 1048 -28.05 36.71 -6.93
N ASP B 1049 -28.59 36.28 -8.07
CA ASP B 1049 -28.02 35.17 -8.82
C ASP B 1049 -26.61 35.50 -9.29
N ASN B 1050 -26.42 36.71 -9.84
CA ASN B 1050 -25.09 37.15 -10.23
C ASN B 1050 -24.20 37.33 -9.01
N GLU B 1051 -24.78 37.72 -7.88
CA GLU B 1051 -24.00 37.87 -6.65
C GLU B 1051 -23.47 36.54 -6.16
N THR B 1052 -24.30 35.48 -6.21
CA THR B 1052 -23.80 34.21 -5.72
C THR B 1052 -22.90 33.50 -6.74
N LEU B 1053 -23.06 33.76 -8.04
CA LEU B 1053 -22.09 33.26 -9.00
C LEU B 1053 -20.74 33.95 -8.83
N ALA B 1054 -20.77 35.27 -8.56
CA ALA B 1054 -19.54 35.98 -8.22
C ALA B 1054 -18.94 35.50 -6.92
N TRP B 1055 -19.78 35.01 -6.00
CA TRP B 1055 -19.26 34.35 -4.81
C TRP B 1055 -18.56 33.05 -5.17
N GLU B 1056 -19.19 32.26 -6.05
CA GLU B 1056 -18.66 30.96 -6.48
C GLU B 1056 -17.28 31.08 -7.11
N GLY B 1057 -17.08 32.15 -7.90
CA GLY B 1057 -15.81 32.35 -8.57
C GLY B 1057 -14.63 32.49 -7.63
N VAL B 1058 -14.86 33.01 -6.43
CA VAL B 1058 -13.79 33.20 -5.46
C VAL B 1058 -13.27 31.86 -4.95
N MET B 1059 -14.17 30.94 -4.60
CA MET B 1059 -13.68 29.63 -4.19
C MET B 1059 -13.21 28.80 -5.36
N LYS B 1060 -13.68 29.08 -6.57
CA LYS B 1060 -13.07 28.48 -7.75
C LYS B 1060 -11.61 28.87 -7.86
N GLU B 1061 -11.31 30.16 -7.66
CA GLU B 1061 -9.93 30.62 -7.69
C GLU B 1061 -9.12 30.01 -6.56
N ASN B 1062 -9.73 29.88 -5.38
CA ASN B 1062 -9.03 29.27 -4.24
C ASN B 1062 -8.77 27.78 -4.49
N TYR B 1063 -9.71 27.10 -5.14
CA TYR B 1063 -9.55 25.69 -5.48
C TYR B 1063 -8.47 25.49 -6.52
N LEU B 1064 -8.37 26.38 -7.51
CA LEU B 1064 -7.29 26.30 -8.49
C LEU B 1064 -5.93 26.58 -7.85
N VAL B 1065 -5.89 27.52 -6.90
CA VAL B 1065 -4.69 27.77 -6.10
C VAL B 1065 -4.29 26.51 -5.35
N LYS B 1066 -5.27 25.79 -4.80
CA LYS B 1066 -4.97 24.58 -4.04
C LYS B 1066 -4.45 23.46 -4.95
N ILE B 1067 -5.04 23.31 -6.14
CA ILE B 1067 -4.57 22.32 -7.12
C ILE B 1067 -3.13 22.58 -7.48
N ASN B 1068 -2.79 23.83 -7.82
CA ASN B 1068 -1.42 24.14 -8.17
C ASN B 1068 -0.49 24.15 -6.96
N THR B 1069 -1.02 24.26 -5.75
CA THR B 1069 -0.24 24.14 -4.53
C THR B 1069 0.15 22.70 -4.24
N LYS B 1070 -0.67 21.73 -4.68
CA LYS B 1070 -0.35 20.33 -4.42
C LYS B 1070 0.90 19.87 -5.17
N ALA B 1071 1.23 20.54 -6.29
CA ALA B 1071 2.45 20.24 -7.03
C ALA B 1071 3.62 20.93 -6.34
N ASN B 1072 4.45 20.17 -5.63
CA ASN B 1072 5.55 20.71 -4.85
C ASN B 1072 6.83 19.94 -5.14
N ASP B 1073 7.94 20.67 -5.26
CA ASP B 1073 9.24 20.07 -5.51
C ASP B 1073 10.32 21.01 -4.99
N ASN B 1074 11.38 20.41 -4.44
CA ASN B 1074 12.52 21.15 -3.91
C ASN B 1074 13.64 21.31 -4.93
N SER B 1075 13.46 20.78 -6.15
CA SER B 1075 14.53 20.84 -7.13
C SER B 1075 14.69 22.23 -7.72
N GLU B 1076 13.59 23.00 -7.81
CA GLU B 1076 13.65 24.30 -8.47
C GLU B 1076 14.35 25.35 -7.61
N GLU B 1077 14.18 25.30 -6.29
CA GLU B 1077 14.81 26.30 -5.44
C GLU B 1077 16.32 26.08 -5.34
N MET B 1078 16.76 24.83 -5.19
CA MET B 1078 18.19 24.54 -5.21
C MET B 1078 18.76 24.72 -6.61
N ARG B 1079 17.92 24.54 -7.64
CA ARG B 1079 18.34 24.81 -9.00
C ARG B 1079 18.58 26.30 -9.22
N HIS B 1080 17.70 27.15 -8.68
CA HIS B 1080 17.90 28.59 -8.75
C HIS B 1080 19.11 29.02 -7.95
N ARG B 1081 19.37 28.36 -6.82
CA ARG B 1081 20.62 28.58 -6.09
C ARG B 1081 21.83 28.19 -6.93
N PHE B 1082 21.71 27.11 -7.72
CA PHE B 1082 22.78 26.69 -8.62
C PHE B 1082 23.01 27.71 -9.72
N ARG B 1083 21.93 28.27 -10.29
CA ARG B 1083 22.09 29.30 -11.32
C ARG B 1083 22.69 30.59 -10.76
N GLN B 1084 22.32 30.98 -9.55
CA GLN B 1084 22.90 32.22 -9.02
C GLN B 1084 24.35 32.03 -8.58
N LEU B 1085 24.71 30.83 -8.09
CA LEU B 1085 26.13 30.61 -7.79
C LEU B 1085 26.95 30.46 -9.07
N ASP B 1086 26.36 29.93 -10.14
CA ASP B 1086 27.04 29.88 -11.43
C ASP B 1086 27.21 31.28 -12.01
N SER B 1087 26.24 32.16 -11.76
CA SER B 1087 26.38 33.56 -12.15
C SER B 1087 27.50 34.24 -11.37
N LYS B 1088 27.62 33.91 -10.08
CA LYS B 1088 28.75 34.44 -9.30
C LYS B 1088 30.09 33.88 -9.80
N LEU B 1089 30.10 32.62 -10.24
CA LEU B 1089 31.32 32.04 -10.82
C LEU B 1089 31.70 32.73 -12.12
N ASN B 1090 30.72 33.03 -12.98
CA ASN B 1090 31.02 33.75 -14.21
C ASN B 1090 31.45 35.18 -13.94
N ASP B 1091 30.93 35.78 -12.86
CA ASP B 1091 31.40 37.10 -12.47
C ASP B 1091 32.84 37.05 -11.98
N LEU B 1092 33.21 36.00 -11.23
CA LEU B 1092 34.59 35.83 -10.81
C LEU B 1092 35.51 35.58 -12.00
N LYS B 1093 35.02 34.84 -13.01
CA LYS B 1093 35.80 34.61 -14.22
C LYS B 1093 35.98 35.90 -15.01
N SER B 1094 34.95 36.73 -15.08
CA SER B 1094 35.05 38.03 -15.73
C SER B 1094 36.04 38.94 -15.02
N LEU B 1095 36.02 38.94 -13.68
CA LEU B 1095 36.97 39.73 -12.91
C LEU B 1095 38.40 39.22 -13.06
N LEU B 1096 38.59 37.90 -13.16
CA LEU B 1096 39.94 37.38 -13.35
C LEU B 1096 40.46 37.64 -14.75
N LYS B 1097 39.59 37.62 -15.76
CA LYS B 1097 40.00 38.05 -17.09
C LYS B 1097 40.34 39.54 -17.12
N GLU B 1098 39.62 40.34 -16.33
CA GLU B 1098 39.94 41.77 -16.21
C GLU B 1098 41.30 41.98 -15.54
N ILE B 1099 41.61 41.20 -14.51
CA ILE B 1099 42.90 41.34 -13.83
C ILE B 1099 44.02 40.83 -14.73
N ALA B 1100 43.76 39.78 -15.52
CA ALA B 1100 44.74 39.32 -16.50
C ALA B 1100 44.99 40.33 -17.60
N ASN B 1101 43.96 41.11 -17.97
CA ASN B 1101 44.17 42.18 -18.92
C ASN B 1101 44.87 43.38 -18.29
N ASN B 1102 44.66 43.59 -16.98
CA ASN B 1102 45.32 44.69 -16.29
C ASN B 1102 46.81 44.43 -16.08
N ILE B 1103 47.18 43.18 -15.80
CA ILE B 1103 48.59 42.83 -15.73
C ILE B 1103 49.22 42.89 -17.12
N LYS B 1104 48.54 42.33 -18.11
CA LYS B 1104 49.03 42.32 -19.49
C LYS B 1104 48.40 43.44 -20.30
N ALA C 102 65.00 -28.74 -0.78
CA ALA C 102 65.11 -28.66 -2.24
C ALA C 102 63.78 -28.99 -2.89
N PHE C 103 63.61 -30.24 -3.29
CA PHE C 103 62.38 -30.68 -3.93
C PHE C 103 61.29 -30.93 -2.89
N GLY C 104 60.21 -31.57 -3.35
CA GLY C 104 59.23 -32.13 -2.45
C GLY C 104 57.97 -31.31 -2.27
N ASP C 105 56.87 -31.99 -1.94
CA ASP C 105 55.62 -31.32 -1.63
C ASP C 105 55.67 -30.76 -0.21
N ILE C 106 54.68 -29.95 0.12
CA ILE C 106 54.52 -29.43 1.48
C ILE C 106 53.07 -29.65 1.89
N GLN C 107 52.87 -30.19 3.09
CA GLN C 107 51.56 -30.44 3.66
C GLN C 107 51.61 -30.15 5.15
N PHE C 108 50.49 -29.69 5.70
CA PHE C 108 50.45 -29.28 7.11
C PHE C 108 49.50 -30.16 7.91
N GLY C 115 50.94 -28.02 -1.29
CA GLY C 115 51.72 -27.15 -2.15
C GLY C 115 53.06 -27.75 -2.56
N LYS C 116 53.75 -27.08 -3.47
CA LYS C 116 55.07 -27.50 -3.94
C LYS C 116 56.06 -26.38 -3.71
N TYR C 117 57.13 -26.65 -2.97
CA TYR C 117 58.15 -25.66 -2.69
C TYR C 117 59.43 -26.03 -3.42
N LEU C 118 60.33 -25.05 -3.54
CA LEU C 118 61.62 -25.27 -4.18
C LEU C 118 62.61 -24.24 -3.69
N ARG C 119 63.78 -24.71 -3.25
CA ARG C 119 64.92 -23.84 -3.01
C ARG C 119 65.75 -23.79 -4.27
N LEU C 120 66.05 -22.58 -4.73
CA LEU C 120 66.73 -22.40 -6.02
C LEU C 120 67.64 -21.18 -5.92
N SER C 121 68.74 -21.21 -6.66
CA SER C 121 69.71 -20.12 -6.64
C SER C 121 69.17 -18.91 -7.39
N CYS C 122 69.68 -17.73 -7.02
CA CYS C 122 69.26 -16.49 -7.65
C CYS C 122 69.79 -16.33 -9.07
N ASP C 123 70.92 -16.94 -9.38
CA ASP C 123 71.61 -16.72 -10.66
C ASP C 123 71.08 -17.59 -11.79
N THR C 124 69.97 -18.29 -11.59
CA THR C 124 69.40 -19.07 -12.69
C THR C 124 68.60 -18.16 -13.62
N ASP C 125 68.48 -18.59 -14.87
CA ASP C 125 67.68 -17.87 -15.83
C ASP C 125 66.21 -18.25 -15.71
N SER C 126 65.33 -17.32 -16.08
CA SER C 126 63.91 -17.52 -15.87
C SER C 126 63.29 -18.46 -16.90
N GLU C 127 63.99 -18.74 -18.00
CA GLU C 127 63.38 -19.55 -19.06
C GLU C 127 63.26 -21.02 -18.66
N THR C 128 64.27 -21.58 -17.98
CA THR C 128 64.14 -22.95 -17.53
C THR C 128 63.21 -23.06 -16.33
N LEU C 129 63.04 -21.97 -15.58
CA LEU C 129 62.04 -21.95 -14.51
C LEU C 129 60.65 -21.97 -15.11
N TYR C 130 60.45 -21.23 -16.19
CA TYR C 130 59.17 -21.25 -16.91
C TYR C 130 58.91 -22.62 -17.52
N GLU C 131 59.96 -23.26 -18.06
CA GLU C 131 59.81 -24.60 -18.62
C GLU C 131 59.48 -25.63 -17.55
N LEU C 132 60.07 -25.49 -16.36
CA LEU C 132 59.70 -26.32 -15.22
C LEU C 132 58.25 -26.12 -14.83
N LEU C 133 57.86 -24.87 -14.64
CA LEU C 133 56.57 -24.56 -14.05
C LEU C 133 55.42 -24.68 -15.05
N THR C 134 55.71 -24.83 -16.34
CA THR C 134 54.66 -25.05 -17.32
C THR C 134 54.65 -26.45 -17.92
N GLN C 135 55.82 -27.07 -18.12
CA GLN C 135 55.84 -28.41 -18.69
C GLN C 135 55.53 -29.46 -17.62
N HIS C 136 56.33 -29.51 -16.57
CA HIS C 136 56.10 -30.48 -15.49
C HIS C 136 54.89 -30.15 -14.65
N TRP C 137 54.49 -28.87 -14.62
CA TRP C 137 53.40 -28.39 -13.79
C TRP C 137 52.30 -27.81 -14.67
N HIS C 138 51.38 -27.04 -14.06
CA HIS C 138 50.17 -26.53 -14.70
C HIS C 138 50.39 -25.61 -15.89
N LEU C 139 49.29 -25.19 -16.52
CA LEU C 139 49.30 -24.62 -17.86
C LEU C 139 49.60 -23.12 -17.83
N LYS C 140 49.43 -22.48 -18.99
CA LYS C 140 49.88 -21.11 -19.23
C LYS C 140 48.88 -20.10 -18.68
N THR C 141 49.05 -18.84 -19.05
CA THR C 141 48.25 -17.73 -18.52
C THR C 141 47.74 -16.77 -19.58
N PRO C 142 46.48 -16.32 -19.47
CA PRO C 142 46.07 -15.11 -20.17
C PRO C 142 46.40 -13.84 -19.42
N ASN C 143 46.76 -13.93 -18.14
CA ASN C 143 46.98 -12.74 -17.32
C ASN C 143 47.94 -13.12 -16.19
N LEU C 144 48.60 -12.11 -15.63
CA LEU C 144 49.54 -12.33 -14.54
C LEU C 144 49.52 -11.10 -13.64
N VAL C 145 48.99 -11.26 -12.44
CA VAL C 145 48.83 -10.15 -11.49
C VAL C 145 49.86 -10.33 -10.39
N ILE C 146 50.55 -9.24 -10.06
CA ILE C 146 51.61 -9.24 -9.07
C ILE C 146 51.16 -8.32 -7.96
N SER C 147 51.46 -8.66 -6.71
CA SER C 147 51.18 -7.76 -5.60
C SER C 147 52.46 -7.54 -4.80
N VAL C 148 52.73 -6.28 -4.42
CA VAL C 148 53.86 -6.02 -3.54
C VAL C 148 53.35 -5.54 -2.18
N THR C 149 53.67 -6.32 -1.14
CA THR C 149 53.43 -6.15 0.28
C THR C 149 54.24 -7.26 0.96
N GLY C 150 54.74 -6.99 2.16
CA GLY C 150 55.55 -7.97 2.85
C GLY C 150 56.60 -7.38 3.76
N GLY C 151 56.91 -6.10 3.58
CA GLY C 151 57.58 -5.39 4.64
C GLY C 151 56.69 -5.07 5.82
N ALA C 152 55.38 -5.07 5.61
CA ALA C 152 54.40 -4.88 6.68
C ALA C 152 54.23 -6.20 7.41
N LYS C 153 54.77 -6.27 8.63
CA LYS C 153 54.52 -7.36 9.55
C LYS C 153 53.04 -7.44 9.87
N ASN C 154 52.48 -6.31 10.30
CA ASN C 154 51.07 -6.16 10.61
C ASN C 154 50.41 -5.28 9.56
N PHE C 155 49.11 -5.51 9.36
CA PHE C 155 48.39 -4.83 8.29
C PHE C 155 46.94 -4.62 8.66
N ALA C 156 46.43 -3.42 8.39
CA ALA C 156 45.05 -3.07 8.67
C ALA C 156 44.17 -3.55 7.52
N LEU C 157 43.19 -4.38 7.84
CA LEU C 157 42.31 -4.98 6.83
C LEU C 157 40.95 -4.31 6.96
N LYS C 158 40.80 -3.15 6.34
CA LYS C 158 39.53 -2.47 6.30
C LYS C 158 38.65 -3.11 5.23
N PRO C 159 37.32 -3.01 5.35
CA PRO C 159 36.43 -3.68 4.38
C PRO C 159 36.53 -3.18 2.95
N ARG C 160 37.08 -1.98 2.71
CA ARG C 160 37.26 -1.55 1.32
C ARG C 160 38.37 -2.33 0.63
N MET C 161 39.55 -2.40 1.26
CA MET C 161 40.63 -3.22 0.71
C MET C 161 40.29 -4.70 0.73
N ARG C 162 39.49 -5.12 1.71
CA ARG C 162 38.97 -6.49 1.76
C ARG C 162 38.12 -6.79 0.53
N LYS C 163 37.20 -5.88 0.20
CA LYS C 163 36.36 -6.02 -0.99
C LYS C 163 37.19 -5.98 -2.26
N ILE C 164 38.21 -5.12 -2.30
CA ILE C 164 39.05 -4.99 -3.49
C ILE C 164 39.82 -6.27 -3.75
N PHE C 165 40.39 -6.87 -2.71
CA PHE C 165 41.20 -8.06 -2.96
C PHE C 165 40.33 -9.32 -3.12
N SER C 166 39.13 -9.34 -2.52
CA SER C 166 38.19 -10.40 -2.85
C SER C 166 37.76 -10.33 -4.31
N ARG C 167 37.45 -9.12 -4.80
CA ARG C 167 37.13 -8.93 -6.20
C ARG C 167 38.32 -9.26 -7.10
N LEU C 168 39.53 -8.96 -6.65
CA LEU C 168 40.73 -9.26 -7.41
C LEU C 168 40.93 -10.76 -7.58
N ILE C 169 40.73 -11.53 -6.51
CA ILE C 169 40.92 -12.96 -6.63
C ILE C 169 39.76 -13.59 -7.39
N TYR C 170 38.58 -12.97 -7.37
CA TYR C 170 37.50 -13.41 -8.26
C TYR C 170 37.85 -13.16 -9.73
N ILE C 171 38.48 -12.02 -10.04
CA ILE C 171 38.89 -11.74 -11.41
C ILE C 171 39.99 -12.70 -11.85
N ALA C 172 40.92 -13.02 -10.94
CA ALA C 172 41.97 -13.96 -11.26
C ALA C 172 41.43 -15.38 -11.44
N GLN C 173 40.31 -15.70 -10.79
CA GLN C 173 39.68 -16.98 -11.07
C GLN C 173 38.91 -16.97 -12.38
N SER C 174 38.28 -15.84 -12.72
CA SER C 174 37.52 -15.75 -13.96
C SER C 174 38.43 -15.75 -15.17
N LYS C 175 39.65 -15.23 -15.05
CA LYS C 175 40.56 -15.12 -16.17
C LYS C 175 41.59 -16.24 -16.23
N GLY C 176 41.84 -16.92 -15.11
CA GLY C 176 42.85 -17.97 -15.09
C GLY C 176 44.25 -17.41 -15.04
N ALA C 177 44.50 -16.52 -14.08
CA ALA C 177 45.75 -15.80 -13.96
C ALA C 177 46.58 -16.33 -12.81
N TRP C 178 47.90 -16.21 -12.94
CA TRP C 178 48.77 -16.39 -11.80
C TRP C 178 48.75 -15.13 -10.94
N ILE C 179 48.87 -15.33 -9.64
CA ILE C 179 49.12 -14.21 -8.74
C ILE C 179 50.46 -14.41 -8.04
N LEU C 180 51.38 -13.50 -8.32
CA LEU C 180 52.70 -13.51 -7.70
C LEU C 180 52.64 -12.65 -6.44
N THR C 181 53.25 -13.14 -5.37
CA THR C 181 53.24 -12.42 -4.11
C THR C 181 54.45 -12.85 -3.29
N GLY C 182 54.57 -12.29 -2.08
CA GLY C 182 55.65 -12.68 -1.19
C GLY C 182 55.49 -14.11 -0.70
N GLY C 183 54.40 -14.40 0.00
CA GLY C 183 54.13 -15.75 0.42
C GLY C 183 54.41 -16.05 1.87
N THR C 184 54.64 -15.03 2.70
CA THR C 184 54.85 -15.26 4.11
C THR C 184 53.49 -15.24 4.83
N HIS C 185 53.47 -15.72 6.06
CA HIS C 185 52.24 -15.84 6.83
C HIS C 185 51.73 -14.51 7.35
N TYR C 186 52.52 -13.45 7.25
CA TYR C 186 52.27 -12.21 7.97
C TYR C 186 51.61 -11.20 7.05
N GLY C 187 50.48 -10.65 7.49
CA GLY C 187 49.88 -9.48 6.86
C GLY C 187 48.94 -9.76 5.72
N LEU C 188 49.24 -9.18 4.56
CA LEU C 188 48.31 -9.23 3.43
C LEU C 188 48.29 -10.61 2.79
N MET C 189 49.43 -11.29 2.76
CA MET C 189 49.51 -12.62 2.14
C MET C 189 48.69 -13.65 2.90
N LYS C 190 48.50 -13.43 4.20
CA LYS C 190 47.52 -14.19 4.97
C LYS C 190 46.13 -14.09 4.37
N TYR C 191 45.69 -12.86 4.08
CA TYR C 191 44.36 -12.64 3.54
C TYR C 191 44.23 -13.14 2.11
N ILE C 192 45.31 -13.03 1.32
CA ILE C 192 45.30 -13.57 -0.03
C ILE C 192 45.18 -15.09 0.01
N GLY C 193 45.92 -15.74 0.91
CA GLY C 193 45.78 -17.18 1.07
C GLY C 193 44.41 -17.60 1.55
N GLU C 194 43.80 -16.78 2.42
CA GLU C 194 42.44 -17.01 2.88
C GLU C 194 41.43 -16.98 1.74
N VAL C 195 41.51 -15.95 0.89
CA VAL C 195 40.52 -15.82 -0.18
C VAL C 195 40.79 -16.84 -1.29
N VAL C 196 42.04 -17.22 -1.50
CA VAL C 196 42.35 -18.32 -2.43
C VAL C 196 41.74 -19.63 -1.91
N ARG C 197 41.90 -19.90 -0.61
CA ARG C 197 41.29 -21.07 -0.01
C ARG C 197 39.77 -21.03 -0.06
N ASP C 198 39.17 -19.84 0.05
CA ASP C 198 37.71 -19.75 0.05
C ASP C 198 37.14 -19.94 -1.36
N ASN C 199 37.75 -19.31 -2.36
CA ASN C 199 37.29 -19.53 -3.73
C ASN C 199 37.62 -20.92 -4.22
N THR C 200 38.63 -21.57 -3.63
CA THR C 200 38.85 -22.98 -3.91
C THR C 200 37.78 -23.84 -3.28
N ILE C 201 37.40 -23.54 -2.04
CA ILE C 201 36.48 -24.39 -1.31
C ILE C 201 35.03 -24.16 -1.72
N SER C 202 34.74 -23.06 -2.42
CA SER C 202 33.39 -22.76 -2.84
C SER C 202 33.01 -23.41 -4.17
N ARG C 203 33.98 -23.74 -5.00
CA ARG C 203 33.67 -24.31 -6.32
C ARG C 203 34.36 -25.64 -6.58
N ASN C 204 35.60 -25.81 -6.11
CA ASN C 204 36.39 -27.04 -6.14
C ASN C 204 36.71 -27.55 -7.54
N SER C 205 36.45 -26.76 -8.57
CA SER C 205 36.66 -27.12 -9.96
C SER C 205 36.75 -25.82 -10.76
N GLU C 206 36.64 -25.93 -12.08
CA GLU C 206 36.69 -24.84 -13.08
C GLU C 206 37.87 -23.90 -12.84
N GLU C 207 39.07 -24.46 -13.11
CA GLU C 207 40.35 -23.76 -13.09
C GLU C 207 40.69 -23.24 -11.69
N ASN C 208 41.01 -24.20 -10.82
CA ASN C 208 41.63 -23.92 -9.53
C ASN C 208 42.85 -23.04 -9.69
N ILE C 209 42.91 -21.96 -8.89
CA ILE C 209 43.78 -20.84 -9.19
C ILE C 209 45.19 -21.09 -8.68
N VAL C 210 46.11 -20.25 -9.15
CA VAL C 210 47.54 -20.45 -8.94
C VAL C 210 48.11 -19.21 -8.26
N ALA C 211 48.62 -19.41 -7.04
CA ALA C 211 49.29 -18.37 -6.27
C ALA C 211 50.73 -18.82 -6.03
N ILE C 212 51.68 -17.99 -6.44
CA ILE C 212 53.09 -18.26 -6.20
C ILE C 212 53.60 -17.27 -5.17
N GLY C 213 54.04 -17.78 -4.04
CA GLY C 213 54.81 -17.00 -3.08
C GLY C 213 56.29 -17.14 -3.38
N ILE C 214 56.98 -16.01 -3.40
CA ILE C 214 58.42 -15.98 -3.67
C ILE C 214 59.09 -15.39 -2.44
N ALA C 215 59.84 -16.21 -1.73
CA ALA C 215 60.45 -15.82 -0.46
C ALA C 215 61.98 -15.91 -0.55
N ALA C 216 62.62 -15.49 0.54
CA ALA C 216 64.05 -15.24 0.52
C ALA C 216 64.89 -16.37 1.10
N TRP C 217 64.28 -17.29 1.88
CA TRP C 217 64.87 -18.45 2.55
C TRP C 217 65.76 -18.05 3.73
N GLY C 218 66.03 -16.77 3.90
CA GLY C 218 66.81 -16.28 5.01
C GLY C 218 66.00 -15.80 6.18
N MET C 219 64.68 -15.71 6.04
CA MET C 219 63.82 -15.30 7.13
C MET C 219 62.95 -16.43 7.65
N VAL C 220 63.01 -17.61 7.03
CA VAL C 220 62.20 -18.74 7.44
C VAL C 220 62.80 -19.35 8.71
N SER C 221 61.97 -19.51 9.74
CA SER C 221 62.45 -20.00 11.02
C SER C 221 62.79 -21.48 10.97
N ASN C 222 61.80 -22.32 10.65
CA ASN C 222 61.96 -23.75 10.63
C ASN C 222 62.17 -24.20 9.19
N ARG C 223 63.31 -24.81 8.92
CA ARG C 223 63.66 -25.24 7.57
C ARG C 223 64.01 -26.72 7.58
N ASP C 224 63.51 -27.45 6.60
CA ASP C 224 63.75 -28.89 6.49
C ASP C 224 64.39 -29.17 5.14
N THR C 225 65.53 -29.85 5.17
CA THR C 225 66.23 -30.22 3.95
C THR C 225 65.86 -31.66 3.60
N LEU C 226 65.15 -31.83 2.49
CA LEU C 226 64.66 -33.13 2.07
C LEU C 226 64.91 -33.27 0.57
N ILE C 227 64.32 -34.30 -0.01
CA ILE C 227 64.35 -34.46 -1.45
C ILE C 227 62.96 -34.22 -1.98
N ASP C 232 59.99 -37.13 -0.12
CA ASP C 232 60.07 -36.64 1.25
C ASP C 232 59.43 -35.26 1.37
N GLU C 233 58.17 -35.23 1.81
CA GLU C 233 57.46 -33.99 2.04
C GLU C 233 57.77 -33.49 3.44
N GLY C 234 57.75 -32.17 3.61
CA GLY C 234 58.02 -31.54 4.88
C GLY C 234 56.75 -31.23 5.64
N HIS C 235 56.93 -30.87 6.91
CA HIS C 235 55.83 -30.48 7.77
C HIS C 235 56.26 -29.21 8.49
N PHE C 236 56.00 -28.07 7.86
CA PHE C 236 56.44 -26.77 8.35
C PHE C 236 55.42 -26.27 9.38
N SER C 237 55.89 -25.98 10.58
CA SER C 237 55.06 -25.42 11.62
C SER C 237 55.90 -24.54 12.54
N ALA C 238 55.22 -23.75 13.36
CA ALA C 238 55.89 -22.87 14.30
C ALA C 238 55.62 -23.33 15.74
N TYR C 251 60.47 -14.79 9.50
CA TYR C 251 59.20 -14.84 8.80
C TYR C 251 58.69 -16.27 8.71
N ILE C 252 57.39 -16.44 8.87
CA ILE C 252 56.74 -17.74 8.74
C ILE C 252 56.08 -17.79 7.37
N LEU C 253 56.18 -18.93 6.70
CA LEU C 253 55.52 -19.09 5.41
C LEU C 253 54.02 -19.22 5.59
N ASP C 254 53.28 -18.83 4.56
CA ASP C 254 51.83 -18.85 4.61
C ASP C 254 51.31 -20.24 4.26
N ASN C 255 50.13 -20.56 4.80
CA ASN C 255 49.61 -21.92 4.72
C ASN C 255 49.02 -22.25 3.36
N ASN C 256 48.45 -21.27 2.67
CA ASN C 256 47.50 -21.55 1.61
C ASN C 256 47.99 -21.16 0.21
N HIS C 257 49.23 -20.71 0.07
CA HIS C 257 49.75 -20.45 -1.27
C HIS C 257 50.12 -21.78 -1.92
N THR C 258 49.57 -22.01 -3.12
CA THR C 258 49.67 -23.33 -3.72
C THR C 258 51.04 -23.59 -4.36
N HIS C 259 51.85 -22.57 -4.55
CA HIS C 259 53.22 -22.80 -5.00
C HIS C 259 54.16 -21.84 -4.28
N LEU C 260 55.34 -22.33 -3.94
CA LEU C 260 56.34 -21.53 -3.26
C LEU C 260 57.69 -21.68 -3.96
N LEU C 261 58.42 -20.57 -4.02
CA LEU C 261 59.77 -20.54 -4.57
C LEU C 261 60.62 -19.69 -3.63
N LEU C 262 61.70 -20.26 -3.12
CA LEU C 262 62.54 -19.59 -2.13
C LEU C 262 63.94 -19.46 -2.68
N VAL C 263 64.42 -18.23 -2.79
CA VAL C 263 65.70 -17.99 -3.44
C VAL C 263 66.84 -18.34 -2.49
N ASP C 264 67.94 -18.82 -3.06
CA ASP C 264 69.11 -19.21 -2.28
C ASP C 264 70.07 -18.04 -2.19
N ASN C 265 70.48 -17.72 -0.96
CA ASN C 265 71.50 -16.69 -0.74
C ASN C 265 72.23 -17.07 0.55
N GLY C 266 72.97 -16.11 1.12
CA GLY C 266 73.83 -16.38 2.24
C GLY C 266 73.14 -16.37 3.59
N CYS C 267 73.47 -15.39 4.43
CA CYS C 267 73.10 -15.43 5.84
C CYS C 267 71.62 -15.08 6.03
N HIS C 268 71.23 -14.94 7.30
CA HIS C 268 69.82 -14.87 7.63
C HIS C 268 69.26 -13.47 7.44
N GLY C 269 69.86 -12.48 8.11
CA GLY C 269 69.34 -11.13 8.09
C GLY C 269 69.58 -10.39 6.80
N HIS C 270 68.92 -10.81 5.72
CA HIS C 270 69.08 -10.17 4.41
C HIS C 270 67.70 -10.02 3.77
N PRO C 271 67.05 -8.87 3.93
CA PRO C 271 65.86 -8.56 3.15
C PRO C 271 66.25 -8.18 1.72
N THR C 272 65.23 -8.06 0.87
CA THR C 272 65.32 -7.64 -0.55
C THR C 272 66.28 -8.52 -1.34
N VAL C 273 66.14 -9.83 -1.22
CA VAL C 273 66.95 -10.76 -2.00
C VAL C 273 66.17 -11.33 -3.18
N GLU C 274 64.90 -11.65 -2.96
CA GLU C 274 64.06 -12.28 -3.97
C GLU C 274 63.67 -11.35 -5.11
N ALA C 275 63.86 -10.04 -4.96
CA ALA C 275 63.32 -9.07 -5.91
C ALA C 275 64.00 -9.16 -7.27
N LYS C 276 65.28 -9.55 -7.31
CA LYS C 276 66.00 -9.66 -8.57
C LYS C 276 65.43 -10.79 -9.44
N LEU C 277 65.29 -11.99 -8.86
CA LEU C 277 64.72 -13.12 -9.59
C LEU C 277 63.25 -12.89 -9.89
N ARG C 278 62.53 -12.23 -8.97
CA ARG C 278 61.12 -11.90 -9.20
C ARG C 278 60.96 -10.99 -10.41
N ASN C 279 61.72 -9.89 -10.47
CA ASN C 279 61.60 -8.96 -11.57
C ASN C 279 62.13 -9.55 -12.87
N GLN C 280 63.12 -10.44 -12.80
CA GLN C 280 63.61 -11.08 -14.01
C GLN C 280 62.60 -12.08 -14.56
N LEU C 281 61.87 -12.75 -13.66
CA LEU C 281 60.78 -13.62 -14.08
C LEU C 281 59.65 -12.83 -14.72
N GLU C 282 59.32 -11.67 -14.13
CA GLU C 282 58.34 -10.77 -14.71
C GLU C 282 58.75 -10.33 -16.11
N LYS C 283 60.03 -9.98 -16.28
CA LYS C 283 60.53 -9.54 -17.57
C LYS C 283 60.50 -10.67 -18.61
N TYR C 284 60.79 -11.90 -18.17
CA TYR C 284 60.79 -13.01 -19.13
C TYR C 284 59.37 -13.37 -19.57
N ILE C 285 58.41 -13.40 -18.65
CA ILE C 285 57.05 -13.66 -19.10
C ILE C 285 56.49 -12.47 -19.89
N SER C 286 56.95 -11.25 -19.59
CA SER C 286 56.56 -10.09 -20.39
C SER C 286 57.13 -10.12 -21.79
N GLU C 287 58.26 -10.80 -22.01
CA GLU C 287 58.76 -11.00 -23.36
C GLU C 287 58.41 -12.37 -23.92
N ARG C 288 57.72 -13.21 -23.15
CA ARG C 288 57.29 -14.51 -23.63
C ARG C 288 56.09 -14.36 -24.56
N THR C 289 56.08 -15.11 -25.66
CA THR C 289 55.06 -14.99 -26.68
C THR C 289 54.10 -16.17 -26.61
N SER C 290 52.81 -15.87 -26.42
CA SER C 290 51.77 -16.90 -26.38
C SER C 290 50.56 -16.34 -27.14
N GLN C 291 50.42 -16.75 -28.40
CA GLN C 291 49.50 -16.09 -29.33
C GLN C 291 48.04 -16.40 -29.06
N ASP C 292 47.72 -17.38 -28.21
CA ASP C 292 46.33 -17.73 -27.92
C ASP C 292 45.73 -16.79 -26.87
N SER C 293 45.62 -15.52 -27.24
CA SER C 293 45.07 -14.49 -26.37
C SER C 293 44.55 -13.35 -27.24
N ASN C 294 44.28 -12.22 -26.61
CA ASN C 294 43.76 -11.05 -27.29
C ASN C 294 44.71 -9.86 -27.23
N TYR C 295 45.84 -10.02 -26.55
CA TYR C 295 46.83 -8.96 -26.35
C TYR C 295 47.87 -8.94 -27.47
N GLY C 296 47.63 -9.66 -28.56
CA GLY C 296 48.64 -9.87 -29.57
C GLY C 296 49.75 -10.72 -29.01
N GLY C 297 49.37 -11.74 -28.24
CA GLY C 297 50.34 -12.52 -27.53
C GLY C 297 50.81 -11.84 -26.26
N LYS C 298 52.08 -12.07 -25.93
CA LYS C 298 52.89 -11.29 -24.99
C LYS C 298 52.54 -11.46 -23.52
N ILE C 299 51.42 -12.12 -23.20
CA ILE C 299 50.98 -12.49 -21.84
C ILE C 299 50.97 -11.27 -20.91
N PRO C 300 49.95 -10.42 -20.99
CA PRO C 300 49.99 -9.13 -20.29
C PRO C 300 50.07 -9.26 -18.77
N ILE C 301 50.82 -8.33 -18.17
CA ILE C 301 51.27 -8.41 -16.78
C ILE C 301 50.92 -7.11 -16.08
N VAL C 302 50.30 -7.21 -14.91
CA VAL C 302 49.94 -6.03 -14.12
C VAL C 302 50.58 -6.15 -12.74
N CYS C 303 51.17 -5.05 -12.28
CA CYS C 303 51.73 -4.95 -10.93
C CYS C 303 50.80 -4.12 -10.06
N PHE C 304 50.62 -4.54 -8.80
CA PHE C 304 49.81 -3.84 -7.83
C PHE C 304 50.64 -3.36 -6.65
N ALA C 305 50.42 -2.11 -6.25
CA ALA C 305 51.00 -1.56 -5.04
C ALA C 305 49.89 -0.95 -4.20
N GLN C 306 49.90 -1.22 -2.90
CA GLN C 306 48.89 -0.64 -2.03
C GLN C 306 49.47 -0.02 -0.76
N GLY C 307 50.60 -0.53 -0.28
CA GLY C 307 51.07 -0.15 1.04
C GLY C 307 52.31 0.74 1.08
N GLY C 308 53.32 0.31 1.82
CA GLY C 308 54.51 1.13 2.00
C GLY C 308 55.75 0.30 2.24
N GLY C 309 56.88 0.96 2.11
CA GLY C 309 58.18 0.34 2.30
C GLY C 309 59.12 0.60 1.13
N ARG C 310 60.38 0.22 1.32
CA ARG C 310 61.36 0.37 0.25
C ARG C 310 61.15 -0.66 -0.84
N GLU C 311 60.68 -1.85 -0.47
CA GLU C 311 60.45 -2.94 -1.41
C GLU C 311 59.40 -2.56 -2.44
N THR C 312 58.36 -1.83 -2.01
CA THR C 312 57.33 -1.36 -2.93
C THR C 312 57.91 -0.43 -3.98
N LEU C 313 58.68 0.58 -3.55
CA LEU C 313 59.22 1.56 -4.48
C LEU C 313 60.25 0.96 -5.42
N LYS C 314 61.09 0.05 -4.91
CA LYS C 314 62.07 -0.62 -5.76
C LYS C 314 61.38 -1.53 -6.77
N ALA C 315 60.28 -2.18 -6.36
CA ALA C 315 59.54 -3.03 -7.28
C ALA C 315 58.83 -2.22 -8.35
N ILE C 316 58.24 -1.08 -7.98
CA ILE C 316 57.56 -0.24 -8.95
C ILE C 316 58.55 0.34 -9.95
N ASN C 317 59.74 0.76 -9.48
CA ASN C 317 60.70 1.32 -10.42
C ASN C 317 61.32 0.26 -11.30
N THR C 318 61.53 -0.95 -10.77
CA THR C 318 62.04 -2.03 -11.61
C THR C 318 60.98 -2.46 -12.63
N SER C 319 59.70 -2.31 -12.28
CA SER C 319 58.63 -2.57 -13.23
C SER C 319 58.58 -1.52 -14.32
N VAL C 320 58.51 -0.24 -13.94
CA VAL C 320 58.30 0.83 -14.90
C VAL C 320 59.56 1.06 -15.74
N LYS C 321 60.73 0.64 -15.24
CA LYS C 321 61.92 0.59 -16.08
C LYS C 321 61.79 -0.51 -17.13
N SER C 322 61.20 -1.65 -16.75
CA SER C 322 60.95 -2.73 -17.69
C SER C 322 59.75 -2.40 -18.57
N LYS C 323 59.54 -3.21 -19.58
CA LYS C 323 58.41 -3.02 -20.46
C LYS C 323 57.20 -3.81 -19.99
N ILE C 324 56.02 -3.27 -20.31
CA ILE C 324 54.71 -3.61 -19.75
C ILE C 324 54.79 -3.66 -18.22
N PRO C 325 54.90 -2.52 -17.51
CA PRO C 325 54.71 -2.58 -16.06
C PRO C 325 53.25 -2.67 -15.64
N CYS C 326 52.40 -1.82 -16.22
CA CYS C 326 50.99 -1.66 -15.88
C CYS C 326 50.78 -1.51 -14.37
N VAL C 327 51.48 -0.53 -13.80
CA VAL C 327 51.44 -0.36 -12.35
C VAL C 327 50.13 0.28 -11.93
N VAL C 328 49.44 -0.36 -10.99
CA VAL C 328 48.17 0.13 -10.47
C VAL C 328 48.32 0.32 -8.97
N VAL C 329 47.85 1.48 -8.48
CA VAL C 329 47.85 1.79 -7.06
C VAL C 329 46.43 2.15 -6.64
N GLU C 330 46.19 2.18 -5.33
CA GLU C 330 44.91 2.61 -4.79
C GLU C 330 44.99 4.06 -4.35
N GLY C 331 43.97 4.52 -3.65
CA GLY C 331 43.99 5.84 -3.04
C GLY C 331 44.01 5.75 -1.53
N SER C 332 44.56 4.64 -1.01
CA SER C 332 44.71 4.46 0.43
C SER C 332 45.92 3.58 0.68
N GLY C 333 46.69 3.91 1.70
CA GLY C 333 47.87 3.16 2.07
C GLY C 333 48.93 4.07 2.65
N GLN C 334 50.19 3.81 2.29
CA GLN C 334 51.31 4.65 2.71
C GLN C 334 51.99 5.33 1.54
N ILE C 335 52.46 4.55 0.55
CA ILE C 335 53.06 5.11 -0.65
C ILE C 335 52.04 5.24 -1.78
N ALA C 336 50.97 4.46 -1.72
CA ALA C 336 49.85 4.64 -2.65
C ALA C 336 49.23 6.02 -2.48
N ASP C 337 49.23 6.55 -1.27
CA ASP C 337 48.77 7.92 -1.05
C ASP C 337 49.75 8.94 -1.62
N VAL C 338 51.06 8.70 -1.48
CA VAL C 338 52.01 9.71 -1.96
C VAL C 338 52.20 9.66 -3.47
N ILE C 339 51.76 8.59 -4.14
CA ILE C 339 51.83 8.54 -5.59
C ILE C 339 50.48 9.01 -6.14
N ALA C 340 49.41 8.67 -5.41
CA ALA C 340 48.06 8.99 -5.86
C ALA C 340 47.77 10.48 -5.79
N SER C 341 48.40 11.18 -4.84
CA SER C 341 48.07 12.58 -4.60
C SER C 341 48.64 13.50 -5.68
N LEU C 342 49.85 13.22 -6.15
CA LEU C 342 50.51 14.15 -7.04
C LEU C 342 50.12 13.98 -8.51
N VAL C 343 49.56 12.84 -8.88
CA VAL C 343 49.18 12.62 -10.27
C VAL C 343 47.81 13.23 -10.54
N THR C 350 58.93 18.25 -9.06
CA THR C 350 60.35 18.23 -8.73
C THR C 350 60.58 17.69 -7.33
N SER C 351 61.74 18.03 -6.76
CA SER C 351 62.15 17.44 -5.48
C SER C 351 61.32 17.97 -4.32
N SER C 352 60.86 19.22 -4.43
CA SER C 352 60.19 19.90 -3.33
C SER C 352 58.85 19.27 -3.01
N MET C 353 58.05 19.00 -4.05
CA MET C 353 56.73 18.41 -3.85
C MET C 353 56.84 16.97 -3.37
N VAL C 354 57.89 16.26 -3.78
CA VAL C 354 58.15 14.91 -3.28
C VAL C 354 58.44 14.95 -1.79
N LYS C 355 59.29 15.90 -1.36
CA LYS C 355 59.55 16.10 0.06
C LYS C 355 58.27 16.46 0.82
N GLU C 356 57.45 17.33 0.24
CA GLU C 356 56.25 17.81 0.91
C GLU C 356 55.22 16.70 1.09
N LYS C 357 55.03 15.86 0.07
CA LYS C 357 54.14 14.72 0.21
C LYS C 357 54.68 13.67 1.17
N LEU C 358 56.00 13.40 1.11
CA LEU C 358 56.57 12.33 1.91
C LEU C 358 56.60 12.70 3.39
N VAL C 359 56.66 14.00 3.71
CA VAL C 359 56.56 14.38 5.12
C VAL C 359 55.11 14.53 5.57
N ARG C 360 54.15 14.71 4.67
CA ARG C 360 52.77 14.92 5.09
C ARG C 360 51.97 13.63 5.19
N PHE C 361 52.34 12.58 4.46
CA PHE C 361 51.61 11.33 4.53
C PHE C 361 52.29 10.27 5.37
N LEU C 362 53.59 10.37 5.59
CA LEU C 362 54.33 9.49 6.49
C LEU C 362 54.91 10.35 7.61
N PRO C 363 54.16 10.54 8.70
CA PRO C 363 54.68 11.37 9.80
C PRO C 363 55.70 10.66 10.67
N ARG C 364 55.58 9.35 10.86
CA ARG C 364 56.40 8.62 11.82
C ARG C 364 57.48 7.77 11.16
N THR C 365 57.77 7.98 9.88
CA THR C 365 58.87 7.28 9.24
C THR C 365 60.05 8.17 8.94
N VAL C 366 59.81 9.47 8.69
CA VAL C 366 60.86 10.42 8.33
C VAL C 366 61.88 10.60 9.43
N SER C 367 61.47 10.46 10.70
CA SER C 367 62.36 10.62 11.83
C SER C 367 63.46 9.56 11.89
N ARG C 368 63.23 8.39 11.29
CA ARG C 368 64.21 7.31 11.33
C ARG C 368 64.95 7.16 10.01
N LEU C 369 65.09 8.24 9.25
CA LEU C 369 65.67 8.17 7.92
C LEU C 369 66.76 9.22 7.74
N PRO C 370 67.94 8.86 7.24
CA PRO C 370 68.91 9.87 6.82
C PRO C 370 68.52 10.46 5.47
N GLU C 371 68.89 11.72 5.27
CA GLU C 371 68.51 12.41 4.05
C GLU C 371 69.34 11.98 2.85
N GLU C 372 70.47 11.31 3.07
CA GLU C 372 71.31 10.83 1.97
C GLU C 372 70.63 9.73 1.16
N GLU C 373 69.62 9.07 1.72
CA GLU C 373 68.75 8.18 0.97
C GLU C 373 67.36 8.73 0.76
N ILE C 374 66.98 9.80 1.47
CA ILE C 374 65.73 10.49 1.14
C ILE C 374 65.87 11.18 -0.22
N GLU C 375 67.05 11.74 -0.52
CA GLU C 375 67.30 12.24 -1.86
C GLU C 375 67.34 11.11 -2.88
N SER C 376 67.78 9.92 -2.46
CA SER C 376 67.71 8.75 -3.33
C SER C 376 66.26 8.38 -3.62
N TRP C 377 65.38 8.40 -2.61
CA TRP C 377 63.96 8.19 -2.80
C TRP C 377 63.33 9.23 -3.72
N ILE C 378 63.80 10.47 -3.63
CA ILE C 378 63.36 11.50 -4.58
C ILE C 378 63.75 11.11 -6.00
N LYS C 379 64.96 10.54 -6.16
CA LYS C 379 65.36 10.05 -7.47
C LYS C 379 64.53 8.83 -7.90
N TRP C 380 64.16 7.97 -6.94
CA TRP C 380 63.29 6.82 -7.24
C TRP C 380 61.94 7.29 -7.77
N LEU C 381 61.31 8.24 -7.07
CA LEU C 381 60.00 8.74 -7.50
C LEU C 381 60.08 9.57 -8.78
N LYS C 382 61.20 10.24 -9.02
CA LYS C 382 61.35 10.94 -10.30
C LYS C 382 61.53 9.95 -11.44
N GLU C 383 62.10 8.78 -11.16
CA GLU C 383 62.08 7.72 -12.16
C GLU C 383 60.72 7.06 -12.28
N ILE C 384 59.90 7.10 -11.22
CA ILE C 384 58.52 6.61 -11.31
C ILE C 384 57.71 7.48 -12.26
N LEU C 385 57.72 8.79 -12.03
CA LEU C 385 56.82 9.69 -12.73
C LEU C 385 57.29 10.05 -14.14
N GLU C 386 58.28 9.35 -14.68
CA GLU C 386 58.71 9.61 -16.06
C GLU C 386 57.65 9.13 -17.05
N SER C 387 57.14 7.92 -16.85
CA SER C 387 56.13 7.34 -17.71
C SER C 387 54.81 7.32 -16.93
N SER C 388 54.04 8.39 -17.04
CA SER C 388 52.75 8.46 -16.38
C SER C 388 51.65 7.74 -17.17
N HIS C 389 51.95 7.26 -18.37
CA HIS C 389 50.99 6.45 -19.10
C HIS C 389 51.03 5.00 -18.66
N LEU C 390 52.08 4.59 -17.96
CA LEU C 390 52.21 3.24 -17.47
C LEU C 390 51.78 3.09 -16.02
N LEU C 391 51.07 4.06 -15.47
CA LEU C 391 50.65 4.05 -14.09
C LEU C 391 49.21 4.51 -13.98
N THR C 392 48.43 3.86 -13.10
CA THR C 392 47.06 4.26 -12.90
C THR C 392 46.65 4.05 -11.45
N VAL C 393 45.50 4.61 -11.08
CA VAL C 393 45.10 4.75 -9.69
C VAL C 393 43.62 4.45 -9.55
N ILE C 394 43.24 3.86 -8.42
CA ILE C 394 41.85 3.69 -8.02
C ILE C 394 41.51 4.82 -7.05
N LYS C 395 40.42 5.52 -7.32
CA LYS C 395 40.07 6.76 -6.64
C LYS C 395 39.02 6.51 -5.56
N MET C 396 38.57 7.59 -4.93
CA MET C 396 37.63 7.54 -3.82
C MET C 396 36.17 7.63 -4.26
N GLU C 397 35.88 8.52 -5.22
CA GLU C 397 34.57 8.54 -5.85
C GLU C 397 34.28 7.23 -6.58
N GLU C 398 35.28 6.70 -7.27
CA GLU C 398 35.18 5.38 -7.90
C GLU C 398 35.26 4.34 -6.80
N ALA C 399 34.11 4.02 -6.22
CA ALA C 399 34.05 3.07 -5.13
C ALA C 399 32.86 2.11 -5.23
N GLY C 400 32.30 1.95 -6.43
CA GLY C 400 31.18 1.05 -6.61
C GLY C 400 31.62 -0.39 -6.79
N ASP C 401 31.09 -1.06 -7.81
CA ASP C 401 31.42 -2.44 -8.10
C ASP C 401 32.14 -2.52 -9.44
N GLU C 402 33.00 -3.53 -9.57
CA GLU C 402 33.86 -3.77 -10.75
C GLU C 402 34.73 -2.55 -11.06
N ILE C 403 35.32 -1.98 -10.01
CA ILE C 403 36.29 -0.91 -10.21
C ILE C 403 37.68 -1.49 -10.45
N VAL C 404 37.94 -2.71 -9.99
CA VAL C 404 39.24 -3.35 -10.20
C VAL C 404 39.39 -3.76 -11.66
N SER C 405 38.30 -4.24 -12.28
CA SER C 405 38.33 -4.52 -13.71
C SER C 405 38.48 -3.24 -14.52
N ASN C 406 37.79 -2.17 -14.10
CA ASN C 406 37.91 -0.88 -14.78
C ASN C 406 39.29 -0.27 -14.61
N ALA C 407 40.04 -0.70 -13.60
CA ALA C 407 41.42 -0.24 -13.47
C ALA C 407 42.37 -1.08 -14.30
N ILE C 408 42.29 -2.42 -14.16
CA ILE C 408 43.23 -3.33 -14.82
C ILE C 408 43.09 -3.26 -16.33
N SER C 409 41.86 -3.29 -16.83
CA SER C 409 41.63 -3.25 -18.27
C SER C 409 42.05 -1.92 -18.87
N TYR C 410 41.83 -0.82 -18.15
CA TYR C 410 42.24 0.48 -18.66
C TYR C 410 43.75 0.63 -18.67
N ALA C 411 44.43 0.07 -17.66
CA ALA C 411 45.89 0.07 -17.65
C ALA C 411 46.46 -0.77 -18.78
N LEU C 412 45.88 -1.94 -19.02
CA LEU C 412 46.33 -2.78 -20.12
C LEU C 412 46.04 -2.15 -21.47
N TYR C 413 44.96 -1.39 -21.58
CA TYR C 413 44.68 -0.73 -22.85
C TYR C 413 45.61 0.46 -23.08
N LYS C 414 45.96 1.19 -22.02
CA LYS C 414 46.96 2.25 -22.14
C LYS C 414 48.32 1.69 -22.51
N ALA C 415 48.65 0.50 -22.01
CA ALA C 415 49.91 -0.13 -22.39
C ALA C 415 49.87 -0.67 -23.82
N PHE C 416 48.69 -1.11 -24.27
CA PHE C 416 48.61 -1.69 -25.60
C PHE C 416 48.52 -0.61 -26.68
N SER C 417 47.98 0.56 -26.33
CA SER C 417 47.78 1.59 -27.34
C SER C 417 49.05 2.38 -27.60
N THR C 418 49.89 2.57 -26.60
CA THR C 418 51.05 3.44 -26.69
C THR C 418 52.33 2.69 -27.04
N ASN C 419 52.24 1.60 -27.79
CA ASN C 419 53.45 0.89 -28.20
C ASN C 419 54.03 1.40 -29.51
N GLU C 420 53.29 2.25 -30.23
CA GLU C 420 53.64 2.83 -31.53
C GLU C 420 53.99 1.79 -32.59
N GLN C 421 53.43 0.60 -32.46
CA GLN C 421 53.49 -0.45 -33.47
C GLN C 421 52.13 -1.01 -33.82
N ASP C 422 51.24 -1.07 -32.83
CA ASP C 422 49.92 -1.66 -32.97
C ASP C 422 48.80 -0.62 -32.90
N LYS C 423 49.12 0.65 -33.19
CA LYS C 423 48.08 1.67 -33.26
C LYS C 423 47.18 1.47 -34.47
N ASP C 424 47.67 0.76 -35.48
CA ASP C 424 46.81 0.29 -36.57
C ASP C 424 46.07 -0.99 -36.22
N ASN C 425 46.40 -1.62 -35.09
CA ASN C 425 45.77 -2.88 -34.71
C ASN C 425 44.52 -2.59 -33.87
N TRP C 426 43.47 -2.16 -34.57
CA TRP C 426 42.19 -1.94 -33.92
C TRP C 426 41.51 -3.25 -33.54
N ASN C 427 41.83 -4.35 -34.24
CA ASN C 427 41.28 -5.65 -33.88
C ASN C 427 41.80 -6.13 -32.53
N GLY C 428 43.09 -5.93 -32.27
CA GLY C 428 43.63 -6.32 -30.98
C GLY C 428 43.09 -5.49 -29.84
N GLN C 429 42.91 -4.19 -30.08
CA GLN C 429 42.30 -3.31 -29.08
C GLN C 429 40.85 -3.72 -28.82
N LEU C 430 40.12 -4.08 -29.88
CA LEU C 430 38.72 -4.45 -29.72
C LEU C 430 38.57 -5.79 -29.01
N LYS C 431 39.44 -6.74 -29.32
CA LYS C 431 39.40 -8.03 -28.62
C LYS C 431 39.83 -7.89 -27.18
N LEU C 432 40.76 -6.98 -26.89
CA LEU C 432 41.16 -6.74 -25.51
C LEU C 432 40.03 -6.07 -24.74
N LEU C 433 39.32 -5.14 -25.36
CA LEU C 433 38.18 -4.52 -24.69
C LEU C 433 36.94 -5.39 -24.69
N LEU C 434 36.94 -6.48 -25.46
CA LEU C 434 35.87 -7.47 -25.40
C LEU C 434 36.11 -8.49 -24.30
N GLU C 435 37.36 -8.90 -24.09
CA GLU C 435 37.66 -9.87 -23.05
C GLU C 435 37.37 -9.30 -21.66
N TRP C 436 37.52 -7.98 -21.51
CA TRP C 436 37.03 -7.25 -20.36
C TRP C 436 35.69 -6.63 -20.74
N ASN C 437 35.02 -6.00 -19.77
CA ASN C 437 33.70 -5.46 -20.05
C ASN C 437 33.72 -3.97 -20.34
N GLN C 438 34.73 -3.48 -21.03
CA GLN C 438 34.85 -2.05 -21.29
C GLN C 438 34.00 -1.68 -22.49
N LEU C 439 32.73 -1.39 -22.24
CA LEU C 439 31.88 -0.91 -23.32
C LEU C 439 32.13 0.56 -23.62
N ASP C 440 32.20 1.39 -22.57
CA ASP C 440 32.25 2.84 -22.74
C ASP C 440 33.56 3.28 -23.37
N LEU C 441 34.64 2.59 -23.04
CA LEU C 441 35.95 2.92 -23.62
C LEU C 441 35.99 2.58 -25.10
N ALA C 442 35.42 1.43 -25.48
CA ALA C 442 35.37 1.05 -26.88
C ALA C 442 34.40 1.93 -27.66
N SER C 443 33.39 2.47 -27.00
CA SER C 443 32.51 3.42 -27.68
C SER C 443 33.19 4.77 -27.86
N ASP C 444 34.02 5.16 -26.89
CA ASP C 444 34.61 6.49 -26.94
C ASP C 444 35.84 6.56 -27.84
N GLU C 445 36.67 5.52 -27.89
CA GLU C 445 37.88 5.68 -28.69
C GLU C 445 38.21 4.45 -29.52
N ILE C 446 37.18 3.81 -30.08
CA ILE C 446 37.33 2.94 -31.24
C ILE C 446 36.36 3.34 -32.36
N PHE C 447 35.08 3.49 -32.03
CA PHE C 447 34.04 3.78 -33.01
C PHE C 447 33.71 5.25 -33.11
N THR C 448 34.68 6.14 -32.97
CA THR C 448 34.36 7.56 -32.89
C THR C 448 34.70 8.30 -34.18
N ASN C 449 35.91 8.08 -34.71
CA ASN C 449 36.46 8.91 -35.75
C ASN C 449 35.78 8.73 -37.11
N ASP C 450 35.03 7.63 -37.29
CA ASP C 450 34.47 7.18 -38.57
C ASP C 450 35.57 7.04 -39.63
N ARG C 451 36.74 6.59 -39.18
CA ARG C 451 37.94 6.57 -40.01
C ARG C 451 38.12 5.25 -40.75
N ARG C 452 37.89 4.12 -40.09
CA ARG C 452 38.03 2.84 -40.78
C ARG C 452 37.04 1.78 -40.28
N TRP C 453 35.89 1.69 -40.94
CA TRP C 453 34.90 0.67 -40.64
C TRP C 453 34.67 -0.18 -41.88
N GLU C 454 34.73 -1.50 -41.72
CA GLU C 454 34.59 -2.43 -42.83
C GLU C 454 33.25 -3.15 -42.83
N SER C 455 32.62 -3.28 -41.66
CA SER C 455 31.27 -3.80 -41.39
C SER C 455 31.09 -5.28 -41.69
N ALA C 456 32.11 -5.97 -42.19
CA ALA C 456 32.08 -7.42 -42.33
C ALA C 456 33.20 -8.11 -41.59
N ASP C 457 34.19 -7.35 -41.09
CA ASP C 457 35.29 -7.87 -40.31
C ASP C 457 34.89 -8.09 -38.85
N LEU C 458 33.64 -7.80 -38.51
CA LEU C 458 33.15 -7.86 -37.14
C LEU C 458 32.53 -9.20 -36.80
N GLN C 459 32.99 -10.30 -37.40
CA GLN C 459 32.29 -11.58 -37.28
C GLN C 459 32.82 -12.49 -36.19
N GLU C 460 34.14 -12.64 -36.07
CA GLU C 460 34.70 -13.47 -35.00
C GLU C 460 34.48 -12.85 -33.64
N VAL C 461 34.58 -11.52 -33.58
CA VAL C 461 34.27 -10.81 -32.35
C VAL C 461 32.78 -10.90 -32.03
N MET C 462 31.92 -11.01 -33.06
CA MET C 462 30.50 -11.26 -32.85
C MET C 462 30.27 -12.63 -32.25
N PHE C 463 30.92 -13.65 -32.82
CA PHE C 463 30.79 -15.02 -32.30
C PHE C 463 31.28 -15.12 -30.86
N THR C 464 32.36 -14.38 -30.54
CA THR C 464 32.88 -14.40 -29.19
C THR C 464 31.95 -13.69 -28.22
N ALA C 465 31.35 -12.57 -28.67
CA ALA C 465 30.39 -11.85 -27.82
C ALA C 465 29.11 -12.64 -27.62
N LEU C 466 28.75 -13.50 -28.59
CA LEU C 466 27.63 -14.40 -28.38
C LEU C 466 27.95 -15.50 -27.38
N ILE C 467 29.10 -16.17 -27.55
CA ILE C 467 29.38 -17.33 -26.70
C ILE C 467 29.89 -16.95 -25.32
N LYS C 468 30.22 -15.69 -25.06
CA LYS C 468 30.72 -15.28 -23.75
C LYS C 468 29.79 -14.31 -23.04
N ASP C 469 28.54 -14.18 -23.49
CA ASP C 469 27.48 -13.38 -22.85
C ASP C 469 27.89 -11.90 -22.72
N ARG C 470 28.04 -11.27 -23.89
CA ARG C 470 28.37 -9.86 -23.98
C ARG C 470 27.24 -9.16 -24.72
N PRO C 471 26.14 -8.83 -24.03
CA PRO C 471 24.99 -8.25 -24.72
C PRO C 471 25.19 -6.80 -25.13
N LYS C 472 25.98 -6.06 -24.34
CA LYS C 472 26.20 -4.66 -24.66
C LYS C 472 27.11 -4.50 -25.87
N PHE C 473 28.03 -5.44 -26.07
CA PHE C 473 28.91 -5.35 -27.22
C PHE C 473 28.20 -5.75 -28.51
N VAL C 474 27.32 -6.75 -28.47
CA VAL C 474 26.55 -7.06 -29.67
C VAL C 474 25.53 -5.96 -29.96
N ARG C 475 25.02 -5.29 -28.90
CA ARG C 475 24.22 -4.09 -29.13
C ARG C 475 25.01 -3.00 -29.82
N LEU C 476 26.28 -2.80 -29.41
CA LEU C 476 27.13 -1.82 -30.07
C LEU C 476 27.47 -2.21 -31.50
N PHE C 477 27.64 -3.51 -31.76
CA PHE C 477 27.98 -3.97 -33.10
C PHE C 477 26.82 -3.81 -34.06
N LEU C 478 25.59 -4.05 -33.58
CA LEU C 478 24.43 -3.82 -34.43
C LEU C 478 24.11 -2.35 -34.55
N GLU C 479 24.47 -1.57 -33.52
CA GLU C 479 24.38 -0.12 -33.60
C GLU C 479 25.31 0.43 -34.67
N ASN C 480 26.46 -0.21 -34.88
CA ASN C 480 27.39 0.21 -35.91
C ASN C 480 27.28 -0.61 -37.19
N GLY C 481 26.49 -1.68 -37.19
CA GLY C 481 26.14 -2.31 -38.45
C GLY C 481 26.67 -3.72 -38.67
N LEU C 482 25.78 -4.70 -38.60
CA LEU C 482 26.07 -6.06 -39.03
C LEU C 482 24.74 -6.75 -39.35
N ASN C 483 24.72 -7.51 -40.44
CA ASN C 483 23.54 -8.25 -40.85
C ASN C 483 23.57 -9.63 -40.20
N LEU C 484 22.52 -9.95 -39.44
CA LEU C 484 22.48 -11.23 -38.75
C LEU C 484 22.30 -12.39 -39.72
N GLN C 485 21.36 -12.26 -40.66
CA GLN C 485 21.04 -13.35 -41.56
C GLN C 485 22.18 -13.65 -42.52
N LYS C 486 22.97 -12.64 -42.85
CA LYS C 486 24.23 -12.89 -43.55
C LYS C 486 25.23 -13.59 -42.65
N PHE C 487 25.29 -13.18 -41.38
CA PHE C 487 26.23 -13.79 -40.44
C PHE C 487 25.82 -15.19 -40.04
N LEU C 488 24.55 -15.41 -39.73
CA LEU C 488 24.12 -16.61 -39.06
C LEU C 488 23.83 -17.71 -40.06
N THR C 489 24.85 -18.50 -40.38
CA THR C 489 24.75 -19.60 -41.32
C THR C 489 24.56 -20.89 -40.54
N ASN C 490 24.40 -22.00 -41.27
CA ASN C 490 24.15 -23.28 -40.63
C ASN C 490 25.36 -23.79 -39.85
N GLU C 491 26.56 -23.40 -40.27
CA GLU C 491 27.76 -23.80 -39.54
C GLU C 491 27.82 -23.12 -38.18
N VAL C 492 27.42 -21.85 -38.12
CA VAL C 492 27.34 -21.12 -36.85
C VAL C 492 26.31 -21.77 -35.93
N LEU C 493 25.14 -22.13 -36.48
CA LEU C 493 24.11 -22.73 -35.65
C LEU C 493 24.47 -24.13 -35.18
N THR C 494 25.20 -24.90 -35.98
CA THR C 494 25.66 -26.19 -35.51
C THR C 494 26.77 -26.04 -34.47
N GLU C 495 27.61 -25.01 -34.58
CA GLU C 495 28.60 -24.79 -33.53
C GLU C 495 27.96 -24.30 -32.24
N LEU C 496 26.84 -23.58 -32.33
CA LEU C 496 26.13 -23.16 -31.13
C LEU C 496 25.39 -24.31 -30.47
N PHE C 497 24.55 -25.01 -31.23
CA PHE C 497 23.76 -26.09 -30.65
C PHE C 497 24.55 -27.35 -30.39
N SER C 498 25.75 -27.49 -30.94
CA SER C 498 26.55 -28.69 -30.76
C SER C 498 27.58 -28.54 -29.64
N THR C 499 28.37 -27.48 -29.69
CA THR C 499 29.44 -27.25 -28.73
C THR C 499 29.03 -26.29 -27.63
N HIS C 500 28.48 -25.13 -27.99
CA HIS C 500 28.15 -24.08 -27.03
C HIS C 500 26.80 -24.28 -26.37
N PHE C 501 26.15 -25.42 -26.61
CA PHE C 501 24.89 -25.75 -25.96
C PHE C 501 25.17 -26.61 -24.75
N SER C 502 24.52 -26.28 -23.63
CA SER C 502 24.81 -26.94 -22.37
C SER C 502 24.28 -28.36 -22.36
N THR C 503 24.77 -29.14 -21.40
CA THR C 503 24.40 -30.55 -21.32
C THR C 503 23.41 -30.83 -20.21
N LEU C 504 23.27 -29.96 -19.21
CA LEU C 504 22.20 -30.09 -18.25
C LEU C 504 20.89 -29.55 -18.82
N VAL C 505 20.99 -28.51 -19.64
CA VAL C 505 19.84 -27.98 -20.36
C VAL C 505 19.27 -29.02 -21.32
N TYR C 506 20.14 -29.80 -21.95
CA TYR C 506 19.68 -30.84 -22.85
C TYR C 506 18.99 -31.98 -22.09
N ARG C 507 19.46 -32.28 -20.87
CA ARG C 507 18.78 -33.29 -20.06
C ARG C 507 17.43 -32.81 -19.58
N ASN C 508 17.32 -31.54 -19.21
CA ASN C 508 16.02 -30.99 -18.87
C ASN C 508 15.10 -30.95 -20.09
N LEU C 509 15.67 -30.74 -21.27
CA LEU C 509 14.87 -30.77 -22.49
C LEU C 509 14.38 -32.19 -22.78
N GLN C 510 15.20 -33.20 -22.50
CA GLN C 510 14.76 -34.59 -22.61
C GLN C 510 13.62 -34.90 -21.66
N ILE C 511 13.75 -34.47 -20.39
CA ILE C 511 12.71 -34.75 -19.41
C ILE C 511 11.43 -34.01 -19.77
N ALA C 512 11.55 -32.80 -20.30
CA ALA C 512 10.38 -32.05 -20.72
C ALA C 512 9.74 -32.65 -21.96
N LYS C 513 10.53 -33.24 -22.86
CA LYS C 513 9.92 -33.88 -24.03
C LYS C 513 9.31 -35.23 -23.66
N ASN C 514 9.81 -35.86 -22.61
CA ASN C 514 9.26 -37.16 -22.20
C ASN C 514 7.99 -36.99 -21.38
N SER C 515 7.95 -36.01 -20.48
CA SER C 515 6.85 -35.93 -19.53
C SER C 515 5.85 -34.82 -19.82
N TYR C 516 6.28 -33.73 -20.46
CA TYR C 516 5.37 -32.62 -20.76
C TYR C 516 5.48 -32.33 -22.26
N ASN C 517 4.82 -33.14 -23.07
CA ASN C 517 5.00 -33.02 -24.50
C ASN C 517 3.89 -32.14 -25.08
N ASP C 518 4.20 -31.49 -26.19
CA ASP C 518 3.32 -30.49 -26.76
C ASP C 518 3.71 -30.33 -28.22
N ALA C 519 2.98 -29.48 -28.95
CA ALA C 519 3.29 -29.27 -30.36
C ALA C 519 4.56 -28.45 -30.52
N LEU C 520 4.68 -27.35 -29.77
CA LEU C 520 5.83 -26.47 -29.94
C LEU C 520 7.10 -27.12 -29.39
N LEU C 521 6.97 -27.94 -28.36
CA LEU C 521 8.17 -28.61 -27.87
C LEU C 521 8.58 -29.77 -28.75
N THR C 522 7.63 -30.42 -29.42
CA THR C 522 8.01 -31.40 -30.44
C THR C 522 8.72 -30.69 -31.60
N PHE C 523 8.26 -29.48 -31.95
CA PHE C 523 8.90 -28.73 -33.02
C PHE C 523 10.32 -28.30 -32.62
N VAL C 524 10.51 -27.83 -31.39
CA VAL C 524 11.85 -27.41 -31.02
C VAL C 524 12.75 -28.59 -30.73
N TRP C 525 12.20 -29.75 -30.36
CA TRP C 525 13.00 -30.95 -30.26
C TRP C 525 13.47 -31.40 -31.64
N LYS C 526 12.61 -31.25 -32.66
CA LYS C 526 13.01 -31.57 -34.03
C LYS C 526 14.08 -30.62 -34.54
N LEU C 527 13.97 -29.32 -34.22
CA LEU C 527 15.00 -28.43 -34.73
C LEU C 527 16.31 -28.55 -33.95
N VAL C 528 16.24 -28.87 -32.65
CA VAL C 528 17.50 -29.06 -31.93
C VAL C 528 18.11 -30.41 -32.31
N ALA C 529 17.30 -31.37 -32.78
CA ALA C 529 17.87 -32.58 -33.34
C ALA C 529 18.43 -32.33 -34.72
N ASN C 530 17.89 -31.33 -35.43
CA ASN C 530 18.45 -30.93 -36.72
C ASN C 530 19.84 -30.32 -36.54
N PHE C 531 19.97 -29.36 -35.64
CA PHE C 531 21.23 -28.62 -35.57
C PHE C 531 22.31 -29.29 -34.74
N ARG C 532 22.01 -30.36 -34.01
CA ARG C 532 23.08 -31.10 -33.35
C ARG C 532 23.69 -32.18 -34.22
N ARG C 533 23.30 -32.26 -35.50
CA ARG C 533 23.90 -33.18 -36.44
C ARG C 533 24.32 -32.47 -37.72
N ARG C 558 15.71 -19.35 -43.76
CA ARG C 558 15.02 -20.43 -43.08
C ARG C 558 14.88 -20.02 -41.60
N HIS C 559 14.43 -18.76 -41.41
CA HIS C 559 14.19 -18.13 -40.11
C HIS C 559 15.37 -18.24 -39.15
N PRO C 560 16.49 -17.56 -39.40
CA PRO C 560 17.67 -17.79 -38.56
C PRO C 560 17.61 -17.12 -37.20
N LEU C 561 17.06 -15.90 -37.16
CA LEU C 561 16.99 -15.12 -35.94
C LEU C 561 16.08 -15.78 -34.92
N GLN C 562 15.07 -16.49 -35.40
CA GLN C 562 14.15 -17.20 -34.52
C GLN C 562 14.85 -18.39 -33.86
N ALA C 563 15.71 -19.09 -34.61
CA ALA C 563 16.44 -20.21 -34.03
C ALA C 563 17.51 -19.73 -33.05
N LEU C 564 18.19 -18.63 -33.37
CA LEU C 564 19.14 -18.05 -32.42
C LEU C 564 18.43 -17.53 -31.18
N PHE C 565 17.22 -17.02 -31.34
CA PHE C 565 16.41 -16.58 -30.23
C PHE C 565 15.99 -17.74 -29.34
N ILE C 566 15.70 -18.90 -29.95
CA ILE C 566 15.38 -20.10 -29.19
C ILE C 566 16.60 -20.59 -28.41
N TRP C 567 17.77 -20.57 -29.06
CA TRP C 567 19.02 -20.93 -28.39
C TRP C 567 19.30 -20.03 -27.20
N ALA C 568 19.18 -18.72 -27.40
CA ALA C 568 19.43 -17.80 -26.31
C ALA C 568 18.36 -17.88 -25.23
N ILE C 569 17.14 -18.28 -25.58
CA ILE C 569 16.07 -18.20 -24.62
C ILE C 569 15.94 -19.47 -23.78
N LEU C 570 16.36 -20.60 -24.37
CA LEU C 570 16.43 -21.88 -23.67
C LEU C 570 17.53 -21.86 -22.60
N GLN C 571 18.67 -21.23 -22.94
CA GLN C 571 19.83 -21.17 -22.06
C GLN C 571 19.59 -20.28 -20.84
N ASN C 572 18.44 -19.62 -20.79
CA ASN C 572 18.10 -18.58 -19.81
C ASN C 572 19.16 -17.48 -19.79
N LYS C 573 19.38 -16.89 -20.97
CA LYS C 573 20.39 -15.85 -21.07
C LYS C 573 19.85 -14.48 -20.66
N LYS C 574 18.58 -14.21 -20.98
CA LYS C 574 17.75 -13.17 -20.38
C LYS C 574 18.16 -11.75 -20.79
N GLU C 575 19.31 -11.57 -21.41
CA GLU C 575 19.75 -10.24 -21.83
C GLU C 575 20.27 -10.19 -23.25
N LEU C 576 20.82 -11.27 -23.79
CA LEU C 576 21.07 -11.37 -25.21
C LEU C 576 19.77 -11.58 -25.96
N SER C 577 18.80 -12.21 -25.30
CA SER C 577 17.50 -12.50 -25.89
C SER C 577 16.74 -11.22 -26.21
N LYS C 578 16.85 -10.21 -25.35
CA LYS C 578 16.18 -8.95 -25.62
C LYS C 578 16.82 -8.23 -26.79
N VAL C 579 18.14 -8.34 -26.91
CA VAL C 579 18.87 -7.66 -27.96
C VAL C 579 18.54 -8.28 -29.32
N ILE C 580 18.42 -9.60 -29.38
CA ILE C 580 17.99 -10.18 -30.65
C ILE C 580 16.50 -9.98 -30.89
N TRP C 581 15.67 -9.96 -29.82
CA TRP C 581 14.24 -9.75 -29.96
C TRP C 581 13.90 -8.38 -30.53
N GLU C 582 14.71 -7.37 -30.20
CA GLU C 582 14.49 -6.05 -30.79
C GLU C 582 14.77 -5.99 -32.28
N GLN C 583 15.44 -6.99 -32.85
CA GLN C 583 15.80 -6.98 -34.26
C GLN C 583 14.86 -7.80 -35.13
N THR C 584 13.97 -8.57 -34.52
CA THR C 584 13.14 -9.52 -35.23
C THR C 584 11.97 -8.80 -35.91
N LYS C 585 11.29 -9.48 -36.84
CA LYS C 585 10.11 -8.94 -37.50
C LYS C 585 8.82 -9.35 -36.78
N GLY C 586 8.57 -10.65 -36.69
CA GLY C 586 7.40 -11.15 -36.01
C GLY C 586 7.62 -11.16 -34.52
N CYS C 587 7.53 -9.98 -33.90
CA CYS C 587 7.96 -9.83 -32.51
C CYS C 587 6.96 -10.39 -31.51
N THR C 588 5.67 -10.19 -31.77
CA THR C 588 4.64 -10.73 -30.88
C THR C 588 4.61 -12.24 -30.93
N LEU C 589 4.79 -12.83 -32.12
CA LEU C 589 4.84 -14.28 -32.23
C LEU C 589 6.05 -14.84 -31.51
N ALA C 590 7.18 -14.12 -31.59
CA ALA C 590 8.39 -14.54 -30.91
C ALA C 590 8.23 -14.50 -29.41
N ALA C 591 7.59 -13.44 -28.90
CA ALA C 591 7.38 -13.32 -27.46
C ALA C 591 6.41 -14.39 -26.94
N LEU C 592 5.36 -14.70 -27.71
CA LEU C 592 4.42 -15.71 -27.24
C LEU C 592 5.01 -17.12 -27.32
N GLY C 593 5.78 -17.40 -28.37
CA GLY C 593 6.41 -18.70 -28.46
C GLY C 593 7.48 -18.91 -27.40
N ALA C 594 8.23 -17.86 -27.07
CA ALA C 594 9.21 -17.95 -26.02
C ALA C 594 8.54 -18.14 -24.66
N SER C 595 7.42 -17.46 -24.43
CA SER C 595 6.71 -17.62 -23.16
C SER C 595 6.14 -19.03 -23.03
N LYS C 596 5.70 -19.62 -24.15
CA LYS C 596 5.20 -20.99 -24.11
C LYS C 596 6.31 -21.99 -23.80
N LEU C 597 7.45 -21.87 -24.50
CA LEU C 597 8.59 -22.75 -24.26
C LEU C 597 9.08 -22.67 -22.82
N LEU C 598 9.15 -21.47 -22.27
CA LEU C 598 9.67 -21.33 -20.92
C LEU C 598 8.66 -21.76 -19.87
N LYS C 599 7.35 -21.56 -20.09
CA LYS C 599 6.37 -22.09 -19.15
C LYS C 599 6.31 -23.61 -19.21
N THR C 600 6.70 -24.22 -20.33
CA THR C 600 6.79 -25.67 -20.33
C THR C 600 8.05 -26.15 -19.62
N LEU C 601 9.19 -25.49 -19.86
CA LEU C 601 10.42 -25.89 -19.20
C LEU C 601 10.46 -25.56 -17.72
N ALA C 602 9.57 -24.70 -17.22
CA ALA C 602 9.51 -24.42 -15.80
C ALA C 602 8.78 -25.47 -15.00
N LYS C 603 8.37 -26.59 -15.61
CA LYS C 603 7.67 -27.64 -14.89
C LYS C 603 8.53 -28.85 -14.59
N VAL C 604 9.79 -28.87 -15.06
CA VAL C 604 10.65 -30.02 -14.83
C VAL C 604 11.16 -29.98 -13.40
N LYS C 605 10.95 -31.07 -12.66
CA LYS C 605 11.09 -31.03 -11.20
C LYS C 605 12.52 -31.05 -10.71
N ASN C 606 13.46 -31.65 -11.44
CA ASN C 606 14.84 -31.54 -10.98
C ASN C 606 15.45 -30.23 -11.44
N ASP C 607 16.43 -29.74 -10.66
CA ASP C 607 17.07 -28.44 -10.84
C ASP C 607 16.01 -27.32 -10.80
N ILE C 608 15.42 -27.16 -9.62
CA ILE C 608 14.33 -26.20 -9.43
C ILE C 608 14.78 -24.75 -9.59
N ASN C 609 16.07 -24.47 -9.48
CA ASN C 609 16.55 -23.11 -9.65
C ASN C 609 16.42 -22.65 -11.10
N ALA C 610 16.81 -23.52 -12.03
CA ALA C 610 16.64 -23.23 -13.46
C ALA C 610 15.18 -23.13 -13.83
N ALA C 611 14.32 -23.92 -13.17
CA ALA C 611 12.89 -23.80 -13.37
C ALA C 611 12.38 -22.45 -12.88
N GLY C 612 12.96 -21.95 -11.78
CA GLY C 612 12.57 -20.63 -11.29
C GLY C 612 12.96 -19.50 -12.21
N GLU C 613 14.19 -19.55 -12.76
CA GLU C 613 14.60 -18.49 -13.69
C GLU C 613 13.83 -18.57 -15.00
N SER C 614 13.54 -19.79 -15.47
CA SER C 614 12.75 -19.90 -16.70
C SER C 614 11.33 -19.45 -16.50
N GLU C 615 10.79 -19.65 -15.29
CA GLU C 615 9.45 -19.12 -14.98
C GLU C 615 9.45 -17.60 -14.98
N GLU C 616 10.47 -16.98 -14.39
CA GLU C 616 10.53 -15.52 -14.37
C GLU C 616 10.70 -14.93 -15.77
N LEU C 617 11.52 -15.58 -16.60
CA LEU C 617 11.72 -15.08 -17.96
C LEU C 617 10.46 -15.31 -18.81
N ALA C 618 9.71 -16.37 -18.53
CA ALA C 618 8.42 -16.58 -19.17
C ALA C 618 7.44 -15.47 -18.84
N ASN C 619 7.36 -15.10 -17.56
CA ASN C 619 6.45 -14.02 -17.17
C ASN C 619 6.87 -12.69 -17.78
N GLU C 620 8.17 -12.48 -17.93
CA GLU C 620 8.66 -11.24 -18.54
C GLU C 620 8.28 -11.15 -20.02
N TYR C 621 8.44 -12.25 -20.76
CA TYR C 621 8.06 -12.14 -22.16
C TYR C 621 6.56 -12.17 -22.42
N GLU C 622 5.75 -12.79 -21.55
CA GLU C 622 4.32 -12.67 -21.80
C GLU C 622 3.82 -11.28 -21.44
N THR C 623 4.43 -10.64 -20.43
CA THR C 623 4.18 -9.22 -20.17
C THR C 623 4.59 -8.37 -21.37
N ARG C 624 5.70 -8.71 -22.00
CA ARG C 624 6.20 -7.95 -23.14
C ARG C 624 5.27 -8.06 -24.35
N ALA C 625 4.74 -9.26 -24.60
CA ALA C 625 3.80 -9.46 -25.70
C ALA C 625 2.51 -8.70 -25.47
N VAL C 626 1.98 -8.73 -24.25
CA VAL C 626 0.74 -8.01 -23.95
C VAL C 626 0.95 -6.50 -24.10
N GLU C 627 2.05 -5.98 -23.56
CA GLU C 627 2.28 -4.55 -23.62
C GLU C 627 2.64 -4.06 -25.01
N LEU C 628 3.14 -4.93 -25.89
CA LEU C 628 3.34 -4.47 -27.26
C LEU C 628 2.04 -4.49 -28.04
N PHE C 629 1.22 -5.53 -27.85
CA PHE C 629 0.00 -5.59 -28.65
C PHE C 629 -1.02 -4.58 -28.21
N THR C 630 -0.99 -4.15 -26.94
CA THR C 630 -1.94 -3.10 -26.55
C THR C 630 -1.59 -1.77 -27.20
N GLU C 631 -0.31 -1.52 -27.48
CA GLU C 631 0.07 -0.32 -28.24
C GLU C 631 -0.32 -0.46 -29.71
N CYS C 632 -0.02 -1.63 -30.30
CA CYS C 632 -0.41 -1.91 -31.68
C CYS C 632 -1.92 -1.84 -31.89
N TYR C 633 -2.72 -2.11 -30.86
CA TYR C 633 -4.16 -1.97 -30.99
C TYR C 633 -4.59 -0.53 -30.72
N SER C 634 -3.97 0.13 -29.76
CA SER C 634 -4.38 1.48 -29.38
C SER C 634 -3.97 2.53 -30.39
N ASN C 635 -3.11 2.21 -31.36
CA ASN C 635 -2.92 3.13 -32.49
C ASN C 635 -3.87 2.81 -33.64
N ASP C 636 -3.94 1.56 -34.06
CA ASP C 636 -4.79 1.17 -35.18
C ASP C 636 -5.49 -0.12 -34.82
N GLU C 637 -6.78 -0.23 -35.14
CA GLU C 637 -7.48 -1.47 -34.87
C GLU C 637 -7.32 -2.46 -36.02
N ASP C 638 -7.41 -1.97 -37.26
CA ASP C 638 -7.46 -2.85 -38.42
C ASP C 638 -6.14 -3.57 -38.64
N LEU C 639 -5.03 -2.87 -38.51
CA LEU C 639 -3.75 -3.54 -38.73
C LEU C 639 -3.35 -4.41 -37.55
N ALA C 640 -3.86 -4.12 -36.35
CA ALA C 640 -3.66 -5.03 -35.23
C ALA C 640 -4.39 -6.34 -35.45
N GLU C 641 -5.62 -6.25 -35.97
CA GLU C 641 -6.34 -7.47 -36.32
C GLU C 641 -5.75 -8.14 -37.56
N GLN C 642 -5.01 -7.39 -38.37
CA GLN C 642 -4.19 -8.02 -39.40
C GLN C 642 -3.03 -8.79 -38.79
N LEU C 643 -2.45 -8.26 -37.70
CA LEU C 643 -1.33 -8.93 -37.04
C LEU C 643 -1.74 -10.25 -36.41
N LEU C 644 -2.94 -10.30 -35.81
CA LEU C 644 -3.37 -11.47 -35.03
C LEU C 644 -3.47 -12.76 -35.83
N VAL C 645 -3.54 -12.73 -37.15
CA VAL C 645 -3.96 -13.90 -37.91
C VAL C 645 -2.86 -14.49 -38.77
N TYR C 646 -1.60 -14.08 -38.57
CA TYR C 646 -0.52 -14.49 -39.47
C TYR C 646 0.36 -15.55 -38.83
N SER C 647 0.83 -16.49 -39.65
CA SER C 647 1.56 -17.64 -39.16
C SER C 647 3.07 -17.56 -39.38
N CYS C 648 3.55 -16.45 -39.97
CA CYS C 648 4.98 -16.12 -40.13
C CYS C 648 5.74 -17.17 -40.95
N GLU C 649 5.01 -17.81 -41.88
CA GLU C 649 5.56 -18.77 -42.85
C GLU C 649 6.25 -19.94 -42.14
N ALA C 650 5.48 -20.59 -41.27
CA ALA C 650 5.91 -21.66 -40.36
C ALA C 650 7.02 -21.19 -39.42
N TRP C 651 6.65 -20.24 -38.57
CA TRP C 651 7.46 -19.90 -37.40
C TRP C 651 7.68 -21.13 -36.54
N GLY C 652 6.60 -21.64 -35.96
CA GLY C 652 6.56 -22.91 -35.26
C GLY C 652 5.40 -23.70 -35.84
N GLY C 653 4.87 -23.21 -36.95
CA GLY C 653 3.74 -23.85 -37.60
C GLY C 653 2.40 -23.43 -37.08
N SER C 654 2.30 -22.26 -36.48
CA SER C 654 1.06 -21.83 -35.86
C SER C 654 0.96 -20.32 -35.90
N ASN C 655 -0.01 -19.77 -35.18
CA ASN C 655 -0.46 -18.40 -35.31
C ASN C 655 -0.25 -17.70 -33.96
N CYS C 656 -0.28 -16.37 -34.00
CA CYS C 656 -0.12 -15.57 -32.79
C CYS C 656 -1.25 -15.84 -31.80
N LEU C 657 -2.47 -15.87 -32.29
CA LEU C 657 -3.62 -16.16 -31.44
C LEU C 657 -3.61 -17.62 -31.00
N GLU C 658 -3.18 -18.51 -31.89
CA GLU C 658 -3.04 -19.92 -31.56
C GLU C 658 -1.94 -20.16 -30.53
N LEU C 659 -0.83 -19.42 -30.62
CA LEU C 659 0.22 -19.57 -29.61
C LEU C 659 -0.20 -19.00 -28.27
N ALA C 660 -1.03 -17.95 -28.28
CA ALA C 660 -1.55 -17.46 -27.02
C ALA C 660 -2.52 -18.45 -26.39
N VAL C 661 -3.26 -19.20 -27.21
CA VAL C 661 -4.21 -20.18 -26.68
C VAL C 661 -3.48 -21.41 -26.15
N GLU C 662 -2.53 -21.94 -26.92
CA GLU C 662 -1.86 -23.19 -26.56
C GLU C 662 -0.99 -23.05 -25.32
N ALA C 663 -0.58 -21.84 -24.96
CA ALA C 663 0.18 -21.62 -23.74
C ALA C 663 -0.71 -21.29 -22.56
N THR C 664 -2.02 -21.28 -22.75
CA THR C 664 -3.04 -20.88 -21.75
C THR C 664 -2.73 -19.47 -21.23
N ASP C 665 -2.33 -18.58 -22.15
CA ASP C 665 -2.02 -17.19 -21.80
C ASP C 665 -3.33 -16.43 -21.87
N GLN C 666 -4.14 -16.60 -20.84
CA GLN C 666 -5.46 -16.03 -20.81
C GLN C 666 -5.46 -14.53 -20.57
N HIS C 667 -4.35 -13.98 -20.08
CA HIS C 667 -4.28 -12.54 -19.93
C HIS C 667 -4.10 -11.84 -21.26
N PHE C 668 -3.54 -12.52 -22.26
CA PHE C 668 -3.45 -11.95 -23.60
C PHE C 668 -4.80 -11.91 -24.29
N ILE C 669 -5.73 -12.77 -23.90
CA ILE C 669 -7.04 -12.80 -24.53
C ILE C 669 -8.08 -12.05 -23.68
N ALA C 670 -7.81 -11.86 -22.40
CA ALA C 670 -8.70 -11.06 -21.57
C ALA C 670 -8.49 -9.56 -21.73
N GLN C 671 -7.68 -9.11 -22.67
CA GLN C 671 -7.48 -7.69 -22.92
C GLN C 671 -8.49 -7.20 -23.95
N PRO C 672 -8.86 -5.91 -23.92
CA PRO C 672 -9.98 -5.44 -24.76
C PRO C 672 -9.76 -5.51 -26.25
N GLY C 673 -8.52 -5.64 -26.74
CA GLY C 673 -8.32 -5.73 -28.17
C GLY C 673 -8.76 -7.06 -28.74
N VAL C 674 -8.34 -8.15 -28.10
CA VAL C 674 -8.72 -9.46 -28.59
C VAL C 674 -10.19 -9.73 -28.29
N GLN C 675 -10.70 -9.19 -27.19
CA GLN C 675 -12.12 -9.33 -26.89
C GLN C 675 -12.98 -8.54 -27.87
N ASN C 676 -12.50 -7.37 -28.30
CA ASN C 676 -13.22 -6.61 -29.31
C ASN C 676 -13.20 -7.33 -30.65
N PHE C 677 -12.05 -7.93 -30.99
CA PHE C 677 -11.95 -8.76 -32.18
C PHE C 677 -12.92 -9.93 -32.13
N LEU C 678 -13.04 -10.58 -30.97
CA LEU C 678 -13.89 -11.75 -30.85
C LEU C 678 -15.37 -11.38 -30.88
N SER C 679 -15.73 -10.26 -30.25
CA SER C 679 -17.13 -9.86 -30.26
C SER C 679 -17.56 -9.36 -31.63
N LYS C 680 -16.69 -8.63 -32.33
CA LYS C 680 -16.97 -8.25 -33.71
C LYS C 680 -17.03 -9.46 -34.64
N GLN C 681 -16.28 -10.51 -34.34
CA GLN C 681 -16.37 -11.71 -35.15
C GLN C 681 -17.57 -12.57 -34.77
N TRP C 682 -18.09 -12.39 -33.55
CA TRP C 682 -19.24 -13.16 -33.07
C TRP C 682 -20.57 -12.60 -33.51
N TYR C 683 -20.77 -11.29 -33.48
CA TYR C 683 -22.03 -10.76 -33.99
C TYR C 683 -22.12 -10.85 -35.50
N GLY C 684 -20.99 -10.99 -36.18
CA GLY C 684 -21.01 -11.13 -37.62
C GLY C 684 -21.21 -9.81 -38.33
N GLU C 685 -22.28 -9.72 -39.13
CA GLU C 685 -22.53 -8.50 -39.90
C GLU C 685 -23.24 -7.44 -39.07
N ILE C 686 -23.94 -7.85 -38.02
CA ILE C 686 -24.70 -6.91 -37.21
C ILE C 686 -23.73 -6.09 -36.36
N SER C 687 -23.99 -4.79 -36.25
CA SER C 687 -23.17 -3.94 -35.41
C SER C 687 -23.37 -4.28 -33.95
N ARG C 688 -22.37 -3.96 -33.13
CA ARG C 688 -22.44 -4.34 -31.72
C ARG C 688 -23.28 -3.39 -30.90
N ASP C 689 -23.48 -2.17 -31.36
CA ASP C 689 -24.27 -1.23 -30.57
C ASP C 689 -25.74 -1.25 -30.98
N THR C 690 -26.30 -2.45 -31.06
CA THR C 690 -27.73 -2.65 -31.11
C THR C 690 -28.12 -3.56 -29.96
N LYS C 691 -29.35 -3.44 -29.50
CA LYS C 691 -29.73 -4.20 -28.34
C LYS C 691 -30.14 -5.62 -28.75
N ASN C 692 -30.04 -6.54 -27.80
CA ASN C 692 -30.18 -7.96 -28.10
C ASN C 692 -31.64 -8.35 -28.33
N TRP C 693 -32.57 -7.64 -27.70
CA TRP C 693 -33.97 -8.00 -27.81
C TRP C 693 -34.51 -7.73 -29.20
N LYS C 694 -34.01 -6.68 -29.86
CA LYS C 694 -34.31 -6.44 -31.26
C LYS C 694 -33.84 -7.59 -32.13
N ILE C 695 -32.69 -8.17 -31.79
CA ILE C 695 -32.13 -9.24 -32.60
C ILE C 695 -32.94 -10.51 -32.46
N ILE C 696 -33.31 -10.88 -31.23
CA ILE C 696 -34.10 -12.11 -31.08
C ILE C 696 -35.55 -11.91 -31.52
N LEU C 697 -36.08 -10.68 -31.44
CA LEU C 697 -37.40 -10.38 -31.96
C LEU C 697 -37.43 -10.51 -33.47
N CYS C 698 -36.39 -10.03 -34.14
CA CYS C 698 -36.27 -10.27 -35.58
C CYS C 698 -35.96 -11.72 -35.90
N LEU C 699 -35.42 -12.47 -34.95
CA LEU C 699 -35.20 -13.90 -35.16
C LEU C 699 -36.51 -14.66 -35.22
N PHE C 700 -37.43 -14.39 -34.29
CA PHE C 700 -38.65 -15.19 -34.25
C PHE C 700 -39.59 -14.86 -35.42
N ILE C 701 -39.72 -13.59 -35.76
CA ILE C 701 -40.52 -13.17 -36.91
C ILE C 701 -39.56 -13.10 -38.09
N ILE C 702 -39.54 -14.15 -38.90
CA ILE C 702 -38.57 -14.32 -39.97
C ILE C 702 -38.65 -13.24 -41.05
N PRO C 703 -39.84 -12.85 -41.63
CA PRO C 703 -39.78 -11.81 -42.67
C PRO C 703 -39.64 -10.38 -42.14
N LEU C 704 -39.24 -10.24 -40.89
CA LEU C 704 -39.07 -8.91 -40.31
C LEU C 704 -37.67 -8.36 -40.61
N VAL C 705 -36.85 -9.15 -41.31
CA VAL C 705 -35.48 -8.73 -41.59
C VAL C 705 -35.45 -7.43 -42.38
N GLY C 706 -36.50 -7.17 -43.16
CA GLY C 706 -36.57 -5.96 -43.95
C GLY C 706 -37.25 -4.82 -43.21
N CYS C 707 -36.59 -4.30 -42.18
CA CYS C 707 -37.08 -3.14 -41.46
C CYS C 707 -35.90 -2.44 -40.81
N GLY C 708 -36.17 -1.25 -40.28
CA GLY C 708 -35.12 -0.46 -39.66
C GLY C 708 -34.98 -0.70 -38.18
N LEU C 709 -34.82 -1.97 -37.78
CA LEU C 709 -34.70 -2.34 -36.38
C LEU C 709 -33.31 -2.82 -36.00
N VAL C 710 -32.53 -3.33 -36.95
CA VAL C 710 -31.18 -3.83 -36.69
C VAL C 710 -30.21 -3.08 -37.60
N SER C 711 -28.97 -2.97 -37.14
CA SER C 711 -27.94 -2.18 -37.81
C SER C 711 -26.83 -3.10 -38.31
N PHE C 712 -26.59 -3.07 -39.62
CA PHE C 712 -25.65 -4.01 -40.27
C PHE C 712 -24.33 -3.35 -40.64
N ARG C 713 -23.80 -2.49 -39.79
CA ARG C 713 -22.63 -1.70 -40.17
C ARG C 713 -21.36 -2.56 -40.24
N LYS C 714 -21.03 -3.24 -39.15
CA LYS C 714 -19.77 -4.00 -39.08
C LYS C 714 -19.85 -5.31 -39.87
N LYS C 722 -29.28 -5.71 -51.99
CA LYS C 722 -30.26 -4.65 -51.83
C LYS C 722 -31.13 -4.91 -50.60
N LEU C 723 -32.03 -5.87 -50.71
CA LEU C 723 -32.76 -6.40 -49.57
C LEU C 723 -32.42 -7.83 -49.23
N LEU C 724 -32.04 -8.63 -50.23
CA LEU C 724 -31.58 -9.99 -49.98
C LEU C 724 -30.22 -10.02 -49.29
N TRP C 725 -29.42 -8.94 -49.43
CA TRP C 725 -28.18 -8.88 -48.68
C TRP C 725 -28.44 -8.70 -47.19
N TYR C 726 -29.49 -7.94 -46.83
CA TYR C 726 -29.88 -7.86 -45.43
C TYR C 726 -30.33 -9.21 -44.91
N TYR C 727 -31.05 -9.97 -45.75
CA TYR C 727 -31.55 -11.30 -45.39
C TYR C 727 -30.40 -12.27 -45.14
N VAL C 728 -29.44 -12.31 -46.05
CA VAL C 728 -28.32 -13.24 -45.89
C VAL C 728 -27.36 -12.77 -44.80
N ALA C 729 -27.12 -11.46 -44.71
CA ALA C 729 -26.23 -10.92 -43.67
C ALA C 729 -26.84 -11.03 -42.28
N PHE C 730 -28.15 -11.21 -42.18
CA PHE C 730 -28.71 -11.61 -40.91
C PHE C 730 -28.51 -13.10 -40.70
N PHE C 731 -28.97 -13.94 -41.64
CA PHE C 731 -28.93 -15.38 -41.44
C PHE C 731 -27.56 -16.01 -41.70
N THR C 732 -26.46 -15.26 -41.73
CA THR C 732 -25.14 -15.86 -41.81
C THR C 732 -24.40 -15.80 -40.48
N SER C 733 -24.77 -14.84 -39.63
CA SER C 733 -24.01 -14.49 -38.44
C SER C 733 -24.01 -15.64 -37.43
N PRO C 734 -22.94 -15.77 -36.64
CA PRO C 734 -22.88 -16.87 -35.67
C PRO C 734 -23.91 -16.77 -34.57
N PHE C 735 -24.27 -15.53 -34.21
CA PHE C 735 -25.23 -15.27 -33.15
C PHE C 735 -26.58 -15.93 -33.43
N VAL C 736 -27.12 -15.71 -34.62
CA VAL C 736 -28.46 -16.22 -34.89
C VAL C 736 -28.47 -17.68 -35.30
N VAL C 737 -27.37 -18.22 -35.84
CA VAL C 737 -27.39 -19.65 -36.10
C VAL C 737 -27.23 -20.42 -34.80
N PHE C 738 -26.51 -19.84 -33.83
CA PHE C 738 -26.48 -20.40 -32.49
C PHE C 738 -27.84 -20.35 -31.82
N SER C 739 -28.53 -19.22 -31.95
CA SER C 739 -29.82 -19.08 -31.26
C SER C 739 -30.89 -19.96 -31.89
N TRP C 740 -30.89 -20.08 -33.22
CA TRP C 740 -31.74 -21.05 -33.90
C TRP C 740 -31.42 -22.47 -33.46
N ASN C 741 -30.14 -22.75 -33.24
CA ASN C 741 -29.75 -24.11 -32.88
C ASN C 741 -30.21 -24.44 -31.46
N VAL C 742 -30.20 -23.47 -30.55
CA VAL C 742 -30.66 -23.80 -29.21
C VAL C 742 -32.19 -23.86 -29.13
N VAL C 743 -32.91 -23.12 -29.98
CA VAL C 743 -34.36 -23.30 -30.07
C VAL C 743 -34.69 -24.68 -30.59
N PHE C 744 -33.94 -25.15 -31.59
CA PHE C 744 -34.08 -26.51 -32.08
C PHE C 744 -33.82 -27.54 -31.00
N TYR C 745 -32.82 -27.30 -30.15
CA TYR C 745 -32.47 -28.31 -29.15
C TYR C 745 -33.53 -28.39 -28.05
N ILE C 746 -34.11 -27.25 -27.68
CA ILE C 746 -35.21 -27.26 -26.71
C ILE C 746 -36.43 -27.97 -27.29
N ALA C 747 -36.72 -27.75 -28.58
CA ALA C 747 -37.84 -28.46 -29.20
C ALA C 747 -37.59 -29.96 -29.28
N PHE C 748 -36.33 -30.34 -29.49
CA PHE C 748 -35.94 -31.75 -29.42
C PHE C 748 -36.17 -32.36 -28.05
N LEU C 749 -35.84 -31.62 -26.99
CA LEU C 749 -36.05 -32.15 -25.64
C LEU C 749 -37.54 -32.30 -25.33
N LEU C 750 -38.36 -31.37 -25.78
CA LEU C 750 -39.80 -31.50 -25.59
C LEU C 750 -40.36 -32.70 -26.36
N LEU C 751 -39.85 -32.95 -27.57
CA LEU C 751 -40.33 -34.10 -28.33
C LEU C 751 -39.89 -35.41 -27.68
N PHE C 752 -38.65 -35.46 -27.19
CA PHE C 752 -38.13 -36.63 -26.49
C PHE C 752 -38.98 -36.94 -25.26
N ALA C 753 -39.34 -35.89 -24.51
CA ALA C 753 -40.12 -36.08 -23.29
C ALA C 753 -41.54 -36.54 -23.60
N TYR C 754 -42.15 -35.99 -24.65
CA TYR C 754 -43.49 -36.44 -25.06
C TYR C 754 -43.48 -37.90 -25.47
N VAL C 755 -42.52 -38.29 -26.31
CA VAL C 755 -42.43 -39.67 -26.77
C VAL C 755 -42.17 -40.62 -25.60
N LEU C 756 -41.32 -40.21 -24.67
CA LEU C 756 -40.92 -41.12 -23.62
C LEU C 756 -41.98 -41.25 -22.53
N LEU C 757 -42.78 -40.21 -22.30
CA LEU C 757 -43.76 -40.29 -21.22
C LEU C 757 -45.17 -40.61 -21.68
N MET C 758 -45.60 -40.15 -22.85
CA MET C 758 -47.00 -40.23 -23.21
C MET C 758 -47.30 -41.04 -24.45
N ASP C 759 -46.30 -41.33 -25.29
CA ASP C 759 -46.58 -42.08 -26.52
C ASP C 759 -45.39 -43.00 -26.80
N PHE C 760 -45.44 -44.20 -26.24
CA PHE C 760 -44.35 -45.16 -26.37
C PHE C 760 -45.00 -46.55 -26.40
N HIS C 761 -45.22 -47.06 -27.61
CA HIS C 761 -45.95 -48.30 -27.80
C HIS C 761 -45.03 -49.38 -28.35
N SER C 762 -45.64 -50.52 -28.71
CA SER C 762 -44.87 -51.65 -29.20
C SER C 762 -44.30 -51.39 -30.59
N VAL C 763 -44.99 -50.59 -31.39
CA VAL C 763 -44.47 -50.19 -32.69
C VAL C 763 -44.24 -48.68 -32.65
N PRO C 764 -43.18 -48.18 -33.30
CA PRO C 764 -42.93 -46.73 -33.31
C PRO C 764 -43.99 -45.99 -34.09
N HIS C 765 -44.64 -45.02 -33.44
CA HIS C 765 -45.56 -44.12 -34.09
C HIS C 765 -44.79 -43.02 -34.80
N THR C 766 -45.51 -42.03 -35.32
CA THR C 766 -44.88 -40.94 -36.07
C THR C 766 -43.90 -40.08 -35.25
N PRO C 767 -44.19 -39.59 -34.02
CA PRO C 767 -43.19 -38.77 -33.34
C PRO C 767 -41.95 -39.52 -32.91
N GLU C 768 -42.01 -40.85 -32.75
CA GLU C 768 -40.78 -41.59 -32.48
C GLU C 768 -39.87 -41.57 -33.70
N LEU C 769 -40.44 -41.67 -34.89
CA LEU C 769 -39.64 -41.66 -36.11
C LEU C 769 -39.06 -40.28 -36.38
N ILE C 770 -39.84 -39.23 -36.06
CA ILE C 770 -39.30 -37.88 -36.13
C ILE C 770 -38.17 -37.69 -35.12
N LEU C 771 -38.29 -38.34 -33.96
CA LEU C 771 -37.24 -38.29 -32.95
C LEU C 771 -35.97 -38.99 -33.43
N TYR C 772 -36.11 -40.13 -34.10
CA TYR C 772 -34.93 -40.81 -34.66
C TYR C 772 -34.27 -39.98 -35.74
N ALA C 773 -35.08 -39.25 -36.53
CA ALA C 773 -34.52 -38.35 -37.53
C ALA C 773 -33.70 -37.23 -36.89
N LEU C 774 -34.22 -36.63 -35.81
CA LEU C 774 -33.48 -35.55 -35.17
C LEU C 774 -32.20 -36.05 -34.50
N VAL C 775 -32.23 -37.28 -33.96
CA VAL C 775 -31.01 -37.84 -33.40
C VAL C 775 -30.01 -38.16 -34.50
N PHE C 776 -30.48 -38.54 -35.69
CA PHE C 776 -29.55 -38.75 -36.81
C PHE C 776 -28.92 -37.43 -37.26
N VAL C 777 -29.67 -36.33 -37.16
CA VAL C 777 -29.11 -35.02 -37.49
C VAL C 777 -28.01 -34.64 -36.50
N LEU C 778 -28.25 -34.88 -35.21
CA LEU C 778 -27.23 -34.61 -34.20
C LEU C 778 -26.01 -35.51 -34.39
N PHE C 779 -26.22 -36.75 -34.82
CA PHE C 779 -25.10 -37.65 -35.08
C PHE C 779 -24.28 -37.20 -36.27
N CYS C 780 -24.94 -36.63 -37.30
CA CYS C 780 -24.22 -36.08 -38.44
C CYS C 780 -23.35 -34.89 -38.02
N ASP C 781 -23.88 -34.02 -37.14
CA ASP C 781 -23.06 -32.92 -36.65
C ASP C 781 -21.88 -33.42 -35.82
N GLU C 782 -22.07 -34.48 -35.04
CA GLU C 782 -20.96 -34.95 -34.22
C GLU C 782 -19.89 -35.66 -35.03
N VAL C 783 -20.28 -36.39 -36.08
CA VAL C 783 -19.23 -36.99 -36.92
C VAL C 783 -18.57 -35.93 -37.78
N ARG C 784 -19.26 -34.82 -38.08
CA ARG C 784 -18.61 -33.68 -38.73
C ARG C 784 -17.56 -33.07 -37.83
N GLN C 785 -17.86 -32.93 -36.54
CA GLN C 785 -16.89 -32.32 -35.63
C GLN C 785 -15.73 -33.26 -35.35
N TRP C 786 -15.97 -34.57 -35.32
CA TRP C 786 -14.88 -35.53 -35.18
C TRP C 786 -14.01 -35.56 -36.43
N TYR C 787 -14.60 -35.32 -37.60
CA TYR C 787 -13.80 -35.24 -38.81
C TYR C 787 -12.94 -33.98 -38.83
N MET C 788 -13.52 -32.84 -38.50
CA MET C 788 -12.79 -31.58 -38.58
C MET C 788 -11.94 -31.29 -37.35
N ASN C 789 -11.93 -32.17 -36.34
CA ASN C 789 -10.94 -32.05 -35.27
C ASN C 789 -9.95 -33.20 -35.24
N GLY C 790 -10.42 -34.44 -35.25
CA GLY C 790 -9.50 -35.55 -35.34
C GLY C 790 -9.40 -36.41 -34.09
N VAL C 791 -8.27 -36.30 -33.38
CA VAL C 791 -8.01 -37.15 -32.23
C VAL C 791 -8.16 -36.31 -30.98
N ASN C 792 -7.89 -35.00 -31.10
CA ASN C 792 -8.09 -34.09 -29.97
C ASN C 792 -9.57 -33.83 -29.67
N TYR C 793 -10.47 -34.25 -30.58
CA TYR C 793 -11.91 -34.26 -30.31
C TYR C 793 -12.23 -35.06 -29.05
N PHE C 794 -11.51 -36.15 -28.83
CA PHE C 794 -11.69 -36.96 -27.61
C PHE C 794 -10.98 -36.36 -26.40
N THR C 795 -10.42 -35.17 -26.51
CA THR C 795 -9.80 -34.54 -25.35
C THR C 795 -10.85 -33.95 -24.42
N ASP C 796 -11.87 -33.29 -24.98
CA ASP C 796 -12.92 -32.68 -24.19
C ASP C 796 -13.85 -33.76 -23.66
N LEU C 797 -14.31 -33.58 -22.42
CA LEU C 797 -15.19 -34.57 -21.82
C LEU C 797 -16.61 -34.48 -22.40
N TRP C 798 -17.00 -33.30 -22.87
CA TRP C 798 -18.35 -33.14 -23.39
C TRP C 798 -18.54 -33.90 -24.69
N ASN C 799 -17.50 -33.97 -25.50
CA ASN C 799 -17.58 -34.77 -26.73
C ASN C 799 -17.58 -36.25 -26.41
N VAL C 800 -16.94 -36.66 -25.31
CA VAL C 800 -16.93 -38.06 -24.92
C VAL C 800 -18.33 -38.49 -24.47
N MET C 801 -18.94 -37.73 -23.55
CA MET C 801 -20.29 -38.07 -23.12
C MET C 801 -21.33 -37.84 -24.21
N ASP C 802 -21.02 -36.98 -25.17
CA ASP C 802 -21.82 -36.77 -26.37
C ASP C 802 -21.88 -38.04 -27.22
N THR C 803 -20.71 -38.58 -27.56
CA THR C 803 -20.65 -39.83 -28.32
C THR C 803 -21.25 -40.99 -27.52
N LEU C 804 -21.08 -40.96 -26.21
CA LEU C 804 -21.62 -42.02 -25.36
C LEU C 804 -23.15 -41.95 -25.32
N GLY C 805 -23.71 -40.74 -25.31
CA GLY C 805 -25.15 -40.61 -25.37
C GLY C 805 -25.74 -41.09 -26.68
N LEU C 806 -25.05 -40.84 -27.79
CA LEU C 806 -25.50 -41.40 -29.07
C LEU C 806 -25.43 -42.92 -29.09
N PHE C 807 -24.40 -43.48 -28.45
CA PHE C 807 -24.29 -44.93 -28.36
C PHE C 807 -25.42 -45.54 -27.53
N TYR C 808 -25.78 -44.90 -26.40
CA TYR C 808 -26.91 -45.39 -25.63
C TYR C 808 -28.23 -45.23 -26.37
N PHE C 809 -28.34 -44.21 -27.22
CA PHE C 809 -29.58 -44.08 -28.00
C PHE C 809 -29.73 -45.21 -29.00
N ILE C 810 -28.66 -45.55 -29.73
CA ILE C 810 -28.83 -46.63 -30.71
C ILE C 810 -28.94 -47.99 -30.01
N ALA C 811 -28.39 -48.12 -28.80
CA ALA C 811 -28.62 -49.33 -28.03
C ALA C 811 -30.07 -49.43 -27.57
N GLY C 812 -30.68 -48.29 -27.24
CA GLY C 812 -32.09 -48.30 -26.91
C GLY C 812 -32.96 -48.63 -28.11
N ILE C 813 -32.51 -48.23 -29.29
CA ILE C 813 -33.21 -48.64 -30.51
C ILE C 813 -33.13 -50.14 -30.71
N VAL C 814 -31.95 -50.74 -30.54
CA VAL C 814 -31.85 -52.17 -30.81
C VAL C 814 -32.48 -53.01 -29.70
N PHE C 815 -32.68 -52.46 -28.50
CA PHE C 815 -33.55 -53.12 -27.53
C PHE C 815 -35.02 -52.87 -27.80
N ARG C 816 -35.36 -51.80 -28.50
CA ARG C 816 -36.74 -51.36 -28.60
C ARG C 816 -37.50 -52.03 -29.73
N LEU C 817 -36.80 -52.47 -30.77
CA LEU C 817 -37.49 -52.99 -31.95
C LEU C 817 -37.95 -54.42 -31.77
N HIS C 818 -37.42 -55.16 -30.80
CA HIS C 818 -37.87 -56.51 -30.53
C HIS C 818 -39.24 -56.46 -29.86
N SER C 819 -40.27 -56.26 -30.68
CA SER C 819 -41.64 -56.23 -30.19
C SER C 819 -42.09 -57.63 -29.82
N SER C 820 -43.29 -57.70 -29.21
CA SER C 820 -43.88 -58.90 -28.62
C SER C 820 -42.97 -59.55 -27.57
N ASN C 821 -42.11 -58.76 -26.93
CA ASN C 821 -41.27 -59.20 -25.83
C ASN C 821 -41.22 -58.02 -24.87
N LYS C 822 -41.96 -58.11 -23.77
CA LYS C 822 -42.19 -56.94 -22.93
C LYS C 822 -40.95 -56.54 -22.17
N SER C 823 -40.08 -57.50 -21.87
CA SER C 823 -38.87 -57.21 -21.10
C SER C 823 -37.88 -56.39 -21.90
N SER C 824 -37.68 -56.74 -23.17
CA SER C 824 -36.80 -55.95 -24.03
C SER C 824 -37.37 -54.56 -24.28
N LEU C 825 -38.68 -54.44 -24.35
CA LEU C 825 -39.31 -53.14 -24.60
C LEU C 825 -39.19 -52.25 -23.38
N TYR C 826 -39.39 -52.81 -22.19
CA TYR C 826 -39.20 -52.04 -20.96
C TYR C 826 -37.73 -51.65 -20.77
N SER C 827 -36.82 -52.56 -21.10
CA SER C 827 -35.40 -52.23 -20.97
C SER C 827 -35.00 -51.15 -21.96
N GLY C 828 -35.60 -51.15 -23.16
CA GLY C 828 -35.36 -50.08 -24.09
C GLY C 828 -35.84 -48.73 -23.58
N ARG C 829 -37.00 -48.72 -22.94
CA ARG C 829 -37.49 -47.45 -22.40
C ARG C 829 -36.64 -46.95 -21.23
N VAL C 830 -36.13 -47.85 -20.39
CA VAL C 830 -35.25 -47.44 -19.30
C VAL C 830 -33.93 -46.87 -19.85
N ILE C 831 -33.41 -47.47 -20.93
CA ILE C 831 -32.24 -46.93 -21.60
C ILE C 831 -32.49 -45.53 -22.15
N PHE C 832 -33.67 -45.32 -22.74
CA PHE C 832 -34.00 -43.97 -23.22
C PHE C 832 -34.15 -42.96 -22.09
N CYS C 833 -34.60 -43.40 -20.91
CA CYS C 833 -34.75 -42.47 -19.78
C CYS C 833 -33.39 -41.99 -19.27
N LEU C 834 -32.44 -42.91 -19.10
CA LEU C 834 -31.11 -42.48 -18.68
C LEU C 834 -30.41 -41.65 -19.75
N ASP C 835 -30.69 -41.95 -21.02
CA ASP C 835 -30.13 -41.14 -22.08
C ASP C 835 -30.75 -39.75 -22.08
N TYR C 836 -32.02 -39.64 -21.68
CA TYR C 836 -32.65 -38.33 -21.56
C TYR C 836 -32.02 -37.50 -20.46
N ILE C 837 -31.59 -38.14 -19.38
CA ILE C 837 -30.81 -37.45 -18.34
C ILE C 837 -29.57 -36.81 -18.94
N ILE C 838 -28.85 -37.56 -19.77
CA ILE C 838 -27.61 -37.04 -20.38
C ILE C 838 -27.90 -35.88 -21.33
N PHE C 839 -28.88 -36.07 -22.22
CA PHE C 839 -29.27 -35.01 -23.15
C PHE C 839 -29.74 -33.74 -22.45
N THR C 840 -30.46 -33.87 -21.34
CA THR C 840 -30.91 -32.69 -20.64
C THR C 840 -29.76 -31.98 -19.93
N LEU C 841 -28.81 -32.73 -19.36
CA LEU C 841 -27.72 -32.07 -18.66
C LEU C 841 -26.71 -31.43 -19.60
N ARG C 842 -26.76 -31.76 -20.90
CA ARG C 842 -25.93 -31.04 -21.88
C ARG C 842 -26.31 -29.55 -22.02
N LEU C 843 -27.51 -29.17 -21.61
CA LEU C 843 -28.01 -27.80 -21.78
C LEU C 843 -27.24 -26.80 -20.91
N ILE C 844 -26.68 -27.26 -19.80
CA ILE C 844 -25.84 -26.42 -18.96
C ILE C 844 -24.57 -26.01 -19.69
N HIS C 845 -23.94 -26.99 -20.37
CA HIS C 845 -22.79 -26.69 -21.22
C HIS C 845 -23.14 -25.83 -22.40
N ILE C 846 -24.37 -25.94 -22.91
CA ILE C 846 -24.80 -25.09 -24.01
C ILE C 846 -24.83 -23.62 -23.58
N PHE C 847 -25.36 -23.34 -22.40
CA PHE C 847 -25.56 -21.95 -22.02
C PHE C 847 -24.35 -21.32 -21.33
N THR C 848 -23.14 -21.77 -21.63
CA THR C 848 -21.94 -21.11 -21.10
C THR C 848 -21.58 -19.84 -21.86
N VAL C 849 -22.25 -19.56 -22.98
CA VAL C 849 -21.88 -18.41 -23.82
C VAL C 849 -22.47 -17.12 -23.32
N SER C 850 -23.36 -17.17 -22.34
CA SER C 850 -24.09 -15.98 -21.93
C SER C 850 -23.22 -15.03 -21.14
N ARG C 851 -23.56 -13.75 -21.20
CA ARG C 851 -22.83 -12.76 -20.43
C ARG C 851 -23.10 -12.87 -18.95
N ASN C 852 -24.26 -13.42 -18.58
CA ASN C 852 -24.73 -13.45 -17.20
C ASN C 852 -24.55 -14.82 -16.54
N LEU C 853 -25.03 -15.87 -17.20
CA LEU C 853 -24.92 -17.20 -16.63
C LEU C 853 -23.54 -17.80 -16.83
N GLY C 854 -22.86 -17.44 -17.92
CA GLY C 854 -21.58 -17.97 -18.31
C GLY C 854 -20.46 -18.03 -17.29
N PRO C 855 -20.08 -16.89 -16.70
CA PRO C 855 -19.00 -16.91 -15.68
C PRO C 855 -19.30 -17.78 -14.49
N LYS C 856 -20.57 -17.88 -14.08
CA LYS C 856 -20.92 -18.71 -12.95
C LYS C 856 -20.87 -20.20 -13.30
N ILE C 857 -21.25 -20.56 -14.52
CA ILE C 857 -21.13 -21.96 -14.94
C ILE C 857 -19.67 -22.34 -15.07
N ILE C 858 -18.81 -21.41 -15.46
CA ILE C 858 -17.37 -21.70 -15.45
C ILE C 858 -16.84 -21.80 -14.02
N MET C 859 -17.38 -20.99 -13.11
CA MET C 859 -16.99 -21.04 -11.69
C MET C 859 -17.39 -22.36 -11.05
N LEU C 860 -18.44 -22.99 -11.57
CA LEU C 860 -19.02 -24.19 -10.98
C LEU C 860 -18.05 -25.37 -10.98
N GLN C 861 -17.11 -25.42 -11.91
CA GLN C 861 -16.19 -26.55 -11.96
C GLN C 861 -14.96 -26.37 -11.09
N ARG C 862 -14.89 -25.31 -10.31
CA ARG C 862 -13.81 -25.13 -9.35
C ARG C 862 -14.15 -25.70 -7.98
N MET C 863 -15.33 -26.30 -7.83
CA MET C 863 -15.84 -26.73 -6.55
C MET C 863 -15.63 -28.21 -6.29
N LEU C 864 -15.03 -28.92 -7.24
CA LEU C 864 -14.95 -30.37 -7.17
C LEU C 864 -14.09 -30.86 -6.02
N ILE C 865 -13.07 -30.12 -5.65
CA ILE C 865 -12.23 -30.56 -4.54
C ILE C 865 -12.95 -30.41 -3.21
N ASP C 866 -13.81 -29.41 -3.07
CA ASP C 866 -14.59 -29.24 -1.86
C ASP C 866 -15.68 -30.30 -1.76
N VAL C 867 -16.32 -30.59 -2.89
CA VAL C 867 -17.34 -31.64 -2.94
C VAL C 867 -16.73 -32.99 -2.62
N PHE C 868 -15.52 -33.27 -3.12
CA PHE C 868 -14.89 -34.55 -2.85
C PHE C 868 -14.38 -34.66 -1.43
N PHE C 869 -13.96 -33.55 -0.82
CA PHE C 869 -13.58 -33.58 0.59
C PHE C 869 -14.79 -33.85 1.47
N PHE C 870 -15.93 -33.22 1.14
CA PHE C 870 -17.19 -33.51 1.81
C PHE C 870 -17.60 -34.96 1.68
N LEU C 871 -17.48 -35.52 0.48
CA LEU C 871 -17.91 -36.90 0.27
C LEU C 871 -16.99 -37.89 0.94
N PHE C 872 -15.70 -37.57 1.04
CA PHE C 872 -14.78 -38.43 1.79
C PHE C 872 -15.13 -38.50 3.26
N LEU C 873 -15.31 -37.33 3.90
CA LEU C 873 -15.63 -37.33 5.34
C LEU C 873 -16.99 -37.93 5.61
N PHE C 874 -17.95 -37.68 4.73
CA PHE C 874 -19.28 -38.21 4.93
C PHE C 874 -19.32 -39.71 4.73
N ALA C 875 -18.53 -40.24 3.79
CA ALA C 875 -18.48 -41.68 3.59
C ALA C 875 -17.84 -42.39 4.76
N VAL C 876 -16.80 -41.79 5.36
CA VAL C 876 -16.15 -42.40 6.51
C VAL C 876 -17.08 -42.46 7.71
N TRP C 877 -17.73 -41.32 8.03
CA TRP C 877 -18.70 -41.32 9.13
C TRP C 877 -19.88 -42.24 8.87
N MET C 878 -20.33 -42.30 7.62
CA MET C 878 -21.49 -43.10 7.25
C MET C 878 -21.21 -44.58 7.40
N VAL C 879 -20.03 -45.04 6.95
CA VAL C 879 -19.65 -46.44 7.09
C VAL C 879 -19.49 -46.81 8.56
N ALA C 880 -18.85 -45.93 9.35
CA ALA C 880 -18.63 -46.24 10.76
C ALA C 880 -19.94 -46.39 11.54
N PHE C 881 -20.83 -45.41 11.40
CA PHE C 881 -22.13 -45.48 12.08
C PHE C 881 -22.99 -46.63 11.57
N GLY C 882 -22.97 -46.88 10.26
CA GLY C 882 -23.83 -47.91 9.72
C GLY C 882 -23.45 -49.30 10.19
N VAL C 883 -22.14 -49.60 10.18
CA VAL C 883 -21.70 -50.91 10.63
C VAL C 883 -21.88 -51.06 12.13
N ALA C 884 -21.66 -49.98 12.89
CA ALA C 884 -21.86 -50.07 14.34
C ALA C 884 -23.33 -50.28 14.72
N ARG C 885 -24.25 -49.59 14.04
CA ARG C 885 -25.66 -49.75 14.37
C ARG C 885 -26.19 -51.11 13.93
N GLN C 886 -25.81 -51.56 12.73
CA GLN C 886 -26.22 -52.88 12.26
C GLN C 886 -25.63 -53.99 13.12
N GLY C 887 -24.44 -53.81 13.67
CA GLY C 887 -23.89 -54.81 14.55
C GLY C 887 -24.47 -54.83 15.94
N ILE C 888 -24.82 -53.66 16.49
CA ILE C 888 -25.41 -53.63 17.82
C ILE C 888 -26.83 -54.14 17.79
N LEU C 889 -27.61 -53.77 16.78
CA LEU C 889 -29.03 -54.15 16.77
C LEU C 889 -29.23 -55.61 16.43
N ARG C 890 -28.83 -56.02 15.24
CA ARG C 890 -29.26 -57.29 14.67
C ARG C 890 -28.15 -58.32 14.78
N GLN C 891 -28.43 -59.53 14.28
CA GLN C 891 -27.52 -60.66 14.43
C GLN C 891 -27.49 -61.49 13.17
N ASN C 892 -26.35 -61.44 12.46
CA ASN C 892 -26.01 -62.34 11.35
C ASN C 892 -27.01 -62.23 10.20
N GLU C 893 -27.12 -61.03 9.65
CA GLU C 893 -27.86 -60.83 8.41
C GLU C 893 -27.12 -61.53 7.28
N GLN C 894 -27.84 -62.30 6.46
CA GLN C 894 -27.22 -63.03 5.36
C GLN C 894 -27.59 -62.49 3.99
N ARG C 895 -28.46 -61.49 3.93
CA ARG C 895 -28.92 -60.94 2.68
C ARG C 895 -28.13 -59.67 2.37
N TRP C 896 -27.53 -59.61 1.18
CA TRP C 896 -26.66 -58.49 0.86
C TRP C 896 -27.44 -57.20 0.66
N ARG C 897 -28.65 -57.29 0.11
CA ARG C 897 -29.46 -56.10 -0.13
C ARG C 897 -29.86 -55.45 1.17
N TRP C 898 -30.19 -56.23 2.18
CA TRP C 898 -30.57 -55.67 3.46
C TRP C 898 -29.38 -55.40 4.37
N ILE C 899 -28.17 -55.76 3.92
CA ILE C 899 -26.97 -55.16 4.49
C ILE C 899 -26.77 -53.77 3.94
N PHE C 900 -26.84 -53.61 2.61
CA PHE C 900 -26.54 -52.30 2.06
C PHE C 900 -27.69 -51.31 2.15
N ARG C 901 -28.90 -51.76 2.51
CA ARG C 901 -29.93 -50.81 2.84
C ARG C 901 -29.79 -50.27 4.25
N SER C 902 -29.25 -51.07 5.15
CA SER C 902 -29.16 -50.70 6.56
C SER C 902 -27.80 -50.17 6.97
N VAL C 903 -26.78 -50.29 6.13
CA VAL C 903 -25.47 -49.74 6.43
C VAL C 903 -25.20 -48.47 5.66
N ILE C 904 -25.50 -48.45 4.36
CA ILE C 904 -25.16 -47.33 3.52
C ILE C 904 -26.34 -46.39 3.30
N TYR C 905 -27.54 -46.92 3.08
CA TYR C 905 -28.64 -46.10 2.58
C TYR C 905 -29.30 -45.27 3.67
N GLU C 906 -29.58 -45.85 4.81
CA GLU C 906 -30.26 -45.09 5.86
C GLU C 906 -29.37 -44.05 6.56
N PRO C 907 -28.09 -44.32 6.85
CA PRO C 907 -27.22 -43.20 7.24
C PRO C 907 -26.98 -42.18 6.14
N TYR C 908 -27.18 -42.54 4.88
CA TYR C 908 -27.14 -41.52 3.84
C TYR C 908 -28.35 -40.62 3.91
N LEU C 909 -29.54 -41.18 4.12
CA LEU C 909 -30.73 -40.36 4.25
C LEU C 909 -30.70 -39.50 5.49
N ALA C 910 -29.97 -39.91 6.53
CA ALA C 910 -29.80 -39.05 7.71
C ALA C 910 -28.98 -37.78 7.45
N MET C 911 -28.53 -37.51 6.23
CA MET C 911 -27.93 -36.23 5.89
C MET C 911 -28.98 -35.18 5.56
N PHE C 912 -30.16 -35.61 5.15
CA PHE C 912 -31.24 -34.69 4.80
C PHE C 912 -32.21 -34.50 5.97
N GLY C 913 -31.81 -34.90 7.17
CA GLY C 913 -32.63 -34.74 8.34
C GLY C 913 -33.65 -35.83 8.55
N GLN C 914 -33.21 -37.09 8.65
CA GLN C 914 -34.14 -38.19 8.82
C GLN C 914 -34.16 -38.81 10.20
N VAL C 915 -33.04 -38.80 10.93
CA VAL C 915 -32.88 -39.37 12.27
C VAL C 915 -33.27 -40.85 12.28
N PRO C 916 -32.33 -41.76 11.89
CA PRO C 916 -32.60 -43.21 11.78
C PRO C 916 -33.37 -43.85 12.93
N SER C 917 -34.36 -44.66 12.58
CA SER C 917 -35.54 -44.84 13.42
C SER C 917 -35.37 -45.92 14.49
N ASP C 918 -34.90 -47.10 14.12
CA ASP C 918 -35.02 -48.25 15.01
C ASP C 918 -33.92 -48.34 16.06
N VAL C 919 -33.70 -47.26 16.80
CA VAL C 919 -32.71 -47.20 17.87
C VAL C 919 -33.35 -46.87 19.21
N ASP C 920 -34.66 -46.61 19.22
CA ASP C 920 -35.30 -46.01 20.38
C ASP C 920 -35.86 -47.01 21.36
N SER C 921 -36.24 -48.21 20.91
CA SER C 921 -36.77 -49.32 21.68
C SER C 921 -38.09 -49.04 22.39
N THR C 922 -38.69 -47.87 22.20
CA THR C 922 -40.05 -47.60 22.63
C THR C 922 -40.96 -47.29 21.47
N THR C 923 -40.43 -46.78 20.38
CA THR C 923 -41.18 -46.54 19.16
C THR C 923 -40.88 -47.63 18.11
N TYR C 924 -40.54 -48.82 18.57
CA TYR C 924 -40.17 -49.94 17.70
C TYR C 924 -41.20 -51.02 17.86
N ASP C 925 -41.88 -51.36 16.76
CA ASP C 925 -42.83 -52.46 16.76
C ASP C 925 -42.30 -53.65 15.96
N PHE C 926 -42.77 -54.84 16.31
CA PHE C 926 -42.30 -56.08 15.75
C PHE C 926 -43.07 -56.50 14.51
N SER C 927 -43.92 -55.63 13.98
CA SER C 927 -44.66 -55.90 12.77
C SER C 927 -43.93 -55.44 11.52
N HIS C 928 -42.66 -55.10 11.63
CA HIS C 928 -41.83 -54.75 10.47
C HIS C 928 -40.59 -55.63 10.41
N CYS C 929 -40.70 -56.86 10.86
CA CYS C 929 -39.58 -57.77 10.92
C CYS C 929 -39.85 -59.01 10.09
N THR C 930 -38.94 -59.98 10.23
CA THR C 930 -39.08 -61.26 9.56
C THR C 930 -38.88 -62.45 10.49
N PHE C 931 -37.98 -62.29 11.48
CA PHE C 931 -37.42 -63.27 12.41
C PHE C 931 -36.50 -64.29 11.74
N SER C 932 -36.49 -64.31 10.41
CA SER C 932 -35.66 -65.13 9.53
C SER C 932 -35.97 -64.64 8.13
N GLY C 933 -34.98 -64.54 7.25
CA GLY C 933 -35.23 -63.79 6.03
C GLY C 933 -36.04 -64.57 5.01
N ASN C 934 -37.33 -64.25 4.98
CA ASN C 934 -38.33 -64.96 4.20
C ASN C 934 -39.16 -64.03 3.34
N GLU C 935 -39.46 -62.85 3.84
CA GLU C 935 -40.19 -61.81 3.13
C GLU C 935 -39.29 -60.59 3.00
N SER C 936 -39.86 -59.46 2.57
CA SER C 936 -39.06 -58.31 2.16
C SER C 936 -38.34 -57.68 3.35
N LYS C 937 -39.07 -57.39 4.42
CA LYS C 937 -38.74 -56.58 5.60
C LYS C 937 -37.40 -56.90 6.28
N PRO C 938 -36.84 -55.98 7.08
CA PRO C 938 -35.57 -56.27 7.77
C PRO C 938 -35.71 -57.34 8.84
N LEU C 939 -34.58 -57.76 9.38
CA LEU C 939 -34.64 -58.62 10.55
C LEU C 939 -35.02 -57.82 11.77
N CYS C 940 -35.59 -58.51 12.76
CA CYS C 940 -35.72 -57.90 14.06
C CYS C 940 -34.37 -57.75 14.74
N VAL C 941 -34.33 -56.83 15.70
CA VAL C 941 -33.27 -56.82 16.68
C VAL C 941 -33.29 -58.13 17.43
N GLU C 942 -32.12 -58.65 17.76
CA GLU C 942 -32.05 -60.00 18.30
C GLU C 942 -32.55 -59.97 19.74
N LEU C 943 -33.42 -60.92 20.07
CA LEU C 943 -34.23 -60.82 21.26
C LEU C 943 -33.56 -61.48 22.44
N ASP C 944 -34.23 -61.38 23.59
CA ASP C 944 -33.73 -61.87 24.85
C ASP C 944 -34.28 -63.27 25.09
N GLU C 945 -34.05 -63.83 26.29
CA GLU C 945 -34.79 -65.02 26.68
C GLU C 945 -36.17 -64.66 27.21
N HIS C 946 -36.42 -63.39 27.52
CA HIS C 946 -37.73 -62.92 27.89
C HIS C 946 -38.47 -62.30 26.72
N ASN C 947 -37.96 -62.52 25.50
CA ASN C 947 -38.47 -61.94 24.25
C ASN C 947 -38.54 -60.42 24.31
N LEU C 948 -37.43 -59.80 24.73
CA LEU C 948 -37.25 -58.37 24.77
C LEU C 948 -36.07 -57.96 23.89
N PRO C 949 -36.04 -56.73 23.39
CA PRO C 949 -34.86 -56.29 22.64
C PRO C 949 -33.63 -56.17 23.54
N ARG C 950 -32.50 -56.62 23.02
CA ARG C 950 -31.27 -56.69 23.79
C ARG C 950 -30.48 -55.41 23.81
N PHE C 951 -30.71 -54.51 22.88
CA PHE C 951 -29.79 -53.41 22.71
C PHE C 951 -30.02 -52.34 23.77
N PRO C 952 -28.95 -51.71 24.27
CA PRO C 952 -29.11 -50.64 25.24
C PRO C 952 -29.53 -49.35 24.55
N GLU C 953 -30.55 -48.68 25.10
CA GLU C 953 -30.91 -47.36 24.59
C GLU C 953 -29.83 -46.34 24.90
N TRP C 954 -29.14 -46.50 26.02
CA TRP C 954 -28.10 -45.57 26.43
C TRP C 954 -26.82 -45.70 25.63
N ILE C 955 -26.74 -46.65 24.72
CA ILE C 955 -25.59 -46.78 23.83
C ILE C 955 -25.95 -46.49 22.38
N THR C 956 -27.24 -46.47 22.03
CA THR C 956 -27.68 -46.21 20.67
C THR C 956 -28.33 -44.84 20.48
N ILE C 957 -28.99 -44.30 21.50
CA ILE C 957 -29.52 -42.94 21.42
C ILE C 957 -28.38 -41.91 21.35
N PRO C 958 -27.34 -41.90 22.22
CA PRO C 958 -26.28 -40.91 22.01
C PRO C 958 -25.42 -41.19 20.79
N LEU C 959 -25.38 -42.43 20.30
CA LEU C 959 -24.67 -42.71 19.06
C LEU C 959 -25.33 -42.02 17.88
N VAL C 960 -26.66 -42.12 17.79
CA VAL C 960 -27.41 -41.43 16.74
C VAL C 960 -27.32 -39.93 16.92
N CYS C 961 -27.28 -39.46 18.16
CA CYS C 961 -27.16 -38.02 18.39
C CYS C 961 -25.81 -37.48 17.94
N ILE C 962 -24.72 -38.21 18.22
CA ILE C 962 -23.38 -37.79 17.78
C ILE C 962 -23.25 -37.84 16.27
N TYR C 963 -23.75 -38.91 15.65
CA TYR C 963 -23.74 -39.02 14.19
C TYR C 963 -24.54 -37.92 13.53
N MET C 964 -25.68 -37.59 14.11
CA MET C 964 -26.61 -36.65 13.50
C MET C 964 -26.09 -35.24 13.62
N LEU C 965 -25.48 -34.90 14.76
CA LEU C 965 -24.74 -33.65 14.91
C LEU C 965 -23.58 -33.56 13.93
N SER C 966 -22.80 -34.63 13.82
CA SER C 966 -21.57 -34.58 13.05
C SER C 966 -21.82 -34.48 11.56
N THR C 967 -22.89 -35.07 11.05
CA THR C 967 -23.14 -35.02 9.61
C THR C 967 -24.15 -33.97 9.20
N ASN C 968 -25.25 -33.82 9.93
CA ASN C 968 -26.31 -32.94 9.47
C ASN C 968 -25.97 -31.47 9.69
N ILE C 969 -25.05 -31.14 10.59
CA ILE C 969 -24.80 -29.76 10.98
C ILE C 969 -23.35 -29.36 10.74
N LEU C 970 -22.41 -30.09 11.32
CA LEU C 970 -21.02 -29.67 11.22
C LEU C 970 -20.48 -29.87 9.81
N LEU C 971 -20.79 -31.01 9.20
CA LEU C 971 -20.17 -31.39 7.96
C LEU C 971 -20.78 -30.68 6.76
N VAL C 972 -22.02 -30.22 6.86
CA VAL C 972 -22.65 -29.47 5.79
C VAL C 972 -22.30 -28.01 5.87
N ASN C 973 -22.30 -27.45 7.08
CA ASN C 973 -21.91 -26.07 7.26
C ASN C 973 -20.42 -25.85 7.09
N LEU C 974 -19.62 -26.91 7.08
CA LEU C 974 -18.23 -26.76 6.66
C LEU C 974 -18.12 -26.64 5.15
N LEU C 975 -18.94 -27.39 4.43
CA LEU C 975 -19.00 -27.29 2.98
C LEU C 975 -19.46 -25.92 2.54
N VAL C 976 -20.38 -25.31 3.30
CA VAL C 976 -20.82 -23.94 3.00
C VAL C 976 -19.65 -22.97 3.10
N ALA C 977 -18.82 -23.12 4.13
CA ALA C 977 -17.67 -22.25 4.33
C ALA C 977 -16.63 -22.42 3.23
N MET C 978 -16.38 -23.67 2.83
CA MET C 978 -15.39 -23.89 1.78
C MET C 978 -15.87 -23.40 0.43
N PHE C 979 -17.18 -23.55 0.14
CA PHE C 979 -17.75 -22.94 -1.07
C PHE C 979 -17.62 -21.43 -1.05
N GLY C 980 -17.89 -20.80 0.10
CA GLY C 980 -17.80 -19.36 0.19
C GLY C 980 -16.38 -18.85 -0.01
N TYR C 981 -15.41 -19.59 0.51
CA TYR C 981 -14.03 -19.20 0.33
C TYR C 981 -13.56 -19.40 -1.11
N THR C 982 -14.01 -20.47 -1.77
CA THR C 982 -13.62 -20.69 -3.15
C THR C 982 -14.23 -19.65 -4.08
N VAL C 983 -15.49 -19.26 -3.83
CA VAL C 983 -16.11 -18.17 -4.59
C VAL C 983 -15.37 -16.86 -4.32
N GLY C 984 -14.88 -16.67 -3.08
CA GLY C 984 -14.11 -15.49 -2.77
C GLY C 984 -12.77 -15.43 -3.48
N ILE C 985 -12.12 -16.57 -3.69
CA ILE C 985 -10.89 -16.56 -4.47
C ILE C 985 -11.18 -16.33 -5.94
N VAL C 986 -11.97 -17.20 -6.56
CA VAL C 986 -11.83 -17.39 -8.00
C VAL C 986 -12.58 -16.35 -8.81
N GLN C 987 -13.10 -15.31 -8.17
CA GLN C 987 -14.00 -14.43 -8.91
C GLN C 987 -13.26 -13.42 -9.78
N GLU C 988 -12.13 -12.89 -9.31
CA GLU C 988 -11.35 -11.97 -10.13
C GLU C 988 -10.62 -12.68 -11.26
N ASN C 989 -10.51 -14.00 -11.20
CA ASN C 989 -9.98 -14.81 -12.28
C ASN C 989 -11.08 -15.39 -13.16
N ASN C 990 -12.32 -15.39 -12.66
CA ASN C 990 -13.43 -16.07 -13.34
C ASN C 990 -13.78 -15.39 -14.65
N ASP C 991 -13.78 -14.04 -14.66
CA ASP C 991 -14.04 -13.33 -15.90
C ASP C 991 -12.97 -13.58 -16.94
N GLN C 992 -11.70 -13.67 -16.52
CA GLN C 992 -10.62 -14.01 -17.43
C GLN C 992 -10.78 -15.41 -17.99
N VAL C 993 -11.17 -16.37 -17.15
CA VAL C 993 -11.30 -17.75 -17.63
C VAL C 993 -12.51 -17.88 -18.54
N TRP C 994 -13.58 -17.12 -18.29
CA TRP C 994 -14.74 -17.13 -19.17
C TRP C 994 -14.40 -16.56 -20.53
N LYS C 995 -13.75 -15.41 -20.57
CA LYS C 995 -13.45 -14.83 -21.87
C LYS C 995 -12.25 -15.47 -22.54
N PHE C 996 -11.50 -16.31 -21.82
CA PHE C 996 -10.57 -17.22 -22.50
C PHE C 996 -11.32 -18.38 -23.14
N GLN C 997 -12.34 -18.92 -22.46
CA GLN C 997 -13.16 -19.98 -23.04
C GLN C 997 -14.01 -19.50 -24.20
N ARG C 998 -14.24 -18.19 -24.29
CA ARG C 998 -15.01 -17.60 -25.37
C ARG C 998 -14.37 -17.83 -26.74
N TYR C 999 -13.04 -17.95 -26.77
CA TYR C 999 -12.31 -18.23 -28.00
C TYR C 999 -12.77 -19.51 -28.67
N PHE C 1000 -13.02 -20.55 -27.88
CA PHE C 1000 -13.30 -21.86 -28.46
C PHE C 1000 -14.69 -21.91 -29.08
N LEU C 1001 -15.66 -21.26 -28.45
CA LEU C 1001 -16.99 -21.25 -29.02
C LEU C 1001 -17.06 -20.35 -30.25
N VAL C 1002 -16.32 -19.24 -30.24
CA VAL C 1002 -16.27 -18.39 -31.43
C VAL C 1002 -15.55 -19.12 -32.57
N GLN C 1003 -14.50 -19.88 -32.26
CA GLN C 1003 -13.79 -20.57 -33.32
C GLN C 1003 -14.42 -21.90 -33.70
N GLU C 1004 -15.48 -22.32 -33.00
CA GLU C 1004 -16.25 -23.43 -33.56
C GLU C 1004 -17.53 -22.96 -34.23
N TYR C 1005 -17.95 -21.72 -34.01
CA TYR C 1005 -19.12 -21.18 -34.71
C TYR C 1005 -18.77 -20.16 -35.78
N CYS C 1006 -17.49 -19.90 -36.01
CA CYS C 1006 -17.03 -19.07 -37.11
C CYS C 1006 -16.18 -19.84 -38.10
N ASN C 1007 -15.84 -21.09 -37.80
CA ASN C 1007 -14.96 -21.84 -38.67
C ASN C 1007 -15.71 -22.39 -39.87
N ARG C 1008 -16.68 -23.26 -39.61
CA ARG C 1008 -17.47 -23.88 -40.67
C ARG C 1008 -18.35 -22.88 -41.38
N LEU C 1009 -18.72 -23.20 -42.61
CA LEU C 1009 -19.77 -22.46 -43.32
C LEU C 1009 -21.07 -23.13 -42.90
N ASN C 1010 -21.75 -22.51 -41.95
CA ASN C 1010 -22.88 -23.13 -41.28
C ASN C 1010 -24.19 -22.44 -41.62
N ILE C 1011 -25.12 -23.24 -42.12
CA ILE C 1011 -26.51 -22.85 -42.28
C ILE C 1011 -27.19 -23.19 -40.94
N PRO C 1012 -28.41 -22.73 -40.67
CA PRO C 1012 -29.13 -23.20 -39.48
C PRO C 1012 -29.34 -24.69 -39.45
N PHE C 1013 -29.62 -25.19 -38.25
CA PHE C 1013 -29.24 -26.57 -37.88
C PHE C 1013 -29.99 -27.69 -38.59
N PRO C 1014 -31.34 -27.77 -38.61
CA PRO C 1014 -31.97 -29.01 -39.12
C PRO C 1014 -31.82 -29.23 -40.62
N PHE C 1015 -31.23 -28.29 -41.35
CA PHE C 1015 -30.93 -28.43 -42.77
C PHE C 1015 -29.47 -28.76 -43.04
N VAL C 1016 -28.63 -28.72 -41.99
CA VAL C 1016 -27.17 -28.87 -42.11
C VAL C 1016 -26.80 -30.20 -42.74
N VAL C 1017 -27.58 -31.25 -42.48
CA VAL C 1017 -27.33 -32.58 -43.03
C VAL C 1017 -27.39 -32.57 -44.55
N PHE C 1018 -28.23 -31.70 -45.15
CA PHE C 1018 -28.26 -31.53 -46.60
C PHE C 1018 -26.93 -31.00 -47.10
N ALA C 1019 -26.40 -29.97 -46.40
CA ALA C 1019 -25.08 -29.45 -46.70
C ALA C 1019 -23.98 -30.48 -46.47
N TYR C 1020 -24.22 -31.48 -45.60
CA TYR C 1020 -23.28 -32.57 -45.43
C TYR C 1020 -23.14 -33.36 -46.74
N PHE C 1021 -24.25 -33.51 -47.47
CA PHE C 1021 -24.20 -34.15 -48.78
C PHE C 1021 -23.38 -33.33 -49.77
N TYR C 1022 -23.35 -32.01 -49.60
CA TYR C 1022 -22.49 -31.17 -50.44
C TYR C 1022 -21.02 -31.51 -50.24
N MET C 1023 -20.63 -31.83 -49.00
CA MET C 1023 -19.25 -32.27 -48.79
C MET C 1023 -19.05 -33.66 -49.38
N VAL C 1024 -20.11 -34.47 -49.44
CA VAL C 1024 -20.07 -35.73 -50.16
C VAL C 1024 -19.83 -35.48 -51.64
N VAL C 1025 -20.36 -34.35 -52.15
CA VAL C 1025 -20.08 -33.89 -53.52
C VAL C 1025 -18.57 -33.75 -53.74
N LYS C 1026 -17.85 -33.27 -52.72
CA LYS C 1026 -16.38 -33.24 -52.79
C LYS C 1026 -15.82 -34.64 -52.95
N LYS C 1027 -16.28 -35.59 -52.13
CA LYS C 1027 -15.88 -36.98 -52.32
C LYS C 1027 -16.58 -37.64 -53.51
N CYS C 1028 -17.56 -36.97 -54.13
CA CYS C 1028 -18.06 -37.46 -55.41
C CYS C 1028 -17.20 -36.99 -56.58
N PHE C 1029 -16.28 -36.04 -56.34
CA PHE C 1029 -15.41 -35.59 -57.40
C PHE C 1029 -13.93 -35.64 -57.04
N LYS C 1030 -13.55 -35.29 -55.82
CA LYS C 1030 -12.15 -35.21 -55.44
C LYS C 1030 -11.75 -36.41 -54.58
N PHE C 1045 6.88 -13.71 -47.92
CA PHE C 1045 7.05 -13.36 -49.33
C PHE C 1045 5.98 -12.37 -49.78
N ARG C 1046 4.82 -12.43 -49.14
CA ARG C 1046 3.69 -11.61 -49.54
C ARG C 1046 3.89 -10.17 -49.08
N ASN C 1047 3.55 -9.22 -49.95
CA ASN C 1047 4.02 -7.85 -49.79
C ASN C 1047 3.28 -7.09 -48.70
N GLU C 1048 1.98 -7.29 -48.56
CA GLU C 1048 1.26 -6.60 -47.50
C GLU C 1048 1.55 -7.19 -46.13
N ASP C 1049 1.96 -8.46 -46.08
CA ASP C 1049 2.48 -9.05 -44.85
C ASP C 1049 3.74 -8.33 -44.39
N ASN C 1050 4.66 -8.07 -45.33
CA ASN C 1050 5.85 -7.30 -45.01
C ASN C 1050 5.51 -5.86 -44.67
N GLU C 1051 4.45 -5.33 -45.28
CA GLU C 1051 4.01 -3.97 -44.97
C GLU C 1051 3.50 -3.87 -43.54
N THR C 1052 2.72 -4.85 -43.09
CA THR C 1052 2.20 -4.74 -41.73
C THR C 1052 3.25 -5.13 -40.68
N LEU C 1053 4.23 -5.97 -41.03
CA LEU C 1053 5.33 -6.20 -40.10
C LEU C 1053 6.21 -4.95 -39.98
N ALA C 1054 6.41 -4.25 -41.09
CA ALA C 1054 7.09 -2.96 -41.05
C ALA C 1054 6.29 -1.92 -40.29
N TRP C 1055 4.96 -2.05 -40.31
CA TRP C 1055 4.14 -1.21 -39.44
C TRP C 1055 4.36 -1.53 -37.98
N GLU C 1056 4.42 -2.84 -37.65
CA GLU C 1056 4.61 -3.31 -36.28
C GLU C 1056 5.91 -2.81 -35.67
N GLY C 1057 6.97 -2.77 -36.49
CA GLY C 1057 8.27 -2.31 -36.01
C GLY C 1057 8.27 -0.88 -35.48
N VAL C 1058 7.39 -0.03 -36.02
CA VAL C 1058 7.34 1.36 -35.58
C VAL C 1058 6.81 1.47 -34.17
N MET C 1059 5.73 0.75 -33.84
CA MET C 1059 5.25 0.78 -32.47
C MET C 1059 6.13 -0.02 -31.54
N LYS C 1060 6.87 -1.01 -32.06
CA LYS C 1060 7.91 -1.64 -31.25
C LYS C 1060 8.95 -0.62 -30.81
N GLU C 1061 9.39 0.23 -31.74
CA GLU C 1061 10.36 1.28 -31.40
C GLU C 1061 9.75 2.29 -30.44
N ASN C 1062 8.47 2.63 -30.63
CA ASN C 1062 7.81 3.54 -29.71
C ASN C 1062 7.66 2.94 -28.31
N TYR C 1063 7.38 1.64 -28.25
CA TYR C 1063 7.25 0.94 -26.98
C TYR C 1063 8.60 0.86 -26.25
N LEU C 1064 9.69 0.64 -26.98
CA LEU C 1064 11.01 0.65 -26.37
C LEU C 1064 11.39 2.03 -25.88
N VAL C 1065 11.02 3.08 -26.63
CA VAL C 1065 11.16 4.45 -26.19
C VAL C 1065 10.40 4.69 -24.89
N LYS C 1066 9.19 4.14 -24.79
CA LYS C 1066 8.39 4.31 -23.58
C LYS C 1066 9.01 3.59 -22.37
N ILE C 1067 9.52 2.38 -22.59
CA ILE C 1067 10.19 1.62 -21.53
C ILE C 1067 11.38 2.41 -20.99
N ASN C 1068 12.23 2.91 -21.88
CA ASN C 1068 13.38 3.68 -21.42
C ASN C 1068 13.00 5.07 -20.91
N THR C 1069 11.82 5.57 -21.26
CA THR C 1069 11.31 6.82 -20.73
C THR C 1069 10.82 6.66 -19.28
N LYS C 1070 10.36 5.46 -18.92
CA LYS C 1070 9.88 5.25 -17.54
C LYS C 1070 11.02 5.36 -16.51
N ALA C 1071 12.25 5.11 -16.92
CA ALA C 1071 13.40 5.28 -16.04
C ALA C 1071 13.79 6.75 -16.00
N ASN C 1072 13.46 7.42 -14.90
CA ASN C 1072 13.68 8.85 -14.76
C ASN C 1072 14.37 9.17 -13.44
N ASP C 1073 15.33 10.09 -13.47
CA ASP C 1073 16.05 10.51 -12.28
C ASP C 1073 16.57 11.92 -12.49
N ASN C 1074 16.56 12.70 -11.41
CA ASN C 1074 17.05 14.07 -11.43
C ASN C 1074 18.51 14.18 -11.00
N SER C 1075 19.15 13.05 -10.67
CA SER C 1075 20.52 13.11 -10.18
C SER C 1075 21.52 13.39 -11.28
N GLU C 1076 21.22 12.96 -12.51
CA GLU C 1076 22.19 13.10 -13.61
C GLU C 1076 22.27 14.53 -14.11
N GLU C 1077 21.16 15.27 -14.13
CA GLU C 1077 21.21 16.64 -14.62
C GLU C 1077 21.92 17.57 -13.64
N MET C 1078 21.65 17.43 -12.33
CA MET C 1078 22.36 18.20 -11.33
C MET C 1078 23.81 17.72 -11.22
N ARG C 1079 24.04 16.45 -11.53
CA ARG C 1079 25.40 15.92 -11.58
C ARG C 1079 26.20 16.54 -12.72
N HIS C 1080 25.57 16.69 -13.89
CA HIS C 1080 26.22 17.36 -15.01
C HIS C 1080 26.44 18.84 -14.72
N ARG C 1081 25.52 19.47 -13.99
CA ARG C 1081 25.75 20.83 -13.50
C ARG C 1081 26.94 20.88 -12.55
N PHE C 1082 27.10 19.85 -11.72
CA PHE C 1082 28.25 19.76 -10.82
C PHE C 1082 29.55 19.61 -11.59
N ARG C 1083 29.55 18.79 -12.65
CA ARG C 1083 30.76 18.63 -13.46
C ARG C 1083 31.11 19.90 -14.21
N GLN C 1084 30.11 20.63 -14.73
CA GLN C 1084 30.45 21.85 -15.45
C GLN C 1084 30.88 22.98 -14.51
N LEU C 1085 30.32 23.03 -13.30
CA LEU C 1085 30.82 24.03 -12.36
C LEU C 1085 32.20 23.67 -11.82
N ASP C 1086 32.50 22.36 -11.71
CA ASP C 1086 33.84 21.94 -11.33
C ASP C 1086 34.84 22.23 -12.44
N SER C 1087 34.40 22.14 -13.71
CA SER C 1087 35.23 22.55 -14.83
C SER C 1087 35.50 24.05 -14.80
N LYS C 1088 34.50 24.85 -14.43
CA LYS C 1088 34.71 26.29 -14.25
C LYS C 1088 35.66 26.57 -13.09
N LEU C 1089 35.58 25.78 -12.02
CA LEU C 1089 36.52 25.92 -10.90
C LEU C 1089 37.94 25.60 -11.31
N ASN C 1090 38.14 24.54 -12.11
CA ASN C 1090 39.48 24.21 -12.59
C ASN C 1090 39.99 25.25 -13.57
N ASP C 1091 39.08 25.88 -14.33
CA ASP C 1091 39.48 26.99 -15.19
C ASP C 1091 39.92 28.20 -14.37
N LEU C 1092 39.21 28.49 -13.27
CA LEU C 1092 39.62 29.56 -12.39
C LEU C 1092 40.96 29.26 -11.71
N LYS C 1093 41.19 28.00 -11.37
CA LYS C 1093 42.47 27.59 -10.78
C LYS C 1093 43.60 27.72 -11.80
N SER C 1094 43.33 27.37 -13.07
CA SER C 1094 44.33 27.54 -14.13
C SER C 1094 44.64 29.01 -14.35
N LEU C 1095 43.62 29.87 -14.33
CA LEU C 1095 43.85 31.31 -14.49
C LEU C 1095 44.60 31.90 -13.30
N LEU C 1096 44.34 31.41 -12.08
CA LEU C 1096 45.07 31.93 -10.93
C LEU C 1096 46.51 31.45 -10.90
N LYS C 1097 46.77 30.22 -11.37
CA LYS C 1097 48.16 29.79 -11.56
C LYS C 1097 48.85 30.60 -12.65
N GLU C 1098 48.12 31.00 -13.68
CA GLU C 1098 48.69 31.87 -14.72
C GLU C 1098 49.03 33.25 -14.17
N ILE C 1099 48.15 33.80 -13.32
CA ILE C 1099 48.43 35.11 -12.74
C ILE C 1099 49.58 35.03 -11.73
N ALA C 1100 49.67 33.91 -11.00
CA ALA C 1100 50.81 33.71 -10.11
C ALA C 1100 52.12 33.55 -10.87
N ASN C 1101 52.07 32.99 -12.08
CA ASN C 1101 53.27 32.92 -12.90
C ASN C 1101 53.58 34.29 -13.53
N ASN C 1102 52.56 35.10 -13.79
CA ASN C 1102 52.76 36.42 -14.37
C ASN C 1102 53.36 37.39 -13.35
N ILE C 1103 52.94 37.29 -12.09
CA ILE C 1103 53.58 38.08 -11.04
C ILE C 1103 55.00 37.60 -10.79
N LYS C 1104 55.18 36.28 -10.70
CA LYS C 1104 56.48 35.70 -10.46
C LYS C 1104 57.13 35.23 -11.76
N ALA D 102 27.82 28.82 58.70
CA ALA D 102 29.00 27.97 58.67
C ALA D 102 28.64 26.56 58.23
N PHE D 103 28.43 25.68 59.19
CA PHE D 103 28.08 24.29 58.90
C PHE D 103 26.59 24.18 58.57
N GLY D 104 26.11 22.94 58.52
CA GLY D 104 24.69 22.68 58.50
C GLY D 104 24.12 22.33 57.15
N ASP D 105 23.02 21.58 57.15
CA ASP D 105 22.30 21.27 55.93
C ASP D 105 21.44 22.46 55.51
N ILE D 106 20.90 22.38 54.31
CA ILE D 106 19.96 23.37 53.81
C ILE D 106 18.75 22.64 53.24
N GLN D 107 17.56 23.07 53.63
CA GLN D 107 16.30 22.51 53.14
C GLN D 107 15.29 23.64 52.98
N PHE D 108 14.41 23.49 52.00
CA PHE D 108 13.46 24.55 51.67
C PHE D 108 12.02 24.12 51.93
N GLY D 115 20.49 19.87 50.66
CA GLY D 115 21.87 20.17 50.32
C GLY D 115 22.73 20.51 51.53
N LYS D 116 24.03 20.62 51.30
CA LYS D 116 25.00 20.96 52.34
C LYS D 116 25.76 22.21 51.91
N TYR D 117 25.71 23.25 52.73
CA TYR D 117 26.41 24.50 52.44
C TYR D 117 27.57 24.68 53.41
N LEU D 118 28.49 25.57 53.05
CA LEU D 118 29.63 25.87 53.90
C LEU D 118 30.17 27.25 53.56
N ARG D 119 30.33 28.09 54.58
CA ARG D 119 31.09 29.32 54.46
C ARG D 119 32.53 29.05 54.84
N LEU D 120 33.45 29.43 53.95
CA LEU D 120 34.85 29.10 54.13
C LEU D 120 35.70 30.23 53.57
N SER D 121 36.88 30.43 54.17
CA SER D 121 37.77 31.50 53.75
C SER D 121 38.43 31.18 52.43
N CYS D 122 38.83 32.22 51.70
CA CYS D 122 39.48 32.06 50.41
C CYS D 122 40.91 31.52 50.53
N ASP D 123 41.58 31.79 51.64
CA ASP D 123 43.01 31.47 51.77
C ASP D 123 43.27 30.04 52.22
N THR D 124 42.26 29.18 52.22
CA THR D 124 42.51 27.78 52.56
C THR D 124 43.06 27.04 51.35
N ASP D 125 43.80 25.97 51.62
CA ASP D 125 44.31 25.12 50.55
C ASP D 125 43.26 24.11 50.11
N SER D 126 43.34 23.70 48.85
CA SER D 126 42.32 22.85 48.28
C SER D 126 42.44 21.40 48.72
N GLU D 127 43.56 21.00 49.31
CA GLU D 127 43.74 19.60 49.65
C GLU D 127 42.90 19.18 50.83
N THR D 128 42.77 20.03 51.85
CA THR D 128 41.90 19.68 52.97
C THR D 128 40.43 19.83 52.59
N LEU D 129 40.13 20.67 51.59
CA LEU D 129 38.78 20.75 51.08
C LEU D 129 38.41 19.47 50.34
N TYR D 130 39.37 18.92 49.58
CA TYR D 130 39.18 17.64 48.92
C TYR D 130 39.05 16.51 49.92
N GLU D 131 39.83 16.56 51.01
CA GLU D 131 39.73 15.54 52.06
C GLU D 131 38.38 15.61 52.77
N LEU D 132 37.88 16.82 52.99
CA LEU D 132 36.52 16.99 53.54
C LEU D 132 35.48 16.42 52.61
N LEU D 133 35.52 16.81 51.33
CA LEU D 133 34.46 16.50 50.41
C LEU D 133 34.52 15.07 49.89
N THR D 134 35.62 14.34 50.13
CA THR D 134 35.69 12.95 49.74
C THR D 134 35.67 11.98 50.92
N GLN D 135 36.27 12.33 52.05
CA GLN D 135 36.27 11.42 53.20
C GLN D 135 34.94 11.48 53.94
N HIS D 136 34.58 12.66 54.44
CA HIS D 136 33.32 12.83 55.15
C HIS D 136 32.10 12.75 54.25
N TRP D 137 32.28 13.04 52.96
CA TRP D 137 31.20 13.09 51.99
C TRP D 137 31.42 12.05 50.89
N HIS D 138 30.71 12.19 49.78
CA HIS D 138 30.67 11.21 48.68
C HIS D 138 32.01 10.95 47.99
N LEU D 139 32.00 10.02 47.04
CA LEU D 139 33.20 9.37 46.53
C LEU D 139 33.85 10.20 45.42
N LYS D 140 34.84 9.60 44.76
CA LYS D 140 35.73 10.29 43.83
C LYS D 140 35.08 10.43 42.46
N THR D 141 35.87 10.82 41.46
CA THR D 141 35.39 11.11 40.11
C THR D 141 36.22 10.50 39.00
N PRO D 142 35.58 9.95 37.96
CA PRO D 142 36.27 9.73 36.70
C PRO D 142 36.32 10.96 35.81
N ASN D 143 35.53 11.99 36.11
CA ASN D 143 35.42 13.15 35.25
C ASN D 143 34.99 14.34 36.09
N LEU D 144 35.27 15.54 35.59
CA LEU D 144 34.91 16.76 36.30
C LEU D 144 34.63 17.86 35.28
N VAL D 145 33.36 18.24 35.15
CA VAL D 145 32.92 19.20 34.15
C VAL D 145 32.62 20.51 34.87
N ILE D 146 33.13 21.61 34.33
CA ILE D 146 32.97 22.94 34.91
C ILE D 146 32.19 23.75 33.90
N SER D 147 31.31 24.62 34.38
CA SER D 147 30.60 25.54 33.50
C SER D 147 30.80 26.97 34.00
N VAL D 148 31.07 27.90 33.09
CA VAL D 148 31.14 29.31 33.48
C VAL D 148 29.99 30.08 32.84
N THR D 149 29.14 30.64 33.70
CA THR D 149 27.97 31.49 33.45
C THR D 149 27.55 31.99 34.83
N GLY D 150 27.02 33.19 34.90
CA GLY D 150 26.64 33.77 36.18
C GLY D 150 26.74 35.27 36.25
N GLY D 151 27.46 35.87 35.31
CA GLY D 151 27.28 37.29 35.09
C GLY D 151 25.99 37.63 34.37
N ALA D 152 25.41 36.65 33.68
CA ALA D 152 24.11 36.82 33.03
C ALA D 152 23.03 36.64 34.09
N LYS D 153 22.39 37.75 34.45
CA LYS D 153 21.18 37.75 35.26
C LYS D 153 20.08 36.99 34.55
N ASN D 154 19.82 37.38 33.32
CA ASN D 154 18.84 36.76 32.45
C ASN D 154 19.54 36.02 31.32
N PHE D 155 18.89 34.97 30.83
CA PHE D 155 19.52 34.08 29.86
C PHE D 155 18.47 33.50 28.92
N ALA D 156 18.80 33.49 27.63
CA ALA D 156 17.92 32.94 26.60
C ALA D 156 18.13 31.43 26.52
N LEU D 157 17.06 30.68 26.72
CA LEU D 157 17.13 29.22 26.73
C LEU D 157 16.47 28.73 25.44
N LYS D 158 17.26 28.70 24.37
CA LYS D 158 16.78 28.14 23.12
C LYS D 158 16.88 26.62 23.18
N PRO D 159 16.07 25.90 22.39
CA PRO D 159 16.08 24.43 22.47
C PRO D 159 17.39 23.76 22.06
N ARG D 160 18.28 24.44 21.33
CA ARG D 160 19.56 23.82 21.02
C ARG D 160 20.46 23.75 22.26
N MET D 161 20.62 24.88 22.97
CA MET D 161 21.38 24.87 24.21
C MET D 161 20.68 24.05 25.29
N ARG D 162 19.35 24.02 25.25
CA ARG D 162 18.56 23.17 26.13
C ARG D 162 18.90 21.70 25.92
N LYS D 163 18.95 21.28 24.65
CA LYS D 163 19.31 19.91 24.29
C LYS D 163 20.75 19.60 24.67
N ILE D 164 21.65 20.58 24.48
CA ILE D 164 23.07 20.39 24.79
C ILE D 164 23.28 20.18 26.27
N PHE D 165 22.62 20.98 27.10
CA PHE D 165 22.86 20.83 28.54
C PHE D 165 22.09 19.66 29.14
N SER D 166 20.95 19.28 28.54
CA SER D 166 20.30 18.03 28.93
C SER D 166 21.18 16.83 28.61
N ARG D 167 21.79 16.82 27.42
CA ARG D 167 22.73 15.77 27.06
C ARG D 167 23.96 15.79 27.94
N LEU D 168 24.41 16.99 28.33
CA LEU D 168 25.57 17.13 29.21
C LEU D 168 25.30 16.51 30.58
N ILE D 169 24.13 16.79 31.15
CA ILE D 169 23.85 16.23 32.47
C ILE D 169 23.56 14.73 32.37
N TYR D 170 23.08 14.26 31.22
CA TYR D 170 23.00 12.82 31.00
C TYR D 170 24.38 12.17 30.94
N ILE D 171 25.35 12.83 30.30
CA ILE D 171 26.72 12.32 30.25
C ILE D 171 27.34 12.32 31.63
N ALA D 172 27.09 13.38 32.42
CA ALA D 172 27.61 13.45 33.77
C ALA D 172 26.97 12.41 34.68
N GLN D 173 25.74 11.99 34.38
CA GLN D 173 25.17 10.88 35.12
C GLN D 173 25.73 9.54 34.68
N SER D 174 25.99 9.39 33.38
CA SER D 174 26.53 8.13 32.88
C SER D 174 27.97 7.91 33.32
N LYS D 175 28.73 8.97 33.53
CA LYS D 175 30.13 8.85 33.89
C LYS D 175 30.39 9.03 35.39
N GLY D 176 29.46 9.62 36.12
CA GLY D 176 29.67 9.84 37.54
C GLY D 176 30.61 11.00 37.81
N ALA D 177 30.31 12.15 37.21
CA ALA D 177 31.17 13.31 37.26
C ALA D 177 30.60 14.38 38.18
N TRP D 178 31.48 15.18 38.76
CA TRP D 178 31.06 16.40 39.41
C TRP D 178 30.81 17.47 38.35
N ILE D 179 29.83 18.33 38.61
CA ILE D 179 29.66 19.53 37.80
C ILE D 179 29.83 20.75 38.70
N LEU D 180 30.87 21.53 38.41
CA LEU D 180 31.13 22.77 39.12
C LEU D 180 30.45 23.91 38.39
N THR D 181 29.82 24.79 39.16
CA THR D 181 29.10 25.91 38.57
C THR D 181 29.03 27.03 39.60
N GLY D 182 28.36 28.13 39.21
CA GLY D 182 28.17 29.23 40.13
C GLY D 182 27.24 28.87 41.27
N GLY D 183 26.00 28.52 40.96
CA GLY D 183 25.08 28.07 41.97
C GLY D 183 24.04 29.08 42.40
N THR D 184 23.89 30.18 41.68
CA THR D 184 22.86 31.14 42.02
C THR D 184 21.56 30.76 41.30
N HIS D 185 20.45 31.37 41.72
CA HIS D 185 19.14 31.03 41.20
C HIS D 185 18.90 31.60 39.80
N TYR D 186 19.77 32.47 39.33
CA TYR D 186 19.50 33.30 38.16
C TYR D 186 20.15 32.70 36.93
N GLY D 187 19.36 32.50 35.87
CA GLY D 187 19.89 32.18 34.56
C GLY D 187 20.13 30.72 34.27
N LEU D 188 21.37 30.39 33.90
CA LEU D 188 21.68 29.04 33.43
C LEU D 188 21.69 28.03 34.57
N MET D 189 22.13 28.46 35.75
CA MET D 189 22.21 27.57 36.91
C MET D 189 20.83 27.13 37.37
N LYS D 190 19.81 27.94 37.11
CA LYS D 190 18.42 27.51 37.26
C LYS D 190 18.12 26.27 36.42
N TYR D 191 18.50 26.31 35.14
CA TYR D 191 18.22 25.20 34.24
C TYR D 191 19.07 23.98 34.57
N ILE D 192 20.31 24.19 35.03
CA ILE D 192 21.14 23.08 35.45
C ILE D 192 20.55 22.40 36.68
N GLY D 193 20.06 23.19 37.64
CA GLY D 193 19.39 22.62 38.80
C GLY D 193 18.10 21.90 38.43
N GLU D 194 17.38 22.42 37.43
CA GLU D 194 16.18 21.76 36.92
C GLU D 194 16.49 20.39 36.33
N VAL D 195 17.51 20.30 35.48
CA VAL D 195 17.80 19.02 34.83
C VAL D 195 18.46 18.05 35.81
N VAL D 196 19.20 18.55 36.80
CA VAL D 196 19.71 17.68 37.87
C VAL D 196 18.54 17.10 38.67
N ARG D 197 17.56 17.93 39.01
CA ARG D 197 16.36 17.47 39.70
C ARG D 197 15.56 16.48 38.86
N ASP D 198 15.53 16.67 37.54
CA ASP D 198 14.74 15.78 36.69
C ASP D 198 15.42 14.42 36.51
N ASN D 199 16.73 14.41 36.28
CA ASN D 199 17.42 13.13 36.19
C ASN D 199 17.53 12.44 37.54
N THR D 200 17.44 13.20 38.63
CA THR D 200 17.31 12.58 39.94
C THR D 200 15.93 11.95 40.12
N ILE D 201 14.89 12.65 39.68
CA ILE D 201 13.53 12.20 39.94
C ILE D 201 13.10 11.11 38.97
N SER D 202 13.83 10.93 37.86
CA SER D 202 13.48 9.91 36.89
C SER D 202 14.05 8.54 37.21
N ARG D 203 15.12 8.46 37.99
CA ARG D 203 15.74 7.18 38.27
C ARG D 203 15.89 6.90 39.76
N ASN D 204 16.18 7.92 40.58
CA ASN D 204 16.24 7.90 42.04
C ASN D 204 17.31 6.96 42.61
N SER D 205 18.21 6.45 41.77
CA SER D 205 19.26 5.52 42.16
C SER D 205 20.34 5.60 41.09
N GLU D 206 21.24 4.60 41.09
CA GLU D 206 22.38 4.43 40.17
C GLU D 206 23.18 5.73 40.00
N GLU D 207 23.88 6.08 41.10
CA GLU D 207 24.83 7.19 41.18
C GLU D 207 24.14 8.54 40.96
N ASN D 208 23.33 8.91 41.96
CA ASN D 208 22.80 10.27 42.08
C ASN D 208 23.92 11.30 41.97
N ILE D 209 23.69 12.30 41.11
CA ILE D 209 24.78 13.12 40.61
C ILE D 209 25.11 14.25 41.58
N VAL D 210 26.27 14.88 41.33
CA VAL D 210 26.87 15.83 42.26
C VAL D 210 27.07 17.15 41.53
N ALA D 211 26.37 18.19 41.99
CA ALA D 211 26.51 19.54 41.49
C ALA D 211 27.00 20.42 42.64
N ILE D 212 28.13 21.10 42.42
CA ILE D 212 28.65 22.04 43.40
C ILE D 212 28.50 23.44 42.85
N GLY D 213 27.72 24.26 43.56
CA GLY D 213 27.68 25.69 43.31
C GLY D 213 28.71 26.37 44.20
N ILE D 214 29.48 27.27 43.61
CA ILE D 214 30.52 28.00 44.33
C ILE D 214 30.16 29.48 44.21
N ALA D 215 29.78 30.09 45.32
CA ALA D 215 29.30 31.46 45.36
C ALA D 215 30.19 32.34 46.23
N ALA D 216 29.88 33.62 46.24
CA ALA D 216 30.77 34.64 46.78
C ALA D 216 30.45 35.07 48.20
N TRP D 217 29.21 34.82 48.67
CA TRP D 217 28.65 35.16 49.99
C TRP D 217 28.39 36.65 50.15
N GLY D 218 28.85 37.46 49.20
CA GLY D 218 28.61 38.89 49.22
C GLY D 218 27.42 39.35 48.42
N MET D 219 26.82 38.45 47.65
CA MET D 219 25.64 38.78 46.86
C MET D 219 24.38 38.11 47.38
N VAL D 220 24.50 37.26 48.40
CA VAL D 220 23.35 36.55 48.93
C VAL D 220 22.53 37.51 49.79
N SER D 221 21.23 37.59 49.52
CA SER D 221 20.37 38.54 50.21
C SER D 221 20.11 38.11 51.65
N ASN D 222 19.52 36.93 51.83
CA ASN D 222 19.13 36.42 53.13
C ASN D 222 20.20 35.43 53.58
N ARG D 223 20.85 35.72 54.71
CA ARG D 223 21.93 34.88 55.22
C ARG D 223 21.61 34.51 56.66
N ASP D 224 21.83 33.25 57.01
CA ASP D 224 21.58 32.74 58.34
C ASP D 224 22.85 32.13 58.89
N THR D 225 23.26 32.59 60.07
CA THR D 225 24.46 32.09 60.73
C THR D 225 24.03 31.03 61.74
N LEU D 226 24.41 29.79 61.48
CA LEU D 226 24.02 28.66 62.32
C LEU D 226 25.24 27.78 62.54
N ILE D 227 25.00 26.60 63.10
CA ILE D 227 26.06 25.61 63.21
C ILE D 227 25.75 24.48 62.25
N ASP D 232 21.71 22.62 63.20
CA ASP D 232 20.88 23.78 62.85
C ASP D 232 20.88 24.01 61.35
N GLU D 233 19.85 23.51 60.67
CA GLU D 233 19.68 23.74 59.25
C GLU D 233 18.97 25.05 59.02
N GLY D 234 19.28 25.69 57.89
CA GLY D 234 18.66 26.95 57.53
C GLY D 234 17.48 26.78 56.61
N HIS D 235 16.75 27.87 56.43
CA HIS D 235 15.60 27.91 55.53
C HIS D 235 15.72 29.18 54.70
N PHE D 236 16.43 29.06 53.59
CA PHE D 236 16.74 30.20 52.73
C PHE D 236 15.56 30.43 51.79
N SER D 237 15.01 31.63 51.82
CA SER D 237 13.93 32.02 50.92
C SER D 237 14.01 33.51 50.65
N ALA D 238 13.27 33.94 49.63
CA ALA D 238 13.22 35.35 49.26
C ALA D 238 11.84 35.94 49.53
N TYR D 251 22.13 38.43 44.72
CA TYR D 251 21.91 37.14 44.07
C TYR D 251 21.23 36.17 45.01
N ILE D 252 20.31 35.39 44.47
CA ILE D 252 19.61 34.36 45.22
C ILE D 252 20.26 33.02 44.89
N LEU D 253 20.44 32.17 45.90
CA LEU D 253 20.99 30.85 45.65
C LEU D 253 19.95 29.96 44.98
N ASP D 254 20.45 28.98 44.23
CA ASP D 254 19.59 28.08 43.48
C ASP D 254 19.09 26.95 44.38
N ASN D 255 17.91 26.42 44.04
CA ASN D 255 17.23 25.48 44.92
C ASN D 255 17.81 24.08 44.86
N ASN D 256 18.33 23.67 43.71
CA ASN D 256 18.51 22.26 43.42
C ASN D 256 19.96 21.82 43.32
N HIS D 257 20.92 22.69 43.58
CA HIS D 257 22.31 22.25 43.61
C HIS D 257 22.56 21.50 44.92
N THR D 258 23.09 20.28 44.80
CA THR D 258 23.16 19.41 45.97
C THR D 258 24.33 19.75 46.88
N HIS D 259 25.28 20.56 46.44
CA HIS D 259 26.32 21.04 47.36
C HIS D 259 26.62 22.50 47.05
N LEU D 260 26.86 23.27 48.09
CA LEU D 260 27.19 24.68 47.97
C LEU D 260 28.43 25.01 48.79
N LEU D 261 29.26 25.89 48.24
CA LEU D 261 30.44 26.40 48.91
C LEU D 261 30.49 27.89 48.65
N LEU D 262 30.54 28.68 49.72
CA LEU D 262 30.48 30.14 49.61
C LEU D 262 31.74 30.72 50.24
N VAL D 263 32.50 31.46 49.44
CA VAL D 263 33.79 31.94 49.90
C VAL D 263 33.60 33.14 50.82
N ASP D 264 34.50 33.27 51.79
CA ASP D 264 34.43 34.35 52.76
C ASP D 264 35.31 35.51 52.28
N ASN D 265 34.72 36.70 52.25
CA ASN D 265 35.46 37.92 51.92
C ASN D 265 34.79 39.07 52.66
N GLY D 266 35.08 40.30 52.24
CA GLY D 266 34.64 41.49 52.95
C GLY D 266 33.23 41.93 52.61
N CYS D 267 33.10 43.10 51.98
CA CYS D 267 31.81 43.76 51.85
C CYS D 267 30.96 43.10 50.77
N HIS D 268 29.83 43.74 50.48
CA HIS D 268 28.79 43.10 49.67
C HIS D 268 29.08 43.20 48.19
N GLY D 269 29.25 44.41 47.68
CA GLY D 269 29.41 44.62 46.25
C GLY D 269 30.78 44.23 45.72
N HIS D 270 31.08 42.94 45.71
CA HIS D 270 32.37 42.44 45.22
C HIS D 270 32.12 41.22 44.36
N PRO D 271 32.01 41.39 43.04
CA PRO D 271 32.04 40.24 42.13
C PRO D 271 33.46 39.71 41.98
N THR D 272 33.57 38.55 41.32
CA THR D 272 34.82 37.86 40.98
C THR D 272 35.68 37.58 42.21
N VAL D 273 35.07 37.03 43.26
CA VAL D 273 35.81 36.65 44.46
C VAL D 273 36.07 35.15 44.49
N GLU D 274 35.08 34.36 44.10
CA GLU D 274 35.16 32.91 44.17
C GLU D 274 36.11 32.29 43.16
N ALA D 275 36.54 33.05 42.14
CA ALA D 275 37.27 32.49 41.01
C ALA D 275 38.66 31.99 41.42
N LYS D 276 39.26 32.60 42.42
CA LYS D 276 40.59 32.19 42.87
C LYS D 276 40.55 30.81 43.50
N LEU D 277 39.64 30.60 44.47
CA LEU D 277 39.50 29.29 45.10
C LEU D 277 38.96 28.26 44.12
N ARG D 278 38.10 28.68 43.20
CA ARG D 278 37.58 27.78 42.17
C ARG D 278 38.70 27.25 41.29
N ASN D 279 39.53 28.15 40.76
CA ASN D 279 40.61 27.73 39.89
C ASN D 279 41.70 26.98 40.64
N GLN D 280 41.91 27.29 41.92
CA GLN D 280 42.89 26.54 42.70
C GLN D 280 42.39 25.13 42.99
N LEU D 281 41.07 24.97 43.19
CA LEU D 281 40.49 23.65 43.36
C LEU D 281 40.59 22.85 42.07
N GLU D 282 40.34 23.50 40.92
CA GLU D 282 40.54 22.86 39.62
C GLU D 282 41.97 22.39 39.44
N LYS D 283 42.93 23.23 39.81
CA LYS D 283 44.34 22.89 39.67
C LYS D 283 44.72 21.72 40.59
N TYR D 284 44.16 21.69 41.79
CA TYR D 284 44.50 20.61 42.72
C TYR D 284 43.92 19.27 42.28
N ILE D 285 42.67 19.25 41.81
CA ILE D 285 42.15 17.98 41.30
C ILE D 285 42.84 17.60 39.98
N SER D 286 43.27 18.59 39.19
CA SER D 286 44.04 18.30 37.98
C SER D 286 45.42 17.73 38.28
N GLU D 287 45.99 18.02 39.44
CA GLU D 287 47.23 17.36 39.84
C GLU D 287 46.99 16.21 40.81
N ARG D 288 45.74 15.94 41.17
CA ARG D 288 45.43 14.81 42.05
C ARG D 288 45.50 13.51 41.25
N THR D 289 46.08 12.48 41.86
CA THR D 289 46.32 11.20 41.20
C THR D 289 45.32 10.17 41.69
N SER D 290 44.55 9.60 40.76
CA SER D 290 43.60 8.53 41.09
C SER D 290 43.66 7.51 39.97
N GLN D 291 44.41 6.42 40.20
CA GLN D 291 44.80 5.50 39.15
C GLN D 291 43.67 4.62 38.63
N ASP D 292 42.52 4.57 39.32
CA ASP D 292 41.40 3.73 38.88
C ASP D 292 40.58 4.43 37.80
N SER D 293 41.21 4.64 36.65
CA SER D 293 40.59 5.29 35.51
C SER D 293 41.33 4.86 34.25
N ASN D 294 41.08 5.58 33.15
CA ASN D 294 41.68 5.27 31.87
C ASN D 294 42.58 6.41 31.38
N TYR D 295 42.65 7.51 32.11
CA TYR D 295 43.40 8.69 31.75
C TYR D 295 44.85 8.63 32.25
N GLY D 296 45.29 7.46 32.71
CA GLY D 296 46.57 7.36 33.39
C GLY D 296 46.48 8.08 34.72
N GLY D 297 45.36 7.92 35.40
CA GLY D 297 45.11 8.69 36.61
C GLY D 297 44.64 10.09 36.29
N LYS D 298 45.04 11.02 37.16
CA LYS D 298 45.04 12.47 36.96
C LYS D 298 43.67 13.15 36.95
N ILE D 299 42.57 12.37 36.92
CA ILE D 299 41.19 12.82 37.03
C ILE D 299 40.88 13.93 36.02
N PRO D 300 40.64 13.58 34.75
CA PRO D 300 40.56 14.60 33.70
C PRO D 300 39.43 15.59 33.88
N ILE D 301 39.71 16.85 33.51
CA ILE D 301 38.88 18.00 33.85
C ILE D 301 38.59 18.78 32.57
N VAL D 302 37.32 19.12 32.36
CA VAL D 302 36.91 19.88 31.18
C VAL D 302 36.19 21.14 31.64
N CYS D 303 36.54 22.27 31.03
CA CYS D 303 35.87 23.55 31.28
C CYS D 303 34.96 23.88 30.10
N PHE D 304 33.78 24.42 30.40
CA PHE D 304 32.80 24.83 29.40
C PHE D 304 32.55 26.33 29.46
N ALA D 305 32.55 26.96 28.28
CA ALA D 305 32.14 28.34 28.15
C ALA D 305 31.08 28.44 27.07
N GLN D 306 30.02 29.20 27.33
CA GLN D 306 28.97 29.36 26.33
C GLN D 306 28.55 30.81 26.13
N GLY D 307 28.66 31.64 27.17
CA GLY D 307 28.06 32.96 27.13
C GLY D 307 29.02 34.13 27.03
N GLY D 308 28.89 35.08 27.95
CA GLY D 308 29.70 36.29 27.88
C GLY D 308 29.95 36.89 29.24
N GLY D 309 30.91 37.80 29.29
CA GLY D 309 31.30 38.49 30.50
C GLY D 309 32.79 38.42 30.74
N ARG D 310 33.23 39.18 31.74
CA ARG D 310 34.64 39.18 32.11
C ARG D 310 35.01 37.90 32.85
N GLU D 311 34.05 37.36 33.62
CA GLU D 311 34.28 36.14 34.40
C GLU D 311 34.59 34.96 33.50
N THR D 312 33.93 34.89 32.34
CA THR D 312 34.18 33.83 31.37
C THR D 312 35.62 33.88 30.86
N LEU D 313 36.07 35.06 30.43
CA LEU D 313 37.40 35.20 29.85
C LEU D 313 38.50 35.00 30.90
N LYS D 314 38.28 35.50 32.12
CA LYS D 314 39.25 35.27 33.18
C LYS D 314 39.32 33.80 33.56
N ALA D 315 38.18 33.10 33.55
CA ALA D 315 38.16 31.68 33.86
C ALA D 315 38.84 30.86 32.78
N ILE D 316 38.61 31.20 31.51
CA ILE D 316 39.24 30.48 30.40
C ILE D 316 40.76 30.70 30.42
N ASN D 317 41.20 31.93 30.69
CA ASN D 317 42.65 32.15 30.70
C ASN D 317 43.30 31.53 31.92
N THR D 318 42.62 31.51 33.07
CA THR D 318 43.19 30.83 34.22
C THR D 318 43.21 29.32 34.02
N SER D 319 42.28 28.81 33.22
CA SER D 319 42.30 27.39 32.86
C SER D 319 43.45 27.09 31.91
N VAL D 320 43.53 27.81 30.79
CA VAL D 320 44.51 27.50 29.76
C VAL D 320 45.92 27.83 30.21
N LYS D 321 46.06 28.73 31.20
CA LYS D 321 47.36 28.91 31.85
C LYS D 321 47.71 27.69 32.69
N SER D 322 46.72 27.09 33.35
CA SER D 322 46.92 25.88 34.11
C SER D 322 47.01 24.68 33.18
N LYS D 323 47.39 23.54 33.74
CA LYS D 323 47.49 22.33 32.94
C LYS D 323 46.18 21.54 32.99
N ILE D 324 45.94 20.81 31.90
CA ILE D 324 44.66 20.21 31.52
C ILE D 324 43.54 21.25 31.63
N PRO D 325 43.44 22.25 30.74
CA PRO D 325 42.21 23.05 30.73
C PRO D 325 41.05 22.37 30.05
N CYS D 326 41.28 21.80 28.85
CA CYS D 326 40.28 21.19 27.98
C CYS D 326 39.08 22.11 27.77
N VAL D 327 39.36 23.33 27.32
CA VAL D 327 38.30 24.33 27.21
C VAL D 327 37.46 24.04 25.97
N VAL D 328 36.14 23.95 26.17
CA VAL D 328 35.20 23.69 25.09
C VAL D 328 34.22 24.85 25.04
N VAL D 329 33.97 25.36 23.83
CA VAL D 329 32.99 26.41 23.60
C VAL D 329 31.99 25.93 22.55
N GLU D 330 30.88 26.64 22.43
CA GLU D 330 29.89 26.37 21.40
C GLU D 330 30.08 27.32 20.22
N GLY D 331 29.12 27.31 19.30
CA GLY D 331 29.12 28.26 18.22
C GLY D 331 27.97 29.23 18.34
N SER D 332 27.50 29.46 19.57
CA SER D 332 26.45 30.43 19.85
C SER D 332 26.64 31.00 21.24
N GLY D 333 26.42 32.29 21.38
CA GLY D 333 26.57 32.96 22.66
C GLY D 333 27.02 34.41 22.45
N GLN D 334 27.92 34.85 23.32
CA GLN D 334 28.51 36.18 23.22
C GLN D 334 30.02 36.12 22.98
N ILE D 335 30.76 35.45 23.85
CA ILE D 335 32.21 35.29 23.67
C ILE D 335 32.51 33.94 23.00
N ALA D 336 31.61 32.97 23.10
CA ALA D 336 31.74 31.75 22.33
C ALA D 336 31.72 32.02 20.83
N ASP D 337 30.98 33.05 20.41
CA ASP D 337 31.02 33.46 19.02
C ASP D 337 32.33 34.11 18.65
N VAL D 338 32.89 34.94 19.55
CA VAL D 338 34.12 35.64 19.18
C VAL D 338 35.35 34.76 19.29
N ILE D 339 35.26 33.60 19.96
CA ILE D 339 36.37 32.67 20.00
C ILE D 339 36.17 31.65 18.89
N ALA D 340 34.91 31.32 18.61
CA ALA D 340 34.59 30.29 17.62
C ALA D 340 34.88 30.78 16.21
N SER D 341 34.74 32.09 15.97
CA SER D 341 34.84 32.60 14.62
C SER D 341 36.27 32.64 14.11
N LEU D 342 37.23 32.98 14.98
CA LEU D 342 38.59 33.19 14.50
C LEU D 342 39.41 31.92 14.41
N VAL D 343 39.00 30.84 15.08
CA VAL D 343 39.76 29.61 15.03
C VAL D 343 39.40 28.82 13.78
N THR D 350 46.22 38.90 15.43
CA THR D 350 46.78 40.00 16.21
C THR D 350 45.68 40.84 16.82
N SER D 351 46.01 42.09 17.16
CA SER D 351 45.08 42.95 17.90
C SER D 351 43.91 43.39 17.03
N SER D 352 44.15 43.55 15.74
CA SER D 352 43.16 44.14 14.83
C SER D 352 41.96 43.22 14.66
N MET D 353 42.21 41.93 14.45
CA MET D 353 41.10 40.98 14.26
C MET D 353 40.32 40.76 15.55
N VAL D 354 41.00 40.87 16.70
CA VAL D 354 40.32 40.80 17.98
C VAL D 354 39.37 41.99 18.14
N LYS D 355 39.84 43.19 17.79
CA LYS D 355 38.98 44.38 17.79
C LYS D 355 37.81 44.22 16.84
N GLU D 356 38.06 43.67 15.65
CA GLU D 356 37.03 43.54 14.61
C GLU D 356 35.95 42.55 15.01
N LYS D 357 36.34 41.42 15.61
CA LYS D 357 35.34 40.48 16.11
C LYS D 357 34.59 41.01 17.32
N LEU D 358 35.29 41.70 18.23
CA LEU D 358 34.65 42.16 19.46
C LEU D 358 33.68 43.30 19.19
N VAL D 359 33.89 44.06 18.13
CA VAL D 359 32.90 45.08 17.79
C VAL D 359 31.79 44.54 16.89
N ARG D 360 31.99 43.40 16.23
CA ARG D 360 30.96 42.90 15.33
C ARG D 360 30.00 41.92 16.00
N PHE D 361 30.43 41.25 17.08
CA PHE D 361 29.54 40.31 17.74
C PHE D 361 28.93 40.86 19.03
N LEU D 362 29.54 41.87 19.63
CA LEU D 362 28.98 42.56 20.79
C LEU D 362 28.75 44.02 20.40
N PRO D 363 27.57 44.34 19.86
CA PRO D 363 27.30 45.72 19.46
C PRO D 363 26.99 46.64 20.62
N ARG D 364 26.34 46.16 21.68
CA ARG D 364 25.85 47.01 22.74
C ARG D 364 26.66 46.90 24.02
N THR D 365 27.87 46.34 23.96
CA THR D 365 28.74 46.33 25.12
C THR D 365 29.94 47.25 24.99
N VAL D 366 30.41 47.47 23.76
CA VAL D 366 31.60 48.28 23.49
C VAL D 366 31.40 49.73 23.91
N SER D 367 30.17 50.23 23.83
CA SER D 367 29.87 51.62 24.19
C SER D 367 30.10 51.91 25.68
N ARG D 368 30.03 50.91 26.54
CA ARG D 368 30.19 51.09 27.97
C ARG D 368 31.56 50.64 28.46
N LEU D 369 32.57 50.67 27.60
CA LEU D 369 33.88 50.14 27.94
C LEU D 369 34.97 51.15 27.62
N PRO D 370 35.90 51.42 28.54
CA PRO D 370 37.10 52.17 28.18
C PRO D 370 38.10 51.28 27.45
N GLU D 371 38.88 51.91 26.57
CA GLU D 371 39.81 51.15 25.74
C GLU D 371 41.06 50.70 26.51
N GLU D 372 41.30 51.29 27.70
CA GLU D 372 42.44 50.90 28.52
C GLU D 372 42.31 49.49 29.06
N GLU D 373 41.09 48.94 29.11
CA GLU D 373 40.87 47.53 29.40
C GLU D 373 40.42 46.75 28.18
N ILE D 374 40.03 47.41 27.09
CA ILE D 374 39.81 46.69 25.85
C ILE D 374 41.14 46.17 25.31
N GLU D 375 42.21 46.95 25.44
CA GLU D 375 43.53 46.43 25.11
C GLU D 375 43.96 45.33 26.07
N SER D 376 43.50 45.39 27.33
CA SER D 376 43.73 44.29 28.26
C SER D 376 43.00 43.03 27.81
N TRP D 377 41.75 43.16 27.35
CA TRP D 377 41.01 42.03 26.77
C TRP D 377 41.70 41.47 25.54
N ILE D 378 42.30 42.33 24.73
CA ILE D 378 43.11 41.85 23.61
C ILE D 378 44.28 41.01 24.11
N LYS D 379 44.89 41.43 25.22
CA LYS D 379 45.95 40.62 25.83
C LYS D 379 45.40 39.31 26.40
N TRP D 380 44.18 39.36 26.97
CA TRP D 380 43.53 38.15 27.48
C TRP D 380 43.32 37.13 26.36
N LEU D 381 42.76 37.57 25.23
CA LEU D 381 42.50 36.68 24.11
C LEU D 381 43.78 36.23 23.41
N LYS D 382 44.83 37.05 23.43
CA LYS D 382 46.11 36.61 22.89
C LYS D 382 46.76 35.56 23.80
N GLU D 383 46.46 35.62 25.09
CA GLU D 383 46.87 34.52 25.96
C GLU D 383 45.96 33.30 25.80
N ILE D 384 44.72 33.50 25.35
CA ILE D 384 43.84 32.37 25.04
C ILE D 384 44.39 31.59 23.86
N LEU D 385 44.65 32.28 22.76
CA LEU D 385 44.98 31.62 21.50
C LEU D 385 46.42 31.16 21.41
N GLU D 386 47.16 31.13 22.52
CA GLU D 386 48.51 30.61 22.50
C GLU D 386 48.51 29.10 22.31
N SER D 387 47.67 28.41 23.08
CA SER D 387 47.55 26.95 23.01
C SER D 387 46.22 26.62 22.35
N SER D 388 46.22 26.50 21.03
CA SER D 388 45.01 26.14 20.30
C SER D 388 44.75 24.64 20.33
N HIS D 389 45.66 23.84 20.86
CA HIS D 389 45.40 22.42 21.02
C HIS D 389 44.61 22.13 22.29
N LEU D 390 44.54 23.10 23.20
CA LEU D 390 43.79 22.95 24.44
C LEU D 390 42.40 23.56 24.36
N LEU D 391 41.92 23.86 23.17
CA LEU D 391 40.62 24.51 23.00
C LEU D 391 39.88 23.85 21.85
N THR D 392 38.57 23.67 22.01
CA THR D 392 37.76 23.10 20.94
C THR D 392 36.37 23.71 20.96
N VAL D 393 35.64 23.45 19.88
CA VAL D 393 34.40 24.16 19.57
C VAL D 393 33.36 23.18 19.04
N ILE D 394 32.10 23.46 19.38
CA ILE D 394 30.95 22.78 18.80
C ILE D 394 30.40 23.65 17.68
N LYS D 395 30.22 23.06 16.50
CA LYS D 395 29.92 23.80 15.29
C LYS D 395 28.42 23.74 14.96
N MET D 396 28.06 24.31 13.81
CA MET D 396 26.67 24.42 13.39
C MET D 396 26.21 23.26 12.54
N GLU D 397 27.06 22.82 11.61
CA GLU D 397 26.79 21.57 10.87
C GLU D 397 26.75 20.38 11.81
N GLU D 398 27.67 20.33 12.78
CA GLU D 398 27.65 19.31 13.83
C GLU D 398 26.52 19.67 14.80
N ALA D 399 25.32 19.17 14.46
CA ALA D 399 24.15 19.47 15.27
C ALA D 399 23.25 18.25 15.45
N GLY D 400 23.77 17.04 15.26
CA GLY D 400 22.98 15.85 15.43
C GLY D 400 22.87 15.41 16.88
N ASP D 401 23.12 14.13 17.14
CA ASP D 401 23.08 13.58 18.49
C ASP D 401 24.47 13.12 18.90
N GLU D 402 24.72 13.18 20.21
CA GLU D 402 26.01 12.85 20.84
C GLU D 402 27.15 13.68 20.26
N ILE D 403 26.88 14.99 20.11
CA ILE D 403 27.93 15.91 19.71
C ILE D 403 28.72 16.40 20.93
N VAL D 404 28.11 16.36 22.12
CA VAL D 404 28.79 16.78 23.33
C VAL D 404 29.83 15.75 23.73
N SER D 405 29.54 14.46 23.55
CA SER D 405 30.54 13.42 23.77
C SER D 405 31.66 13.52 22.74
N ASN D 406 31.31 13.80 21.49
CA ASN D 406 32.31 13.95 20.45
C ASN D 406 33.16 15.19 20.65
N ALA D 407 32.69 16.16 21.43
CA ALA D 407 33.52 17.30 21.78
C ALA D 407 34.41 17.01 22.99
N ILE D 408 33.81 16.49 24.07
CA ILE D 408 34.53 16.30 25.32
C ILE D 408 35.62 15.24 25.16
N SER D 409 35.29 14.12 24.52
CA SER D 409 36.27 13.05 24.33
C SER D 409 37.40 13.48 23.42
N TYR D 410 37.09 14.26 22.38
CA TYR D 410 38.15 14.72 21.48
C TYR D 410 39.04 15.73 22.15
N ALA D 411 38.48 16.58 23.02
CA ALA D 411 39.30 17.52 23.77
C ALA D 411 40.21 16.79 24.76
N LEU D 412 39.66 15.78 25.46
CA LEU D 412 40.48 15.01 26.39
C LEU D 412 41.55 14.20 25.65
N TYR D 413 41.27 13.75 24.43
CA TYR D 413 42.28 13.02 23.70
C TYR D 413 43.38 13.94 23.18
N LYS D 414 43.01 15.16 22.76
CA LYS D 414 44.02 16.14 22.40
C LYS D 414 44.88 16.55 23.59
N ALA D 415 44.30 16.60 24.78
CA ALA D 415 45.10 16.88 25.97
C ALA D 415 45.96 15.69 26.36
N PHE D 416 45.50 14.47 26.12
CA PHE D 416 46.27 13.31 26.54
C PHE D 416 47.38 13.00 25.55
N SER D 417 47.21 13.35 24.28
CA SER D 417 48.19 12.99 23.26
C SER D 417 49.38 13.95 23.25
N THR D 418 49.15 15.23 23.57
CA THR D 418 50.17 16.26 23.44
C THR D 418 50.91 16.52 24.74
N ASN D 419 51.06 15.52 25.61
CA ASN D 419 51.82 15.72 26.84
C ASN D 419 53.30 15.44 26.68
N GLU D 420 53.71 14.85 25.55
CA GLU D 420 55.08 14.47 25.22
C GLU D 420 55.73 13.57 26.26
N GLN D 421 54.92 12.80 26.98
CA GLN D 421 55.38 11.75 27.88
C GLN D 421 54.69 10.43 27.62
N ASP D 422 53.41 10.49 27.24
CA ASP D 422 52.57 9.31 27.03
C ASP D 422 52.25 9.08 25.55
N LYS D 423 53.06 9.62 24.64
CA LYS D 423 52.86 9.34 23.22
C LYS D 423 53.19 7.89 22.90
N ASP D 424 54.01 7.24 23.72
CA ASP D 424 54.19 5.80 23.66
C ASP D 424 53.08 5.04 24.36
N ASN D 425 52.19 5.72 25.08
CA ASN D 425 51.13 5.04 25.83
C ASN D 425 49.89 4.93 24.95
N TRP D 426 49.97 3.99 24.01
CA TRP D 426 48.83 3.68 23.16
C TRP D 426 47.72 2.97 23.92
N ASN D 427 48.07 2.25 25.01
CA ASN D 427 47.05 1.60 25.83
C ASN D 427 46.17 2.63 26.54
N GLY D 428 46.77 3.70 27.06
CA GLY D 428 45.98 4.72 27.72
C GLY D 428 45.08 5.47 26.74
N GLN D 429 45.59 5.73 25.54
CA GLN D 429 44.78 6.35 24.49
C GLN D 429 43.63 5.45 24.08
N LEU D 430 43.90 4.14 23.98
CA LEU D 430 42.86 3.20 23.56
C LEU D 430 41.81 3.02 24.63
N LYS D 431 42.21 2.99 25.90
CA LYS D 431 41.23 2.88 26.98
C LYS D 431 40.42 4.16 27.12
N LEU D 432 41.04 5.31 26.85
CA LEU D 432 40.30 6.57 26.88
C LEU D 432 39.29 6.64 25.73
N LEU D 433 39.67 6.16 24.55
CA LEU D 433 38.74 6.14 23.45
C LEU D 433 37.75 4.98 23.53
N LEU D 434 37.96 4.03 24.43
CA LEU D 434 36.99 2.99 24.71
C LEU D 434 35.94 3.44 25.73
N GLU D 435 36.36 4.20 26.74
CA GLU D 435 35.43 4.69 27.75
C GLU D 435 34.41 5.64 27.14
N TRP D 436 34.81 6.37 26.12
CA TRP D 436 33.91 7.12 25.26
C TRP D 436 33.65 6.28 24.01
N ASN D 437 32.74 6.74 23.15
CA ASN D 437 32.39 5.95 21.98
C ASN D 437 33.11 6.39 20.71
N GLN D 438 34.37 6.78 20.82
CA GLN D 438 35.11 7.28 19.66
C GLN D 438 35.66 6.09 18.89
N LEU D 439 34.85 5.58 17.96
CA LEU D 439 35.34 4.53 17.08
C LEU D 439 36.20 5.10 15.97
N ASP D 440 35.72 6.17 15.32
CA ASP D 440 36.35 6.68 14.11
C ASP D 440 37.71 7.28 14.41
N LEU D 441 37.85 7.90 15.58
CA LEU D 441 39.13 8.48 15.97
C LEU D 441 40.16 7.40 16.26
N ALA D 442 39.74 6.33 16.92
CA ALA D 442 40.64 5.21 17.18
C ALA D 442 40.98 4.45 15.91
N SER D 443 40.09 4.47 14.93
CA SER D 443 40.43 3.85 13.64
C SER D 443 41.38 4.73 12.86
N ASP D 444 41.26 6.04 12.99
CA ASP D 444 42.07 6.93 12.16
C ASP D 444 43.47 7.15 12.73
N GLU D 445 43.64 7.21 14.05
CA GLU D 445 44.97 7.53 14.55
C GLU D 445 45.37 6.67 15.74
N ILE D 446 45.01 5.39 15.72
CA ILE D 446 45.68 4.37 16.51
C ILE D 446 46.11 3.19 15.64
N PHE D 447 45.18 2.66 14.85
CA PHE D 447 45.43 1.48 14.04
C PHE D 447 45.81 1.81 12.60
N THR D 448 46.54 2.89 12.36
CA THR D 448 46.77 3.31 10.98
C THR D 448 48.19 2.98 10.51
N ASN D 449 49.20 3.31 11.32
CA ASN D 449 50.58 3.32 10.88
C ASN D 449 51.14 1.93 10.64
N ASP D 450 50.50 0.88 11.19
CA ASP D 450 51.00 -0.49 11.23
C ASP D 450 52.36 -0.55 11.93
N ARG D 451 52.54 0.31 12.92
CA ARG D 451 53.84 0.51 13.56
C ARG D 451 54.07 -0.41 14.75
N ARG D 452 53.07 -0.59 15.61
CA ARG D 452 53.24 -1.47 16.76
C ARG D 452 51.95 -2.22 17.14
N TRP D 453 51.77 -3.42 16.60
CA TRP D 453 50.64 -4.26 16.95
C TRP D 453 51.17 -5.57 17.52
N GLU D 454 50.64 -5.96 18.67
CA GLU D 454 51.09 -7.18 19.36
C GLU D 454 50.09 -8.32 19.27
N SER D 455 48.80 -8.00 19.07
CA SER D 455 47.68 -8.89 18.80
C SER D 455 47.31 -9.81 19.95
N ALA D 456 48.04 -9.78 21.07
CA ALA D 456 47.64 -10.49 22.28
C ALA D 456 47.49 -9.57 23.48
N ASP D 457 47.92 -8.32 23.37
CA ASP D 457 47.78 -7.31 24.41
C ASP D 457 46.37 -6.70 24.41
N LEU D 458 45.51 -7.15 23.51
CA LEU D 458 44.19 -6.58 23.35
C LEU D 458 43.13 -7.31 24.16
N GLN D 459 43.48 -7.86 25.33
CA GLN D 459 42.57 -8.76 26.04
C GLN D 459 41.74 -8.08 27.12
N GLU D 460 42.35 -7.22 27.94
CA GLU D 460 41.59 -6.51 28.98
C GLU D 460 40.64 -5.50 28.35
N VAL D 461 41.09 -4.86 27.28
CA VAL D 461 40.22 -3.94 26.54
C VAL D 461 39.10 -4.73 25.84
N MET D 462 39.36 -5.98 25.45
CA MET D 462 38.31 -6.84 24.92
C MET D 462 37.27 -7.18 25.98
N PHE D 463 37.72 -7.55 27.17
CA PHE D 463 36.82 -7.86 28.27
C PHE D 463 35.98 -6.64 28.65
N THR D 464 36.58 -5.45 28.61
CA THR D 464 35.85 -4.24 28.93
C THR D 464 34.84 -3.90 27.85
N ALA D 465 35.20 -4.12 26.58
CA ALA D 465 34.26 -3.87 25.48
C ALA D 465 33.12 -4.88 25.48
N LEU D 466 33.36 -6.08 26.00
CA LEU D 466 32.28 -7.03 26.16
C LEU D 466 31.35 -6.62 27.30
N ILE D 467 31.89 -6.29 28.47
CA ILE D 467 31.03 -6.02 29.62
C ILE D 467 30.39 -4.65 29.61
N LYS D 468 30.80 -3.75 28.71
CA LYS D 468 30.23 -2.41 28.66
C LYS D 468 29.50 -2.12 27.36
N ASP D 469 29.18 -3.16 26.57
CA ASP D 469 28.36 -3.08 25.35
C ASP D 469 28.98 -2.13 24.32
N ARG D 470 30.15 -2.53 23.84
CA ARG D 470 30.89 -1.81 22.81
C ARG D 470 31.03 -2.71 21.60
N PRO D 471 30.00 -2.83 20.75
CA PRO D 471 30.06 -3.78 19.65
C PRO D 471 30.96 -3.31 18.51
N LYS D 472 31.06 -2.01 18.31
CA LYS D 472 31.89 -1.49 17.24
C LYS D 472 33.37 -1.64 17.56
N PHE D 473 33.73 -1.57 18.84
CA PHE D 473 35.13 -1.74 19.19
C PHE D 473 35.58 -3.20 19.13
N VAL D 474 34.71 -4.14 19.51
CA VAL D 474 35.08 -5.54 19.35
C VAL D 474 35.07 -5.93 17.87
N ARG D 475 34.22 -5.28 17.05
CA ARG D 475 34.33 -5.44 15.61
C ARG D 475 35.67 -4.95 15.08
N LEU D 476 36.13 -3.80 15.59
CA LEU D 476 37.44 -3.27 15.19
C LEU D 476 38.59 -4.16 15.67
N PHE D 477 38.45 -4.76 16.86
CA PHE D 477 39.51 -5.61 17.40
C PHE D 477 39.61 -6.92 16.62
N LEU D 478 38.48 -7.47 16.19
CA LEU D 478 38.54 -8.67 15.37
C LEU D 478 38.93 -8.34 13.94
N GLU D 479 38.62 -7.13 13.50
CA GLU D 479 39.12 -6.64 12.22
C GLU D 479 40.63 -6.51 12.22
N ASN D 480 41.23 -6.19 13.36
CA ASN D 480 42.68 -6.10 13.47
C ASN D 480 43.31 -7.35 14.09
N GLY D 481 42.50 -8.29 14.57
CA GLY D 481 43.03 -9.60 14.91
C GLY D 481 43.05 -9.99 16.37
N LEU D 482 42.16 -10.92 16.73
CA LEU D 482 42.20 -11.57 18.03
C LEU D 482 41.47 -12.90 17.91
N ASN D 483 42.02 -13.94 18.51
CA ASN D 483 41.40 -15.26 18.51
C ASN D 483 40.49 -15.39 19.71
N LEU D 484 39.21 -15.68 19.45
CA LEU D 484 38.23 -15.79 20.52
C LEU D 484 38.49 -17.01 21.39
N GLN D 485 38.71 -18.16 20.77
CA GLN D 485 38.84 -19.42 21.51
C GLN D 485 40.11 -19.44 22.34
N LYS D 486 41.15 -18.74 21.89
CA LYS D 486 42.30 -18.52 22.75
C LYS D 486 41.96 -17.56 23.89
N PHE D 487 41.17 -16.53 23.61
CA PHE D 487 40.80 -15.57 24.63
C PHE D 487 39.79 -16.14 25.63
N LEU D 488 38.77 -16.83 25.15
CA LEU D 488 37.61 -17.17 25.96
C LEU D 488 37.84 -18.46 26.72
N THR D 489 38.40 -18.34 27.91
CA THR D 489 38.69 -19.48 28.77
C THR D 489 37.56 -19.62 29.78
N ASN D 490 37.66 -20.65 30.63
CA ASN D 490 36.61 -20.92 31.60
C ASN D 490 36.54 -19.85 32.68
N GLU D 491 37.67 -19.20 32.98
CA GLU D 491 37.65 -18.12 33.96
C GLU D 491 36.89 -16.91 33.45
N VAL D 492 37.04 -16.61 32.15
CA VAL D 492 36.28 -15.54 31.54
C VAL D 492 34.79 -15.85 31.56
N LEU D 493 34.41 -17.09 31.24
CA LEU D 493 33.00 -17.46 31.22
C LEU D 493 32.39 -17.50 32.62
N THR D 494 33.16 -17.88 33.63
CA THR D 494 32.63 -17.80 34.99
C THR D 494 32.52 -16.37 35.46
N GLU D 495 33.42 -15.48 35.03
CA GLU D 495 33.27 -14.07 35.38
C GLU D 495 32.09 -13.43 34.66
N LEU D 496 31.77 -13.90 33.46
CA LEU D 496 30.60 -13.39 32.76
C LEU D 496 29.30 -13.90 33.35
N PHE D 497 29.16 -15.22 33.49
CA PHE D 497 27.92 -15.78 34.01
C PHE D 497 27.75 -15.64 35.50
N SER D 498 28.81 -15.28 36.23
CA SER D 498 28.71 -15.15 37.68
C SER D 498 28.50 -13.71 38.12
N THR D 499 29.34 -12.80 37.64
CA THR D 499 29.30 -11.40 38.03
C THR D 499 28.55 -10.54 37.01
N HIS D 500 28.89 -10.65 35.74
CA HIS D 500 28.34 -9.81 34.70
C HIS D 500 27.01 -10.31 34.16
N PHE D 501 26.44 -11.34 34.78
CA PHE D 501 25.14 -11.84 34.42
C PHE D 501 24.08 -11.23 35.32
N SER D 502 22.99 -10.78 34.71
CA SER D 502 21.99 -10.04 35.46
C SER D 502 21.20 -10.95 36.39
N THR D 503 20.49 -10.34 37.33
CA THR D 503 19.75 -11.09 38.33
C THR D 503 18.26 -11.11 38.08
N LEU D 504 17.73 -10.19 37.28
CA LEU D 504 16.34 -10.30 36.85
C LEU D 504 16.21 -11.27 35.70
N VAL D 505 17.24 -11.32 34.85
CA VAL D 505 17.31 -12.30 33.77
C VAL D 505 17.37 -13.71 34.33
N TYR D 506 18.08 -13.90 35.44
CA TYR D 506 18.15 -15.21 36.06
C TYR D 506 16.81 -15.61 36.67
N ARG D 507 16.05 -14.65 37.20
CA ARG D 507 14.72 -14.96 37.73
C ARG D 507 13.75 -15.31 36.61
N ASN D 508 13.84 -14.60 35.48
CA ASN D 508 13.02 -14.98 34.33
C ASN D 508 13.43 -16.33 33.78
N LEU D 509 14.72 -16.68 33.88
CA LEU D 509 15.18 -18.00 33.47
C LEU D 509 14.65 -19.08 34.40
N GLN D 510 14.56 -18.78 35.70
CA GLN D 510 13.94 -19.70 36.65
C GLN D 510 12.48 -19.93 36.33
N ILE D 511 11.73 -18.85 36.07
CA ILE D 511 10.30 -18.97 35.77
C ILE D 511 10.10 -19.72 34.45
N ALA D 512 10.98 -19.49 33.48
CA ALA D 512 10.88 -20.20 32.21
C ALA D 512 11.25 -21.67 32.36
N LYS D 513 12.18 -22.01 33.25
CA LYS D 513 12.51 -23.42 33.46
C LYS D 513 11.44 -24.12 34.28
N ASN D 514 10.71 -23.37 35.11
CA ASN D 514 9.67 -23.99 35.92
C ASN D 514 8.38 -24.18 35.14
N SER D 515 8.01 -23.21 34.30
CA SER D 515 6.69 -23.25 33.68
C SER D 515 6.72 -23.61 32.21
N TYR D 516 7.80 -23.32 31.49
CA TYR D 516 7.89 -23.64 30.05
C TYR D 516 9.16 -24.43 29.83
N ASN D 517 9.14 -25.71 30.15
CA ASN D 517 10.37 -26.48 30.10
C ASN D 517 10.46 -27.19 28.77
N ASP D 518 11.69 -27.48 28.35
CA ASP D 518 11.96 -27.99 27.02
C ASP D 518 13.34 -28.64 27.07
N ALA D 519 13.76 -29.22 25.94
CA ALA D 519 15.06 -29.85 25.89
C ALA D 519 16.18 -28.83 25.86
N LEU D 520 16.05 -27.80 25.01
CA LEU D 520 17.12 -26.83 24.87
C LEU D 520 17.20 -25.93 26.09
N LEU D 521 16.08 -25.67 26.75
CA LEU D 521 16.16 -24.87 27.97
C LEU D 521 16.68 -25.66 29.15
N THR D 522 16.42 -26.97 29.19
CA THR D 522 17.10 -27.80 30.18
C THR D 522 18.60 -27.83 29.94
N PHE D 523 19.00 -27.85 28.67
CA PHE D 523 20.43 -27.83 28.34
C PHE D 523 21.07 -26.50 28.73
N VAL D 524 20.40 -25.38 28.46
CA VAL D 524 21.02 -24.10 28.81
C VAL D 524 20.93 -23.83 30.31
N TRP D 525 19.95 -24.42 31.00
CA TRP D 525 19.93 -24.34 32.46
C TRP D 525 21.08 -25.14 33.06
N LYS D 526 21.42 -26.29 32.44
CA LYS D 526 22.57 -27.06 32.90
C LYS D 526 23.88 -26.33 32.64
N LEU D 527 24.01 -25.65 31.50
CA LEU D 527 25.27 -24.96 31.27
C LEU D 527 25.37 -23.67 32.07
N VAL D 528 24.26 -22.99 32.35
CA VAL D 528 24.36 -21.80 33.19
C VAL D 528 24.53 -22.22 34.65
N ALA D 529 24.11 -23.44 35.01
CA ALA D 529 24.46 -23.94 36.33
C ALA D 529 25.91 -24.38 36.39
N ASN D 530 26.47 -24.79 35.24
CA ASN D 530 27.90 -25.11 35.16
C ASN D 530 28.75 -23.87 35.39
N PHE D 531 28.46 -22.79 34.65
CA PHE D 531 29.36 -21.66 34.69
C PHE D 531 29.12 -20.70 35.86
N ARG D 532 28.05 -20.86 36.63
CA ARG D 532 27.90 -20.04 37.83
C ARG D 532 28.55 -20.68 39.06
N ARG D 533 29.27 -21.80 38.88
CA ARG D 533 30.02 -22.41 39.97
C ARG D 533 31.46 -22.68 39.55
N ARG D 558 35.51 -26.70 23.73
CA ARG D 558 34.24 -27.14 24.29
C ARG D 558 33.19 -26.09 23.90
N HIS D 559 33.20 -25.72 22.61
CA HIS D 559 32.30 -24.77 21.97
C HIS D 559 32.20 -23.43 22.71
N PRO D 560 33.24 -22.61 22.73
CA PRO D 560 33.20 -21.40 23.57
C PRO D 560 32.36 -20.27 22.99
N LEU D 561 32.43 -20.10 21.67
CA LEU D 561 31.72 -19.02 21.00
C LEU D 561 30.22 -19.20 21.10
N GLN D 562 29.77 -20.45 21.15
CA GLN D 562 28.36 -20.74 21.30
C GLN D 562 27.86 -20.36 22.69
N ALA D 563 28.68 -20.59 23.72
CA ALA D 563 28.28 -20.21 25.07
C ALA D 563 28.30 -18.69 25.24
N LEU D 564 29.30 -18.02 24.67
CA LEU D 564 29.30 -16.56 24.70
C LEU D 564 28.14 -15.99 23.91
N PHE D 565 27.75 -16.65 22.82
CA PHE D 565 26.60 -16.25 22.05
C PHE D 565 25.31 -16.41 22.84
N ILE D 566 25.21 -17.47 23.65
CA ILE D 566 24.06 -17.66 24.52
C ILE D 566 24.00 -16.59 25.60
N TRP D 567 25.17 -16.26 26.18
CA TRP D 567 25.25 -15.18 27.17
C TRP D 567 24.80 -13.85 26.58
N ALA D 568 25.31 -13.51 25.40
CA ALA D 568 24.94 -12.26 24.77
C ALA D 568 23.50 -12.27 24.30
N ILE D 569 22.94 -13.43 24.00
CA ILE D 569 21.62 -13.45 23.38
C ILE D 569 20.50 -13.51 24.41
N LEU D 570 20.81 -14.08 25.57
CA LEU D 570 19.90 -14.11 26.70
C LEU D 570 19.72 -12.70 27.29
N GLN D 571 20.82 -11.95 27.36
CA GLN D 571 20.84 -10.62 27.94
C GLN D 571 20.09 -9.60 27.09
N ASN D 572 19.60 -10.03 25.92
CA ASN D 572 19.03 -9.17 24.88
C ASN D 572 19.98 -8.03 24.51
N LYS D 573 21.19 -8.42 24.10
CA LYS D 573 22.18 -7.42 23.74
C LYS D 573 22.01 -6.93 22.31
N LYS D 574 21.63 -7.83 21.40
CA LYS D 574 21.05 -7.53 20.09
C LYS D 574 22.07 -6.97 19.08
N GLU D 575 23.25 -6.57 19.54
CA GLU D 575 24.26 -6.03 18.62
C GLU D 575 25.63 -6.61 18.83
N LEU D 576 25.99 -7.04 20.03
CA LEU D 576 27.18 -7.87 20.20
C LEU D 576 26.94 -9.27 19.67
N SER D 577 25.68 -9.70 19.72
CA SER D 577 25.29 -11.03 19.27
C SER D 577 25.53 -11.19 17.77
N LYS D 578 25.27 -10.15 16.99
CA LYS D 578 25.52 -10.23 15.56
C LYS D 578 27.00 -10.29 15.26
N VAL D 579 27.80 -9.57 16.05
CA VAL D 579 29.24 -9.53 15.83
C VAL D 579 29.88 -10.89 16.15
N ILE D 580 29.41 -11.54 17.21
CA ILE D 580 29.93 -12.88 17.45
C ILE D 580 29.34 -13.90 16.47
N TRP D 581 28.08 -13.72 16.06
CA TRP D 581 27.44 -14.63 15.11
C TRP D 581 28.13 -14.65 13.77
N GLU D 582 28.68 -13.51 13.33
CA GLU D 582 29.43 -13.48 12.09
C GLU D 582 30.73 -14.27 12.15
N GLN D 583 31.21 -14.63 13.34
CA GLN D 583 32.48 -15.32 13.49
C GLN D 583 32.34 -16.82 13.67
N THR D 584 31.12 -17.31 13.87
CA THR D 584 30.87 -18.69 14.23
C THR D 584 30.96 -19.58 12.98
N LYS D 585 31.05 -20.90 13.18
CA LYS D 585 31.05 -21.85 12.07
C LYS D 585 29.66 -22.37 11.76
N GLY D 586 29.01 -23.01 12.74
CA GLY D 586 27.67 -23.50 12.56
C GLY D 586 26.66 -22.39 12.72
N CYS D 587 26.54 -21.56 11.69
CA CYS D 587 25.78 -20.31 11.82
C CYS D 587 24.28 -20.52 11.78
N THR D 588 23.81 -21.43 10.92
CA THR D 588 22.38 -21.72 10.85
C THR D 588 21.89 -22.39 12.13
N LEU D 589 22.69 -23.29 12.69
CA LEU D 589 22.33 -23.93 13.95
C LEU D 589 22.29 -22.93 15.08
N ALA D 590 23.22 -21.97 15.07
CA ALA D 590 23.26 -20.93 16.08
C ALA D 590 22.04 -20.02 15.98
N ALA D 591 21.65 -19.67 14.76
CA ALA D 591 20.48 -18.81 14.59
C ALA D 591 19.19 -19.52 15.00
N LEU D 592 19.08 -20.81 14.68
CA LEU D 592 17.85 -21.52 15.05
C LEU D 592 17.78 -21.78 16.55
N GLY D 593 18.91 -22.10 17.18
CA GLY D 593 18.90 -22.29 18.62
C GLY D 593 18.63 -21.01 19.39
N ALA D 594 19.17 -19.89 18.88
CA ALA D 594 18.89 -18.60 19.52
C ALA D 594 17.43 -18.22 19.36
N SER D 595 16.84 -18.50 18.18
CA SER D 595 15.44 -18.19 17.98
C SER D 595 14.54 -19.04 18.87
N LYS D 596 14.94 -20.29 19.12
CA LYS D 596 14.18 -21.15 20.02
C LYS D 596 14.24 -20.66 21.46
N LEU D 597 15.45 -20.33 21.94
CA LEU D 597 15.62 -19.82 23.30
C LEU D 597 14.84 -18.54 23.52
N LEU D 598 14.87 -17.64 22.55
CA LEU D 598 14.19 -16.37 22.73
C LEU D 598 12.67 -16.50 22.60
N LYS D 599 12.17 -17.39 21.73
CA LYS D 599 10.73 -17.62 21.69
C LYS D 599 10.23 -18.31 22.93
N THR D 600 11.09 -19.04 23.64
CA THR D 600 10.67 -19.59 24.92
C THR D 600 10.69 -18.53 26.01
N LEU D 601 11.72 -17.70 26.03
CA LEU D 601 11.80 -16.64 27.05
C LEU D 601 10.81 -15.51 26.82
N ALA D 602 10.22 -15.40 25.63
CA ALA D 602 9.21 -14.38 25.40
C ALA D 602 7.83 -14.76 25.92
N LYS D 603 7.69 -15.87 26.64
CA LYS D 603 6.41 -16.28 27.16
C LYS D 603 6.28 -16.04 28.66
N VAL D 604 7.32 -15.56 29.33
CA VAL D 604 7.25 -15.33 30.76
C VAL D 604 6.47 -14.05 31.04
N LYS D 605 5.44 -14.16 31.87
CA LYS D 605 4.43 -13.10 31.94
C LYS D 605 4.87 -11.87 32.72
N ASN D 606 5.75 -12.00 33.72
CA ASN D 606 6.21 -10.78 34.37
C ASN D 606 7.35 -10.16 33.57
N ASP D 607 7.47 -8.84 33.68
CA ASP D 607 8.39 -8.00 32.90
C ASP D 607 8.14 -8.18 31.40
N ILE D 608 6.97 -7.71 30.98
CA ILE D 608 6.53 -7.90 29.60
C ILE D 608 7.39 -7.13 28.59
N ASN D 609 8.13 -6.11 29.05
CA ASN D 609 8.98 -5.35 28.13
C ASN D 609 10.16 -6.20 27.65
N ALA D 610 10.79 -6.92 28.57
CA ALA D 610 11.87 -7.84 28.21
C ALA D 610 11.36 -8.98 27.33
N ALA D 611 10.11 -9.41 27.57
CA ALA D 611 9.48 -10.40 26.71
C ALA D 611 9.28 -9.84 25.31
N GLY D 612 8.95 -8.55 25.20
CA GLY D 612 8.78 -7.93 23.90
C GLY D 612 10.09 -7.82 23.13
N GLU D 613 11.17 -7.43 23.81
CA GLU D 613 12.45 -7.34 23.10
C GLU D 613 12.99 -8.72 22.73
N SER D 614 12.78 -9.71 23.59
CA SER D 614 13.22 -11.06 23.26
C SER D 614 12.40 -11.65 22.11
N GLU D 615 11.12 -11.29 22.02
CA GLU D 615 10.31 -11.70 20.89
C GLU D 615 10.82 -11.08 19.59
N GLU D 616 11.16 -9.79 19.62
CA GLU D 616 11.66 -9.13 18.42
C GLU D 616 13.00 -9.70 17.97
N LEU D 617 13.88 -9.99 18.93
CA LEU D 617 15.17 -10.57 18.58
C LEU D 617 15.04 -12.01 18.10
N ALA D 618 14.05 -12.73 18.61
CA ALA D 618 13.73 -14.06 18.09
C ALA D 618 13.30 -14.00 16.64
N ASN D 619 12.41 -13.07 16.30
CA ASN D 619 11.96 -12.94 14.92
C ASN D 619 13.09 -12.54 14.00
N GLU D 620 14.02 -11.72 14.50
CA GLU D 620 15.16 -11.30 13.69
C GLU D 620 16.09 -12.46 13.39
N TYR D 621 16.38 -13.31 14.38
CA TYR D 621 17.26 -14.42 14.07
C TYR D 621 16.59 -15.55 13.29
N GLU D 622 15.28 -15.74 13.41
CA GLU D 622 14.69 -16.77 12.55
C GLU D 622 14.60 -16.27 11.10
N THR D 623 14.41 -14.96 10.91
CA THR D 623 14.54 -14.37 9.58
C THR D 623 15.95 -14.54 9.03
N ARG D 624 16.95 -14.39 9.91
CA ARG D 624 18.34 -14.52 9.49
C ARG D 624 18.68 -15.93 9.07
N ALA D 625 18.18 -16.93 9.81
CA ALA D 625 18.41 -18.33 9.46
C ALA D 625 17.76 -18.69 8.13
N VAL D 626 16.53 -18.24 7.90
CA VAL D 626 15.84 -18.52 6.64
C VAL D 626 16.57 -17.88 5.47
N GLU D 627 16.96 -16.61 5.62
CA GLU D 627 17.61 -15.91 4.53
C GLU D 627 19.02 -16.39 4.26
N LEU D 628 19.68 -17.01 5.24
CA LEU D 628 20.99 -17.59 4.95
C LEU D 628 20.83 -18.94 4.25
N PHE D 629 19.88 -19.75 4.70
CA PHE D 629 19.77 -21.08 4.10
C PHE D 629 19.19 -21.02 2.70
N THR D 630 18.39 -19.99 2.38
CA THR D 630 17.92 -19.91 1.01
C THR D 630 19.05 -19.56 0.04
N GLU D 631 20.07 -18.83 0.50
CA GLU D 631 21.25 -18.60 -0.33
C GLU D 631 22.09 -19.86 -0.45
N CYS D 632 22.32 -20.54 0.68
CA CYS D 632 23.05 -21.81 0.68
C CYS D 632 22.38 -22.88 -0.17
N TYR D 633 21.07 -22.82 -0.35
CA TYR D 633 20.39 -23.75 -1.23
C TYR D 633 20.42 -23.27 -2.67
N SER D 634 20.25 -21.96 -2.89
CA SER D 634 20.20 -21.42 -4.23
C SER D 634 21.54 -21.39 -4.93
N ASN D 635 22.65 -21.61 -4.24
CA ASN D 635 23.91 -21.86 -4.93
C ASN D 635 24.14 -23.34 -5.19
N ASP D 636 24.01 -24.17 -4.17
CA ASP D 636 24.24 -25.61 -4.33
C ASP D 636 23.13 -26.34 -3.59
N GLU D 637 22.62 -27.42 -4.18
CA GLU D 637 21.60 -28.20 -3.49
C GLU D 637 22.23 -29.26 -2.59
N ASP D 638 23.28 -29.92 -3.08
CA ASP D 638 23.83 -31.08 -2.40
C ASP D 638 24.51 -30.69 -1.10
N LEU D 639 25.28 -29.60 -1.09
CA LEU D 639 25.95 -29.22 0.14
C LEU D 639 24.99 -28.55 1.12
N ALA D 640 23.89 -27.96 0.63
CA ALA D 640 22.86 -27.47 1.54
C ALA D 640 22.18 -28.63 2.26
N GLU D 641 21.89 -29.70 1.52
CA GLU D 641 21.35 -30.89 2.16
C GLU D 641 22.39 -31.61 3.01
N GLN D 642 23.68 -31.37 2.75
CA GLN D 642 24.71 -31.78 3.70
C GLN D 642 24.65 -30.96 4.99
N LEU D 643 24.34 -29.66 4.87
CA LEU D 643 24.25 -28.80 6.04
C LEU D 643 23.10 -29.19 6.95
N LEU D 644 21.96 -29.56 6.37
CA LEU D 644 20.75 -29.81 7.16
C LEU D 644 20.86 -30.93 8.19
N VAL D 645 21.82 -31.83 8.08
CA VAL D 645 21.77 -33.07 8.85
C VAL D 645 22.85 -33.17 9.91
N TYR D 646 23.54 -32.08 10.23
CA TYR D 646 24.69 -32.16 11.13
C TYR D 646 24.36 -31.62 12.51
N SER D 647 24.93 -32.25 13.53
CA SER D 647 24.59 -31.94 14.92
C SER D 647 25.64 -31.09 15.63
N CYS D 648 26.72 -30.72 14.94
CA CYS D 648 27.76 -29.79 15.40
C CYS D 648 28.46 -30.28 16.67
N GLU D 649 28.54 -31.61 16.82
CA GLU D 649 29.27 -32.29 17.90
C GLU D 649 28.73 -31.87 19.27
N ALA D 650 27.42 -32.06 19.43
CA ALA D 650 26.62 -31.64 20.59
C ALA D 650 26.70 -30.11 20.80
N TRP D 651 26.15 -29.41 19.81
CA TRP D 651 25.85 -27.98 19.97
C TRP D 651 24.92 -27.78 21.17
N GLY D 652 23.70 -28.30 21.03
CA GLY D 652 22.73 -28.39 22.10
C GLY D 652 22.25 -29.83 22.16
N GLY D 653 22.95 -30.69 21.43
CA GLY D 653 22.59 -32.09 21.37
C GLY D 653 21.58 -32.43 20.31
N SER D 654 21.45 -31.61 19.27
CA SER D 654 20.42 -31.82 18.28
C SER D 654 20.91 -31.29 16.94
N ASN D 655 19.99 -31.20 15.98
CA ASN D 655 20.28 -31.00 14.58
C ASN D 655 19.63 -29.70 14.12
N CYS D 656 20.08 -29.20 12.97
CA CYS D 656 19.52 -27.98 12.40
C CYS D 656 18.04 -28.15 12.06
N LEU D 657 17.71 -29.27 11.43
CA LEU D 657 16.33 -29.55 11.09
C LEU D 657 15.51 -29.86 12.34
N GLU D 658 16.14 -30.53 13.31
CA GLU D 658 15.49 -30.81 14.58
C GLU D 658 15.26 -29.54 15.39
N LEU D 659 16.20 -28.59 15.35
CA LEU D 659 15.98 -27.32 16.06
C LEU D 659 14.93 -26.48 15.38
N ALA D 660 14.81 -26.58 14.05
CA ALA D 660 13.72 -25.88 13.39
C ALA D 660 12.37 -26.49 13.73
N VAL D 661 12.33 -27.80 13.96
CA VAL D 661 11.07 -28.46 14.31
C VAL D 661 10.67 -28.16 15.74
N GLU D 662 11.61 -28.29 16.67
CA GLU D 662 11.31 -28.13 18.09
C GLU D 662 10.91 -26.71 18.47
N ALA D 663 11.26 -25.72 17.67
CA ALA D 663 10.84 -24.35 17.91
C ALA D 663 9.57 -23.99 17.19
N THR D 664 8.97 -24.96 16.48
CA THR D 664 7.78 -24.78 15.62
C THR D 664 8.03 -23.65 14.61
N ASP D 665 9.23 -23.64 14.03
CA ASP D 665 9.61 -22.65 13.04
C ASP D 665 9.18 -23.21 11.69
N GLN D 666 7.88 -23.11 11.44
CA GLN D 666 7.30 -23.70 10.25
C GLN D 666 7.62 -22.92 8.98
N HIS D 667 8.05 -21.67 9.10
CA HIS D 667 8.47 -20.94 7.93
C HIS D 667 9.80 -21.41 7.40
N PHE D 668 10.65 -21.98 8.25
CA PHE D 668 11.90 -22.57 7.79
C PHE D 668 11.67 -23.86 7.03
N ILE D 669 10.57 -24.55 7.27
CA ILE D 669 10.29 -25.80 6.59
C ILE D 669 9.31 -25.60 5.43
N ALA D 670 8.55 -24.51 5.43
CA ALA D 670 7.69 -24.20 4.30
C ALA D 670 8.42 -23.56 3.13
N GLN D 671 9.75 -23.48 3.16
CA GLN D 671 10.51 -22.92 2.06
C GLN D 671 10.89 -24.04 1.08
N PRO D 672 11.09 -23.72 -0.20
CA PRO D 672 11.24 -24.78 -1.21
C PRO D 672 12.47 -25.66 -1.08
N GLY D 673 13.49 -25.24 -0.32
CA GLY D 673 14.66 -26.08 -0.17
C GLY D 673 14.39 -27.28 0.71
N VAL D 674 13.80 -27.05 1.88
CA VAL D 674 13.51 -28.16 2.78
C VAL D 674 12.37 -29.00 2.24
N GLN D 675 11.42 -28.38 1.52
CA GLN D 675 10.35 -29.14 0.91
C GLN D 675 10.86 -30.00 -0.23
N ASN D 676 11.84 -29.50 -0.99
CA ASN D 676 12.45 -30.30 -2.04
C ASN D 676 13.25 -31.46 -1.44
N PHE D 677 13.95 -31.21 -0.34
CA PHE D 677 14.63 -32.26 0.40
C PHE D 677 13.65 -33.33 0.87
N LEU D 678 12.50 -32.91 1.40
CA LEU D 678 11.53 -33.86 1.94
C LEU D 678 10.84 -34.66 0.84
N SER D 679 10.53 -34.01 -0.29
CA SER D 679 9.89 -34.73 -1.37
C SER D 679 10.84 -35.71 -2.04
N LYS D 680 12.10 -35.31 -2.22
CA LYS D 680 13.11 -36.24 -2.73
C LYS D 680 13.38 -37.38 -1.76
N GLN D 681 13.23 -37.14 -0.46
CA GLN D 681 13.38 -38.22 0.49
C GLN D 681 12.14 -39.08 0.59
N TRP D 682 10.98 -38.55 0.19
CA TRP D 682 9.72 -39.28 0.26
C TRP D 682 9.48 -40.18 -0.93
N TYR D 683 9.78 -39.74 -2.16
CA TYR D 683 9.63 -40.66 -3.27
C TYR D 683 10.68 -41.74 -3.28
N GLY D 684 11.79 -41.54 -2.58
CA GLY D 684 12.83 -42.55 -2.51
C GLY D 684 13.68 -42.60 -3.75
N GLU D 685 13.72 -43.76 -4.41
CA GLU D 685 14.56 -43.91 -5.58
C GLU D 685 13.88 -43.39 -6.84
N ILE D 686 12.55 -43.30 -6.85
CA ILE D 686 11.82 -42.87 -8.03
C ILE D 686 12.01 -41.37 -8.19
N SER D 687 12.21 -40.92 -9.42
CA SER D 687 12.33 -39.50 -9.70
C SER D 687 10.98 -38.81 -9.49
N ARG D 688 11.04 -37.51 -9.21
CA ARG D 688 9.82 -36.78 -8.89
C ARG D 688 9.04 -36.39 -10.12
N ASP D 689 9.67 -36.31 -11.28
CA ASP D 689 8.94 -35.90 -12.48
C ASP D 689 8.42 -37.12 -13.24
N THR D 690 7.76 -38.02 -12.51
CA THR D 690 6.92 -39.05 -13.11
C THR D 690 5.54 -38.90 -12.51
N LYS D 691 4.53 -39.34 -13.26
CA LYS D 691 3.18 -39.12 -12.77
C LYS D 691 2.80 -40.24 -11.81
N ASN D 692 1.83 -39.92 -10.94
CA ASN D 692 1.50 -40.80 -9.83
C ASN D 692 0.72 -42.04 -10.27
N TRP D 693 -0.05 -41.92 -11.35
CA TRP D 693 -0.87 -43.03 -11.78
C TRP D 693 -0.04 -44.17 -12.33
N LYS D 694 1.09 -43.85 -12.97
CA LYS D 694 2.05 -44.87 -13.37
C LYS D 694 2.60 -45.62 -12.17
N ILE D 695 2.80 -44.91 -11.05
CA ILE D 695 3.38 -45.51 -9.86
C ILE D 695 2.38 -46.46 -9.21
N ILE D 696 1.12 -46.04 -9.07
CA ILE D 696 0.16 -46.95 -8.44
C ILE D 696 -0.27 -48.08 -9.39
N LEU D 697 -0.21 -47.84 -10.71
CA LEU D 697 -0.48 -48.90 -11.67
C LEU D 697 0.61 -49.97 -11.61
N CYS D 698 1.87 -49.55 -11.48
CA CYS D 698 2.94 -50.51 -11.26
C CYS D 698 2.87 -51.12 -9.87
N LEU D 699 2.20 -50.46 -8.92
CA LEU D 699 2.02 -51.06 -7.59
C LEU D 699 1.07 -52.24 -7.64
N PHE D 700 -0.07 -52.10 -8.33
CA PHE D 700 -1.06 -53.18 -8.31
C PHE D 700 -0.59 -54.40 -9.10
N ILE D 701 0.01 -54.19 -10.26
CA ILE D 701 0.56 -55.28 -11.06
C ILE D 701 2.03 -55.40 -10.65
N ILE D 702 2.30 -56.36 -9.76
CA ILE D 702 3.61 -56.52 -9.12
C ILE D 702 4.73 -56.84 -10.11
N PRO D 703 4.63 -57.80 -11.09
CA PRO D 703 5.79 -58.02 -11.96
C PRO D 703 5.94 -56.99 -13.09
N LEU D 704 5.28 -55.86 -12.97
CA LEU D 704 5.38 -54.83 -13.99
C LEU D 704 6.57 -53.91 -13.72
N VAL D 705 7.31 -54.18 -12.64
CA VAL D 705 8.42 -53.31 -12.28
C VAL D 705 9.47 -53.28 -13.38
N GLY D 706 9.56 -54.35 -14.17
CA GLY D 706 10.51 -54.42 -15.26
C GLY D 706 9.94 -53.89 -16.56
N CYS D 707 9.72 -52.59 -16.64
CA CYS D 707 9.28 -51.95 -17.87
C CYS D 707 9.70 -50.49 -17.82
N GLY D 708 9.53 -49.81 -18.95
CA GLY D 708 9.92 -48.42 -19.06
C GLY D 708 8.80 -47.47 -18.75
N LEU D 709 8.17 -47.63 -17.58
CA LEU D 709 7.06 -46.78 -17.17
C LEU D 709 7.40 -45.85 -16.02
N VAL D 710 8.38 -46.18 -15.19
CA VAL D 710 8.80 -45.37 -14.06
C VAL D 710 10.27 -45.04 -14.20
N SER D 711 10.67 -43.91 -13.61
CA SER D 711 12.02 -43.38 -13.77
C SER D 711 12.72 -43.38 -12.42
N PHE D 712 13.85 -44.06 -12.33
CA PHE D 712 14.55 -44.29 -11.07
C PHE D 712 15.80 -43.43 -10.94
N ARG D 713 15.76 -42.17 -11.36
CA ARG D 713 16.96 -41.35 -11.41
C ARG D 713 17.44 -40.96 -10.02
N LYS D 714 16.59 -40.31 -9.25
CA LYS D 714 16.99 -39.79 -7.94
C LYS D 714 17.11 -40.88 -6.89
N LYS D 722 20.80 -54.97 -11.80
CA LYS D 722 20.47 -55.05 -13.22
C LYS D 722 18.97 -54.90 -13.42
N LEU D 723 18.21 -55.94 -13.08
CA LEU D 723 16.76 -55.86 -13.01
C LEU D 723 16.23 -56.02 -11.59
N LEU D 724 16.94 -56.77 -10.73
CA LEU D 724 16.55 -56.87 -9.34
C LEU D 724 16.80 -55.57 -8.58
N TRP D 725 17.70 -54.71 -9.07
CA TRP D 725 17.87 -53.41 -8.45
C TRP D 725 16.66 -52.52 -8.71
N TYR D 726 16.04 -52.63 -9.89
CA TYR D 726 14.78 -51.93 -10.15
C TYR D 726 13.68 -52.44 -9.22
N TYR D 727 13.65 -53.75 -8.98
CA TYR D 727 12.67 -54.38 -8.11
C TYR D 727 12.80 -53.88 -6.67
N VAL D 728 14.03 -53.89 -6.15
CA VAL D 728 14.23 -53.47 -4.77
C VAL D 728 14.10 -51.95 -4.64
N ALA D 729 14.61 -51.19 -5.62
CA ALA D 729 14.51 -49.73 -5.57
C ALA D 729 13.08 -49.25 -5.77
N PHE D 730 12.21 -50.09 -6.32
CA PHE D 730 10.78 -49.77 -6.24
C PHE D 730 10.25 -50.13 -4.86
N PHE D 731 10.42 -51.38 -4.42
CA PHE D 731 9.82 -51.81 -3.16
C PHE D 731 10.57 -51.38 -1.91
N THR D 732 11.46 -50.39 -1.97
CA THR D 732 12.08 -49.85 -0.77
C THR D 732 11.51 -48.49 -0.40
N SER D 733 10.98 -47.76 -1.40
CA SER D 733 10.63 -46.36 -1.26
C SER D 733 9.48 -46.17 -0.26
N PRO D 734 9.45 -45.03 0.43
CA PRO D 734 8.38 -44.81 1.43
C PRO D 734 7.01 -44.70 0.82
N PHE D 735 6.94 -44.19 -0.42
CA PHE D 735 5.68 -43.99 -1.12
C PHE D 735 4.92 -45.30 -1.27
N VAL D 736 5.58 -46.33 -1.78
CA VAL D 736 4.87 -47.56 -2.06
C VAL D 736 4.67 -48.44 -0.83
N VAL D 737 5.52 -48.32 0.19
CA VAL D 737 5.24 -49.10 1.40
C VAL D 737 4.09 -48.44 2.15
N PHE D 738 3.96 -47.13 2.07
CA PHE D 738 2.78 -46.45 2.59
C PHE D 738 1.52 -46.86 1.84
N SER D 739 1.60 -46.92 0.52
CA SER D 739 0.40 -47.23 -0.26
C SER D 739 -0.03 -48.68 -0.10
N TRP D 740 0.94 -49.60 -0.03
CA TRP D 740 0.65 -50.98 0.33
C TRP D 740 0.03 -51.08 1.71
N ASN D 741 0.49 -50.24 2.64
CA ASN D 741 -0.01 -50.32 4.00
C ASN D 741 -1.45 -49.81 4.08
N VAL D 742 -1.81 -48.81 3.26
CA VAL D 742 -3.19 -48.36 3.33
C VAL D 742 -4.14 -49.30 2.59
N VAL D 743 -3.65 -50.00 1.56
CA VAL D 743 -4.46 -51.05 0.94
C VAL D 743 -4.72 -52.18 1.93
N PHE D 744 -3.69 -52.54 2.70
CA PHE D 744 -3.85 -53.52 3.77
C PHE D 744 -4.87 -53.08 4.81
N TYR D 745 -4.87 -51.78 5.15
CA TYR D 745 -5.76 -51.32 6.21
C TYR D 745 -7.21 -51.30 5.75
N ILE D 746 -7.45 -50.96 4.48
CA ILE D 746 -8.80 -51.03 3.94
C ILE D 746 -9.30 -52.47 3.87
N ALA D 747 -8.41 -53.41 3.50
CA ALA D 747 -8.81 -54.82 3.50
C ALA D 747 -9.10 -55.33 4.91
N PHE D 748 -8.37 -54.82 5.90
CA PHE D 748 -8.66 -55.12 7.30
C PHE D 748 -10.02 -54.60 7.73
N LEU D 749 -10.39 -53.40 7.30
CA LEU D 749 -11.71 -52.87 7.66
C LEU D 749 -12.83 -53.66 7.02
N LEU D 750 -12.64 -54.10 5.77
CA LEU D 750 -13.65 -54.95 5.13
C LEU D 750 -13.78 -56.30 5.83
N LEU D 751 -12.67 -56.87 6.28
CA LEU D 751 -12.74 -58.14 7.00
C LEU D 751 -13.42 -57.98 8.35
N PHE D 752 -13.11 -56.88 9.06
CA PHE D 752 -13.73 -56.59 10.34
C PHE D 752 -15.24 -56.45 10.18
N ALA D 753 -15.66 -55.75 9.13
CA ALA D 753 -17.09 -55.53 8.90
C ALA D 753 -17.81 -56.81 8.53
N TYR D 754 -17.18 -57.67 7.72
CA TYR D 754 -17.76 -58.96 7.38
C TYR D 754 -17.95 -59.83 8.62
N VAL D 755 -16.90 -59.93 9.43
CA VAL D 755 -16.96 -60.74 10.66
C VAL D 755 -18.01 -60.20 11.61
N LEU D 756 -18.10 -58.89 11.74
CA LEU D 756 -18.97 -58.31 12.75
C LEU D 756 -20.43 -58.33 12.32
N LEU D 757 -20.72 -58.26 11.02
CA LEU D 757 -22.10 -58.20 10.59
C LEU D 757 -22.66 -59.53 10.13
N MET D 758 -21.86 -60.37 9.46
CA MET D 758 -22.41 -61.53 8.79
C MET D 758 -21.92 -62.87 9.30
N ASP D 759 -20.81 -62.91 10.05
CA ASP D 759 -20.29 -64.20 10.50
C ASP D 759 -19.72 -64.01 11.92
N PHE D 760 -20.56 -64.17 12.91
CA PHE D 760 -20.17 -63.96 14.31
C PHE D 760 -20.96 -64.95 15.14
N HIS D 761 -20.36 -66.11 15.43
CA HIS D 761 -21.03 -67.20 16.10
C HIS D 761 -20.46 -67.43 17.48
N SER D 762 -20.91 -68.51 18.12
CA SER D 762 -20.48 -68.81 19.48
C SER D 762 -19.02 -69.25 19.52
N VAL D 763 -18.54 -69.88 18.46
CA VAL D 763 -17.13 -70.24 18.36
C VAL D 763 -16.53 -69.45 17.21
N PRO D 764 -15.28 -69.00 17.33
CA PRO D 764 -14.65 -68.25 16.24
C PRO D 764 -14.41 -69.13 15.02
N HIS D 765 -14.95 -68.71 13.88
CA HIS D 765 -14.68 -69.36 12.61
C HIS D 765 -13.34 -68.86 12.07
N THR D 766 -13.03 -69.27 10.83
CA THR D 766 -11.75 -68.90 10.22
C THR D 766 -11.51 -67.40 10.03
N PRO D 767 -12.45 -66.58 9.49
CA PRO D 767 -12.13 -65.16 9.34
C PRO D 767 -12.01 -64.40 10.64
N GLU D 768 -12.60 -64.88 11.74
CA GLU D 768 -12.34 -64.23 13.02
C GLU D 768 -10.91 -64.45 13.47
N LEU D 769 -10.36 -65.63 13.21
CA LEU D 769 -8.99 -65.92 13.60
C LEU D 769 -8.00 -65.16 12.73
N ILE D 770 -8.33 -65.01 11.44
CA ILE D 770 -7.52 -64.16 10.56
C ILE D 770 -7.59 -62.70 11.03
N LEU D 771 -8.76 -62.28 11.55
CA LEU D 771 -8.89 -60.93 12.08
C LEU D 771 -8.04 -60.73 13.32
N TYR D 772 -8.00 -61.74 14.22
CA TYR D 772 -7.14 -61.63 15.40
C TYR D 772 -5.67 -61.59 15.02
N ALA D 773 -5.29 -62.31 13.96
CA ALA D 773 -3.92 -62.24 13.47
C ALA D 773 -3.57 -60.84 12.96
N LEU D 774 -4.48 -60.22 12.20
CA LEU D 774 -4.19 -58.89 11.69
C LEU D 774 -4.14 -57.84 12.81
N VAL D 775 -4.97 -58.01 13.84
CA VAL D 775 -4.89 -57.10 14.98
C VAL D 775 -3.59 -57.32 15.76
N PHE D 776 -3.09 -58.55 15.81
CA PHE D 776 -1.79 -58.79 16.43
C PHE D 776 -0.66 -58.14 15.65
N VAL D 777 -0.78 -58.10 14.31
CA VAL D 777 0.21 -57.42 13.49
C VAL D 777 0.22 -55.92 13.78
N LEU D 778 -0.98 -55.32 13.88
CA LEU D 778 -1.07 -53.90 14.22
C LEU D 778 -0.54 -53.62 15.62
N PHE D 779 -0.75 -54.54 16.55
CA PHE D 779 -0.21 -54.39 17.90
C PHE D 779 1.31 -54.45 17.92
N CYS D 780 1.89 -55.32 17.08
CA CYS D 780 3.34 -55.38 16.96
C CYS D 780 3.91 -54.07 16.42
N ASP D 781 3.24 -53.47 15.42
CA ASP D 781 3.70 -52.17 14.93
C ASP D 781 3.58 -51.09 15.99
N GLU D 782 2.53 -51.14 16.81
CA GLU D 782 2.38 -50.09 17.82
C GLU D 782 3.36 -50.24 18.96
N VAL D 783 3.69 -51.47 19.36
CA VAL D 783 4.71 -51.61 20.40
C VAL D 783 6.10 -51.31 19.83
N ARG D 784 6.30 -51.49 18.52
CA ARG D 784 7.53 -51.04 17.87
C ARG D 784 7.65 -49.52 17.94
N GLN D 785 6.55 -48.81 17.69
CA GLN D 785 6.62 -47.36 17.71
C GLN D 785 6.75 -46.82 19.12
N TRP D 786 6.16 -47.50 20.11
CA TRP D 786 6.35 -47.10 21.50
C TRP D 786 7.78 -47.38 21.96
N TYR D 787 8.40 -48.42 21.41
CA TYR D 787 9.80 -48.69 21.74
C TYR D 787 10.72 -47.63 21.13
N MET D 788 10.51 -47.32 19.86
CA MET D 788 11.40 -46.38 19.17
C MET D 788 11.06 -44.92 19.41
N ASN D 789 10.02 -44.61 20.18
CA ASN D 789 9.80 -43.24 20.62
C ASN D 789 9.96 -43.06 22.12
N GLY D 790 9.29 -43.88 22.92
CA GLY D 790 9.51 -43.82 24.35
C GLY D 790 8.34 -43.29 25.16
N VAL D 791 8.48 -42.06 25.68
CA VAL D 791 7.48 -41.49 26.57
C VAL D 791 6.72 -40.40 25.80
N ASN D 792 7.40 -39.78 24.83
CA ASN D 792 6.73 -38.80 23.98
C ASN D 792 5.76 -39.43 22.99
N TYR D 793 5.79 -40.76 22.85
CA TYR D 793 4.78 -41.51 22.10
C TYR D 793 3.38 -41.21 22.64
N PHE D 794 3.25 -41.06 23.95
CA PHE D 794 1.97 -40.71 24.57
C PHE D 794 1.65 -39.23 24.46
N THR D 795 2.45 -38.45 23.74
CA THR D 795 2.13 -37.04 23.57
C THR D 795 1.03 -36.85 22.53
N ASP D 796 1.10 -37.59 21.42
CA ASP D 796 0.11 -37.49 20.36
C ASP D 796 -1.18 -38.17 20.80
N LEU D 797 -2.31 -37.58 20.43
CA LEU D 797 -3.59 -38.15 20.83
C LEU D 797 -3.93 -39.38 19.99
N TRP D 798 -3.41 -39.46 18.77
CA TRP D 798 -3.72 -40.60 17.90
C TRP D 798 -3.10 -41.87 18.42
N ASN D 799 -1.92 -41.78 19.01
CA ASN D 799 -1.30 -42.96 19.62
C ASN D 799 -2.03 -43.37 20.88
N VAL D 800 -2.64 -42.41 21.59
CA VAL D 800 -3.41 -42.73 22.80
C VAL D 800 -4.67 -43.48 22.43
N MET D 801 -5.45 -42.96 21.49
CA MET D 801 -6.66 -43.67 21.07
C MET D 801 -6.34 -44.95 20.30
N ASP D 802 -5.16 -45.03 19.71
CA ASP D 802 -4.65 -46.23 19.08
C ASP D 802 -4.45 -47.36 20.11
N THR D 803 -3.71 -47.06 21.18
CA THR D 803 -3.52 -48.03 22.26
C THR D 803 -4.85 -48.37 22.93
N LEU D 804 -5.74 -47.39 23.04
CA LEU D 804 -7.03 -47.61 23.67
C LEU D 804 -7.90 -48.52 22.81
N GLY D 805 -7.83 -48.37 21.49
CA GLY D 805 -8.55 -49.27 20.61
C GLY D 805 -8.05 -50.70 20.68
N LEU D 806 -6.74 -50.88 20.80
CA LEU D 806 -6.22 -52.24 21.00
C LEU D 806 -6.67 -52.83 22.34
N PHE D 807 -6.76 -52.00 23.37
CA PHE D 807 -7.24 -52.46 24.66
C PHE D 807 -8.71 -52.89 24.59
N TYR D 808 -9.55 -52.11 23.90
CA TYR D 808 -10.94 -52.52 23.73
C TYR D 808 -11.07 -53.78 22.87
N PHE D 809 -10.16 -54.00 21.93
CA PHE D 809 -10.22 -55.23 21.16
C PHE D 809 -9.93 -56.45 22.02
N ILE D 810 -8.89 -56.38 22.85
CA ILE D 810 -8.60 -57.57 23.66
C ILE D 810 -9.64 -57.75 24.77
N ALA D 811 -10.28 -56.66 25.20
CA ALA D 811 -11.40 -56.80 26.13
C ALA D 811 -12.59 -57.46 25.45
N GLY D 812 -12.81 -57.16 24.16
CA GLY D 812 -13.87 -57.84 23.43
C GLY D 812 -13.56 -59.31 23.23
N ILE D 813 -12.28 -59.64 23.10
CA ILE D 813 -11.89 -61.05 23.04
C ILE D 813 -12.20 -61.75 24.36
N VAL D 814 -11.85 -61.13 25.50
CA VAL D 814 -12.08 -61.84 26.76
C VAL D 814 -13.54 -61.85 27.17
N PHE D 815 -14.38 -60.97 26.62
CA PHE D 815 -15.82 -61.15 26.74
C PHE D 815 -16.38 -62.16 25.75
N ARG D 816 -15.68 -62.39 24.65
CA ARG D 816 -16.23 -63.15 23.53
C ARG D 816 -16.03 -64.64 23.68
N LEU D 817 -14.99 -65.07 24.40
CA LEU D 817 -14.67 -66.50 24.45
C LEU D 817 -15.54 -67.26 25.42
N HIS D 818 -16.22 -66.59 26.35
CA HIS D 818 -17.13 -67.25 27.27
C HIS D 818 -18.39 -67.66 26.52
N SER D 819 -18.29 -68.77 25.79
CA SER D 819 -19.42 -69.29 25.04
C SER D 819 -20.43 -69.92 26.00
N SER D 820 -21.58 -70.30 25.45
CA SER D 820 -22.77 -70.79 26.16
C SER D 820 -23.25 -69.79 27.23
N ASN D 821 -22.99 -68.50 27.02
CA ASN D 821 -23.50 -67.43 27.85
C ASN D 821 -23.80 -66.29 26.90
N LYS D 822 -25.08 -66.07 26.61
CA LYS D 822 -25.46 -65.19 25.52
C LYS D 822 -25.19 -63.73 25.87
N SER D 823 -25.24 -63.38 27.15
CA SER D 823 -25.05 -62.00 27.55
C SER D 823 -23.61 -61.55 27.36
N SER D 824 -22.65 -62.40 27.72
CA SER D 824 -21.25 -62.08 27.51
C SER D 824 -20.91 -62.03 26.03
N LEU D 825 -21.56 -62.87 25.22
CA LEU D 825 -21.30 -62.89 23.78
C LEU D 825 -21.86 -61.64 23.11
N TYR D 826 -23.05 -61.22 23.52
CA TYR D 826 -23.62 -59.98 23.00
C TYR D 826 -22.80 -58.77 23.43
N SER D 827 -22.34 -58.78 24.68
CA SER D 827 -21.53 -57.67 25.15
C SER D 827 -20.19 -57.61 24.43
N GLY D 828 -19.63 -58.77 24.09
CA GLY D 828 -18.43 -58.80 23.28
C GLY D 828 -18.64 -58.21 21.90
N ARG D 829 -19.78 -58.52 21.28
CA ARG D 829 -20.04 -57.95 19.96
C ARG D 829 -20.28 -56.44 20.01
N VAL D 830 -20.92 -55.94 21.07
CA VAL D 830 -21.11 -54.50 21.21
C VAL D 830 -19.76 -53.79 21.40
N ILE D 831 -18.85 -54.41 22.17
CA ILE D 831 -17.50 -53.89 22.32
C ILE D 831 -16.77 -53.83 20.98
N PHE D 832 -16.91 -54.88 20.16
CA PHE D 832 -16.29 -54.85 18.84
C PHE D 832 -16.90 -53.78 17.93
N CYS D 833 -18.19 -53.48 18.09
CA CYS D 833 -18.81 -52.45 17.25
C CYS D 833 -18.28 -51.06 17.56
N LEU D 834 -18.17 -50.73 18.85
CA LEU D 834 -17.60 -49.43 19.20
C LEU D 834 -16.11 -49.35 18.85
N ASP D 835 -15.41 -50.48 18.92
CA ASP D 835 -14.03 -50.49 18.50
C ASP D 835 -13.91 -50.31 16.99
N TYR D 836 -14.90 -50.80 16.24
CA TYR D 836 -14.91 -50.59 14.79
C TYR D 836 -15.11 -49.12 14.45
N ILE D 837 -15.90 -48.40 15.25
CA ILE D 837 -16.01 -46.95 15.10
C ILE D 837 -14.64 -46.29 15.19
N ILE D 838 -13.86 -46.69 16.20
CA ILE D 838 -12.53 -46.09 16.39
C ILE D 838 -11.59 -46.41 15.23
N PHE D 839 -11.53 -47.69 14.84
CA PHE D 839 -10.70 -48.12 13.73
C PHE D 839 -11.07 -47.43 12.42
N THR D 840 -12.36 -47.22 12.18
CA THR D 840 -12.75 -46.55 10.95
C THR D 840 -12.40 -45.07 10.97
N LEU D 841 -12.54 -44.41 12.11
CA LEU D 841 -12.23 -42.99 12.15
C LEU D 841 -10.74 -42.70 12.12
N ARG D 842 -9.89 -43.72 12.35
CA ARG D 842 -8.45 -43.54 12.14
C ARG D 842 -8.07 -43.26 10.68
N LEU D 843 -8.94 -43.58 9.73
CA LEU D 843 -8.63 -43.45 8.31
C LEU D 843 -8.51 -41.98 7.88
N ILE D 844 -9.19 -41.09 8.59
CA ILE D 844 -9.07 -39.65 8.35
C ILE D 844 -7.66 -39.17 8.66
N HIS D 845 -7.12 -39.62 9.80
CA HIS D 845 -5.73 -39.32 10.14
C HIS D 845 -4.75 -39.97 9.19
N ILE D 846 -5.10 -41.13 8.63
CA ILE D 846 -4.22 -41.76 7.65
C ILE D 846 -4.09 -40.90 6.40
N PHE D 847 -5.19 -40.35 5.91
CA PHE D 847 -5.12 -39.65 4.63
C PHE D 847 -4.74 -38.18 4.75
N THR D 848 -3.99 -37.79 5.76
CA THR D 848 -3.49 -36.42 5.85
C THR D 848 -2.29 -36.16 4.95
N VAL D 849 -1.72 -37.20 4.34
CA VAL D 849 -0.51 -37.04 3.53
C VAL D 849 -0.79 -36.56 2.13
N SER D 850 -2.04 -36.49 1.72
CA SER D 850 -2.37 -36.21 0.34
C SER D 850 -2.16 -34.75 0.01
N ARG D 851 -1.89 -34.48 -1.26
CA ARG D 851 -1.72 -33.09 -1.70
C ARG D 851 -3.04 -32.35 -1.71
N ASN D 852 -4.15 -33.07 -1.84
CA ASN D 852 -5.46 -32.46 -2.04
C ASN D 852 -6.32 -32.49 -0.76
N LEU D 853 -6.44 -33.65 -0.14
CA LEU D 853 -7.25 -33.76 1.06
C LEU D 853 -6.52 -33.26 2.30
N GLY D 854 -5.20 -33.40 2.32
CA GLY D 854 -4.35 -33.07 3.43
C GLY D 854 -4.49 -31.70 4.10
N PRO D 855 -4.36 -30.61 3.35
CA PRO D 855 -4.52 -29.28 3.96
C PRO D 855 -5.88 -29.03 4.56
N LYS D 856 -6.93 -29.61 3.99
CA LYS D 856 -8.27 -29.44 4.53
C LYS D 856 -8.47 -30.24 5.82
N ILE D 857 -7.88 -31.44 5.90
CA ILE D 857 -7.96 -32.21 7.14
C ILE D 857 -7.17 -31.52 8.23
N ILE D 858 -6.07 -30.85 7.88
CA ILE D 858 -5.37 -30.05 8.89
C ILE D 858 -6.18 -28.83 9.29
N MET D 859 -6.90 -28.23 8.34
CA MET D 859 -7.77 -27.09 8.62
C MET D 859 -8.91 -27.46 9.54
N LEU D 860 -9.33 -28.72 9.51
CA LEU D 860 -10.49 -29.20 10.25
C LEU D 860 -10.34 -29.07 11.75
N GLN D 861 -9.12 -29.10 12.28
CA GLN D 861 -8.94 -29.02 13.71
C GLN D 861 -8.84 -27.59 14.23
N ARG D 862 -9.04 -26.59 13.38
CA ARG D 862 -9.09 -25.22 13.82
C ARG D 862 -10.50 -24.77 14.16
N MET D 863 -11.48 -25.66 14.05
CA MET D 863 -12.89 -25.32 14.17
C MET D 863 -13.45 -25.63 15.55
N LEU D 864 -12.64 -26.17 16.45
CA LEU D 864 -13.13 -26.67 17.72
C LEU D 864 -13.67 -25.58 18.61
N ILE D 865 -13.12 -24.37 18.53
CA ILE D 865 -13.63 -23.31 19.38
C ILE D 865 -14.99 -22.82 18.90
N ASP D 866 -15.25 -22.86 17.60
CA ASP D 866 -16.56 -22.49 17.07
C ASP D 866 -17.59 -23.56 17.40
N VAL D 867 -17.20 -24.82 17.28
CA VAL D 867 -18.09 -25.93 17.63
C VAL D 867 -18.44 -25.89 19.11
N PHE D 868 -17.46 -25.57 19.96
CA PHE D 868 -17.74 -25.53 21.40
C PHE D 868 -18.56 -24.31 21.79
N PHE D 869 -18.40 -23.19 21.09
CA PHE D 869 -19.27 -22.03 21.34
C PHE D 869 -20.71 -22.34 20.95
N PHE D 870 -20.89 -23.02 19.81
CA PHE D 870 -22.21 -23.49 19.41
C PHE D 870 -22.82 -24.43 20.42
N LEU D 871 -22.03 -25.38 20.93
CA LEU D 871 -22.58 -26.35 21.87
C LEU D 871 -22.89 -25.74 23.21
N PHE D 872 -22.14 -24.73 23.63
CA PHE D 872 -22.46 -24.00 24.85
C PHE D 872 -23.80 -23.28 24.76
N LEU D 873 -23.99 -22.50 23.69
CA LEU D 873 -25.25 -21.76 23.56
C LEU D 873 -26.44 -22.70 23.35
N PHE D 874 -26.23 -23.78 22.60
CA PHE D 874 -27.32 -24.71 22.36
C PHE D 874 -27.68 -25.49 23.61
N ALA D 875 -26.69 -25.81 24.45
CA ALA D 875 -27.00 -26.51 25.70
C ALA D 875 -27.75 -25.62 26.67
N VAL D 876 -27.42 -24.33 26.71
CA VAL D 876 -28.12 -23.41 27.61
C VAL D 876 -29.58 -23.25 27.19
N TRP D 877 -29.81 -22.98 25.89
CA TRP D 877 -31.19 -22.87 25.39
C TRP D 877 -31.96 -24.17 25.54
N MET D 878 -31.30 -25.29 25.34
CA MET D 878 -31.94 -26.60 25.40
C MET D 878 -32.38 -26.93 26.81
N VAL D 879 -31.52 -26.68 27.80
CA VAL D 879 -31.88 -26.92 29.20
C VAL D 879 -33.01 -26.00 29.64
N ALA D 880 -32.97 -24.72 29.24
CA ALA D 880 -34.00 -23.77 29.65
C ALA D 880 -35.38 -24.16 29.10
N PHE D 881 -35.46 -24.42 27.79
CA PHE D 881 -36.73 -24.82 27.19
C PHE D 881 -37.21 -26.16 27.69
N GLY D 882 -36.30 -27.12 27.88
CA GLY D 882 -36.71 -28.44 28.30
C GLY D 882 -37.31 -28.46 29.69
N VAL D 883 -36.66 -27.76 30.63
CA VAL D 883 -37.19 -27.73 31.99
C VAL D 883 -38.48 -26.93 32.05
N ALA D 884 -38.58 -25.84 31.27
CA ALA D 884 -39.81 -25.05 31.28
C ALA D 884 -40.99 -25.82 30.69
N ARG D 885 -40.77 -26.56 29.60
CA ARG D 885 -41.88 -27.31 28.99
C ARG D 885 -42.29 -28.49 29.86
N GLN D 886 -41.32 -29.22 30.41
CA GLN D 886 -41.62 -30.33 31.32
C GLN D 886 -42.32 -29.85 32.59
N GLY D 887 -42.00 -28.67 33.07
CA GLY D 887 -42.68 -28.14 34.24
C GLY D 887 -44.06 -27.61 33.98
N ILE D 888 -44.29 -27.00 32.81
CA ILE D 888 -45.62 -26.48 32.50
C ILE D 888 -46.58 -27.62 32.18
N LEU D 889 -46.13 -28.62 31.43
CA LEU D 889 -47.05 -29.67 31.00
C LEU D 889 -47.39 -30.64 32.13
N ARG D 890 -46.40 -31.33 32.66
CA ARG D 890 -46.64 -32.49 33.50
C ARG D 890 -46.44 -32.15 34.97
N GLN D 891 -46.62 -33.14 35.83
CA GLN D 891 -46.59 -32.93 37.28
C GLN D 891 -45.89 -34.08 37.97
N ASN D 892 -44.71 -33.81 38.52
CA ASN D 892 -43.98 -34.69 39.43
C ASN D 892 -43.63 -36.04 38.78
N GLU D 893 -42.87 -35.97 37.69
CA GLU D 893 -42.30 -37.17 37.12
C GLU D 893 -41.26 -37.73 38.07
N GLN D 894 -41.29 -39.04 38.31
CA GLN D 894 -40.36 -39.66 39.25
C GLN D 894 -39.37 -40.58 38.55
N ARG D 895 -39.47 -40.76 37.26
CA ARG D 895 -38.60 -41.65 36.50
C ARG D 895 -37.51 -40.83 35.85
N TRP D 896 -36.25 -41.19 36.08
CA TRP D 896 -35.14 -40.39 35.58
C TRP D 896 -35.00 -40.49 34.07
N ARG D 897 -35.30 -41.65 33.50
CA ARG D 897 -35.18 -41.83 32.06
C ARG D 897 -36.18 -40.96 31.31
N TRP D 898 -37.39 -40.84 31.83
CA TRP D 898 -38.38 -40.00 31.18
C TRP D 898 -38.30 -38.54 31.61
N ILE D 899 -37.41 -38.22 32.53
CA ILE D 899 -36.95 -36.85 32.68
C ILE D 899 -35.95 -36.50 31.58
N PHE D 900 -34.94 -37.34 31.39
CA PHE D 900 -33.92 -36.98 30.42
C PHE D 900 -34.32 -37.25 28.98
N ARG D 901 -35.41 -37.96 28.73
CA ARG D 901 -35.93 -38.01 27.37
C ARG D 901 -36.75 -36.77 27.04
N SER D 902 -37.38 -36.16 28.02
CA SER D 902 -38.27 -35.03 27.79
C SER D 902 -37.64 -33.69 28.07
N VAL D 903 -36.46 -33.64 28.67
CA VAL D 903 -35.77 -32.39 28.92
C VAL D 903 -34.61 -32.19 27.96
N ILE D 904 -33.79 -33.23 27.76
CA ILE D 904 -32.59 -33.11 26.96
C ILE D 904 -32.78 -33.60 25.54
N TYR D 905 -33.49 -34.73 25.35
CA TYR D 905 -33.45 -35.42 24.07
C TYR D 905 -34.36 -34.78 23.02
N GLU D 906 -35.59 -34.44 23.40
CA GLU D 906 -36.50 -33.88 22.42
C GLU D 906 -36.18 -32.43 22.02
N PRO D 907 -35.76 -31.53 22.94
CA PRO D 907 -35.20 -30.27 22.45
C PRO D 907 -33.90 -30.42 21.70
N TYR D 908 -33.18 -31.53 21.85
CA TYR D 908 -32.03 -31.76 21.00
C TYR D 908 -32.47 -32.10 19.58
N LEU D 909 -33.48 -32.95 19.45
CA LEU D 909 -33.99 -33.29 18.13
C LEU D 909 -34.62 -32.10 17.42
N ALA D 910 -35.12 -31.13 18.18
CA ALA D 910 -35.63 -29.89 17.58
C ALA D 910 -34.55 -29.02 16.93
N MET D 911 -33.29 -29.42 16.91
CA MET D 911 -32.27 -28.74 16.14
C MET D 911 -32.26 -29.19 14.68
N PHE D 912 -32.77 -30.38 14.40
CA PHE D 912 -32.81 -30.91 13.06
C PHE D 912 -34.17 -30.69 12.40
N GLY D 913 -34.99 -29.81 12.99
CA GLY D 913 -36.28 -29.49 12.44
C GLY D 913 -37.38 -30.46 12.82
N GLN D 914 -37.62 -30.63 14.12
CA GLN D 914 -38.64 -31.56 14.58
C GLN D 914 -39.90 -30.92 15.12
N VAL D 915 -39.81 -29.73 15.73
CA VAL D 915 -40.93 -28.98 16.33
C VAL D 915 -41.64 -29.83 17.38
N PRO D 916 -41.12 -29.86 18.64
CA PRO D 916 -41.67 -30.71 19.73
C PRO D 916 -43.18 -30.70 19.89
N SER D 917 -43.76 -31.90 20.04
CA SER D 917 -45.11 -32.16 19.60
C SER D 917 -46.19 -31.80 20.63
N ASP D 918 -46.03 -32.24 21.86
CA ASP D 918 -47.16 -32.20 22.80
C ASP D 918 -47.35 -30.85 23.47
N VAL D 919 -47.43 -29.78 22.69
CA VAL D 919 -47.66 -28.44 23.18
C VAL D 919 -48.92 -27.83 22.60
N ASP D 920 -49.59 -28.54 21.69
CA ASP D 920 -50.61 -27.93 20.87
C ASP D 920 -52.01 -28.05 21.45
N SER D 921 -52.28 -29.09 22.25
CA SER D 921 -53.54 -29.38 22.94
C SER D 921 -54.72 -29.63 22.01
N THR D 922 -54.53 -29.65 20.70
CA THR D 922 -55.54 -30.12 19.77
C THR D 922 -55.07 -31.33 18.99
N THR D 923 -53.78 -31.50 18.81
CA THR D 923 -53.20 -32.68 18.19
C THR D 923 -52.61 -33.61 19.24
N TYR D 924 -53.15 -33.59 20.45
CA TYR D 924 -52.66 -34.39 21.56
C TYR D 924 -53.73 -35.39 21.95
N ASP D 925 -53.39 -36.67 21.86
CA ASP D 925 -54.29 -37.73 22.28
C ASP D 925 -53.78 -38.40 23.56
N PHE D 926 -54.70 -38.96 24.32
CA PHE D 926 -54.43 -39.55 25.62
C PHE D 926 -54.06 -41.02 25.54
N SER D 927 -53.85 -41.54 24.33
CA SER D 927 -53.46 -42.93 24.14
C SER D 927 -51.95 -43.09 24.12
N HIS D 928 -51.19 -42.07 24.49
CA HIS D 928 -49.74 -42.17 24.61
C HIS D 928 -49.28 -41.78 26.01
N CYS D 929 -50.09 -42.06 27.00
CA CYS D 929 -49.81 -41.69 28.37
C CYS D 929 -49.73 -42.91 29.26
N THR D 930 -49.66 -42.65 30.57
CA THR D 930 -49.66 -43.70 31.57
C THR D 930 -50.63 -43.45 32.71
N PHE D 931 -50.82 -42.16 33.06
CA PHE D 931 -51.54 -41.61 34.22
C PHE D 931 -50.85 -41.88 35.56
N SER D 932 -49.84 -42.76 35.55
CA SER D 932 -48.98 -43.14 36.66
C SER D 932 -47.93 -44.06 36.05
N GLY D 933 -46.68 -43.97 36.47
CA GLY D 933 -45.65 -44.62 35.67
C GLY D 933 -45.60 -46.11 35.88
N ASN D 934 -46.19 -46.82 34.92
CA ASN D 934 -46.42 -48.26 34.98
C ASN D 934 -45.93 -48.97 33.74
N GLU D 935 -46.07 -48.34 32.58
CA GLU D 935 -45.61 -48.84 31.30
C GLU D 935 -44.59 -47.84 30.75
N SER D 936 -44.22 -48.03 29.47
CA SER D 936 -43.08 -47.32 28.91
C SER D 936 -43.35 -45.83 28.78
N LYS D 937 -44.48 -45.46 28.18
CA LYS D 937 -44.92 -44.15 27.70
C LYS D 937 -44.77 -42.98 28.68
N PRO D 938 -44.75 -41.73 28.21
CA PRO D 938 -44.66 -40.60 29.15
C PRO D 938 -45.91 -40.43 30.00
N LEU D 939 -45.81 -39.52 30.97
CA LEU D 939 -47.01 -39.15 31.70
C LEU D 939 -47.89 -38.26 30.84
N CYS D 940 -49.17 -38.26 31.15
CA CYS D 940 -50.03 -37.23 30.59
C CYS D 940 -49.73 -35.88 31.19
N VAL D 941 -50.14 -34.85 30.45
CA VAL D 941 -50.26 -33.52 31.02
C VAL D 941 -51.28 -33.59 32.15
N GLU D 942 -51.03 -32.83 33.22
CA GLU D 942 -51.85 -33.00 34.41
C GLU D 942 -53.22 -32.36 34.16
N LEU D 943 -54.26 -33.08 34.52
CA LEU D 943 -55.60 -32.78 34.02
C LEU D 943 -56.33 -31.85 34.96
N ASP D 944 -57.53 -31.48 34.56
CA ASP D 944 -58.37 -30.53 35.26
C ASP D 944 -59.33 -31.31 36.16
N GLU D 945 -60.29 -30.61 36.79
CA GLU D 945 -61.40 -31.31 37.41
C GLU D 945 -62.46 -31.69 36.39
N HIS D 946 -62.42 -31.12 35.19
CA HIS D 946 -63.28 -31.51 34.10
C HIS D 946 -62.61 -32.50 33.17
N ASN D 947 -61.47 -33.06 33.59
CA ASN D 947 -60.62 -33.96 32.80
C ASN D 947 -60.20 -33.33 31.47
N LEU D 948 -59.69 -32.12 31.54
CA LEU D 948 -59.14 -31.37 30.43
C LEU D 948 -57.68 -31.04 30.68
N PRO D 949 -56.87 -30.84 29.65
CA PRO D 949 -55.49 -30.40 29.87
C PRO D 949 -55.44 -28.99 30.45
N ARG D 950 -54.55 -28.80 31.41
CA ARG D 950 -54.46 -27.55 32.15
C ARG D 950 -53.61 -26.49 31.46
N PHE D 951 -52.74 -26.89 30.57
CA PHE D 951 -51.72 -25.96 30.11
C PHE D 951 -52.29 -24.97 29.10
N PRO D 952 -51.86 -23.72 29.15
CA PRO D 952 -52.32 -22.73 28.17
C PRO D 952 -51.62 -22.92 26.85
N GLU D 953 -52.38 -22.93 25.76
CA GLU D 953 -51.76 -22.95 24.44
C GLU D 953 -51.05 -21.65 24.14
N TRP D 954 -51.56 -20.54 24.67
CA TRP D 954 -50.97 -19.23 24.43
C TRP D 954 -49.69 -18.99 25.20
N ILE D 955 -49.26 -19.93 26.04
CA ILE D 955 -47.98 -19.84 26.72
C ILE D 955 -47.01 -20.90 26.26
N THR D 956 -47.46 -21.94 25.55
CA THR D 956 -46.59 -23.00 25.06
C THR D 956 -46.38 -22.98 23.57
N ILE D 957 -47.33 -22.50 22.78
CA ILE D 957 -47.11 -22.32 21.35
C ILE D 957 -46.08 -21.23 21.07
N PRO D 958 -46.14 -20.00 21.62
CA PRO D 958 -45.05 -19.05 21.35
C PRO D 958 -43.74 -19.42 22.01
N LEU D 959 -43.76 -20.23 23.07
CA LEU D 959 -42.51 -20.71 23.66
C LEU D 959 -41.77 -21.63 22.69
N VAL D 960 -42.49 -22.56 22.06
CA VAL D 960 -41.89 -23.44 21.08
C VAL D 960 -41.47 -22.65 19.84
N CYS D 961 -42.24 -21.62 19.49
CA CYS D 961 -41.86 -20.79 18.35
C CYS D 961 -40.58 -20.01 18.59
N ILE D 962 -40.41 -19.43 19.79
CA ILE D 962 -39.19 -18.70 20.12
C ILE D 962 -38.00 -19.64 20.20
N TYR D 963 -38.17 -20.80 20.84
CA TYR D 963 -37.09 -21.79 20.91
C TYR D 963 -36.69 -22.29 19.52
N MET D 964 -37.66 -22.49 18.66
CA MET D 964 -37.41 -23.09 17.36
C MET D 964 -36.73 -22.10 16.44
N LEU D 965 -37.13 -20.82 16.51
CA LEU D 965 -36.42 -19.75 15.83
C LEU D 965 -35.00 -19.62 16.35
N SER D 966 -34.83 -19.64 17.66
CA SER D 966 -33.53 -19.34 18.25
C SER D 966 -32.51 -20.43 18.00
N THR D 967 -32.94 -21.70 17.92
CA THR D 967 -31.96 -22.76 17.72
C THR D 967 -31.88 -23.25 16.29
N ASN D 968 -33.00 -23.40 15.60
CA ASN D 968 -32.96 -24.01 14.27
C ASN D 968 -32.45 -23.05 13.21
N ILE D 969 -32.50 -21.74 13.43
CA ILE D 969 -32.19 -20.76 12.42
C ILE D 969 -31.06 -19.83 12.83
N LEU D 970 -31.21 -19.16 13.96
CA LEU D 970 -30.20 -18.17 14.34
C LEU D 970 -28.90 -18.83 14.76
N LEU D 971 -29.00 -19.89 15.53
CA LEU D 971 -27.83 -20.48 16.16
C LEU D 971 -27.04 -21.36 15.22
N VAL D 972 -27.67 -21.89 14.18
CA VAL D 972 -26.97 -22.69 13.18
C VAL D 972 -26.34 -21.81 12.11
N ASN D 973 -27.06 -20.78 11.68
CA ASN D 973 -26.52 -19.84 10.72
C ASN D 973 -25.48 -18.92 11.32
N LEU D 974 -25.37 -18.86 12.64
CA LEU D 974 -24.22 -18.19 13.23
C LEU D 974 -22.98 -19.07 13.15
N LEU D 975 -23.15 -20.37 13.34
CA LEU D 975 -22.05 -21.31 13.20
C LEU D 975 -21.52 -21.33 11.78
N VAL D 976 -22.41 -21.16 10.79
CA VAL D 976 -21.98 -21.07 9.39
C VAL D 976 -21.07 -19.86 9.18
N ALA D 977 -21.43 -18.73 9.78
CA ALA D 977 -20.65 -17.51 9.65
C ALA D 977 -19.29 -17.65 10.32
N MET D 978 -19.26 -18.27 11.50
CA MET D 978 -17.98 -18.41 12.18
C MET D 978 -17.07 -19.40 11.49
N PHE D 979 -17.63 -20.48 10.92
CA PHE D 979 -16.85 -21.38 10.07
C PHE D 979 -16.28 -20.66 8.86
N GLY D 980 -17.10 -19.82 8.21
CA GLY D 980 -16.64 -19.11 7.03
C GLY D 980 -15.52 -18.14 7.35
N TYR D 981 -15.61 -17.49 8.50
CA TYR D 981 -14.56 -16.57 8.90
C TYR D 981 -13.27 -17.30 9.28
N THR D 982 -13.38 -18.46 9.93
CA THR D 982 -12.18 -19.21 10.29
C THR D 982 -11.49 -19.78 9.07
N VAL D 983 -12.26 -20.25 8.08
CA VAL D 983 -11.68 -20.68 6.80
C VAL D 983 -11.03 -19.51 6.10
N GLY D 984 -11.63 -18.31 6.22
CA GLY D 984 -11.03 -17.12 5.63
C GLY D 984 -9.72 -16.72 6.27
N ILE D 985 -9.57 -16.91 7.58
CA ILE D 985 -8.27 -16.64 8.21
C ILE D 985 -7.26 -17.69 7.82
N VAL D 986 -7.53 -18.96 8.12
CA VAL D 986 -6.43 -19.89 8.33
C VAL D 986 -5.89 -20.47 7.03
N GLN D 987 -6.32 -19.96 5.89
CA GLN D 987 -5.98 -20.65 4.65
C GLN D 987 -4.57 -20.33 4.17
N GLU D 988 -4.11 -19.09 4.32
CA GLU D 988 -2.75 -18.75 3.94
C GLU D 988 -1.71 -19.33 4.90
N ASN D 989 -2.13 -19.76 6.08
CA ASN D 989 -1.29 -20.46 7.03
C ASN D 989 -1.44 -21.98 6.91
N ASN D 990 -2.52 -22.44 6.27
CA ASN D 990 -2.86 -23.86 6.24
C ASN D 990 -1.84 -24.66 5.45
N ASP D 991 -1.39 -24.12 4.31
CA ASP D 991 -0.37 -24.80 3.53
C ASP D 991 0.94 -24.91 4.30
N GLN D 992 1.31 -23.85 5.05
CA GLN D 992 2.50 -23.91 5.89
C GLN D 992 2.37 -24.97 6.98
N VAL D 993 1.20 -25.05 7.61
CA VAL D 993 1.03 -26.02 8.70
C VAL D 993 0.99 -27.44 8.15
N TRP D 994 0.44 -27.62 6.95
CA TRP D 994 0.45 -28.95 6.33
C TRP D 994 1.86 -29.39 5.98
N LYS D 995 2.63 -28.53 5.34
CA LYS D 995 3.98 -28.96 4.99
C LYS D 995 4.96 -28.89 6.16
N PHE D 996 4.56 -28.29 7.28
CA PHE D 996 5.29 -28.53 8.52
C PHE D 996 4.97 -29.90 9.09
N GLN D 997 3.69 -30.32 9.03
CA GLN D 997 3.31 -31.66 9.48
C GLN D 997 3.87 -32.76 8.60
N ARG D 998 4.24 -32.42 7.37
CA ARG D 998 4.83 -33.38 6.43
C ARG D 998 6.14 -33.97 6.93
N TYR D 999 6.88 -33.20 7.73
CA TYR D 999 8.13 -33.65 8.33
C TYR D 999 7.94 -34.91 9.16
N PHE D 1000 6.86 -34.98 9.93
CA PHE D 1000 6.71 -36.08 10.88
C PHE D 1000 6.38 -37.38 10.17
N LEU D 1001 5.57 -37.32 9.13
CA LEU D 1001 5.25 -38.53 8.40
C LEU D 1001 6.43 -39.01 7.57
N VAL D 1002 7.21 -38.08 7.02
CA VAL D 1002 8.42 -38.48 6.30
C VAL D 1002 9.45 -39.06 7.27
N GLN D 1003 9.55 -38.51 8.48
CA GLN D 1003 10.53 -39.04 9.42
C GLN D 1003 10.01 -40.23 10.20
N GLU D 1004 8.75 -40.62 10.03
CA GLU D 1004 8.36 -41.93 10.54
C GLU D 1004 8.30 -42.99 9.45
N TYR D 1005 8.31 -42.60 8.18
CA TYR D 1005 8.36 -43.58 7.10
C TYR D 1005 9.70 -43.64 6.39
N CYS D 1006 10.69 -42.87 6.84
CA CYS D 1006 12.05 -42.96 6.34
C CYS D 1006 13.02 -43.39 7.42
N ASN D 1007 12.58 -43.49 8.67
CA ASN D 1007 13.50 -43.80 9.75
C ASN D 1007 13.79 -45.30 9.80
N ARG D 1008 12.75 -46.10 10.03
CA ARG D 1008 12.90 -47.55 10.13
C ARG D 1008 13.26 -48.15 8.78
N LEU D 1009 13.89 -49.33 8.83
CA LEU D 1009 14.07 -50.16 7.65
C LEU D 1009 12.79 -50.98 7.53
N ASN D 1010 11.89 -50.53 6.66
CA ASN D 1010 10.54 -51.07 6.61
C ASN D 1010 10.28 -51.83 5.32
N ILE D 1011 9.87 -53.08 5.50
CA ILE D 1011 9.33 -53.90 4.43
C ILE D 1011 7.84 -53.60 4.39
N PRO D 1012 7.09 -53.99 3.36
CA PRO D 1012 5.63 -53.86 3.40
C PRO D 1012 4.99 -54.61 4.56
N PHE D 1013 3.75 -54.20 4.87
CA PHE D 1013 3.24 -54.29 6.24
C PHE D 1013 2.98 -55.69 6.79
N PRO D 1014 2.20 -56.59 6.14
CA PRO D 1014 1.82 -57.83 6.85
C PRO D 1014 2.96 -58.81 7.08
N PHE D 1015 4.16 -58.52 6.58
CA PHE D 1015 5.35 -59.32 6.82
C PHE D 1015 6.27 -58.70 7.86
N VAL D 1016 5.98 -57.47 8.30
CA VAL D 1016 6.84 -56.69 9.20
C VAL D 1016 7.08 -57.41 10.51
N VAL D 1017 6.09 -58.17 10.99
CA VAL D 1017 6.22 -58.92 12.24
C VAL D 1017 7.34 -59.95 12.16
N PHE D 1018 7.59 -60.52 10.97
CA PHE D 1018 8.73 -61.42 10.78
C PHE D 1018 10.05 -60.68 11.01
N ALA D 1019 10.15 -59.47 10.44
CA ALA D 1019 11.29 -58.60 10.69
C ALA D 1019 11.40 -58.20 12.15
N TYR D 1020 10.28 -58.18 12.89
CA TYR D 1020 10.32 -57.93 14.32
C TYR D 1020 11.12 -59.02 15.03
N PHE D 1021 10.99 -60.27 14.56
CA PHE D 1021 11.80 -61.36 15.09
C PHE D 1021 13.28 -61.15 14.81
N TYR D 1022 13.62 -60.46 13.71
CA TYR D 1022 15.01 -60.13 13.43
C TYR D 1022 15.58 -59.21 14.50
N MET D 1023 14.77 -58.28 15.01
CA MET D 1023 15.23 -57.45 16.12
C MET D 1023 15.33 -58.28 17.39
N VAL D 1024 14.50 -59.32 17.51
CA VAL D 1024 14.65 -60.29 18.59
C VAL D 1024 15.98 -61.01 18.47
N VAL D 1025 16.46 -61.21 17.22
CA VAL D 1025 17.80 -61.75 16.95
C VAL D 1025 18.87 -60.88 17.61
N LYS D 1026 18.66 -59.55 17.61
CA LYS D 1026 19.55 -58.65 18.36
C LYS D 1026 19.53 -58.98 19.85
N LYS D 1027 18.33 -59.13 20.43
CA LYS D 1027 18.24 -59.57 21.81
C LYS D 1027 18.52 -61.05 21.97
N CYS D 1028 18.66 -61.82 20.88
CA CYS D 1028 19.18 -63.18 21.00
C CYS D 1028 20.71 -63.20 21.03
N PHE D 1029 21.36 -62.07 20.71
CA PHE D 1029 22.81 -62.02 20.76
C PHE D 1029 23.35 -60.88 21.61
N LYS D 1030 22.76 -59.69 21.53
CA LYS D 1030 23.30 -58.53 22.22
C LYS D 1030 22.47 -58.20 23.46
N PHE D 1045 35.52 -32.70 14.18
CA PHE D 1045 36.79 -33.37 13.95
C PHE D 1045 36.85 -33.93 12.53
N ARG D 1046 35.69 -34.28 11.99
CA ARG D 1046 35.63 -34.92 10.68
C ARG D 1046 35.88 -33.89 9.58
N ASN D 1047 36.65 -34.29 8.57
CA ASN D 1047 37.26 -33.32 7.66
C ASN D 1047 36.28 -32.76 6.64
N GLU D 1048 35.36 -33.58 6.12
CA GLU D 1048 34.39 -33.05 5.18
C GLU D 1048 33.32 -32.21 5.88
N ASP D 1049 33.09 -32.44 7.17
CA ASP D 1049 32.26 -31.55 7.97
C ASP D 1049 32.87 -30.16 8.03
N ASN D 1050 34.18 -30.08 8.29
CA ASN D 1050 34.87 -28.80 8.27
C ASN D 1050 34.89 -28.21 6.88
N GLU D 1051 34.93 -29.06 5.84
CA GLU D 1051 34.91 -28.57 4.47
C GLU D 1051 33.57 -27.91 4.14
N THR D 1052 32.46 -28.52 4.58
CA THR D 1052 31.18 -27.91 4.24
C THR D 1052 30.84 -26.72 5.14
N LEU D 1053 31.38 -26.68 6.38
CA LEU D 1053 31.24 -25.46 7.17
C LEU D 1053 32.05 -24.31 6.56
N ALA D 1054 33.25 -24.62 6.06
CA ALA D 1054 34.02 -23.63 5.33
C ALA D 1054 33.34 -23.22 4.03
N TRP D 1055 32.55 -24.12 3.44
CA TRP D 1055 31.71 -23.73 2.32
C TRP D 1055 30.63 -22.76 2.75
N GLU D 1056 29.98 -23.05 3.89
CA GLU D 1056 28.90 -22.23 4.42
C GLU D 1056 29.34 -20.79 4.70
N GLY D 1057 30.57 -20.64 5.20
CA GLY D 1057 31.09 -19.32 5.52
C GLY D 1057 31.17 -18.38 4.31
N VAL D 1058 31.36 -18.94 3.11
CA VAL D 1058 31.46 -18.12 1.92
C VAL D 1058 30.13 -17.48 1.56
N MET D 1059 29.04 -18.25 1.63
CA MET D 1059 27.74 -17.64 1.37
C MET D 1059 27.27 -16.80 2.55
N LYS D 1060 27.75 -17.08 3.76
CA LYS D 1060 27.53 -16.15 4.86
C LYS D 1060 28.12 -14.78 4.56
N GLU D 1061 29.36 -14.76 4.04
CA GLU D 1061 29.99 -13.50 3.66
C GLU D 1061 29.26 -12.84 2.52
N ASN D 1062 28.78 -13.63 1.55
CA ASN D 1062 28.02 -13.07 0.44
C ASN D 1062 26.68 -12.50 0.90
N TYR D 1063 26.05 -13.17 1.87
CA TYR D 1063 24.79 -12.70 2.43
C TYR D 1063 24.96 -11.41 3.22
N LEU D 1064 26.06 -11.29 3.97
CA LEU D 1064 26.35 -10.04 4.67
C LEU D 1064 26.65 -8.91 3.69
N VAL D 1065 27.36 -9.21 2.61
CA VAL D 1065 27.56 -8.26 1.52
C VAL D 1065 26.23 -7.80 0.94
N LYS D 1066 25.28 -8.73 0.78
CA LYS D 1066 23.98 -8.36 0.24
C LYS D 1066 23.18 -7.49 1.19
N ILE D 1067 23.23 -7.80 2.50
CA ILE D 1067 22.55 -6.98 3.52
C ILE D 1067 23.08 -5.55 3.49
N ASN D 1068 24.40 -5.40 3.49
CA ASN D 1068 24.96 -4.06 3.46
C ASN D 1068 24.83 -3.39 2.09
N THR D 1069 24.59 -4.16 1.03
CA THR D 1069 24.30 -3.61 -0.28
C THR D 1069 22.89 -3.05 -0.37
N LYS D 1070 21.94 -3.59 0.41
CA LYS D 1070 20.57 -3.08 0.37
C LYS D 1070 20.47 -1.64 0.90
N ALA D 1071 21.40 -1.23 1.75
CA ALA D 1071 21.44 0.14 2.23
C ALA D 1071 22.12 1.02 1.19
N ASN D 1072 21.32 1.82 0.47
CA ASN D 1072 21.82 2.64 -0.63
C ASN D 1072 21.31 4.07 -0.50
N ASP D 1073 22.19 5.03 -0.77
CA ASP D 1073 21.84 6.44 -0.72
C ASP D 1073 22.76 7.21 -1.63
N ASN D 1074 22.20 8.23 -2.29
CA ASN D 1074 22.94 9.10 -3.19
C ASN D 1074 23.47 10.35 -2.51
N SER D 1075 23.22 10.50 -1.21
CA SER D 1075 23.63 11.72 -0.52
C SER D 1075 25.13 11.74 -0.25
N GLU D 1076 25.75 10.57 -0.07
CA GLU D 1076 27.16 10.53 0.29
C GLU D 1076 28.08 10.84 -0.89
N GLU D 1077 27.70 10.43 -2.10
CA GLU D 1077 28.56 10.70 -3.25
C GLU D 1077 28.52 12.18 -3.65
N MET D 1078 27.34 12.80 -3.64
CA MET D 1078 27.24 14.22 -3.89
C MET D 1078 27.82 15.01 -2.72
N ARG D 1079 27.76 14.44 -1.53
CA ARG D 1079 28.39 15.05 -0.36
C ARG D 1079 29.91 15.06 -0.50
N HIS D 1080 30.49 13.96 -0.97
CA HIS D 1080 31.92 13.92 -1.23
C HIS D 1080 32.32 14.85 -2.36
N ARG D 1081 31.46 15.00 -3.37
CA ARG D 1081 31.67 16.03 -4.39
C ARG D 1081 31.64 17.43 -3.78
N PHE D 1082 30.76 17.65 -2.80
CA PHE D 1082 30.71 18.92 -2.10
C PHE D 1082 31.97 19.19 -1.30
N ARG D 1083 32.49 18.16 -0.62
CA ARG D 1083 33.74 18.32 0.13
C ARG D 1083 34.93 18.58 -0.78
N GLN D 1084 35.00 17.91 -1.93
CA GLN D 1084 36.15 18.15 -2.81
C GLN D 1084 36.05 19.50 -3.52
N LEU D 1085 34.83 19.97 -3.84
CA LEU D 1085 34.73 21.31 -4.41
C LEU D 1085 34.99 22.38 -3.34
N ASP D 1086 34.64 22.11 -2.08
CA ASP D 1086 34.98 23.03 -1.00
C ASP D 1086 36.48 23.06 -0.74
N SER D 1087 37.15 21.91 -0.94
CA SER D 1087 38.61 21.87 -0.87
C SER D 1087 39.23 22.69 -1.99
N LYS D 1088 38.65 22.61 -3.20
CA LYS D 1088 39.12 23.46 -4.29
C LYS D 1088 38.87 24.94 -4.02
N LEU D 1089 37.76 25.27 -3.36
CA LEU D 1089 37.50 26.65 -2.97
C LEU D 1089 38.49 27.15 -1.93
N ASN D 1090 38.86 26.31 -0.96
CA ASN D 1090 39.87 26.72 0.02
C ASN D 1090 41.25 26.82 -0.61
N ASP D 1091 41.51 26.01 -1.64
CA ASP D 1091 42.75 26.15 -2.39
C ASP D 1091 42.79 27.47 -3.18
N LEU D 1092 41.65 27.85 -3.77
CA LEU D 1092 41.57 29.14 -4.45
C LEU D 1092 41.72 30.30 -3.47
N LYS D 1093 41.17 30.15 -2.26
CA LYS D 1093 41.33 31.18 -1.24
C LYS D 1093 42.77 31.28 -0.76
N SER D 1094 43.46 30.15 -0.64
CA SER D 1094 44.87 30.15 -0.29
C SER D 1094 45.72 30.80 -1.37
N LEU D 1095 45.41 30.52 -2.64
CA LEU D 1095 46.13 31.15 -3.74
C LEU D 1095 45.86 32.65 -3.81
N LEU D 1096 44.63 33.09 -3.51
CA LEU D 1096 44.35 34.52 -3.54
C LEU D 1096 44.98 35.25 -2.36
N LYS D 1097 45.08 34.60 -1.20
CA LYS D 1097 45.85 35.18 -0.11
C LYS D 1097 47.33 35.25 -0.45
N GLU D 1098 47.84 34.26 -1.20
CA GLU D 1098 49.23 34.30 -1.66
C GLU D 1098 49.47 35.45 -2.64
N ILE D 1099 48.52 35.68 -3.55
CA ILE D 1099 48.66 36.78 -4.51
C ILE D 1099 48.52 38.12 -3.81
N ALA D 1100 47.66 38.20 -2.79
CA ALA D 1100 47.55 39.41 -1.99
C ALA D 1100 48.82 39.69 -1.19
N ASN D 1101 49.52 38.63 -0.77
CA ASN D 1101 50.80 38.83 -0.11
C ASN D 1101 51.90 39.17 -1.11
N ASN D 1102 51.78 38.68 -2.35
CA ASN D 1102 52.78 38.98 -3.37
C ASN D 1102 52.67 40.43 -3.85
N ILE D 1103 51.45 40.95 -3.96
CA ILE D 1103 51.28 42.37 -4.27
C ILE D 1103 51.74 43.23 -3.10
N LYS D 1104 51.33 42.86 -1.89
CA LYS D 1104 51.70 43.61 -0.70
C LYS D 1104 52.88 42.97 0.01
CA CA E . -26.79 -7.78 39.02
NA NA F . -35.94 -30.66 7.20
C01 KX7 G . -25.97 -14.37 38.53
C02 KX7 G . -27.19 -13.54 38.45
C03 KX7 G . -27.73 -13.09 39.73
N04 KX7 G . -26.82 -12.58 40.68
C05 KX7 G . -25.40 -12.96 40.55
O06 KX7 G . -24.62 -12.54 41.32
N07 KX7 G . -24.94 -13.88 39.47
C08 KX7 G . -23.58 -14.30 39.29
C09 KX7 G . -23.10 -15.42 39.93
C10 KX7 G . -21.79 -15.80 39.70
C11 KX7 G . -20.97 -15.06 38.87
C12 KX7 G . -21.47 -13.95 38.22
C13 KX7 G . -22.78 -13.58 38.43
O14 KX7 G . -23.29 -12.44 37.78
C15 KX7 G . -29.24 -13.03 39.88
C16 KX7 G . -30.04 -13.20 38.77
C17 KX7 G . -31.40 -13.16 38.90
C18 KX7 G . -31.97 -12.94 40.15
C19 KX7 G . -31.17 -12.77 41.26
C20 KX7 G . -29.79 -12.81 41.13
N21 KX7 G . -32.24 -13.34 37.73
O22 KX7 G . -33.38 -13.60 37.83
O23 KX7 G . -31.67 -13.17 36.46
CA CA H . -47.19 5.40 -6.67
C01 KX7 I . -48.55 2.88 -0.64
C02 KX7 I . -48.90 2.41 -1.99
C03 KX7 I . -50.02 3.09 -2.63
N04 KX7 I . -50.06 4.50 -2.58
C05 KX7 I . -49.28 5.16 -1.49
O06 KX7 I . -49.28 6.33 -1.42
N07 KX7 I . -48.51 4.36 -0.50
C08 KX7 I . -47.74 4.93 0.58
C09 KX7 I . -48.32 5.19 1.79
C10 KX7 I . -47.53 5.72 2.80
C11 KX7 I . -46.20 5.99 2.59
C12 KX7 I . -45.63 5.71 1.37
C13 KX7 I . -46.40 5.18 0.37
O14 KX7 I . -45.82 4.89 -0.88
C15 KX7 I . -50.97 2.26 -3.48
C16 KX7 I . -50.64 0.96 -3.78
C17 KX7 I . -51.50 0.19 -4.55
C18 KX7 I . -52.70 0.75 -4.99
C19 KX7 I . -53.03 2.06 -4.69
C20 KX7 I . -52.15 2.82 -3.93
N21 KX7 I . -51.15 -1.18 -4.85
O22 KX7 I . -51.96 -1.94 -5.23
O23 KX7 I . -49.81 -1.58 -4.72
CA CA J . -19.88 -32.03 -29.67
C01 KX7 K . -26.02 -29.98 -28.11
C02 KX7 K . -25.35 -31.28 -27.92
C03 KX7 K . -25.29 -32.13 -29.10
N04 KX7 K . -24.87 -31.54 -30.33
C05 KX7 K . -25.04 -30.06 -30.44
O06 KX7 K . -24.70 -29.53 -31.45
N07 KX7 K . -25.62 -29.26 -29.34
C08 KX7 K . -25.80 -27.82 -29.39
C09 KX7 K . -26.96 -27.29 -29.89
C10 KX7 K . -27.11 -25.91 -29.90
C11 KX7 K . -26.10 -25.10 -29.43
C12 KX7 K . -24.95 -25.64 -28.92
C13 KX7 K . -24.80 -27.01 -28.90
O14 KX7 K . -23.64 -27.59 -28.38
C15 KX7 K . -25.45 -33.63 -28.93
C16 KX7 K . -25.48 -34.15 -27.66
C17 KX7 K . -25.64 -35.52 -27.48
C18 KX7 K . -25.79 -36.33 -28.59
C19 KX7 K . -25.77 -35.80 -29.86
C20 KX7 K . -25.60 -34.44 -30.03
N21 KX7 K . -25.66 -36.05 -26.13
O22 KX7 K . -26.09 -37.13 -25.91
O23 KX7 K . -25.14 -35.29 -25.07
CA CA L . 0.52 -45.22 16.01
C01 KX7 M . -3.45 -47.24 11.06
C02 KX7 M . -3.64 -47.23 12.52
C03 KX7 M . -3.00 -48.31 13.26
N04 KX7 M . -1.65 -48.61 12.93
C05 KX7 M . -1.16 -48.18 11.60
O06 KX7 M . -0.03 -48.42 11.30
N07 KX7 M . -2.05 -47.49 10.62
C08 KX7 M . -1.64 -47.06 9.32
C09 KX7 M . -1.74 -47.90 8.23
C10 KX7 M . -1.36 -47.43 7.00
C11 KX7 M . -0.88 -46.15 6.84
C12 KX7 M . -0.79 -45.31 7.93
C13 KX7 M . -1.18 -45.77 9.17
O14 KX7 M . -1.10 -44.92 10.29
C15 KX7 M . -3.72 -48.92 14.44
C16 KX7 M . -4.87 -48.32 14.90
C17 KX7 M . -5.55 -48.86 15.97
C18 KX7 M . -5.07 -50.02 16.57
C19 KX7 M . -3.91 -50.63 16.10
C20 KX7 M . -3.24 -50.07 15.03
N21 KX7 M . -6.75 -48.21 16.46
O22 KX7 M . -7.52 -48.79 17.15
O23 KX7 M . -7.00 -46.88 16.11
#